data_4S37
#
_entry.id   4S37
#
_cell.length_a   94.945
_cell.length_b   137.471
_cell.length_c   164.759
_cell.angle_alpha   90.00
_cell.angle_beta   106.56
_cell.angle_gamma   90.00
#
_symmetry.space_group_name_H-M   'P 1 21 1'
#
loop_
_entity.id
_entity.type
_entity.pdbx_description
1 polymer 'Phage baseplate protein'
2 non-polymer 'SULFATE ION'
3 non-polymer 'CHLORIDE ION'
4 non-polymer 1,2-ETHANEDIOL
5 non-polymer 'CALCIUM ION'
6 non-polymer 'TRIETHYLENE GLYCOL'
7 water water
#
_entity_poly.entity_id   1
_entity_poly.type   'polypeptide(L)'
_entity_poly.pdbx_seq_one_letter_code
;MSYVSAEHDRMLAAMILPCVVVAVDLAAARVRVRSGDWTSGWLRWHSLAAGKVRHWRAPSIGEQGVLLSPSGGVSMGTFI
PGLYGDAGTAPDNSASSETWRFDDGASLSYDWAAHRYRVELPSGTVEVRVGASEVRVSDGAVSLKAPKISLEGPVEIAGT
LTVSGDILGGGSIIDTAGNSNHHTH
;
_entity_poly.pdbx_strand_id   A,B,C,D,E,F,G,H,I,J,K,L,M,N,O,P,Q,R
#
# COMPACT_ATOMS: atom_id res chain seq x y z
N ASP A 9 -15.63 3.93 25.34
CA ASP A 9 -16.28 3.45 26.54
C ASP A 9 -15.39 2.46 27.29
N ARG A 10 -15.66 1.17 27.13
CA ARG A 10 -14.83 0.14 27.74
C ARG A 10 -13.55 -0.08 26.93
N MET A 11 -13.67 0.03 25.60
CA MET A 11 -12.53 -0.02 24.70
C MET A 11 -11.55 1.08 25.06
N LEU A 12 -12.10 2.29 25.18
CA LEU A 12 -11.38 3.48 25.59
C LEU A 12 -10.47 3.17 26.78
N ALA A 13 -11.08 2.68 27.85
CA ALA A 13 -10.36 2.38 29.08
C ALA A 13 -9.33 1.26 28.91
N ALA A 14 -9.69 0.25 28.12
CA ALA A 14 -8.83 -0.93 27.96
C ALA A 14 -7.64 -0.75 26.98
N MET A 15 -7.66 0.33 26.20
CA MET A 15 -6.61 0.55 25.18
C MET A 15 -5.22 0.86 25.72
N ILE A 16 -5.17 1.64 26.80
CA ILE A 16 -3.91 2.02 27.44
C ILE A 16 -4.01 1.77 28.93
N LEU A 17 -3.26 0.79 29.43
CA LEU A 17 -3.36 0.42 30.83
C LEU A 17 -2.05 0.56 31.58
N PRO A 18 -2.08 1.14 32.79
CA PRO A 18 -0.87 1.13 33.60
C PRO A 18 -0.74 -0.25 34.22
N CYS A 19 0.44 -0.85 34.20
CA CYS A 19 0.55 -2.21 34.72
C CYS A 19 1.91 -2.60 35.26
N VAL A 20 1.92 -3.76 35.94
CA VAL A 20 3.15 -4.28 36.52
C VAL A 20 3.36 -5.74 36.10
N VAL A 21 4.61 -6.10 35.79
CA VAL A 21 4.92 -7.48 35.41
C VAL A 21 4.72 -8.42 36.59
N VAL A 22 4.05 -9.53 36.35
CA VAL A 22 3.63 -10.40 37.42
C VAL A 22 4.14 -11.83 37.18
N ALA A 23 4.50 -12.12 35.93
CA ALA A 23 5.09 -13.41 35.57
C ALA A 23 5.88 -13.29 34.28
N VAL A 24 6.95 -14.07 34.17
CA VAL A 24 7.83 -14.03 32.99
C VAL A 24 8.01 -15.43 32.41
N ASP A 25 7.78 -15.57 31.11
CA ASP A 25 8.07 -16.81 30.39
C ASP A 25 9.25 -16.57 29.45
N LEU A 26 10.42 -16.99 29.87
CA LEU A 26 11.67 -16.70 29.17
C LEU A 26 11.75 -17.36 27.79
N ALA A 27 11.42 -18.64 27.73
CA ALA A 27 11.46 -19.39 26.47
C ALA A 27 10.49 -18.82 25.44
N ALA A 28 9.28 -18.49 25.87
CA ALA A 28 8.28 -17.95 24.95
C ALA A 28 8.44 -16.44 24.72
N ALA A 29 9.33 -15.81 25.49
CA ALA A 29 9.50 -14.35 25.46
C ALA A 29 8.17 -13.63 25.65
N ARG A 30 7.48 -13.97 26.73
CA ARG A 30 6.21 -13.32 27.06
C ARG A 30 6.12 -13.01 28.55
N VAL A 31 5.28 -12.06 28.89
CA VAL A 31 5.02 -11.73 30.28
C VAL A 31 3.52 -11.69 30.54
N ARG A 32 3.14 -11.94 31.79
CA ARG A 32 1.79 -11.63 32.23
C ARG A 32 1.89 -10.37 33.07
N VAL A 33 0.90 -9.50 32.95
CA VAL A 33 0.92 -8.23 33.68
C VAL A 33 -0.38 -8.03 34.45
N ARG A 34 -0.32 -7.20 35.48
N ARG A 34 -0.31 -7.19 35.48
CA ARG A 34 -1.48 -6.89 36.29
CA ARG A 34 -1.48 -6.90 36.30
C ARG A 34 -1.80 -5.40 36.22
C ARG A 34 -1.80 -5.40 36.26
N SER A 35 -3.09 -5.09 36.06
CA SER A 35 -3.56 -3.72 36.07
C SER A 35 -4.78 -3.63 36.98
N GLY A 36 -4.61 -3.05 38.15
CA GLY A 36 -5.67 -3.03 39.15
C GLY A 36 -5.90 -4.43 39.66
N ASP A 37 -7.12 -4.94 39.49
CA ASP A 37 -7.46 -6.29 39.92
C ASP A 37 -7.41 -7.28 38.75
N TRP A 38 -7.09 -6.77 37.57
CA TRP A 38 -7.10 -7.58 36.36
C TRP A 38 -5.70 -8.10 35.99
N THR A 39 -5.63 -9.39 35.70
CA THR A 39 -4.38 -10.02 35.27
C THR A 39 -4.50 -10.49 33.82
N SER A 40 -3.52 -10.14 33.01
CA SER A 40 -3.54 -10.46 31.58
C SER A 40 -3.14 -11.91 31.30
N GLY A 41 -3.26 -12.30 30.03
CA GLY A 41 -2.68 -13.54 29.55
C GLY A 41 -1.23 -13.32 29.17
N TRP A 42 -0.64 -14.27 28.47
CA TRP A 42 0.78 -14.19 28.10
C TRP A 42 1.00 -13.27 26.91
N LEU A 43 1.65 -12.13 27.15
CA LEU A 43 1.77 -11.09 26.14
C LEU A 43 3.21 -10.77 25.80
N ARG A 44 3.41 -10.24 24.60
CA ARG A 44 4.73 -9.81 24.14
C ARG A 44 5.10 -8.46 24.75
N TRP A 45 6.40 -8.20 24.89
CA TRP A 45 6.87 -6.86 25.23
C TRP A 45 7.68 -6.29 24.07
N HIS A 46 7.80 -4.96 24.04
CA HIS A 46 8.62 -4.32 23.02
C HIS A 46 10.08 -4.30 23.46
N SER A 47 10.93 -5.03 22.73
CA SER A 47 12.36 -5.00 23.00
C SER A 47 12.99 -3.78 22.34
N LEU A 48 14.27 -3.57 22.60
CA LEU A 48 15.01 -2.47 22.01
C LEU A 48 15.22 -2.63 20.51
N ALA A 49 15.16 -3.87 20.01
CA ALA A 49 15.40 -4.14 18.58
C ALA A 49 14.95 -5.55 18.18
N ALA A 50 14.20 -5.66 17.09
CA ALA A 50 13.78 -6.98 16.59
C ALA A 50 13.88 -7.09 15.07
N GLY A 51 15.05 -6.78 14.53
CA GLY A 51 15.31 -6.89 13.09
C GLY A 51 16.61 -7.64 12.82
N LYS A 52 17.40 -7.15 11.88
CA LYS A 52 18.72 -7.73 11.61
C LYS A 52 19.55 -7.75 12.88
N VAL A 53 19.39 -6.71 13.70
N VAL A 53 19.37 -6.71 13.69
CA VAL A 53 19.95 -6.74 15.05
CA VAL A 53 19.85 -6.69 15.06
C VAL A 53 18.82 -6.87 16.06
C VAL A 53 18.70 -7.02 15.97
N ARG A 54 18.97 -7.79 17.01
CA ARG A 54 17.99 -8.00 18.04
C ARG A 54 18.61 -7.72 19.40
N HIS A 55 17.79 -7.26 20.33
CA HIS A 55 18.23 -7.06 21.69
C HIS A 55 17.38 -7.90 22.63
N TRP A 56 17.97 -8.36 23.72
CA TRP A 56 17.26 -9.12 24.73
C TRP A 56 17.53 -8.57 26.12
N ARG A 57 16.44 -8.33 26.85
CA ARG A 57 16.49 -8.00 28.26
C ARG A 57 15.08 -8.22 28.76
N ALA A 58 14.86 -9.34 29.44
CA ALA A 58 13.53 -9.67 29.94
C ALA A 58 13.12 -8.74 31.06
N PRO A 59 11.88 -8.22 31.01
CA PRO A 59 11.33 -7.45 32.13
C PRO A 59 11.36 -8.29 33.41
N SER A 60 11.54 -7.64 34.55
CA SER A 60 11.63 -8.33 35.84
C SER A 60 10.27 -8.34 36.51
N ILE A 61 10.05 -9.33 37.37
CA ILE A 61 8.86 -9.34 38.22
C ILE A 61 8.80 -8.04 39.00
N GLY A 62 7.65 -7.37 38.95
CA GLY A 62 7.49 -6.11 39.64
C GLY A 62 7.83 -4.91 38.78
N GLU A 63 8.34 -5.14 37.56
CA GLU A 63 8.69 -4.03 36.69
C GLU A 63 7.43 -3.35 36.17
N GLN A 64 7.39 -2.03 36.25
CA GLN A 64 6.22 -1.29 35.84
C GLN A 64 6.33 -0.80 34.40
N GLY A 65 5.18 -0.66 33.74
CA GLY A 65 5.13 -0.22 32.37
C GLY A 65 3.70 0.02 31.92
N VAL A 66 3.50 0.08 30.61
CA VAL A 66 2.18 0.32 30.04
C VAL A 66 1.80 -0.78 29.03
N LEU A 67 0.53 -1.20 29.06
CA LEU A 67 0.03 -2.15 28.07
C LEU A 67 -0.83 -1.44 27.02
N LEU A 68 -0.46 -1.61 25.76
CA LEU A 68 -1.18 -1.01 24.64
C LEU A 68 -1.98 -2.07 23.90
N SER A 69 -3.29 -1.86 23.78
CA SER A 69 -4.16 -2.86 23.16
C SER A 69 -5.08 -2.24 22.12
N PRO A 70 -4.80 -2.50 20.83
CA PRO A 70 -5.62 -2.02 19.72
C PRO A 70 -7.09 -2.37 19.91
N SER A 71 -7.95 -1.36 19.83
CA SER A 71 -9.39 -1.52 20.01
C SER A 71 -9.76 -2.20 21.32
N GLY A 72 -8.96 -2.01 22.35
CA GLY A 72 -9.23 -2.54 23.67
C GLY A 72 -9.03 -4.04 23.78
N GLY A 73 -8.43 -4.64 22.75
CA GLY A 73 -8.18 -6.07 22.73
C GLY A 73 -6.99 -6.49 23.56
N VAL A 74 -7.20 -6.59 24.87
CA VAL A 74 -6.12 -6.82 25.81
C VAL A 74 -5.46 -8.19 25.66
N SER A 75 -6.18 -9.14 25.03
CA SER A 75 -5.64 -10.47 24.80
C SER A 75 -4.47 -10.45 23.82
N MET A 76 -4.35 -9.35 23.08
N MET A 76 -4.36 -9.35 23.07
CA MET A 76 -3.26 -9.20 22.12
CA MET A 76 -3.27 -9.18 22.10
C MET A 76 -2.53 -7.88 22.35
C MET A 76 -2.48 -7.91 22.36
N GLY A 77 -2.57 -7.39 23.58
CA GLY A 77 -1.86 -6.17 23.95
C GLY A 77 -0.37 -6.39 24.00
N THR A 78 0.40 -5.30 23.86
CA THR A 78 1.86 -5.37 23.97
C THR A 78 2.36 -4.44 25.06
N PHE A 79 3.42 -4.88 25.74
CA PHE A 79 3.91 -4.23 26.95
C PHE A 79 5.17 -3.40 26.70
N ILE A 80 5.14 -2.15 27.17
CA ILE A 80 6.31 -1.29 27.16
C ILE A 80 6.78 -1.08 28.60
N PRO A 81 7.96 -1.63 28.94
CA PRO A 81 8.47 -1.60 30.31
C PRO A 81 9.22 -0.30 30.61
N GLY A 82 10.05 -0.32 31.67
CA GLY A 82 10.98 0.76 31.91
C GLY A 82 10.54 1.92 32.79
N LEU A 83 9.42 1.76 33.49
CA LEU A 83 8.98 2.77 34.45
C LEU A 83 9.60 2.48 35.81
N TYR A 84 10.36 3.45 36.33
CA TYR A 84 11.06 3.31 37.59
C TYR A 84 10.09 3.06 38.76
N GLY A 85 10.47 2.16 39.65
CA GLY A 85 9.68 1.81 40.81
C GLY A 85 10.47 0.96 41.78
N ASP A 86 9.79 0.28 42.70
CA ASP A 86 10.46 -0.49 43.75
C ASP A 86 11.28 -1.66 43.22
N ALA A 87 10.84 -2.25 42.11
CA ALA A 87 11.53 -3.39 41.52
C ALA A 87 12.71 -2.96 40.65
N GLY A 88 12.88 -1.66 40.49
CA GLY A 88 13.94 -1.12 39.66
C GLY A 88 13.90 0.40 39.66
N THR A 89 14.70 1.00 40.53
CA THR A 89 14.71 2.44 40.69
C THR A 89 15.64 3.07 39.67
N ALA A 90 15.56 4.39 39.50
CA ALA A 90 16.50 5.11 38.66
C ALA A 90 17.91 4.90 39.22
N PRO A 91 18.83 4.38 38.39
CA PRO A 91 20.17 4.03 38.87
C PRO A 91 21.14 5.20 38.86
N ASP A 92 20.66 6.38 38.48
CA ASP A 92 21.49 7.57 38.46
C ASP A 92 20.60 8.81 38.46
N ASN A 93 21.19 9.99 38.59
CA ASN A 93 20.41 11.22 38.54
C ASN A 93 21.12 12.34 37.78
N SER A 94 22.07 11.95 36.94
CA SER A 94 22.93 12.92 36.26
C SER A 94 22.38 13.36 34.92
N ALA A 95 22.61 14.62 34.58
CA ALA A 95 22.15 15.15 33.31
C ALA A 95 23.21 14.98 32.24
N SER A 96 24.38 14.47 32.65
CA SER A 96 25.52 14.40 31.74
C SER A 96 26.08 12.99 31.59
N SER A 97 25.27 11.98 31.95
CA SER A 97 25.70 10.60 31.83
C SER A 97 24.57 9.67 31.42
N GLU A 98 24.95 8.56 30.79
CA GLU A 98 24.04 7.52 30.33
C GLU A 98 24.57 6.23 30.94
N THR A 99 23.73 5.52 31.70
CA THR A 99 24.23 4.44 32.54
C THR A 99 23.36 3.17 32.57
N TRP A 100 24.01 2.03 32.32
CA TRP A 100 23.45 0.72 32.64
C TRP A 100 23.97 0.30 34.00
N ARG A 101 23.08 -0.11 34.89
CA ARG A 101 23.48 -0.65 36.18
C ARG A 101 22.83 -2.00 36.43
N PHE A 102 23.64 -2.97 36.83
CA PHE A 102 23.17 -4.34 37.01
C PHE A 102 23.10 -4.73 38.49
N ASP A 103 22.36 -5.80 38.76
CA ASP A 103 22.05 -6.22 40.13
C ASP A 103 23.29 -6.66 40.93
N ASP A 104 24.38 -6.98 40.23
CA ASP A 104 25.59 -7.44 40.90
C ASP A 104 26.57 -6.29 41.15
N GLY A 105 26.13 -5.06 40.91
CA GLY A 105 26.96 -3.90 41.14
C GLY A 105 27.72 -3.42 39.91
N ALA A 106 27.69 -4.19 38.83
CA ALA A 106 28.38 -3.78 37.61
C ALA A 106 27.69 -2.60 36.95
N SER A 107 28.46 -1.80 36.22
CA SER A 107 27.89 -0.68 35.49
C SER A 107 28.64 -0.39 34.20
N LEU A 108 27.90 0.05 33.19
N LEU A 108 27.88 0.03 33.19
CA LEU A 108 28.50 0.52 31.94
CA LEU A 108 28.43 0.50 31.92
C LEU A 108 27.96 1.91 31.67
C LEU A 108 27.87 1.88 31.68
N SER A 109 28.83 2.90 31.61
N SER A 109 28.74 2.88 31.56
CA SER A 109 28.33 4.27 31.48
CA SER A 109 28.29 4.26 31.46
C SER A 109 29.19 5.15 30.59
C SER A 109 29.18 5.16 30.61
N TYR A 110 28.55 6.09 29.90
CA TYR A 110 29.29 7.16 29.24
C TYR A 110 28.90 8.51 29.86
N ASP A 111 29.90 9.32 30.17
CA ASP A 111 29.70 10.65 30.73
C ASP A 111 30.22 11.67 29.73
N TRP A 112 29.34 12.51 29.19
CA TRP A 112 29.78 13.45 28.17
C TRP A 112 30.25 14.79 28.72
N ALA A 113 30.24 14.93 30.05
CA ALA A 113 30.82 16.10 30.69
C ALA A 113 32.28 15.81 31.01
N ALA A 114 32.54 14.57 31.43
CA ALA A 114 33.88 14.16 31.80
C ALA A 114 34.62 13.55 30.60
N HIS A 115 33.87 13.22 29.56
CA HIS A 115 34.39 12.52 28.38
C HIS A 115 35.01 11.20 28.77
N ARG A 116 34.19 10.32 29.32
CA ARG A 116 34.67 9.09 29.89
C ARG A 116 33.70 7.93 29.64
N TYR A 117 34.22 6.85 29.04
CA TYR A 117 33.48 5.60 28.97
C TYR A 117 34.04 4.70 30.05
N ARG A 118 33.15 4.19 30.90
CA ARG A 118 33.60 3.38 32.02
C ARG A 118 32.82 2.07 32.11
N VAL A 119 33.55 0.97 32.03
CA VAL A 119 33.01 -0.36 32.25
C VAL A 119 33.56 -0.85 33.58
N GLU A 120 32.69 -1.02 34.57
CA GLU A 120 33.12 -1.36 35.92
C GLU A 120 32.43 -2.59 36.48
N LEU A 121 33.21 -3.62 36.78
CA LEU A 121 32.72 -4.82 37.43
C LEU A 121 33.40 -4.97 38.78
N PRO A 122 32.63 -5.05 39.87
CA PRO A 122 33.22 -5.30 41.19
C PRO A 122 34.08 -6.56 41.15
N SER A 123 33.58 -7.58 40.44
CA SER A 123 34.29 -8.84 40.29
C SER A 123 33.84 -9.50 38.99
N GLY A 124 34.59 -10.50 38.52
CA GLY A 124 34.19 -11.23 37.34
C GLY A 124 35.15 -11.08 36.20
N THR A 125 34.63 -10.81 35.00
CA THR A 125 35.49 -10.70 33.83
C THR A 125 34.88 -9.89 32.70
N VAL A 126 35.76 -9.20 31.96
CA VAL A 126 35.43 -8.54 30.72
C VAL A 126 36.24 -9.23 29.62
N GLU A 127 35.55 -9.68 28.58
CA GLU A 127 36.21 -10.38 27.48
C GLU A 127 35.91 -9.69 26.15
N VAL A 128 36.96 -9.31 25.43
CA VAL A 128 36.82 -8.80 24.08
C VAL A 128 37.49 -9.80 23.14
N ARG A 129 36.66 -10.49 22.35
CA ARG A 129 37.15 -11.59 21.53
C ARG A 129 36.85 -11.37 20.05
N VAL A 130 37.90 -11.44 19.24
CA VAL A 130 37.76 -11.34 17.79
C VAL A 130 38.54 -12.49 17.16
N GLY A 131 37.83 -13.41 16.51
CA GLY A 131 38.45 -14.62 16.00
C GLY A 131 39.16 -15.33 17.13
N ALA A 132 40.46 -15.52 16.99
CA ALA A 132 41.26 -16.18 18.02
C ALA A 132 41.88 -15.20 19.01
N SER A 133 41.84 -13.90 18.69
CA SER A 133 42.42 -12.88 19.57
C SER A 133 41.49 -12.46 20.69
N GLU A 134 42.08 -12.18 21.85
CA GLU A 134 41.30 -11.82 23.04
C GLU A 134 42.04 -10.86 23.98
N VAL A 135 41.29 -9.87 24.46
CA VAL A 135 41.71 -9.06 25.60
C VAL A 135 40.79 -9.45 26.75
N ARG A 136 41.37 -9.89 27.86
N ARG A 136 41.38 -9.86 27.87
CA ARG A 136 40.57 -10.32 29.00
CA ARG A 136 40.59 -10.33 29.01
C ARG A 136 41.00 -9.60 30.28
C ARG A 136 41.00 -9.60 30.28
N VAL A 137 40.03 -9.00 30.96
CA VAL A 137 40.27 -8.33 32.23
C VAL A 137 39.50 -9.02 33.34
N SER A 138 40.20 -9.44 34.39
CA SER A 138 39.55 -10.12 35.51
C SER A 138 40.15 -9.64 36.82
N ASP A 139 39.61 -10.13 37.94
CA ASP A 139 40.09 -9.72 39.26
C ASP A 139 41.60 -9.80 39.38
N GLY A 140 42.17 -10.91 38.97
CA GLY A 140 43.58 -11.15 39.19
C GLY A 140 44.51 -10.86 38.02
N ALA A 141 43.96 -10.55 36.84
CA ALA A 141 44.80 -10.41 35.67
C ALA A 141 44.21 -9.62 34.51
N VAL A 142 45.10 -9.01 33.74
CA VAL A 142 44.81 -8.56 32.40
C VAL A 142 45.64 -9.45 31.48
N SER A 143 45.00 -10.04 30.48
CA SER A 143 45.69 -10.89 29.54
C SER A 143 45.39 -10.52 28.10
N LEU A 144 46.43 -10.51 27.28
CA LEU A 144 46.28 -10.32 25.85
C LEU A 144 46.73 -11.63 25.19
N LYS A 145 45.96 -12.08 24.20
CA LYS A 145 46.31 -13.30 23.49
C LYS A 145 45.96 -13.14 22.02
N ALA A 146 46.95 -13.34 21.15
CA ALA A 146 46.76 -13.17 19.72
C ALA A 146 47.95 -13.78 18.99
N PRO A 147 47.78 -14.07 17.70
CA PRO A 147 48.90 -14.53 16.86
C PRO A 147 49.99 -13.46 16.76
N LYS A 148 49.63 -12.22 17.06
CA LYS A 148 50.60 -11.13 17.10
C LYS A 148 50.15 -10.06 18.10
N ILE A 149 51.05 -9.71 19.01
CA ILE A 149 50.79 -8.63 19.96
C ILE A 149 51.76 -7.49 19.67
N SER A 150 51.20 -6.32 19.44
CA SER A 150 51.98 -5.19 18.98
C SER A 150 51.80 -4.00 19.91
N LEU A 151 52.91 -3.49 20.42
CA LEU A 151 52.88 -2.32 21.29
C LEU A 151 53.63 -1.21 20.58
N GLU A 152 52.89 -0.18 20.17
CA GLU A 152 53.47 0.92 19.41
C GLU A 152 53.59 2.18 20.25
N GLY A 153 54.82 2.49 20.65
CA GLY A 153 55.10 3.61 21.52
C GLY A 153 56.12 3.17 22.57
N PRO A 154 56.65 4.12 23.35
CA PRO A 154 57.59 3.73 24.41
C PRO A 154 56.87 2.96 25.52
N VAL A 155 57.43 1.82 25.90
CA VAL A 155 56.78 0.99 26.90
C VAL A 155 57.49 1.09 28.25
N GLU A 156 56.70 1.23 29.30
CA GLU A 156 57.19 1.34 30.66
C GLU A 156 56.56 0.25 31.51
N ILE A 157 57.39 -0.56 32.15
CA ILE A 157 56.87 -1.60 33.04
C ILE A 157 57.26 -1.34 34.49
N ALA A 158 56.27 -1.09 35.33
CA ALA A 158 56.49 -0.99 36.76
C ALA A 158 56.29 -2.36 37.37
N GLY A 159 57.37 -3.13 37.45
CA GLY A 159 57.31 -4.50 37.90
C GLY A 159 58.39 -5.30 37.21
N THR A 160 58.29 -6.62 37.28
CA THR A 160 59.26 -7.49 36.62
C THR A 160 58.75 -7.89 35.23
N LEU A 161 59.68 -8.34 34.39
CA LEU A 161 59.35 -8.87 33.08
C LEU A 161 59.94 -10.26 32.90
N THR A 162 59.07 -11.24 32.66
CA THR A 162 59.52 -12.61 32.39
C THR A 162 59.09 -13.00 30.99
N VAL A 163 60.06 -13.41 30.18
CA VAL A 163 59.80 -13.80 28.80
C VAL A 163 60.23 -15.25 28.56
N SER A 164 59.30 -16.07 28.09
CA SER A 164 59.60 -17.49 27.89
C SER A 164 60.54 -17.70 26.72
N GLY A 165 60.36 -16.91 25.66
CA GLY A 165 61.17 -17.03 24.47
C GLY A 165 62.38 -16.10 24.47
N ASP A 166 62.91 -15.82 23.28
CA ASP A 166 64.05 -14.92 23.14
C ASP A 166 63.63 -13.47 23.30
N ILE A 167 64.56 -12.65 23.75
CA ILE A 167 64.41 -11.20 23.75
C ILE A 167 65.37 -10.60 22.75
N LEU A 168 64.83 -9.97 21.70
CA LEU A 168 65.66 -9.44 20.63
C LEU A 168 65.54 -7.93 20.56
N GLY A 169 66.64 -7.24 20.88
CA GLY A 169 66.60 -5.79 20.93
C GLY A 169 67.27 -5.14 19.73
N GLY A 170 66.62 -4.12 19.17
CA GLY A 170 67.18 -3.42 18.02
C GLY A 170 68.19 -2.35 18.40
N GLY A 171 68.39 -2.15 19.70
CA GLY A 171 69.38 -1.20 20.18
C GLY A 171 70.27 -1.81 21.24
N SER A 172 70.50 -1.07 22.31
CA SER A 172 71.27 -1.59 23.43
C SER A 172 70.34 -2.24 24.45
N ILE A 173 70.89 -3.11 25.27
CA ILE A 173 70.16 -3.72 26.37
C ILE A 173 71.00 -3.54 27.63
N ILE A 174 70.55 -2.64 28.50
CA ILE A 174 71.37 -2.20 29.64
C ILE A 174 70.65 -2.36 30.98
N ASP A 175 71.36 -2.89 31.97
CA ASP A 175 70.82 -3.03 33.31
C ASP A 175 71.37 -1.92 34.21
N THR A 176 71.09 -1.99 35.50
CA THR A 176 71.61 -1.02 36.45
C THR A 176 72.29 -1.72 37.62
N VAL B 4 -22.16 14.23 28.65
CA VAL B 4 -20.85 13.58 28.82
C VAL B 4 -20.45 12.87 27.53
N SER B 5 -20.75 13.49 26.39
CA SER B 5 -20.36 12.95 25.09
C SER B 5 -19.15 13.68 24.54
N ALA B 6 -18.99 14.94 24.97
CA ALA B 6 -17.81 15.72 24.62
C ALA B 6 -16.63 15.23 25.45
N GLU B 7 -16.94 14.64 26.60
CA GLU B 7 -15.93 14.05 27.47
C GLU B 7 -15.33 12.81 26.80
N HIS B 8 -16.13 12.12 25.99
CA HIS B 8 -15.66 10.96 25.25
C HIS B 8 -14.54 11.34 24.28
N ASP B 9 -14.78 12.34 23.45
CA ASP B 9 -13.78 12.80 22.49
C ASP B 9 -12.66 13.59 23.17
N ARG B 10 -12.94 14.12 24.36
CA ARG B 10 -11.90 14.76 25.16
C ARG B 10 -10.87 13.74 25.64
N MET B 11 -11.36 12.69 26.30
CA MET B 11 -10.53 11.58 26.76
C MET B 11 -9.81 10.95 25.56
N LEU B 12 -10.57 10.77 24.48
CA LEU B 12 -10.07 10.26 23.22
C LEU B 12 -8.85 11.03 22.76
N ALA B 13 -9.00 12.35 22.64
CA ALA B 13 -7.92 13.20 22.16
C ALA B 13 -6.74 13.23 23.14
N ALA B 14 -7.04 13.09 24.43
CA ALA B 14 -6.00 13.18 25.46
C ALA B 14 -5.21 11.89 25.68
N MET B 15 -5.73 10.76 25.18
CA MET B 15 -5.07 9.47 25.40
C MET B 15 -3.67 9.35 24.81
N ILE B 16 -3.48 9.92 23.63
CA ILE B 16 -2.19 9.86 22.95
C ILE B 16 -1.83 11.26 22.44
N LEU B 17 -0.77 11.84 23.00
CA LEU B 17 -0.45 13.23 22.69
C LEU B 17 0.99 13.42 22.21
N PRO B 18 1.18 14.12 21.09
CA PRO B 18 2.54 14.47 20.66
C PRO B 18 3.08 15.56 21.58
N CYS B 19 4.29 15.40 22.11
CA CYS B 19 4.78 16.39 23.07
C CYS B 19 6.29 16.57 23.08
N VAL B 20 6.72 17.65 23.73
CA VAL B 20 8.14 17.98 23.80
C VAL B 20 8.54 18.22 25.26
N VAL B 21 9.75 17.80 25.63
CA VAL B 21 10.24 18.03 27.00
C VAL B 21 10.55 19.50 27.27
N VAL B 22 10.03 20.04 28.37
CA VAL B 22 10.31 21.43 28.75
C VAL B 22 11.00 21.54 30.11
N ALA B 23 11.06 20.44 30.86
CA ALA B 23 11.65 20.47 32.20
C ALA B 23 11.98 19.07 32.68
N VAL B 24 13.12 18.94 33.38
CA VAL B 24 13.56 17.66 33.90
C VAL B 24 13.86 17.76 35.39
N ASP B 25 13.19 16.93 36.18
CA ASP B 25 13.52 16.79 37.60
C ASP B 25 14.40 15.55 37.72
N LEU B 26 15.71 15.76 37.67
CA LEU B 26 16.68 14.68 37.62
C LEU B 26 16.63 13.78 38.85
N ALA B 27 16.55 14.40 40.03
CA ALA B 27 16.57 13.66 41.29
C ALA B 27 15.35 12.78 41.46
N ALA B 28 14.21 13.26 40.98
CA ALA B 28 12.96 12.52 41.09
C ALA B 28 12.70 11.64 39.88
N ALA B 29 13.56 11.75 38.87
CA ALA B 29 13.37 11.04 37.60
C ALA B 29 12.00 11.31 36.97
N ARG B 30 11.70 12.59 36.75
N ARG B 30 11.69 12.59 36.75
CA ARG B 30 10.44 13.00 36.15
CA ARG B 30 10.44 13.00 36.14
C ARG B 30 10.69 14.07 35.09
C ARG B 30 10.68 14.07 35.09
N VAL B 31 9.73 14.23 34.16
CA VAL B 31 9.80 15.29 33.16
C VAL B 31 8.48 16.05 33.11
N ARG B 32 8.55 17.30 32.65
CA ARG B 32 7.37 18.05 32.27
C ARG B 32 7.38 18.13 30.76
N VAL B 33 6.25 17.82 30.13
CA VAL B 33 6.16 17.91 28.68
C VAL B 33 5.11 18.93 28.28
N ARG B 34 5.21 19.41 27.05
CA ARG B 34 4.25 20.37 26.52
C ARG B 34 3.66 19.84 25.22
N SER B 35 2.35 19.95 25.12
CA SER B 35 1.62 19.60 23.91
C SER B 35 0.70 20.77 23.60
N GLY B 36 1.05 21.56 22.59
CA GLY B 36 0.31 22.79 22.31
C GLY B 36 0.66 23.86 23.32
N ASP B 37 -0.34 24.42 23.97
CA ASP B 37 -0.10 25.40 25.02
C ASP B 37 -0.33 24.81 26.41
N TRP B 38 -0.46 23.49 26.45
CA TRP B 38 -0.64 22.78 27.71
C TRP B 38 0.66 22.16 28.20
N THR B 39 1.00 22.44 29.45
CA THR B 39 2.17 21.85 30.09
C THR B 39 1.73 20.88 31.19
N SER B 40 2.34 19.71 31.22
CA SER B 40 1.96 18.65 32.16
C SER B 40 2.52 18.89 33.56
N GLY B 41 2.13 18.02 34.49
CA GLY B 41 2.78 17.96 35.79
C GLY B 41 4.02 17.09 35.67
N TRP B 42 4.61 16.72 36.80
CA TRP B 42 5.78 15.86 36.80
C TRP B 42 5.44 14.41 36.46
N LEU B 43 5.88 13.94 35.29
CA LEU B 43 5.52 12.62 34.80
C LEU B 43 6.73 11.71 34.57
N ARG B 44 6.48 10.41 34.59
CA ARG B 44 7.54 9.43 34.34
C ARG B 44 7.78 9.25 32.85
N TRP B 45 9.02 8.93 32.49
CA TRP B 45 9.32 8.47 31.14
C TRP B 45 9.66 6.99 31.15
N HIS B 46 9.47 6.33 30.03
CA HIS B 46 9.88 4.94 29.90
C HIS B 46 11.37 4.86 29.59
N SER B 47 12.13 4.27 30.51
CA SER B 47 13.56 4.07 30.33
C SER B 47 13.76 2.76 29.59
N LEU B 48 15.01 2.45 29.26
CA LEU B 48 15.32 1.21 28.53
C LEU B 48 15.17 -0.04 29.41
N ALA B 49 15.24 0.14 30.73
CA ALA B 49 15.15 -0.99 31.65
C ALA B 49 14.90 -0.51 33.08
N ALA B 50 13.92 -1.10 33.75
CA ALA B 50 13.64 -0.75 35.14
C ALA B 50 13.36 -1.98 35.99
N GLY B 51 14.29 -2.95 35.96
CA GLY B 51 14.17 -4.15 36.77
C GLY B 51 15.48 -4.50 37.46
N LYS B 52 15.85 -5.78 37.43
CA LYS B 52 17.14 -6.22 37.96
C LYS B 52 18.27 -5.45 37.26
N VAL B 53 18.08 -5.16 35.98
N VAL B 53 18.05 -5.19 35.97
CA VAL B 53 18.97 -4.24 35.28
CA VAL B 53 18.85 -4.24 35.21
C VAL B 53 18.21 -2.95 34.98
C VAL B 53 18.11 -2.92 35.20
N ARG B 54 18.84 -1.82 35.30
CA ARG B 54 18.24 -0.51 35.12
C ARG B 54 19.11 0.32 34.20
N HIS B 55 18.45 1.10 33.35
CA HIS B 55 19.16 2.04 32.51
C HIS B 55 18.73 3.45 32.83
N TRP B 56 19.67 4.38 32.75
CA TRP B 56 19.41 5.79 32.97
C TRP B 56 19.91 6.64 31.80
N ARG B 57 19.01 7.44 31.24
CA ARG B 57 19.34 8.42 30.23
C ARG B 57 18.22 9.43 30.25
N ALA B 58 18.41 10.52 30.99
CA ALA B 58 17.36 11.53 31.11
C ALA B 58 17.09 12.18 29.75
N PRO B 59 15.80 12.28 29.38
CA PRO B 59 15.40 13.02 28.18
C PRO B 59 15.89 14.47 28.27
N SER B 60 16.29 15.03 27.15
CA SER B 60 16.78 16.40 27.12
C SER B 60 15.63 17.36 26.95
N ILE B 61 15.77 18.56 27.48
CA ILE B 61 14.83 19.63 27.20
C ILE B 61 14.81 19.84 25.68
N GLY B 62 13.61 19.89 25.11
CA GLY B 62 13.48 19.98 23.67
C GLY B 62 13.33 18.65 22.96
N GLU B 63 13.51 17.54 23.68
CA GLU B 63 13.35 16.22 23.08
C GLU B 63 11.88 15.92 22.82
N GLN B 64 11.59 15.35 21.65
CA GLN B 64 10.21 15.09 21.26
C GLN B 64 9.83 13.63 21.50
N GLY B 65 8.56 13.42 21.80
CA GLY B 65 8.05 12.08 22.01
C GLY B 65 6.54 12.06 22.08
N VAL B 66 5.99 11.01 22.69
N VAL B 66 5.98 10.99 22.65
CA VAL B 66 4.55 10.83 22.81
CA VAL B 66 4.55 10.89 22.82
C VAL B 66 4.15 10.52 24.24
C VAL B 66 4.20 10.61 24.27
N LEU B 67 3.07 11.14 24.70
CA LEU B 67 2.57 10.89 26.04
C LEU B 67 1.36 9.98 25.93
N LEU B 68 1.36 8.95 26.77
CA LEU B 68 0.28 7.96 26.82
C LEU B 68 -0.41 8.07 28.16
N SER B 69 -1.72 8.36 28.12
CA SER B 69 -2.49 8.57 29.33
C SER B 69 -3.74 7.69 29.30
N PRO B 70 -3.78 6.68 30.18
CA PRO B 70 -4.93 5.79 30.33
C PRO B 70 -6.22 6.59 30.52
N SER B 71 -7.19 6.36 29.63
CA SER B 71 -8.48 7.05 29.69
C SER B 71 -8.35 8.57 29.64
N GLY B 72 -7.22 9.05 29.11
CA GLY B 72 -6.97 10.47 29.03
C GLY B 72 -6.69 11.12 30.39
N GLY B 73 -6.44 10.29 31.40
CA GLY B 73 -6.03 10.77 32.70
C GLY B 73 -4.60 11.26 32.59
N VAL B 74 -4.46 12.52 32.18
CA VAL B 74 -3.16 13.05 31.78
C VAL B 74 -2.22 13.31 32.97
N SER B 75 -2.77 13.33 34.18
CA SER B 75 -1.98 13.47 35.39
C SER B 75 -1.14 12.23 35.67
N MET B 76 -1.50 11.12 35.03
CA MET B 76 -0.77 9.86 35.22
CA MET B 76 -0.80 9.85 35.22
C MET B 76 -0.17 9.36 33.91
N GLY B 77 0.02 10.27 32.97
CA GLY B 77 0.59 9.91 31.67
C GLY B 77 2.05 9.53 31.75
N THR B 78 2.50 8.71 30.80
CA THR B 78 3.91 8.36 30.72
C THR B 78 4.47 8.70 29.33
N PHE B 79 5.75 9.06 29.32
CA PHE B 79 6.39 9.65 28.15
C PHE B 79 7.31 8.66 27.45
N ILE B 80 7.19 8.61 26.13
CA ILE B 80 8.10 7.83 25.31
C ILE B 80 8.87 8.79 24.43
N PRO B 81 10.18 8.93 24.70
CA PRO B 81 11.02 9.89 23.97
C PRO B 81 11.50 9.28 22.66
N GLY B 82 12.56 9.86 22.10
CA GLY B 82 13.24 9.26 20.96
C GLY B 82 12.79 9.67 19.58
N LEU B 83 11.95 10.70 19.48
CA LEU B 83 11.57 11.21 18.16
C LEU B 83 12.62 12.23 17.70
N TYR B 84 13.29 11.93 16.58
CA TYR B 84 14.32 12.82 16.04
C TYR B 84 13.73 14.19 15.75
N GLY B 85 14.50 15.23 16.07
CA GLY B 85 14.07 16.61 15.91
C GLY B 85 15.25 17.55 16.10
N ASP B 86 14.97 18.84 16.23
CA ASP B 86 16.02 19.85 16.34
C ASP B 86 16.89 19.73 17.59
N ALA B 87 16.33 19.15 18.65
CA ALA B 87 17.10 18.94 19.88
C ALA B 87 17.90 17.64 19.86
N GLY B 88 17.67 16.81 18.84
CA GLY B 88 18.36 15.54 18.73
C GLY B 88 18.06 14.86 17.40
N THR B 89 18.91 15.11 16.42
CA THR B 89 18.69 14.61 15.06
C THR B 89 19.18 13.17 14.91
N ALA B 90 18.78 12.50 13.83
CA ALA B 90 19.28 11.17 13.54
C ALA B 90 20.81 11.23 13.48
N PRO B 91 21.48 10.38 14.27
CA PRO B 91 22.94 10.43 14.37
C PRO B 91 23.66 9.58 13.33
N ASP B 92 22.89 8.85 12.51
CA ASP B 92 23.48 7.98 11.50
C ASP B 92 22.42 7.73 10.43
N ASN B 93 22.81 7.05 9.36
CA ASN B 93 21.90 6.80 8.24
C ASN B 93 22.14 5.42 7.60
N SER B 94 22.86 4.55 8.30
CA SER B 94 23.26 3.28 7.71
C SER B 94 22.24 2.18 7.92
N ALA B 95 22.12 1.31 6.93
CA ALA B 95 21.26 0.13 7.07
C ALA B 95 21.94 -0.91 7.94
N SER B 96 23.24 -0.76 8.15
CA SER B 96 24.01 -1.82 8.81
C SER B 96 24.68 -1.41 10.13
N SER B 97 24.11 -0.43 10.82
CA SER B 97 24.77 0.07 12.03
C SER B 97 23.81 0.31 13.19
N GLU B 98 24.36 0.18 14.41
CA GLU B 98 23.67 0.51 15.64
C GLU B 98 24.62 1.46 16.37
N THR B 99 24.19 2.71 16.56
CA THR B 99 25.11 3.78 16.94
C THR B 99 24.60 4.70 18.06
N TRP B 100 25.41 4.89 19.10
CA TRP B 100 25.20 5.95 20.09
C TRP B 100 26.14 7.10 19.75
N ARG B 101 25.62 8.32 19.72
CA ARG B 101 26.47 9.49 19.53
CA ARG B 101 26.47 9.50 19.52
C ARG B 101 26.21 10.51 20.62
N PHE B 102 27.28 11.10 21.15
CA PHE B 102 27.16 12.01 22.28
C PHE B 102 27.51 13.44 21.90
N ASP B 103 27.12 14.37 22.77
CA ASP B 103 27.25 15.80 22.51
C ASP B 103 28.70 16.23 22.36
N ASP B 104 29.61 15.46 22.96
CA ASP B 104 31.03 15.80 22.93
C ASP B 104 31.75 15.17 21.74
N GLY B 105 30.99 14.58 20.82
CA GLY B 105 31.57 13.98 19.63
C GLY B 105 31.90 12.50 19.78
N ALA B 106 31.72 11.96 20.97
CA ALA B 106 32.03 10.55 21.20
C ALA B 106 30.96 9.67 20.56
N SER B 107 31.34 8.46 20.19
CA SER B 107 30.35 7.51 19.68
C SER B 107 30.71 6.05 19.95
N LEU B 108 29.69 5.24 20.13
N LEU B 108 29.68 5.25 20.15
CA LEU B 108 29.86 3.80 20.27
CA LEU B 108 29.83 3.81 20.28
C LEU B 108 28.97 3.10 19.25
C LEU B 108 28.97 3.17 19.19
N SER B 109 29.58 2.34 18.34
CA SER B 109 28.83 1.84 17.21
CA SER B 109 28.82 1.83 17.21
C SER B 109 29.23 0.43 16.78
N TYR B 110 28.23 -0.41 16.52
CA TYR B 110 28.53 -1.66 15.86
C TYR B 110 28.01 -1.65 14.42
N ASP B 111 28.84 -2.10 13.50
CA ASP B 111 28.48 -2.13 12.08
C ASP B 111 28.62 -3.57 11.59
N TRP B 112 27.49 -4.21 11.26
CA TRP B 112 27.53 -5.61 10.85
C TRP B 112 27.77 -5.83 9.35
N ALA B 113 28.00 -4.76 8.59
CA ALA B 113 28.51 -4.89 7.23
C ALA B 113 30.03 -4.87 7.27
N ALA B 114 30.59 -3.92 8.02
CA ALA B 114 32.04 -3.83 8.18
C ALA B 114 32.58 -4.81 9.24
N HIS B 115 31.68 -5.39 10.04
CA HIS B 115 32.07 -6.28 11.14
C HIS B 115 33.03 -5.56 12.08
N ARG B 116 32.57 -4.46 12.64
CA ARG B 116 33.41 -3.57 13.43
C ARG B 116 32.68 -2.99 14.63
N TYR B 117 33.27 -3.13 15.81
CA TYR B 117 32.81 -2.40 16.97
C TYR B 117 33.77 -1.25 17.21
N ARG B 118 33.25 -0.04 17.26
CA ARG B 118 34.08 1.14 17.42
C ARG B 118 33.65 2.03 18.59
N VAL B 119 34.56 2.17 19.53
CA VAL B 119 34.41 3.11 20.64
C VAL B 119 35.36 4.25 20.35
N GLU B 120 34.79 5.41 20.05
CA GLU B 120 35.59 6.53 19.58
C GLU B 120 35.35 7.77 20.42
N LEU B 121 36.39 8.22 21.12
CA LEU B 121 36.36 9.46 21.89
C LEU B 121 37.41 10.42 21.36
N PRO B 122 36.98 11.62 20.93
CA PRO B 122 37.93 12.66 20.48
C PRO B 122 38.93 12.99 21.59
N SER B 123 38.45 12.98 22.83
CA SER B 123 39.33 13.20 23.97
C SER B 123 38.76 12.47 25.18
N GLY B 124 39.56 12.35 26.24
CA GLY B 124 39.09 11.78 27.48
C GLY B 124 39.69 10.43 27.84
N THR B 125 38.86 9.55 28.42
CA THR B 125 39.33 8.25 28.85
C THR B 125 38.30 7.15 28.64
N VAL B 126 38.77 5.97 28.24
CA VAL B 126 37.98 4.76 28.30
C VAL B 126 38.61 3.91 29.39
N GLU B 127 37.77 3.42 30.31
CA GLU B 127 38.26 2.64 31.45
C GLU B 127 37.50 1.33 31.57
N VAL B 128 38.25 0.23 31.62
CA VAL B 128 37.67 -1.07 31.87
C VAL B 128 38.24 -1.60 33.20
N ARG B 129 37.41 -1.67 34.22
CA ARG B 129 37.88 -2.07 35.55
C ARG B 129 37.13 -3.27 36.10
N VAL B 130 37.89 -4.28 36.52
CA VAL B 130 37.35 -5.45 37.18
C VAL B 130 38.17 -5.71 38.44
N GLY B 131 37.54 -5.51 39.59
CA GLY B 131 38.26 -5.59 40.85
C GLY B 131 39.41 -4.59 40.87
N ALA B 132 40.62 -5.09 41.07
CA ALA B 132 41.82 -4.25 41.13
C ALA B 132 42.51 -4.11 39.77
N SER B 133 41.96 -4.76 38.75
CA SER B 133 42.58 -4.73 37.43
C SER B 133 41.91 -3.71 36.51
N GLU B 134 42.70 -3.11 35.62
CA GLU B 134 42.25 -1.99 34.84
C GLU B 134 42.98 -1.84 33.52
N VAL B 135 42.21 -1.66 32.45
CA VAL B 135 42.75 -1.18 31.17
C VAL B 135 42.25 0.24 30.96
N ARG B 136 43.17 1.15 30.67
N ARG B 136 43.17 1.14 30.68
CA ARG B 136 42.82 2.56 30.55
CA ARG B 136 42.83 2.56 30.55
C ARG B 136 43.40 3.15 29.27
C ARG B 136 43.40 3.10 29.24
N VAL B 137 42.54 3.68 28.42
CA VAL B 137 42.96 4.32 27.18
C VAL B 137 42.66 5.81 27.29
N SER B 138 43.69 6.64 27.22
CA SER B 138 43.51 8.08 27.29
C SER B 138 44.27 8.75 26.15
N ASP B 139 44.14 10.08 26.04
CA ASP B 139 44.80 10.84 24.98
C ASP B 139 46.30 10.57 24.90
N GLY B 140 46.93 10.44 26.05
CA GLY B 140 48.38 10.33 26.10
C GLY B 140 48.94 8.98 26.52
N ALA B 141 48.07 8.02 26.82
CA ALA B 141 48.57 6.73 27.31
C ALA B 141 47.61 5.57 27.17
N VAL B 142 48.18 4.38 27.02
CA VAL B 142 47.44 3.16 27.31
C VAL B 142 48.10 2.54 28.51
N SER B 143 47.32 2.24 29.53
CA SER B 143 47.87 1.67 30.75
C SER B 143 47.14 0.38 31.11
N LEU B 144 47.93 -0.61 31.51
CA LEU B 144 47.41 -1.87 32.01
C LEU B 144 47.89 -2.02 33.45
N LYS B 145 46.96 -2.28 34.36
CA LYS B 145 47.32 -2.43 35.76
C LYS B 145 46.62 -3.66 36.32
N ALA B 146 47.40 -4.56 36.92
CA ALA B 146 46.84 -5.79 37.45
C ALA B 146 47.85 -6.50 38.35
N PRO B 147 47.38 -7.42 39.20
CA PRO B 147 48.30 -8.24 39.98
C PRO B 147 49.12 -9.14 39.06
N LYS B 148 48.65 -9.31 37.84
CA LYS B 148 49.35 -10.10 36.84
C LYS B 148 48.99 -9.63 35.44
N ILE B 149 50.00 -9.36 34.63
CA ILE B 149 49.81 -8.98 33.24
C ILE B 149 50.40 -10.07 32.35
N SER B 150 49.52 -10.74 31.61
CA SER B 150 49.92 -11.87 30.81
C SER B 150 49.77 -11.59 29.32
N LEU B 151 50.85 -11.72 28.57
CA LEU B 151 50.81 -11.53 27.12
C LEU B 151 51.15 -12.85 26.43
N GLU B 152 50.12 -13.48 25.84
CA GLU B 152 50.28 -14.80 25.24
C GLU B 152 50.42 -14.71 23.73
N GLY B 153 51.66 -14.81 23.25
CA GLY B 153 51.95 -14.73 21.83
C GLY B 153 53.22 -13.94 21.59
N PRO B 154 53.68 -13.89 20.32
CA PRO B 154 54.85 -13.08 19.96
C PRO B 154 54.55 -11.61 20.19
N VAL B 155 55.41 -10.93 20.94
CA VAL B 155 55.19 -9.52 21.25
C VAL B 155 56.24 -8.66 20.54
N GLU B 156 55.76 -7.61 19.89
N GLU B 156 55.78 -7.61 19.88
CA GLU B 156 56.62 -6.64 19.22
CA GLU B 156 56.69 -6.68 19.22
C GLU B 156 56.45 -5.29 19.88
C GLU B 156 56.48 -5.26 19.74
N ILE B 157 57.56 -4.61 20.14
CA ILE B 157 57.50 -3.24 20.60
C ILE B 157 58.15 -2.33 19.57
N ALA B 158 57.38 -1.39 19.04
CA ALA B 158 57.94 -0.36 18.18
C ALA B 158 58.20 0.85 19.05
N GLY B 159 59.36 0.87 19.69
CA GLY B 159 59.71 1.92 20.63
C GLY B 159 60.73 1.40 21.62
N THR B 160 60.98 2.18 22.67
CA THR B 160 61.87 1.76 23.75
C THR B 160 61.12 0.94 24.79
N LEU B 161 61.89 0.25 25.63
CA LEU B 161 61.33 -0.53 26.73
C LEU B 161 62.13 -0.27 28.00
N THR B 162 61.42 0.09 29.08
CA THR B 162 62.06 0.31 30.36
C THR B 162 61.34 -0.50 31.42
N VAL B 163 62.11 -1.23 32.23
CA VAL B 163 61.56 -2.15 33.21
C VAL B 163 62.17 -1.86 34.57
N SER B 164 61.33 -1.59 35.56
CA SER B 164 61.82 -1.25 36.89
C SER B 164 62.42 -2.46 37.61
N GLY B 165 61.80 -3.62 37.43
CA GLY B 165 62.26 -4.83 38.09
C GLY B 165 63.18 -5.66 37.22
N ASP B 166 63.45 -6.91 37.61
CA ASP B 166 64.31 -7.81 36.85
C ASP B 166 63.69 -8.15 35.49
N ILE B 167 64.56 -8.43 34.53
CA ILE B 167 64.15 -8.99 33.26
C ILE B 167 64.72 -10.40 33.16
N LEU B 168 63.82 -11.39 33.07
CA LEU B 168 64.22 -12.78 32.99
C LEU B 168 63.79 -13.39 31.68
N GLY B 169 64.74 -13.88 30.90
CA GLY B 169 64.45 -14.51 29.62
C GLY B 169 64.72 -15.99 29.63
N GLY B 170 63.79 -16.77 29.06
CA GLY B 170 63.96 -18.21 28.96
C GLY B 170 64.77 -18.63 27.75
N GLY B 171 65.18 -17.68 26.93
CA GLY B 171 65.95 -17.98 25.73
C GLY B 171 67.20 -17.13 25.65
N SER B 172 67.49 -16.62 24.45
CA SER B 172 68.59 -15.70 24.28
C SER B 172 68.14 -14.27 24.55
N ILE B 173 69.08 -13.42 24.95
CA ILE B 173 68.84 -11.98 25.05
C ILE B 173 69.90 -11.28 24.23
N ILE B 174 69.49 -10.73 23.09
CA ILE B 174 70.45 -10.27 22.09
C ILE B 174 70.19 -8.82 21.68
N ASP B 175 71.21 -7.98 21.83
CA ASP B 175 71.10 -6.58 21.47
C ASP B 175 71.60 -6.36 20.04
N THR B 176 71.70 -5.10 19.64
CA THR B 176 72.18 -4.77 18.30
C THR B 176 73.40 -3.85 18.34
N ALA B 177 73.37 -2.89 19.26
CA ALA B 177 74.45 -1.91 19.42
C ALA B 177 75.82 -2.58 19.62
N ALA C 6 -20.46 6.49 17.24
CA ALA C 6 -20.44 5.63 16.07
C ALA C 6 -19.19 5.87 15.22
N GLU C 7 -18.86 7.15 15.02
CA GLU C 7 -17.67 7.52 14.26
C GLU C 7 -16.44 7.40 15.15
N HIS C 8 -16.67 7.33 16.45
CA HIS C 8 -15.59 7.19 17.42
C HIS C 8 -14.94 5.81 17.37
N ASP C 9 -15.65 4.82 16.83
CA ASP C 9 -15.12 3.46 16.77
C ASP C 9 -13.94 3.33 15.81
N ARG C 10 -14.08 3.94 14.64
CA ARG C 10 -13.04 3.91 13.61
C ARG C 10 -11.79 4.65 14.11
N MET C 11 -12.04 5.74 14.83
CA MET C 11 -10.98 6.57 15.40
C MET C 11 -10.23 5.80 16.48
N LEU C 12 -10.98 5.20 17.39
CA LEU C 12 -10.42 4.36 18.45
C LEU C 12 -9.55 3.29 17.84
N ALA C 13 -10.12 2.61 16.84
CA ALA C 13 -9.42 1.55 16.15
C ALA C 13 -8.13 2.05 15.51
N ALA C 14 -8.16 3.28 15.01
CA ALA C 14 -7.01 3.84 14.30
C ALA C 14 -5.91 4.37 15.23
N MET C 15 -6.27 4.66 16.48
CA MET C 15 -5.31 5.23 17.42
C MET C 15 -4.14 4.31 17.77
N ILE C 16 -4.40 3.02 17.83
CA ILE C 16 -3.36 2.05 18.20
C ILE C 16 -3.44 0.86 17.25
N LEU C 17 -2.42 0.71 16.41
CA LEU C 17 -2.47 -0.33 15.39
C LEU C 17 -1.30 -1.32 15.48
N PRO C 18 -1.58 -2.62 15.38
CA PRO C 18 -0.49 -3.59 15.23
C PRO C 18 0.02 -3.51 13.80
N CYS C 19 1.33 -3.48 13.60
CA CYS C 19 1.79 -3.27 12.24
C CYS C 19 3.18 -3.85 11.96
N VAL C 20 3.55 -3.81 10.67
CA VAL C 20 4.83 -4.34 10.26
C VAL C 20 5.50 -3.39 9.25
N VAL C 21 6.80 -3.19 9.40
CA VAL C 21 7.55 -2.35 8.47
C VAL C 21 7.60 -2.99 7.08
N VAL C 22 7.31 -2.22 6.04
CA VAL C 22 7.37 -2.72 4.67
C VAL C 22 8.32 -1.90 3.80
N ALA C 23 8.70 -0.72 4.30
CA ALA C 23 9.66 0.12 3.59
C ALA C 23 10.44 0.98 4.58
N VAL C 24 11.69 1.29 4.22
CA VAL C 24 12.54 2.11 5.09
C VAL C 24 13.24 3.20 4.27
N ASP C 25 13.13 4.44 4.74
CA ASP C 25 13.89 5.54 4.16
C ASP C 25 14.96 5.98 5.16
N LEU C 26 16.18 5.49 4.93
CA LEU C 26 17.31 5.71 5.83
C LEU C 26 17.70 7.17 5.94
N ALA C 27 17.67 7.88 4.81
CA ALA C 27 18.13 9.26 4.75
C ALA C 27 17.18 10.20 5.49
N ALA C 28 15.88 9.93 5.40
CA ALA C 28 14.89 10.74 6.07
C ALA C 28 14.56 10.20 7.46
N ALA C 29 15.06 9.01 7.76
CA ALA C 29 14.75 8.32 9.02
C ALA C 29 13.25 8.12 9.19
N ARG C 30 12.64 7.47 8.20
N ARG C 30 12.64 7.46 8.21
CA ARG C 30 11.20 7.20 8.26
CA ARG C 30 11.21 7.21 8.21
C ARG C 30 10.92 5.78 7.78
C ARG C 30 10.93 5.77 7.79
N VAL C 31 9.75 5.27 8.15
CA VAL C 31 9.32 3.95 7.69
C VAL C 31 7.89 4.00 7.16
N ARG C 32 7.59 3.08 6.26
CA ARG C 32 6.21 2.81 5.89
C ARG C 32 5.85 1.52 6.58
N VAL C 33 4.69 1.51 7.23
CA VAL C 33 4.23 0.31 7.89
C VAL C 33 2.90 -0.13 7.28
N ARG C 34 2.58 -1.40 7.45
CA ARG C 34 1.33 -1.96 6.97
C ARG C 34 0.56 -2.53 8.14
N SER C 35 -0.74 -2.27 8.15
CA SER C 35 -1.66 -2.88 9.10
C SER C 35 -2.92 -3.24 8.32
N GLY C 36 -3.21 -4.54 8.22
CA GLY C 36 -4.31 -4.99 7.38
C GLY C 36 -3.98 -4.72 5.92
N ASP C 37 -4.94 -4.16 5.19
N ASP C 37 -4.94 -4.17 5.19
CA ASP C 37 -4.73 -3.83 3.78
CA ASP C 37 -4.72 -3.84 3.79
C ASP C 37 -4.24 -2.41 3.59
C ASP C 37 -4.34 -2.37 3.61
N TRP C 38 -3.91 -1.75 4.71
CA TRP C 38 -3.52 -0.35 4.69
C TRP C 38 -2.00 -0.18 4.86
N THR C 39 -1.41 0.71 4.06
CA THR C 39 0.00 1.04 4.18
C THR C 39 0.16 2.53 4.50
N SER C 40 0.93 2.82 5.53
CA SER C 40 1.09 4.18 6.00
C SER C 40 1.89 5.04 5.04
N GLY C 41 1.88 6.35 5.30
CA GLY C 41 2.84 7.25 4.68
C GLY C 41 4.18 7.10 5.39
N TRP C 42 5.15 7.93 5.04
CA TRP C 42 6.46 7.88 5.69
C TRP C 42 6.39 8.42 7.11
N LEU C 43 6.57 7.53 8.10
CA LEU C 43 6.38 7.91 9.49
C LEU C 43 7.64 7.74 10.34
N ARG C 44 7.70 8.49 11.45
CA ARG C 44 8.82 8.41 12.36
C ARG C 44 8.71 7.23 13.30
N TRP C 45 9.84 6.70 13.74
CA TRP C 45 9.85 5.69 14.78
C TRP C 45 10.51 6.26 16.03
N HIS C 46 10.15 5.72 17.19
CA HIS C 46 10.79 6.12 18.44
C HIS C 46 12.15 5.45 18.56
N SER C 47 13.21 6.27 18.54
CA SER C 47 14.56 5.78 18.74
C SER C 47 14.83 5.63 20.23
N LEU C 48 15.99 5.09 20.57
CA LEU C 48 16.35 4.94 21.99
C LEU C 48 16.71 6.26 22.67
N ALA C 49 16.99 7.29 21.87
CA ALA C 49 17.39 8.59 22.41
C ALA C 49 17.45 9.64 21.31
N ALA C 50 16.86 10.80 21.56
CA ALA C 50 16.94 11.91 20.62
C ALA C 50 17.09 13.25 21.34
N GLY C 51 18.12 13.36 22.17
CA GLY C 51 18.44 14.59 22.87
C GLY C 51 19.92 14.91 22.71
N LYS C 52 20.56 15.34 23.78
CA LYS C 52 22.02 15.51 23.76
C LYS C 52 22.67 14.16 23.42
N VAL C 53 22.08 13.08 23.93
CA VAL C 53 22.42 11.73 23.51
C VAL C 53 21.47 11.32 22.40
N ARG C 54 22.02 10.75 21.33
N ARG C 54 22.01 10.74 21.33
CA ARG C 54 21.20 10.23 20.25
CA ARG C 54 21.17 10.23 20.25
C ARG C 54 21.59 8.79 19.92
C ARG C 54 21.59 8.82 19.85
N HIS C 55 20.60 7.97 19.58
CA HIS C 55 20.85 6.60 19.18
C HIS C 55 20.26 6.34 17.81
N TRP C 56 20.93 5.49 17.04
CA TRP C 56 20.45 5.10 15.73
C TRP C 56 20.44 3.59 15.58
N ARG C 57 19.29 3.06 15.16
CA ARG C 57 19.15 1.67 14.78
C ARG C 57 17.88 1.60 13.94
N ALA C 58 18.03 1.51 12.62
CA ALA C 58 16.86 1.52 11.75
C ALA C 58 16.07 0.22 11.84
N PRO C 59 14.73 0.32 11.98
CA PRO C 59 13.91 -0.88 11.94
C PRO C 59 14.12 -1.61 10.63
N SER C 60 14.09 -2.93 10.67
CA SER C 60 14.29 -3.72 9.46
C SER C 60 12.95 -3.97 8.80
N ILE C 61 12.97 -4.20 7.49
CA ILE C 61 11.77 -4.63 6.79
C ILE C 61 11.27 -5.92 7.41
N GLY C 62 9.98 -5.98 7.70
CA GLY C 62 9.39 -7.14 8.33
C GLY C 62 9.40 -7.07 9.86
N GLU C 63 10.03 -6.02 10.40
CA GLU C 63 10.04 -5.86 11.85
C GLU C 63 8.66 -5.46 12.33
N GLN C 64 8.22 -6.08 13.42
CA GLN C 64 6.86 -5.87 13.89
C GLN C 64 6.82 -4.87 15.05
N GLY C 65 5.73 -4.13 15.14
CA GLY C 65 5.57 -3.19 16.23
C GLY C 65 4.17 -2.62 16.33
N VAL C 66 4.08 -1.43 16.90
CA VAL C 66 2.80 -0.76 17.09
C VAL C 66 2.88 0.67 16.58
N LEU C 67 1.81 1.13 15.93
CA LEU C 67 1.70 2.51 15.49
C LEU C 67 0.76 3.28 16.41
N LEU C 68 1.22 4.44 16.87
CA LEU C 68 0.47 5.30 17.76
C LEU C 68 0.10 6.60 17.05
N SER C 69 -1.20 6.85 16.93
CA SER C 69 -1.68 8.01 16.18
C SER C 69 -2.68 8.80 16.99
N PRO C 70 -2.28 9.99 17.47
CA PRO C 70 -3.16 10.88 18.23
C PRO C 70 -4.48 11.15 17.50
N SER C 71 -5.59 10.89 18.19
CA SER C 71 -6.93 11.05 17.61
C SER C 71 -7.14 10.26 16.32
N GLY C 72 -6.38 9.19 16.14
CA GLY C 72 -6.50 8.35 14.96
C GLY C 72 -5.95 8.96 13.68
N GLY C 73 -5.24 10.07 13.80
CA GLY C 73 -4.64 10.72 12.64
C GLY C 73 -3.39 10.01 12.19
N VAL C 74 -3.56 8.92 11.44
CA VAL C 74 -2.45 8.02 11.11
C VAL C 74 -1.36 8.65 10.25
N SER C 75 -1.65 9.81 9.65
CA SER C 75 -0.66 10.49 8.83
C SER C 75 0.48 11.06 9.68
N MET C 76 0.22 11.20 10.98
N MET C 76 0.22 11.21 10.98
CA MET C 76 1.22 11.70 11.91
CA MET C 76 1.22 11.70 11.91
C MET C 76 1.57 10.65 12.96
C MET C 76 1.55 10.66 12.97
N GLY C 77 1.25 9.39 12.67
CA GLY C 77 1.50 8.31 13.60
C GLY C 77 3.00 8.07 13.82
N THR C 78 3.35 7.51 14.98
CA THR C 78 4.74 7.15 15.25
C THR C 78 4.86 5.69 15.61
N PHE C 79 6.00 5.09 15.26
CA PHE C 79 6.18 3.65 15.32
C PHE C 79 7.06 3.19 16.48
N ILE C 80 6.58 2.21 17.23
CA ILE C 80 7.39 1.54 18.26
C ILE C 80 7.71 0.14 17.79
N PRO C 81 8.99 -0.11 17.48
CA PRO C 81 9.42 -1.42 16.97
C PRO C 81 9.71 -2.39 18.11
N GLY C 82 10.38 -3.49 17.79
CA GLY C 82 10.91 -4.35 18.83
C GLY C 82 10.07 -5.57 19.22
N LEU C 83 9.01 -5.83 18.47
CA LEU C 83 8.23 -7.05 18.67
C LEU C 83 8.92 -8.22 17.95
N TYR C 84 9.40 -9.19 18.73
CA TYR C 84 10.08 -10.36 18.16
C TYR C 84 9.19 -11.01 17.11
N GLY C 85 9.81 -11.43 16.00
CA GLY C 85 9.09 -12.07 14.92
C GLY C 85 10.05 -12.68 13.93
N ASP C 86 9.54 -13.03 12.75
CA ASP C 86 10.34 -13.72 11.74
C ASP C 86 11.48 -12.86 11.21
N ALA C 87 11.33 -11.54 11.27
CA ALA C 87 12.40 -10.65 10.83
C ALA C 87 13.43 -10.40 11.94
N GLY C 88 13.15 -10.91 13.13
CA GLY C 88 14.07 -10.80 14.24
C GLY C 88 13.54 -11.47 15.49
N THR C 89 14.03 -12.68 15.77
CA THR C 89 13.55 -13.46 16.90
C THR C 89 14.29 -13.10 18.18
N ALA C 90 13.72 -13.50 19.31
CA ALA C 90 14.40 -13.37 20.60
C ALA C 90 15.80 -13.95 20.51
N PRO C 91 16.83 -13.12 20.75
CA PRO C 91 18.22 -13.56 20.57
C PRO C 91 18.80 -14.25 21.81
N ASP C 92 18.02 -14.35 22.89
CA ASP C 92 18.48 -14.98 24.12
C ASP C 92 17.27 -15.41 24.94
N ASN C 93 17.51 -16.13 26.03
CA ASN C 93 16.42 -16.61 26.88
C ASN C 93 16.74 -16.57 28.38
N SER C 94 17.83 -15.90 28.73
CA SER C 94 18.29 -15.89 30.11
C SER C 94 17.61 -14.82 30.96
N ALA C 95 17.43 -15.14 32.23
CA ALA C 95 16.87 -14.20 33.19
C ALA C 95 17.96 -13.28 33.71
N SER C 96 19.21 -13.60 33.42
CA SER C 96 20.33 -12.83 33.95
C SER C 96 21.23 -12.19 32.90
N SER C 97 20.69 -11.89 31.72
CA SER C 97 21.53 -11.27 30.68
C SER C 97 20.84 -10.13 29.92
N GLU C 98 21.67 -9.23 29.42
CA GLU C 98 21.25 -8.14 28.54
C GLU C 98 22.15 -8.24 27.31
N THR C 99 21.54 -8.49 26.16
CA THR C 99 22.28 -8.96 24.99
C THR C 99 21.88 -8.29 23.66
N TRP C 100 22.89 -7.77 22.94
CA TRP C 100 22.73 -7.40 21.54
C TRP C 100 23.29 -8.53 20.67
N ARG C 101 22.51 -8.97 19.70
N ARG C 101 22.50 -8.96 19.70
CA ARG C 101 22.98 -9.97 18.76
CA ARG C 101 22.94 -9.97 18.74
C ARG C 101 22.80 -9.48 17.33
C ARG C 101 22.81 -9.44 17.33
N PHE C 102 23.90 -9.49 16.57
CA PHE C 102 23.90 -8.95 15.21
C PHE C 102 23.87 -10.03 14.13
N ASP C 103 23.47 -9.62 12.93
CA ASP C 103 23.28 -10.51 11.80
C ASP C 103 24.55 -11.24 11.34
N ASP C 104 25.71 -10.70 11.68
CA ASP C 104 26.97 -11.32 11.29
C ASP C 104 27.50 -12.27 12.37
N GLY C 105 26.68 -12.53 13.40
CA GLY C 105 27.08 -13.42 14.48
C GLY C 105 27.75 -12.73 15.66
N ALA C 106 27.96 -11.42 15.55
CA ALA C 106 28.54 -10.67 16.67
C ALA C 106 27.56 -10.53 17.81
N SER C 107 28.07 -10.42 19.02
CA SER C 107 27.23 -10.15 20.17
C SER C 107 27.91 -9.29 21.23
N LEU C 108 27.11 -8.48 21.91
N LEU C 108 27.12 -8.48 21.93
CA LEU C 108 27.56 -7.60 22.99
CA LEU C 108 27.60 -7.74 23.10
C LEU C 108 26.67 -7.86 24.19
C LEU C 108 26.62 -8.05 24.21
N SER C 109 27.20 -8.46 25.25
N SER C 109 27.14 -8.46 25.36
CA SER C 109 26.30 -8.85 26.34
CA SER C 109 26.26 -8.98 26.39
C SER C 109 26.87 -8.73 27.76
C SER C 109 26.83 -8.85 27.79
N TYR C 110 25.99 -8.44 28.72
CA TYR C 110 26.35 -8.54 30.12
C TYR C 110 25.48 -9.57 30.84
N ASP C 111 26.12 -10.44 31.60
CA ASP C 111 25.43 -11.47 32.36
C ASP C 111 25.72 -11.22 33.83
N TRP C 112 24.70 -10.95 34.63
CA TRP C 112 24.93 -10.60 36.02
C TRP C 112 24.83 -11.77 36.99
N ALA C 113 24.63 -12.97 36.46
CA ALA C 113 24.77 -14.17 37.27
C ALA C 113 26.21 -14.65 37.16
N ALA C 114 26.76 -14.55 35.95
CA ALA C 114 28.13 -14.98 35.70
C ALA C 114 29.13 -13.86 35.92
N HIS C 115 28.63 -12.64 36.09
CA HIS C 115 29.46 -11.45 36.25
C HIS C 115 30.45 -11.29 35.08
N ARG C 116 29.91 -11.26 33.88
CA ARG C 116 30.73 -11.23 32.68
C ARG C 116 30.19 -10.25 31.63
N TYR C 117 31.07 -9.38 31.15
CA TYR C 117 30.78 -8.58 29.97
C TYR C 117 31.56 -9.16 28.81
N ARG C 118 30.87 -9.55 27.75
CA ARG C 118 31.50 -10.19 26.62
C ARG C 118 31.19 -9.45 25.31
N VAL C 119 32.25 -9.02 24.65
CA VAL C 119 32.18 -8.46 23.31
C VAL C 119 32.77 -9.51 22.37
N GLU C 120 31.91 -10.15 21.59
CA GLU C 120 32.35 -11.27 20.77
C GLU C 120 32.06 -11.06 19.28
N LEU C 121 33.14 -11.07 18.50
CA LEU C 121 33.06 -10.99 17.05
C LEU C 121 33.70 -12.23 16.44
N PRO C 122 32.95 -12.96 15.60
CA PRO C 122 33.52 -14.09 14.88
C PRO C 122 34.70 -13.65 14.04
N SER C 123 34.60 -12.46 13.45
CA SER C 123 35.67 -11.91 12.63
C SER C 123 35.50 -10.38 12.58
N GLY C 124 36.54 -9.67 12.19
CA GLY C 124 36.45 -8.23 12.06
C GLY C 124 37.40 -7.51 12.99
N THR C 125 36.94 -6.40 13.59
N THR C 125 36.95 -6.41 13.60
CA THR C 125 37.79 -5.59 14.46
CA THR C 125 37.82 -5.66 14.50
C THR C 125 37.00 -4.95 15.60
C THR C 125 37.06 -4.87 15.56
N VAL C 126 37.65 -4.80 16.75
CA VAL C 126 37.15 -3.96 17.81
C VAL C 126 38.18 -2.84 17.96
N GLU C 127 37.71 -1.61 17.96
CA GLU C 127 38.60 -0.47 18.06
C GLU C 127 38.16 0.45 19.21
N VAL C 128 39.07 0.67 20.14
CA VAL C 128 38.87 1.64 21.21
C VAL C 128 39.84 2.77 20.96
N ARG C 129 39.32 3.91 20.53
CA ARG C 129 40.14 5.03 20.11
C ARG C 129 39.85 6.23 21.02
N VAL C 130 40.90 6.78 21.62
CA VAL C 130 40.77 7.98 22.42
C VAL C 130 41.87 8.94 22.03
N GLY C 131 41.50 10.06 21.41
CA GLY C 131 42.49 10.96 20.87
C GLY C 131 43.33 10.21 19.84
N ALA C 132 44.63 10.14 20.07
CA ALA C 132 45.52 9.45 19.13
C ALA C 132 45.85 8.03 19.60
N SER C 133 45.39 7.69 20.79
CA SER C 133 45.65 6.37 21.33
C SER C 133 44.58 5.38 20.91
N GLU C 134 44.99 4.13 20.74
CA GLU C 134 44.09 3.10 20.26
C GLU C 134 44.45 1.72 20.82
N VAL C 135 43.43 0.98 21.23
CA VAL C 135 43.56 -0.46 21.43
C VAL C 135 42.71 -1.10 20.35
N ARG C 136 43.32 -2.01 19.60
N ARG C 136 43.32 -2.01 19.60
CA ARG C 136 42.62 -2.66 18.50
CA ARG C 136 42.63 -2.66 18.49
C ARG C 136 42.76 -4.17 18.56
C ARG C 136 42.76 -4.17 18.60
N VAL C 137 41.64 -4.87 18.47
CA VAL C 137 41.65 -6.32 18.47
C VAL C 137 41.11 -6.77 17.12
N SER C 138 41.86 -7.64 16.44
CA SER C 138 41.40 -8.17 15.16
C SER C 138 41.73 -9.66 15.12
N ASP C 139 41.30 -10.36 14.07
CA ASP C 139 41.52 -11.80 13.96
C ASP C 139 42.96 -12.20 14.28
N GLY C 140 43.92 -11.45 13.73
CA GLY C 140 45.31 -11.85 13.84
C GLY C 140 46.19 -11.02 14.75
N ALA C 141 45.58 -10.09 15.50
CA ALA C 141 46.40 -9.18 16.31
C ALA C 141 45.67 -8.47 17.43
N VAL C 142 46.42 -8.19 18.50
CA VAL C 142 46.01 -7.18 19.46
C VAL C 142 47.10 -6.10 19.40
N SER C 143 46.69 -4.86 19.23
CA SER C 143 47.65 -3.77 19.17
C SER C 143 47.29 -2.65 20.13
N LEU C 144 48.32 -2.13 20.80
CA LEU C 144 48.18 -0.97 21.66
C LEU C 144 49.05 0.12 21.06
N LYS C 145 48.49 1.31 20.93
CA LYS C 145 49.23 2.41 20.33
C LYS C 145 48.96 3.69 21.11
N ALA C 146 50.01 4.33 21.57
CA ALA C 146 49.89 5.53 22.39
C ALA C 146 51.23 6.22 22.48
N PRO C 147 51.23 7.52 22.82
CA PRO C 147 52.48 8.23 23.09
C PRO C 147 53.23 7.60 24.25
N LYS C 148 52.51 6.84 25.08
CA LYS C 148 53.10 6.15 26.21
C LYS C 148 52.30 4.89 26.55
N ILE C 149 53.01 3.78 26.74
CA ILE C 149 52.36 2.53 27.12
C ILE C 149 52.89 2.05 28.46
N SER C 150 52.00 1.95 29.43
CA SER C 150 52.40 1.70 30.80
C SER C 150 51.82 0.39 31.31
N LEU C 151 52.68 -0.51 31.76
CA LEU C 151 52.25 -1.78 32.30
C LEU C 151 52.60 -1.82 33.79
N GLU C 152 51.58 -1.85 34.64
CA GLU C 152 51.81 -1.79 36.08
C GLU C 152 51.50 -3.13 36.74
N GLY C 153 52.55 -3.87 37.07
CA GLY C 153 52.40 -5.21 37.61
C GLY C 153 53.46 -6.11 36.99
N PRO C 154 53.61 -7.33 37.51
CA PRO C 154 54.57 -8.26 36.88
C PRO C 154 54.05 -8.70 35.53
N VAL C 155 54.89 -8.56 34.51
CA VAL C 155 54.51 -8.89 33.14
C VAL C 155 55.12 -10.22 32.72
N GLU C 156 54.28 -11.14 32.28
CA GLU C 156 54.74 -12.42 31.80
C GLU C 156 54.43 -12.58 30.32
N ILE C 157 55.44 -12.88 29.53
CA ILE C 157 55.25 -13.08 28.09
C ILE C 157 55.48 -14.54 27.73
N ALA C 158 54.43 -15.18 27.24
CA ALA C 158 54.52 -16.54 26.74
C ALA C 158 54.78 -16.46 25.24
N GLY C 159 56.05 -16.36 24.88
CA GLY C 159 56.47 -16.17 23.51
C GLY C 159 57.74 -15.36 23.48
N THR C 160 58.12 -14.88 22.31
CA THR C 160 59.33 -14.10 22.15
C THR C 160 59.03 -12.60 22.25
N LEU C 161 60.06 -11.80 22.47
CA LEU C 161 59.89 -10.36 22.57
C LEU C 161 60.88 -9.67 21.66
N THR C 162 60.36 -8.79 20.81
CA THR C 162 61.18 -8.01 19.90
C THR C 162 60.99 -6.53 20.20
N VAL C 163 62.10 -5.81 20.37
CA VAL C 163 62.04 -4.39 20.70
C VAL C 163 62.94 -3.64 19.74
N SER C 164 62.37 -2.69 19.01
CA SER C 164 63.15 -1.92 18.04
C SER C 164 64.10 -0.95 18.72
N GLY C 165 63.67 -0.38 19.85
CA GLY C 165 64.47 0.59 20.57
C GLY C 165 65.31 -0.02 21.68
N ASP C 166 65.94 0.84 22.48
CA ASP C 166 66.78 0.43 23.60
C ASP C 166 65.96 -0.21 24.73
N ILE C 167 66.54 -1.22 25.39
CA ILE C 167 65.93 -1.82 26.57
C ILE C 167 66.71 -1.43 27.83
N LEU C 168 66.01 -0.83 28.80
CA LEU C 168 66.63 -0.46 30.06
C LEU C 168 65.98 -1.24 31.20
N GLY C 169 66.80 -1.90 32.00
CA GLY C 169 66.30 -2.64 33.13
C GLY C 169 66.82 -2.06 34.44
N GLY C 170 65.96 -2.02 35.46
CA GLY C 170 66.32 -1.46 36.74
C GLY C 170 66.84 -2.48 37.73
N GLY C 171 66.84 -3.75 37.32
CA GLY C 171 67.38 -4.83 38.14
C GLY C 171 68.38 -5.65 37.33
N SER C 172 68.33 -6.96 37.49
CA SER C 172 69.13 -7.88 36.69
C SER C 172 68.45 -8.17 35.34
N ILE C 173 69.25 -8.39 34.31
CA ILE C 173 68.76 -8.87 33.03
C ILE C 173 69.40 -10.21 32.73
N ILE C 174 68.61 -11.27 32.82
CA ILE C 174 69.17 -12.61 32.84
C ILE C 174 68.60 -13.51 31.77
N ASP C 175 69.49 -14.16 31.01
CA ASP C 175 69.06 -15.04 29.93
C ASP C 175 69.25 -16.51 30.32
N THR C 176 68.98 -17.40 29.36
CA THR C 176 69.20 -18.82 29.56
C THR C 176 70.39 -19.30 28.73
N ALA C 177 70.18 -19.40 27.42
CA ALA C 177 71.25 -19.75 26.47
C ALA C 177 72.05 -20.99 26.85
N VAL D 4 -24.49 -4.29 -27.46
CA VAL D 4 -23.34 -3.71 -26.77
C VAL D 4 -22.22 -4.75 -26.63
N SER D 5 -22.62 -6.01 -26.50
CA SER D 5 -21.65 -7.10 -26.36
C SER D 5 -20.88 -7.37 -27.64
N ALA D 6 -21.47 -6.97 -28.77
CA ALA D 6 -20.82 -7.11 -30.06
C ALA D 6 -19.57 -6.25 -30.13
N GLU D 7 -19.68 -5.03 -29.62
CA GLU D 7 -18.56 -4.11 -29.52
C GLU D 7 -17.54 -4.65 -28.53
N HIS D 8 -18.04 -5.24 -27.46
CA HIS D 8 -17.20 -5.79 -26.39
C HIS D 8 -16.33 -6.95 -26.87
N ASP D 9 -16.89 -7.82 -27.71
CA ASP D 9 -16.12 -8.91 -28.29
C ASP D 9 -14.92 -8.37 -29.05
N ARG D 10 -15.18 -7.43 -29.94
CA ARG D 10 -14.16 -6.81 -30.78
C ARG D 10 -13.09 -6.12 -29.93
N MET D 11 -13.51 -5.26 -29.01
CA MET D 11 -12.58 -4.52 -28.16
C MET D 11 -11.72 -5.47 -27.34
N LEU D 12 -12.37 -6.40 -26.64
CA LEU D 12 -11.68 -7.40 -25.82
C LEU D 12 -10.66 -8.18 -26.63
N ALA D 13 -11.05 -8.67 -27.80
CA ALA D 13 -10.14 -9.43 -28.65
C ALA D 13 -8.97 -8.57 -29.13
N ALA D 14 -9.24 -7.29 -29.33
CA ALA D 14 -8.23 -6.38 -29.87
C ALA D 14 -7.26 -5.82 -28.82
N MET D 15 -7.62 -5.94 -27.54
CA MET D 15 -6.78 -5.37 -26.48
C MET D 15 -5.38 -5.98 -26.34
N ILE D 16 -5.28 -7.30 -26.52
CA ILE D 16 -4.01 -8.00 -26.37
C ILE D 16 -3.83 -8.93 -27.55
N LEU D 17 -2.80 -8.70 -28.36
CA LEU D 17 -2.62 -9.47 -29.59
C LEU D 17 -1.22 -10.06 -29.73
N PRO D 18 -1.14 -11.35 -30.05
CA PRO D 18 0.18 -11.90 -30.39
C PRO D 18 0.55 -11.38 -31.77
N CYS D 19 1.78 -10.89 -31.95
N CYS D 19 1.77 -10.87 -31.93
CA CYS D 19 2.16 -10.35 -33.25
CA CYS D 19 2.18 -10.25 -33.20
C CYS D 19 3.65 -10.49 -33.56
C CYS D 19 3.63 -10.57 -33.57
N VAL D 20 3.98 -10.26 -34.82
CA VAL D 20 5.37 -10.35 -35.27
C VAL D 20 5.76 -9.08 -36.05
N VAL D 21 6.98 -8.60 -35.85
CA VAL D 21 7.44 -7.39 -36.56
C VAL D 21 7.63 -7.64 -38.05
N VAL D 22 7.07 -6.76 -38.90
CA VAL D 22 7.22 -6.90 -40.36
C VAL D 22 7.92 -5.70 -41.01
N ALA D 23 7.98 -4.58 -40.28
CA ALA D 23 8.67 -3.39 -40.78
C ALA D 23 9.17 -2.52 -39.62
N VAL D 24 10.31 -1.87 -39.83
CA VAL D 24 10.87 -1.01 -38.80
C VAL D 24 11.18 0.37 -39.36
N ASP D 25 10.60 1.40 -38.75
CA ASP D 25 10.92 2.78 -39.13
C ASP D 25 11.92 3.30 -38.10
N LEU D 26 13.21 3.23 -38.46
CA LEU D 26 14.28 3.48 -37.51
C LEU D 26 14.38 4.93 -37.08
N ALA D 27 14.21 5.86 -38.00
CA ALA D 27 14.30 7.28 -37.66
C ALA D 27 13.14 7.71 -36.77
N ALA D 28 11.97 7.11 -36.99
CA ALA D 28 10.78 7.45 -36.20
C ALA D 28 10.66 6.61 -34.93
N ALA D 29 11.51 5.59 -34.80
CA ALA D 29 11.42 4.64 -33.70
C ALA D 29 10.02 4.01 -33.64
N ARG D 30 9.62 3.39 -34.73
CA ARG D 30 8.32 2.74 -34.80
C ARG D 30 8.40 1.46 -35.63
N VAL D 31 7.44 0.56 -35.41
CA VAL D 31 7.37 -0.69 -36.15
C VAL D 31 5.96 -0.97 -36.63
N ARG D 32 5.86 -1.78 -37.68
N ARG D 32 5.85 -1.73 -37.71
CA ARG D 32 4.57 -2.32 -38.10
CA ARG D 32 4.58 -2.33 -38.08
C ARG D 32 4.55 -3.79 -37.71
C ARG D 32 4.61 -3.76 -37.58
N VAL D 33 3.50 -4.22 -37.01
CA VAL D 33 3.40 -5.61 -36.59
C VAL D 33 2.22 -6.28 -37.29
N ARG D 34 2.33 -7.59 -37.47
CA ARG D 34 1.27 -8.37 -38.07
C ARG D 34 0.73 -9.36 -37.06
N SER D 35 -0.59 -9.43 -36.98
CA SER D 35 -1.26 -10.44 -36.17
C SER D 35 -2.31 -11.08 -37.05
N GLY D 36 -2.06 -12.31 -37.49
CA GLY D 36 -2.93 -12.96 -38.45
C GLY D 36 -2.78 -12.33 -39.82
N ASP D 37 -3.89 -11.94 -40.42
CA ASP D 37 -3.87 -11.31 -41.74
C ASP D 37 -3.87 -9.79 -41.61
N TRP D 38 -3.94 -9.30 -40.38
CA TRP D 38 -3.98 -7.87 -40.11
C TRP D 38 -2.60 -7.28 -39.86
N THR D 39 -2.34 -6.11 -40.42
CA THR D 39 -1.08 -5.40 -40.20
C THR D 39 -1.32 -3.99 -39.65
N SER D 40 -0.59 -3.65 -38.59
CA SER D 40 -0.78 -2.37 -37.91
C SER D 40 -0.24 -1.19 -38.71
N GLY D 41 -0.52 0.01 -38.20
CA GLY D 41 0.17 1.20 -38.65
C GLY D 41 1.49 1.28 -37.91
N TRP D 42 2.15 2.43 -37.98
CA TRP D 42 3.41 2.63 -37.28
C TRP D 42 3.19 2.80 -35.78
N LEU D 43 3.73 1.88 -34.98
CA LEU D 43 3.47 1.86 -33.54
C LEU D 43 4.75 1.86 -32.70
N ARG D 44 4.64 2.36 -31.47
CA ARG D 44 5.79 2.41 -30.58
C ARG D 44 6.03 1.07 -29.91
N TRP D 45 7.28 0.81 -29.56
CA TRP D 45 7.59 -0.35 -28.75
C TRP D 45 8.14 0.10 -27.40
N HIS D 46 8.00 -0.75 -26.40
CA HIS D 46 8.55 -0.47 -25.08
C HIS D 46 10.05 -0.76 -25.03
N SER D 47 10.84 0.29 -24.84
CA SER D 47 12.28 0.15 -24.70
C SER D 47 12.61 -0.23 -23.26
N LEU D 48 13.89 -0.48 -22.98
CA LEU D 48 14.31 -0.84 -21.64
C LEU D 48 14.34 0.39 -20.72
N ALA D 49 14.39 1.58 -21.31
CA ALA D 49 14.45 2.82 -20.54
C ALA D 49 14.17 4.04 -21.42
N ALA D 50 13.23 4.88 -20.99
CA ALA D 50 12.99 6.15 -21.68
C ALA D 50 12.85 7.31 -20.68
N GLY D 51 13.84 7.44 -19.80
CA GLY D 51 13.85 8.52 -18.84
C GLY D 51 15.16 9.30 -18.93
N LYS D 52 15.70 9.69 -17.78
CA LYS D 52 17.01 10.32 -17.72
C LYS D 52 18.07 9.39 -18.31
N VAL D 53 17.87 8.09 -18.13
CA VAL D 53 18.62 7.11 -18.91
C VAL D 53 17.69 6.56 -19.99
N ARG D 54 18.21 6.44 -21.20
CA ARG D 54 17.48 5.87 -22.31
C ARG D 54 18.27 4.72 -22.91
N HIS D 55 17.53 3.71 -23.37
CA HIS D 55 18.15 2.58 -24.03
C HIS D 55 17.58 2.44 -25.42
N TRP D 56 18.41 2.04 -26.36
CA TRP D 56 17.99 1.83 -27.74
C TRP D 56 18.39 0.44 -28.22
N ARG D 57 17.41 -0.27 -28.78
CA ARG D 57 17.65 -1.55 -29.44
C ARG D 57 16.40 -1.83 -30.25
N ALA D 58 16.46 -1.53 -31.54
CA ALA D 58 15.28 -1.68 -32.39
C ALA D 58 14.94 -3.14 -32.59
N PRO D 59 13.66 -3.49 -32.41
CA PRO D 59 13.16 -4.84 -32.72
C PRO D 59 13.55 -5.25 -34.13
N SER D 60 13.83 -6.53 -34.33
CA SER D 60 14.18 -7.03 -35.65
C SER D 60 12.93 -7.47 -36.40
N ILE D 61 12.97 -7.32 -37.72
CA ILE D 61 11.96 -7.92 -38.57
C ILE D 61 11.88 -9.41 -38.26
N GLY D 62 10.67 -9.91 -38.06
CA GLY D 62 10.47 -11.30 -37.68
C GLY D 62 10.45 -11.53 -36.18
N GLU D 63 10.77 -10.51 -35.39
CA GLU D 63 10.78 -10.66 -33.93
C GLU D 63 9.35 -10.70 -33.38
N GLN D 64 9.10 -11.65 -32.47
CA GLN D 64 7.76 -11.89 -31.97
C GLN D 64 7.50 -11.17 -30.65
N GLY D 65 6.24 -10.83 -30.40
CA GLY D 65 5.86 -10.14 -29.20
C GLY D 65 4.37 -9.98 -29.02
N VAL D 66 3.99 -9.01 -28.18
CA VAL D 66 2.60 -8.79 -27.84
C VAL D 66 2.24 -7.32 -28.02
N LEU D 67 1.07 -7.06 -28.58
CA LEU D 67 0.59 -5.71 -28.77
C LEU D 67 -0.48 -5.42 -27.72
N LEU D 68 -0.32 -4.31 -27.01
CA LEU D 68 -1.25 -3.89 -25.98
C LEU D 68 -1.96 -2.62 -26.44
N SER D 69 -3.29 -2.69 -26.53
CA SER D 69 -4.08 -1.56 -27.02
C SER D 69 -5.24 -1.23 -26.07
N PRO D 70 -5.14 -0.10 -25.38
CA PRO D 70 -6.20 0.36 -24.48
C PRO D 70 -7.56 0.42 -25.20
N SER D 71 -8.57 -0.21 -24.62
CA SER D 71 -9.91 -0.27 -25.20
C SER D 71 -9.93 -0.83 -26.63
N GLY D 72 -8.91 -1.61 -26.98
CA GLY D 72 -8.84 -2.23 -28.28
C GLY D 72 -8.54 -1.27 -29.44
N GLY D 73 -8.14 -0.04 -29.09
CA GLY D 73 -7.74 0.92 -30.11
C GLY D 73 -6.35 0.60 -30.62
N VAL D 74 -6.28 -0.29 -31.61
CA VAL D 74 -5.01 -0.79 -32.10
C VAL D 74 -4.16 0.27 -32.79
N SER D 75 -4.76 1.38 -33.16
CA SER D 75 -4.03 2.47 -33.80
C SER D 75 -3.06 3.13 -32.83
N MET D 76 -3.29 2.94 -31.53
N MET D 76 -3.29 2.93 -31.53
CA MET D 76 -2.42 3.49 -30.51
CA MET D 76 -2.44 3.49 -30.50
C MET D 76 -1.79 2.39 -29.66
C MET D 76 -1.78 2.39 -29.66
N GLY D 77 -1.73 1.18 -30.21
CA GLY D 77 -1.15 0.05 -29.52
C GLY D 77 0.35 0.21 -29.28
N THR D 78 0.86 -0.45 -28.26
CA THR D 78 2.29 -0.45 -28.00
C THR D 78 2.81 -1.88 -27.90
N PHE D 79 4.04 -2.07 -28.37
CA PHE D 79 4.58 -3.41 -28.61
C PHE D 79 5.61 -3.85 -27.58
N ILE D 80 5.42 -5.05 -27.03
N ILE D 80 5.42 -5.05 -27.04
CA ILE D 80 6.38 -5.67 -26.13
CA ILE D 80 6.41 -5.63 -26.14
C ILE D 80 7.07 -6.80 -26.89
C ILE D 80 7.09 -6.80 -26.83
N PRO D 81 8.36 -6.62 -27.23
CA PRO D 81 9.08 -7.66 -27.96
C PRO D 81 9.65 -8.75 -27.05
N GLY D 82 10.60 -9.54 -27.55
CA GLY D 82 11.34 -10.46 -26.70
C GLY D 82 10.90 -11.91 -26.64
N LEU D 83 9.94 -12.32 -27.47
CA LEU D 83 9.50 -13.70 -27.49
C LEU D 83 10.34 -14.54 -28.44
N TYR D 84 11.06 -15.52 -27.91
CA TYR D 84 11.96 -16.34 -28.70
C TYR D 84 11.23 -17.02 -29.85
N GLY D 85 11.88 -17.04 -31.02
CA GLY D 85 11.32 -17.67 -32.21
C GLY D 85 12.40 -17.80 -33.27
N ASP D 86 11.97 -18.02 -34.51
CA ASP D 86 12.88 -18.27 -35.61
C ASP D 86 13.79 -17.09 -35.94
N ALA D 87 13.33 -15.88 -35.64
CA ALA D 87 14.13 -14.69 -35.93
C ALA D 87 15.05 -14.32 -34.77
N GLY D 88 14.99 -15.08 -33.69
CA GLY D 88 15.78 -14.78 -32.50
C GLY D 88 15.55 -15.81 -31.40
N THR D 89 16.37 -16.84 -31.38
CA THR D 89 16.21 -17.96 -30.46
C THR D 89 16.86 -17.65 -29.11
N ALA D 90 16.54 -18.46 -28.10
CA ALA D 90 17.20 -18.37 -26.80
C ALA D 90 18.71 -18.50 -27.00
N PRO D 91 19.47 -17.50 -26.54
CA PRO D 91 20.91 -17.47 -26.77
C PRO D 91 21.71 -18.20 -25.69
N ASP D 92 21.02 -18.83 -24.74
CA ASP D 92 21.66 -19.50 -23.61
C ASP D 92 20.62 -20.43 -22.96
N ASN D 93 21.06 -21.26 -22.03
CA ASN D 93 20.13 -22.17 -21.36
C ASN D 93 20.43 -22.36 -19.87
N SER D 94 21.33 -21.53 -19.34
CA SER D 94 21.78 -21.68 -17.96
C SER D 94 20.86 -21.01 -16.95
N ALA D 95 20.70 -21.64 -15.80
CA ALA D 95 19.93 -21.07 -14.70
C ALA D 95 20.74 -20.04 -13.92
N SER D 96 22.04 -19.95 -14.21
CA SER D 96 22.90 -19.03 -13.47
C SER D 96 23.59 -18.00 -14.35
N SER D 97 22.97 -17.63 -15.48
CA SER D 97 23.60 -16.65 -16.37
C SER D 97 22.66 -15.55 -16.83
N GLU D 98 23.25 -14.41 -17.18
CA GLU D 98 22.56 -13.30 -17.80
C GLU D 98 23.42 -12.92 -19.00
N THR D 99 22.87 -13.08 -20.20
CA THR D 99 23.67 -13.09 -21.41
C THR D 99 23.08 -12.30 -22.57
N TRP D 100 23.88 -11.40 -23.14
CA TRP D 100 23.59 -10.79 -24.45
C TRP D 100 24.37 -11.53 -25.52
N ARG D 101 23.71 -11.82 -26.64
CA ARG D 101 24.38 -12.43 -27.78
C ARG D 101 24.05 -11.68 -29.06
N PHE D 102 25.07 -11.39 -29.87
CA PHE D 102 24.86 -10.61 -31.08
C PHE D 102 25.09 -11.39 -32.36
N ASP D 103 24.58 -10.85 -33.45
CA ASP D 103 24.56 -11.49 -34.77
C ASP D 103 25.96 -11.78 -35.32
N ASP D 104 26.96 -11.09 -34.80
CA ASP D 104 28.32 -11.28 -35.27
C ASP D 104 29.08 -12.28 -34.38
N GLY D 105 28.35 -12.91 -33.46
CA GLY D 105 28.96 -13.90 -32.58
C GLY D 105 29.45 -13.36 -31.25
N ALA D 106 29.43 -12.03 -31.10
CA ALA D 106 29.86 -11.42 -29.86
C ALA D 106 28.88 -11.72 -28.73
N SER D 107 29.38 -11.73 -27.50
CA SER D 107 28.53 -11.93 -26.33
C SER D 107 29.02 -11.24 -25.07
N LEU D 108 28.10 -10.79 -24.24
N LEU D 108 28.07 -10.76 -24.29
CA LEU D 108 28.46 -10.25 -22.93
CA LEU D 108 28.30 -10.12 -23.01
C LEU D 108 27.63 -10.97 -21.87
C LEU D 108 27.52 -10.95 -22.00
N SER D 109 28.29 -11.67 -20.97
N SER D 109 28.19 -11.49 -20.99
CA SER D 109 27.57 -12.53 -20.05
CA SER D 109 27.49 -12.36 -20.04
C SER D 109 28.12 -12.50 -18.63
C SER D 109 28.10 -12.40 -18.64
N TYR D 110 27.21 -12.47 -17.65
CA TYR D 110 27.63 -12.74 -16.26
C TYR D 110 27.06 -14.07 -15.79
N ASP D 111 27.93 -14.90 -15.23
CA ASP D 111 27.55 -16.19 -14.70
C ASP D 111 27.82 -16.21 -13.20
N TRP D 112 26.76 -16.22 -12.39
CA TRP D 112 26.90 -16.16 -10.94
C TRP D 112 27.15 -17.50 -10.23
N ALA D 113 27.26 -18.57 -11.00
CA ALA D 113 27.71 -19.84 -10.44
C ALA D 113 29.22 -19.97 -10.65
N ALA D 114 29.69 -19.59 -11.84
CA ALA D 114 31.12 -19.57 -12.11
C ALA D 114 31.78 -18.27 -11.65
N HIS D 115 30.97 -17.28 -11.27
CA HIS D 115 31.48 -15.98 -10.82
C HIS D 115 32.39 -15.38 -11.87
N ARG D 116 31.84 -15.24 -13.08
CA ARG D 116 32.63 -14.81 -14.22
C ARG D 116 31.87 -13.81 -15.08
N TYR D 117 32.50 -12.66 -15.34
CA TYR D 117 31.99 -11.74 -16.33
C TYR D 117 32.83 -11.88 -17.60
N ARG D 118 32.16 -12.13 -18.71
CA ARG D 118 32.85 -12.40 -19.95
C ARG D 118 32.35 -11.51 -21.10
N VAL D 119 33.25 -10.70 -21.63
CA VAL D 119 32.99 -9.94 -22.84
C VAL D 119 33.81 -10.59 -23.94
N GLU D 120 33.14 -11.21 -24.90
CA GLU D 120 33.82 -11.94 -25.97
C GLU D 120 33.43 -11.46 -27.36
N LEU D 121 34.42 -10.99 -28.11
CA LEU D 121 34.22 -10.61 -29.50
C LEU D 121 35.15 -11.45 -30.37
N PRO D 122 34.59 -12.11 -31.40
CA PRO D 122 35.45 -12.87 -32.33
C PRO D 122 36.45 -11.95 -33.03
N SER D 123 36.05 -10.69 -33.26
N SER D 123 36.04 -10.70 -33.26
CA SER D 123 36.92 -9.71 -33.87
CA SER D 123 36.93 -9.70 -33.84
C SER D 123 36.42 -8.30 -33.56
C SER D 123 36.49 -8.31 -33.42
N GLY D 124 37.25 -7.30 -33.83
CA GLY D 124 36.87 -5.91 -33.60
C GLY D 124 37.59 -5.25 -32.46
N THR D 125 36.83 -4.54 -31.62
CA THR D 125 37.42 -3.71 -30.58
C THR D 125 36.52 -3.56 -29.36
N VAL D 126 37.13 -3.61 -28.18
CA VAL D 126 36.48 -3.16 -26.95
C VAL D 126 37.20 -1.89 -26.52
N GLU D 127 36.46 -0.81 -26.30
CA GLU D 127 37.07 0.43 -25.88
C GLU D 127 36.43 0.97 -24.60
N VAL D 128 37.27 1.28 -23.63
CA VAL D 128 36.83 1.91 -22.41
C VAL D 128 37.52 3.27 -22.35
N ARG D 129 36.74 4.33 -22.52
CA ARG D 129 37.32 5.67 -22.58
C ARG D 129 36.73 6.59 -21.53
N VAL D 130 37.59 7.24 -20.78
CA VAL D 130 37.17 8.23 -19.80
C VAL D 130 37.99 9.51 -20.03
N GLY D 131 37.32 10.56 -20.49
CA GLY D 131 38.02 11.78 -20.84
C GLY D 131 39.14 11.47 -21.80
N ALA D 132 40.37 11.79 -21.40
CA ALA D 132 41.53 11.60 -22.26
C ALA D 132 42.26 10.26 -22.03
N SER D 133 41.69 9.38 -21.22
CA SER D 133 42.31 8.08 -20.98
C SER D 133 41.51 6.96 -21.63
N GLU D 134 42.20 5.91 -22.06
CA GLU D 134 41.52 4.81 -22.71
C GLU D 134 42.25 3.49 -22.58
N VAL D 135 41.47 2.42 -22.48
CA VAL D 135 41.97 1.08 -22.62
C VAL D 135 41.29 0.50 -23.86
N ARG D 136 42.09 -0.05 -24.77
N ARG D 136 42.09 -0.09 -24.74
CA ARG D 136 41.57 -0.65 -25.98
CA ARG D 136 41.58 -0.64 -25.99
C ARG D 136 42.04 -2.09 -26.10
C ARG D 136 42.06 -2.07 -26.20
N VAL D 137 41.11 -2.97 -26.44
CA VAL D 137 41.44 -4.36 -26.74
C VAL D 137 41.00 -4.67 -28.17
N SER D 138 41.93 -5.07 -29.02
CA SER D 138 41.59 -5.42 -30.39
C SER D 138 42.29 -6.72 -30.78
N ASP D 139 41.99 -7.22 -31.98
CA ASP D 139 42.56 -8.47 -32.47
C ASP D 139 44.08 -8.53 -32.35
N GLY D 140 44.74 -7.42 -32.67
CA GLY D 140 46.18 -7.39 -32.72
C GLY D 140 46.89 -6.71 -31.56
N ALA D 141 46.13 -6.06 -30.68
CA ALA D 141 46.78 -5.29 -29.62
C ALA D 141 45.95 -5.04 -28.37
N VAL D 142 46.63 -4.89 -27.24
CA VAL D 142 46.05 -4.24 -26.08
C VAL D 142 46.80 -2.94 -25.91
N SER D 143 46.06 -1.84 -25.80
N SER D 143 46.07 -1.84 -25.83
CA SER D 143 46.68 -0.53 -25.66
CA SER D 143 46.71 -0.53 -25.65
C SER D 143 46.13 0.21 -24.46
C SER D 143 46.13 0.22 -24.46
N LEU D 144 47.02 0.85 -23.71
CA LEU D 144 46.61 1.72 -22.61
C LEU D 144 47.15 3.10 -22.94
N LYS D 145 46.32 4.12 -22.78
CA LYS D 145 46.74 5.47 -23.10
C LYS D 145 46.18 6.42 -22.06
N ALA D 146 47.05 7.21 -21.43
CA ALA D 146 46.60 8.07 -20.34
C ALA D 146 47.69 9.08 -19.99
N PRO D 147 47.30 10.17 -19.29
CA PRO D 147 48.30 11.13 -18.83
C PRO D 147 49.23 10.50 -17.80
N LYS D 148 48.79 9.39 -17.19
CA LYS D 148 49.60 8.63 -16.26
C LYS D 148 49.15 7.17 -16.25
N ILE D 149 50.09 6.26 -16.42
CA ILE D 149 49.78 4.83 -16.37
C ILE D 149 50.47 4.25 -15.15
N SER D 150 49.67 3.72 -14.23
CA SER D 150 50.19 3.22 -12.96
C SER D 150 50.00 1.72 -12.83
N LEU D 151 51.11 1.00 -12.70
CA LEU D 151 51.07 -0.45 -12.49
C LEU D 151 51.48 -0.72 -11.04
N GLU D 152 50.51 -1.07 -10.21
N GLU D 152 50.51 -1.06 -10.21
CA GLU D 152 50.75 -1.21 -8.78
CA GLU D 152 50.76 -1.22 -8.78
C GLU D 152 50.84 -2.67 -8.33
C GLU D 152 50.84 -2.67 -8.36
N GLY D 153 52.06 -3.17 -8.24
CA GLY D 153 52.31 -4.54 -7.85
C GLY D 153 53.46 -5.12 -8.66
N PRO D 154 53.84 -6.37 -8.38
CA PRO D 154 54.89 -7.02 -9.18
C PRO D 154 54.45 -7.07 -10.65
N VAL D 155 55.34 -6.69 -11.56
CA VAL D 155 55.01 -6.75 -12.98
C VAL D 155 55.92 -7.73 -13.72
N GLU D 156 55.31 -8.65 -14.45
CA GLU D 156 56.07 -9.60 -15.26
C GLU D 156 55.77 -9.45 -16.75
N ILE D 157 56.82 -9.29 -17.54
CA ILE D 157 56.64 -9.22 -18.99
C ILE D 157 57.22 -10.46 -19.65
N ALA D 158 56.33 -11.29 -20.20
CA ALA D 158 56.75 -12.43 -21.00
C ALA D 158 56.86 -11.97 -22.44
N GLY D 159 58.04 -11.46 -22.79
CA GLY D 159 58.29 -10.88 -24.09
C GLY D 159 59.40 -9.85 -23.99
N THR D 160 59.56 -9.04 -25.03
CA THR D 160 60.52 -7.95 -25.00
C THR D 160 59.87 -6.69 -24.44
N LEU D 161 60.69 -5.72 -24.08
CA LEU D 161 60.21 -4.44 -23.61
C LEU D 161 60.99 -3.36 -24.34
N THR D 162 60.27 -2.47 -25.00
CA THR D 162 60.89 -1.35 -25.70
C THR D 162 60.30 -0.07 -25.13
N VAL D 163 61.18 0.85 -24.74
CA VAL D 163 60.75 2.11 -24.13
C VAL D 163 61.36 3.27 -24.90
N SER D 164 60.50 4.14 -25.43
CA SER D 164 61.00 5.25 -26.26
C SER D 164 61.73 6.31 -25.44
N GLY D 165 61.27 6.52 -24.21
CA GLY D 165 61.89 7.51 -23.34
C GLY D 165 62.94 6.90 -22.42
N ASP D 166 63.07 7.46 -21.23
CA ASP D 166 64.05 6.97 -20.26
C ASP D 166 63.48 5.80 -19.44
N ILE D 167 64.38 5.04 -18.85
CA ILE D 167 64.03 3.98 -17.91
C ILE D 167 64.72 4.29 -16.60
N LEU D 168 63.92 4.46 -15.56
CA LEU D 168 64.44 4.91 -14.27
C LEU D 168 64.10 3.89 -13.19
N GLY D 169 65.12 3.25 -12.65
CA GLY D 169 64.92 2.20 -11.67
C GLY D 169 65.30 2.65 -10.27
N GLY D 170 64.48 2.29 -9.29
CA GLY D 170 64.73 2.70 -7.93
C GLY D 170 65.68 1.78 -7.18
N GLY D 171 66.11 0.69 -7.83
CA GLY D 171 67.01 -0.26 -7.21
C GLY D 171 68.03 -0.77 -8.19
N SER D 172 68.13 -2.09 -8.32
CA SER D 172 69.08 -2.68 -9.24
C SER D 172 68.46 -2.85 -10.63
N ILE D 173 69.30 -2.78 -11.65
CA ILE D 173 68.90 -3.10 -13.01
C ILE D 173 69.86 -4.17 -13.51
N ILE D 174 69.38 -5.41 -13.58
N ILE D 174 69.39 -5.40 -13.57
CA ILE D 174 70.22 -6.58 -13.82
CA ILE D 174 70.25 -6.55 -13.84
C ILE D 174 69.82 -7.29 -15.10
C ILE D 174 69.84 -7.32 -15.08
N ASP D 175 70.79 -7.51 -16.00
CA ASP D 175 70.54 -8.22 -17.24
C ASP D 175 71.02 -9.66 -17.10
N THR D 176 70.91 -10.43 -18.18
CA THR D 176 71.37 -11.81 -18.15
C THR D 176 72.44 -12.06 -19.22
N ALA E 6 -21.65 -13.55 -20.10
CA ALA E 6 -21.21 -14.33 -18.95
C ALA E 6 -19.78 -14.82 -19.13
N GLU E 7 -19.48 -15.35 -20.31
CA GLU E 7 -18.14 -15.84 -20.63
C GLU E 7 -17.17 -14.67 -20.79
N HIS E 8 -17.72 -13.53 -21.18
CA HIS E 8 -16.93 -12.30 -21.33
C HIS E 8 -16.26 -11.90 -20.02
N ASP E 9 -16.92 -12.20 -18.91
CA ASP E 9 -16.37 -11.91 -17.59
C ASP E 9 -15.16 -12.80 -17.32
N ARG E 10 -15.29 -14.07 -17.68
CA ARG E 10 -14.20 -15.03 -17.54
C ARG E 10 -13.00 -14.65 -18.39
N MET E 11 -13.24 -14.35 -19.67
CA MET E 11 -12.18 -13.91 -20.57
C MET E 11 -11.52 -12.65 -20.05
N LEU E 12 -12.33 -11.70 -19.61
CA LEU E 12 -11.84 -10.43 -19.07
C LEU E 12 -10.92 -10.65 -17.87
N ALA E 13 -11.33 -11.51 -16.95
CA ALA E 13 -10.50 -11.81 -15.79
C ALA E 13 -9.22 -12.56 -16.20
N ALA E 14 -9.31 -13.37 -17.24
CA ALA E 14 -8.20 -14.22 -17.64
C ALA E 14 -7.16 -13.50 -18.50
N MET E 15 -7.55 -12.38 -19.08
CA MET E 15 -6.66 -11.64 -20.00
C MET E 15 -5.37 -11.15 -19.35
N ILE E 16 -5.48 -10.56 -18.16
CA ILE E 16 -4.33 -10.04 -17.44
C ILE E 16 -4.31 -10.61 -16.02
N LEU E 17 -3.28 -11.36 -15.67
CA LEU E 17 -3.25 -12.00 -14.36
C LEU E 17 -1.95 -11.75 -13.59
N PRO E 18 -2.06 -11.38 -12.30
CA PRO E 18 -0.85 -11.29 -11.48
C PRO E 18 -0.42 -12.72 -11.15
N CYS E 19 0.85 -13.03 -11.35
N CYS E 19 0.85 -13.03 -11.38
CA CYS E 19 1.28 -14.41 -11.13
CA CYS E 19 1.32 -14.40 -11.23
C CYS E 19 2.72 -14.54 -10.66
C CYS E 19 2.69 -14.52 -10.58
N VAL E 20 3.06 -15.74 -10.19
CA VAL E 20 4.38 -16.01 -9.66
C VAL E 20 4.94 -17.26 -10.34
N VAL E 21 6.24 -17.25 -10.64
CA VAL E 21 6.89 -18.40 -11.27
C VAL E 21 6.98 -19.57 -10.29
N VAL E 22 6.50 -20.75 -10.70
CA VAL E 22 6.57 -21.93 -9.83
C VAL E 22 7.42 -23.05 -10.43
N ALA E 23 7.76 -22.92 -11.71
CA ALA E 23 8.61 -23.91 -12.37
C ALA E 23 9.29 -23.31 -13.60
N VAL E 24 10.48 -23.82 -13.91
CA VAL E 24 11.27 -23.31 -15.03
C VAL E 24 11.82 -24.46 -15.89
N ASP E 25 11.58 -24.38 -17.19
CA ASP E 25 12.18 -25.33 -18.13
C ASP E 25 13.22 -24.59 -18.96
N LEU E 26 14.48 -24.77 -18.58
CA LEU E 26 15.59 -24.05 -19.20
C LEU E 26 15.77 -24.43 -20.66
N ALA E 27 15.74 -25.73 -20.95
CA ALA E 27 15.94 -26.23 -22.30
C ALA E 27 14.86 -25.71 -23.26
N ALA E 28 13.62 -25.70 -22.80
CA ALA E 28 12.50 -25.25 -23.63
C ALA E 28 12.30 -23.74 -23.54
N ALA E 29 12.98 -23.12 -22.58
CA ALA E 29 12.81 -21.69 -22.30
C ALA E 29 11.35 -21.35 -22.03
N ARG E 30 10.76 -22.05 -21.06
CA ARG E 30 9.39 -21.81 -20.68
C ARG E 30 9.24 -21.86 -19.16
N VAL E 31 8.18 -21.23 -18.66
CA VAL E 31 7.89 -21.28 -17.24
C VAL E 31 6.44 -21.63 -16.99
N ARG E 32 6.18 -22.20 -15.82
CA ARG E 32 4.82 -22.35 -15.32
C ARG E 32 4.59 -21.28 -14.26
N VAL E 33 3.47 -20.59 -14.33
CA VAL E 33 3.14 -19.57 -13.35
C VAL E 33 1.88 -19.95 -12.57
N ARG E 34 1.71 -19.34 -11.40
CA ARG E 34 0.54 -19.58 -10.57
C ARG E 34 -0.13 -18.25 -10.22
N SER E 35 -1.45 -18.25 -10.30
CA SER E 35 -2.28 -17.11 -9.93
C SER E 35 -3.50 -17.61 -9.16
N GLY E 36 -3.37 -17.70 -7.84
CA GLY E 36 -4.43 -18.23 -7.01
C GLY E 36 -4.33 -19.74 -6.89
N ASP E 37 -5.46 -20.43 -7.02
CA ASP E 37 -5.48 -21.88 -6.99
C ASP E 37 -4.96 -22.44 -8.32
N TRP E 38 -4.97 -21.58 -9.33
CA TRP E 38 -4.66 -22.01 -10.70
C TRP E 38 -3.17 -21.95 -11.02
N THR E 39 -2.69 -22.98 -11.70
CA THR E 39 -1.31 -23.03 -12.19
C THR E 39 -1.32 -23.29 -13.69
N SER E 40 -0.59 -22.47 -14.43
CA SER E 40 -0.59 -22.55 -15.89
C SER E 40 0.19 -23.75 -16.42
N GLY E 41 0.10 -23.97 -17.73
CA GLY E 41 0.98 -24.91 -18.40
C GLY E 41 2.30 -24.20 -18.70
N TRP E 42 3.10 -24.79 -19.59
CA TRP E 42 4.39 -24.21 -19.95
C TRP E 42 4.25 -23.02 -20.90
N LEU E 43 4.60 -21.83 -20.43
CA LEU E 43 4.43 -20.61 -21.21
C LEU E 43 5.74 -19.87 -21.45
N ARG E 44 5.83 -19.16 -22.56
CA ARG E 44 6.98 -18.31 -22.86
C ARG E 44 6.99 -17.06 -22.00
N TRP E 45 8.17 -16.51 -21.76
CA TRP E 45 8.27 -15.21 -21.11
C TRP E 45 8.87 -14.20 -22.09
N HIS E 46 8.71 -12.91 -21.79
CA HIS E 46 9.27 -11.87 -22.64
C HIS E 46 10.70 -11.57 -22.22
N SER E 47 11.65 -11.93 -23.08
CA SER E 47 13.05 -11.63 -22.82
C SER E 47 13.34 -10.17 -23.18
N LEU E 48 14.56 -9.71 -22.93
CA LEU E 48 14.92 -8.32 -23.20
C LEU E 48 15.11 -8.07 -24.70
N ALA E 49 15.30 -9.14 -25.46
CA ALA E 49 15.55 -9.04 -26.90
C ALA E 49 15.47 -10.42 -27.56
N ALA E 50 14.80 -10.49 -28.71
CA ALA E 50 14.68 -11.75 -29.44
C ALA E 50 14.75 -11.56 -30.95
N GLY E 51 15.79 -10.89 -31.42
CA GLY E 51 16.01 -10.67 -32.84
C GLY E 51 17.45 -10.98 -33.21
N LYS E 52 18.04 -10.12 -34.03
CA LYS E 52 19.48 -10.19 -34.31
C LYS E 52 20.24 -10.07 -32.99
N VAL E 53 19.73 -9.24 -32.09
CA VAL E 53 20.17 -9.19 -30.71
C VAL E 53 19.28 -10.10 -29.89
N ARG E 54 19.87 -10.95 -29.06
CA ARG E 54 19.11 -11.79 -28.15
C ARG E 54 19.64 -11.66 -26.71
N HIS E 55 18.72 -11.66 -25.75
CA HIS E 55 19.11 -11.65 -24.34
C HIS E 55 18.53 -12.86 -23.63
N TRP E 56 19.29 -13.38 -22.67
CA TRP E 56 18.85 -14.51 -21.85
C TRP E 56 18.99 -14.21 -20.37
N ARG E 57 17.89 -14.32 -19.65
CA ARG E 57 17.90 -14.30 -18.19
C ARG E 57 16.64 -15.04 -17.73
N ALA E 58 16.80 -16.28 -17.30
CA ALA E 58 15.64 -17.08 -16.90
C ALA E 58 15.01 -16.52 -15.64
N PRO E 59 13.68 -16.38 -15.63
CA PRO E 59 12.95 -16.00 -14.41
C PRO E 59 13.22 -17.02 -13.32
N SER E 60 13.30 -16.57 -12.07
CA SER E 60 13.58 -17.47 -10.96
C SER E 60 12.28 -17.95 -10.32
N ILE E 61 12.33 -19.12 -9.68
CA ILE E 61 11.21 -19.59 -8.88
C ILE E 61 10.84 -18.51 -7.88
N GLY E 62 9.56 -18.17 -7.80
CA GLY E 62 9.10 -17.15 -6.89
C GLY E 62 9.14 -15.74 -7.46
N GLU E 63 9.66 -15.59 -8.68
CA GLU E 63 9.66 -14.27 -9.30
C GLU E 63 8.24 -13.85 -9.67
N GLN E 64 7.87 -12.64 -9.30
CA GLN E 64 6.53 -12.14 -9.58
C GLN E 64 6.47 -11.41 -10.92
N GLY E 65 5.30 -11.46 -11.55
CA GLY E 65 5.11 -10.81 -12.83
C GLY E 65 3.66 -10.81 -13.26
N VAL E 66 3.43 -10.52 -14.53
CA VAL E 66 2.08 -10.50 -15.07
C VAL E 66 1.97 -11.39 -16.28
N LEU E 67 0.92 -12.21 -16.32
CA LEU E 67 0.62 -13.03 -17.48
C LEU E 67 -0.38 -12.31 -18.39
N LEU E 68 -0.08 -12.33 -19.68
CA LEU E 68 -0.93 -11.70 -20.70
C LEU E 68 -1.47 -12.75 -21.65
N SER E 69 -2.79 -12.87 -21.72
CA SER E 69 -3.42 -13.90 -22.54
C SER E 69 -4.50 -13.32 -23.46
N PRO E 70 -4.21 -13.25 -24.77
CA PRO E 70 -5.17 -12.77 -25.77
C PRO E 70 -6.51 -13.49 -25.66
N SER E 71 -7.58 -12.72 -25.47
CA SER E 71 -8.93 -13.26 -25.35
C SER E 71 -9.06 -14.29 -24.24
N GLY E 72 -8.23 -14.17 -23.20
CA GLY E 72 -8.30 -15.05 -22.05
C GLY E 72 -7.74 -16.45 -22.29
N GLY E 73 -7.13 -16.66 -23.45
CA GLY E 73 -6.53 -17.94 -23.75
C GLY E 73 -5.23 -18.16 -23.00
N VAL E 74 -5.34 -18.63 -21.75
CA VAL E 74 -4.18 -18.77 -20.87
C VAL E 74 -3.17 -19.83 -21.35
N SER E 75 -3.61 -20.71 -22.24
CA SER E 75 -2.72 -21.74 -22.77
C SER E 75 -1.65 -21.13 -23.69
N MET E 76 -1.92 -19.93 -24.17
CA MET E 76 -0.96 -19.22 -25.01
C MET E 76 -0.52 -17.90 -24.36
N GLY E 77 -0.67 -17.82 -23.04
CA GLY E 77 -0.26 -16.64 -22.30
C GLY E 77 1.23 -16.41 -22.35
N THR E 78 1.64 -15.16 -22.21
CA THR E 78 3.07 -14.82 -22.15
C THR E 78 3.37 -14.03 -20.88
N PHE E 79 4.52 -14.32 -20.27
CA PHE E 79 4.87 -13.83 -18.94
C PHE E 79 5.84 -12.65 -18.98
N ILE E 80 5.50 -11.59 -18.25
CA ILE E 80 6.39 -10.45 -18.07
C ILE E 80 6.85 -10.42 -16.62
N PRO E 81 8.15 -10.67 -16.39
CA PRO E 81 8.69 -10.77 -15.04
C PRO E 81 9.02 -9.40 -14.45
N GLY E 82 9.81 -9.37 -13.38
CA GLY E 82 10.42 -8.13 -12.92
C GLY E 82 9.72 -7.37 -11.83
N LEU E 83 8.69 -7.95 -11.23
CA LEU E 83 8.02 -7.34 -10.09
C LEU E 83 8.76 -7.70 -8.81
N TYR E 84 9.34 -6.69 -8.17
CA TYR E 84 10.07 -6.87 -6.91
C TYR E 84 9.22 -7.59 -5.86
N GLY E 85 9.84 -8.50 -5.14
CA GLY E 85 9.15 -9.29 -4.12
C GLY E 85 10.16 -10.08 -3.29
N ASP E 86 9.66 -10.98 -2.45
CA ASP E 86 10.54 -11.73 -1.54
C ASP E 86 11.63 -12.54 -2.24
N ALA E 87 11.33 -13.00 -3.45
CA ALA E 87 12.31 -13.77 -4.22
C ALA E 87 13.26 -12.85 -5.00
N GLY E 88 13.05 -11.56 -4.90
CA GLY E 88 13.90 -10.60 -5.60
C GLY E 88 13.51 -9.16 -5.32
N THR E 89 14.14 -8.57 -4.30
CA THR E 89 13.83 -7.20 -3.90
C THR E 89 14.60 -6.19 -4.74
N ALA E 90 14.18 -4.93 -4.66
CA ALA E 90 14.88 -3.84 -5.31
C ALA E 90 16.33 -3.82 -4.84
N PRO E 91 17.28 -3.95 -5.77
CA PRO E 91 18.71 -4.07 -5.44
C PRO E 91 19.38 -2.72 -5.19
N ASP E 92 18.63 -1.64 -5.27
CA ASP E 92 19.19 -0.30 -5.14
C ASP E 92 18.02 0.65 -4.88
N ASN E 93 18.33 1.91 -4.58
CA ASN E 93 17.28 2.90 -4.34
C ASN E 93 17.64 4.29 -4.87
N SER E 94 18.66 4.37 -5.72
CA SER E 94 19.14 5.66 -6.18
C SER E 94 18.42 6.15 -7.43
N ALA E 95 18.22 7.46 -7.51
CA ALA E 95 17.58 8.07 -8.66
C ALA E 95 18.57 8.29 -9.79
N SER E 96 19.84 7.98 -9.53
CA SER E 96 20.88 8.22 -10.55
C SER E 96 21.69 6.97 -10.86
N SER E 97 21.08 5.80 -10.74
CA SER E 97 21.81 4.56 -10.99
C SER E 97 21.04 3.57 -11.85
N GLU E 98 21.78 2.80 -12.63
CA GLU E 98 21.24 1.66 -13.35
C GLU E 98 22.14 0.50 -12.95
N THR E 99 21.54 -0.51 -12.31
CA THR E 99 22.32 -1.49 -11.57
C THR E 99 21.85 -2.93 -11.73
N TRP E 100 22.79 -3.82 -12.03
CA TRP E 100 22.55 -5.26 -11.96
C TRP E 100 23.20 -5.79 -10.69
N ARG E 101 22.45 -6.57 -9.91
N ARG E 101 22.45 -6.59 -9.94
CA ARG E 101 23.01 -7.20 -8.72
CA ARG E 101 22.96 -7.21 -8.72
C ARG E 101 22.73 -8.70 -8.73
C ARG E 101 22.72 -8.72 -8.77
N PHE E 102 23.78 -9.49 -8.53
CA PHE E 102 23.69 -10.94 -8.62
C PHE E 102 23.75 -11.61 -7.25
N ASP E 103 23.30 -12.86 -7.22
CA ASP E 103 23.15 -13.61 -5.98
C ASP E 103 24.49 -13.89 -5.30
N ASP E 104 25.58 -13.82 -6.06
CA ASP E 104 26.90 -14.09 -5.50
C ASP E 104 27.56 -12.80 -5.03
N GLY E 105 26.83 -11.70 -5.04
CA GLY E 105 27.34 -10.43 -4.55
C GLY E 105 27.94 -9.55 -5.64
N ALA E 106 28.02 -10.05 -6.86
CA ALA E 106 28.59 -9.26 -7.97
C ALA E 106 27.63 -8.18 -8.39
N SER E 107 28.15 -7.11 -8.98
CA SER E 107 27.30 -6.04 -9.48
C SER E 107 27.88 -5.26 -10.67
N LEU E 108 27.00 -4.81 -11.56
N LEU E 108 26.97 -4.83 -11.55
CA LEU E 108 27.43 -3.97 -12.67
CA LEU E 108 27.28 -4.00 -12.70
C LEU E 108 26.53 -2.75 -12.71
C LEU E 108 26.41 -2.76 -12.56
N SER E 109 27.09 -1.58 -12.40
N SER E 109 27.03 -1.59 -12.47
CA SER E 109 26.26 -0.40 -12.26
CA SER E 109 26.25 -0.38 -12.21
C SER E 109 26.85 0.85 -12.89
C SER E 109 26.84 0.86 -12.85
N TYR E 110 25.99 1.67 -13.48
CA TYR E 110 26.39 3.02 -13.87
C TYR E 110 25.64 4.04 -13.04
N ASP E 111 26.38 5.00 -12.49
CA ASP E 111 25.81 6.07 -11.69
C ASP E 111 26.10 7.39 -12.39
N TRP E 112 25.06 8.07 -12.84
CA TRP E 112 25.26 9.29 -13.63
C TRP E 112 25.36 10.58 -12.79
N ALA E 113 25.21 10.46 -11.47
CA ALA E 113 25.51 11.56 -10.57
C ALA E 113 26.98 11.51 -10.16
N ALA E 114 27.48 10.31 -9.85
CA ALA E 114 28.89 10.14 -9.50
C ALA E 114 29.77 10.01 -10.75
N HIS E 115 29.15 9.77 -11.90
CA HIS E 115 29.89 9.55 -13.15
C HIS E 115 30.83 8.36 -13.03
N ARG E 116 30.27 7.21 -12.72
CA ARG E 116 31.07 6.04 -12.44
C ARG E 116 30.43 4.79 -13.01
N TYR E 117 31.21 4.01 -13.76
CA TYR E 117 30.80 2.67 -14.16
C TYR E 117 31.59 1.69 -13.32
N ARG E 118 30.89 0.83 -12.60
CA ARG E 118 31.56 -0.10 -11.70
C ARG E 118 31.17 -1.54 -11.98
N VAL E 119 32.18 -2.37 -12.22
CA VAL E 119 32.02 -3.81 -12.34
C VAL E 119 32.73 -4.42 -11.14
N GLU E 120 31.93 -4.93 -10.21
CA GLU E 120 32.47 -5.36 -8.92
C GLU E 120 32.17 -6.84 -8.66
N LEU E 121 33.23 -7.63 -8.51
CA LEU E 121 33.10 -9.04 -8.16
C LEU E 121 33.89 -9.30 -6.90
N PRO E 122 33.22 -9.85 -5.86
CA PRO E 122 33.90 -10.22 -4.62
C PRO E 122 35.00 -11.24 -4.92
N SER E 123 34.74 -12.13 -5.86
CA SER E 123 35.72 -13.13 -6.27
C SER E 123 35.36 -13.64 -7.66
N GLY E 124 36.33 -14.25 -8.34
CA GLY E 124 36.06 -14.82 -9.65
C GLY E 124 36.92 -14.23 -10.74
N THR E 125 36.32 -13.90 -11.87
N THR E 125 36.33 -13.91 -11.88
CA THR E 125 37.08 -13.36 -12.97
CA THR E 125 37.10 -13.45 -13.04
C THR E 125 36.27 -12.46 -13.90
C THR E 125 36.31 -12.53 -13.97
N VAL E 126 36.96 -11.47 -14.46
CA VAL E 126 36.41 -10.64 -15.52
C VAL E 126 37.30 -10.88 -16.74
N GLU E 127 36.69 -11.29 -17.85
CA GLU E 127 37.44 -11.60 -19.06
C GLU E 127 36.95 -10.76 -20.22
N VAL E 128 37.87 -10.03 -20.84
CA VAL E 128 37.56 -9.25 -22.04
C VAL E 128 38.44 -9.77 -23.17
N ARG E 129 37.86 -10.54 -24.08
CA ARG E 129 38.63 -11.13 -25.16
C ARG E 129 38.17 -10.65 -26.54
N VAL E 130 39.14 -10.25 -27.35
CA VAL E 130 38.86 -9.84 -28.72
C VAL E 130 39.84 -10.60 -29.61
N GLY E 131 39.31 -11.49 -30.43
CA GLY E 131 40.16 -12.37 -31.22
C GLY E 131 41.13 -13.13 -30.33
N ALA E 132 42.42 -12.85 -30.50
CA ALA E 132 43.45 -13.54 -29.72
C ALA E 132 44.01 -12.68 -28.59
N SER E 133 43.44 -11.51 -28.38
CA SER E 133 43.87 -10.64 -27.29
C SER E 133 42.91 -10.74 -26.12
N GLU E 134 43.41 -10.47 -24.93
CA GLU E 134 42.62 -10.67 -23.73
C GLU E 134 43.12 -9.83 -22.57
N VAL E 135 42.19 -9.18 -21.88
CA VAL E 135 42.45 -8.62 -20.58
C VAL E 135 41.67 -9.43 -19.55
N ARG E 136 42.38 -9.94 -18.54
N ARG E 136 42.38 -9.93 -18.55
CA ARG E 136 41.74 -10.75 -17.52
CA ARG E 136 41.75 -10.74 -17.52
C ARG E 136 42.04 -10.20 -16.13
C ARG E 136 42.04 -10.18 -16.12
N VAL E 137 40.98 -10.04 -15.33
CA VAL E 137 41.09 -9.58 -13.96
C VAL E 137 40.60 -10.70 -13.05
N SER E 138 41.45 -11.13 -12.12
N SER E 138 41.45 -11.14 -12.13
CA SER E 138 41.10 -12.21 -11.20
CA SER E 138 41.10 -12.21 -11.21
C SER E 138 41.54 -11.81 -9.80
C SER E 138 41.55 -11.82 -9.80
N ASP E 139 41.20 -12.65 -8.82
CA ASP E 139 41.53 -12.36 -7.42
C ASP E 139 43.01 -12.05 -7.20
N GLY E 140 43.89 -12.79 -7.88
CA GLY E 140 45.32 -12.64 -7.66
C GLY E 140 46.11 -12.07 -8.82
N ALA E 141 45.43 -11.56 -9.83
CA ALA E 141 46.15 -11.10 -11.02
C ALA E 141 45.37 -10.21 -11.96
N VAL E 142 46.08 -9.31 -12.62
CA VAL E 142 45.59 -8.67 -13.83
C VAL E 142 46.56 -9.10 -14.92
N SER E 143 46.03 -9.64 -16.00
N SER E 143 46.02 -9.60 -16.02
CA SER E 143 46.87 -10.06 -17.12
CA SER E 143 46.84 -10.08 -17.12
C SER E 143 46.42 -9.41 -18.43
C SER E 143 46.42 -9.48 -18.45
N LEU E 144 47.39 -9.02 -19.24
CA LEU E 144 47.11 -8.54 -20.58
C LEU E 144 47.88 -9.45 -21.54
N LYS E 145 47.19 -10.00 -22.53
CA LYS E 145 47.83 -10.92 -23.47
C LYS E 145 47.45 -10.54 -24.89
N ALA E 146 48.44 -10.31 -25.74
CA ALA E 146 48.19 -9.86 -27.11
C ALA E 146 49.44 -9.97 -27.95
N PRO E 147 49.29 -9.98 -29.29
CA PRO E 147 50.46 -9.94 -30.17
C PRO E 147 51.28 -8.68 -29.96
N LYS E 148 50.65 -7.65 -29.40
CA LYS E 148 51.28 -6.37 -29.16
C LYS E 148 50.63 -5.67 -27.96
N ILE E 149 51.47 -5.22 -27.03
CA ILE E 149 50.97 -4.48 -25.87
C ILE E 149 51.59 -3.10 -25.85
N SER E 150 50.75 -2.08 -25.90
CA SER E 150 51.22 -0.72 -26.09
C SER E 150 50.79 0.16 -24.94
N LEU E 151 51.75 0.83 -24.31
CA LEU E 151 51.46 1.75 -23.23
C LEU E 151 51.88 3.14 -23.70
N GLU E 152 50.91 4.03 -23.86
N GLU E 152 50.91 4.03 -23.80
CA GLU E 152 51.19 5.38 -24.33
CA GLU E 152 51.15 5.38 -24.33
C GLU E 152 51.01 6.40 -23.22
C GLU E 152 51.00 6.42 -23.23
N GLY E 153 52.13 6.86 -22.68
CA GLY E 153 52.12 7.83 -21.59
C GLY E 153 53.24 7.46 -20.63
N PRO E 154 53.47 8.29 -19.61
CA PRO E 154 54.45 7.93 -18.59
C PRO E 154 53.98 6.71 -17.81
N VAL E 155 54.87 5.73 -17.64
CA VAL E 155 54.51 4.51 -16.94
C VAL E 155 55.25 4.42 -15.63
N GLU E 156 54.49 4.23 -14.56
CA GLU E 156 55.04 4.10 -13.23
C GLU E 156 54.69 2.72 -12.68
N ILE E 157 55.72 1.98 -12.27
CA ILE E 157 55.51 0.67 -11.66
C ILE E 157 55.88 0.76 -10.18
N ALA E 158 54.90 0.57 -9.31
CA ALA E 158 55.16 0.48 -7.88
C ALA E 158 55.39 -0.99 -7.55
N GLY E 159 56.65 -1.39 -7.58
CA GLY E 159 57.01 -2.79 -7.43
C GLY E 159 58.23 -3.13 -8.27
N THR E 160 58.47 -4.42 -8.44
CA THR E 160 59.62 -4.89 -9.20
C THR E 160 59.19 -5.40 -10.57
N LEU E 161 59.99 -5.07 -11.59
CA LEU E 161 59.70 -5.46 -12.95
C LEU E 161 60.60 -6.60 -13.41
N THR E 162 59.99 -7.65 -13.96
CA THR E 162 60.75 -8.77 -14.50
C THR E 162 60.41 -8.91 -15.98
N VAL E 163 61.43 -8.92 -16.82
CA VAL E 163 61.24 -9.02 -18.27
C VAL E 163 62.01 -10.22 -18.80
N SER E 164 61.32 -11.14 -19.47
CA SER E 164 61.94 -12.36 -19.96
C SER E 164 62.84 -12.11 -21.17
N GLY E 165 62.46 -11.19 -22.04
CA GLY E 165 63.24 -10.88 -23.23
C GLY E 165 64.11 -9.65 -23.10
N ASP E 166 64.70 -9.22 -24.22
CA ASP E 166 65.55 -8.04 -24.25
C ASP E 166 64.81 -6.77 -23.84
N ILE E 167 65.54 -5.87 -23.19
CA ILE E 167 65.03 -4.55 -22.86
C ILE E 167 65.80 -3.53 -23.67
N LEU E 168 65.09 -2.72 -24.45
N LEU E 168 65.07 -2.73 -24.45
CA LEU E 168 65.71 -1.68 -25.25
CA LEU E 168 65.66 -1.67 -25.26
C LEU E 168 65.13 -0.31 -24.87
C LEU E 168 65.12 -0.32 -24.82
N GLY E 169 66.01 0.59 -24.46
CA GLY E 169 65.61 1.93 -24.09
C GLY E 169 66.06 2.93 -25.14
N GLY E 170 65.22 3.91 -25.43
CA GLY E 170 65.52 4.93 -26.42
C GLY E 170 66.21 6.14 -25.82
N GLY E 171 66.37 6.14 -24.50
CA GLY E 171 67.09 7.21 -23.83
C GLY E 171 68.14 6.65 -22.90
N SER E 172 68.16 7.15 -21.68
CA SER E 172 69.06 6.63 -20.66
C SER E 172 68.38 5.54 -19.84
N ILE E 173 69.19 4.67 -19.24
CA ILE E 173 68.72 3.62 -18.33
C ILE E 173 69.52 3.74 -17.04
N ILE E 174 68.86 4.18 -15.98
CA ILE E 174 69.57 4.57 -14.76
C ILE E 174 69.05 3.83 -13.53
N ASP E 175 69.96 3.18 -12.82
CA ASP E 175 69.58 2.46 -11.60
C ASP E 175 69.87 3.32 -10.38
N THR E 176 69.68 2.75 -9.19
CA THR E 176 70.04 3.43 -7.96
C THR E 176 70.94 2.51 -7.15
N ALA E 177 71.23 1.34 -7.73
CA ALA E 177 72.13 0.34 -7.15
C ALA E 177 71.66 -0.15 -5.78
N SER F 2 -28.78 -4.08 -18.93
CA SER F 2 -28.37 -4.08 -17.53
C SER F 2 -27.07 -3.30 -17.34
N TYR F 3 -26.73 -3.04 -16.08
CA TYR F 3 -25.52 -2.27 -15.76
C TYR F 3 -24.28 -3.14 -15.74
N VAL F 4 -24.46 -4.45 -15.92
CA VAL F 4 -23.34 -5.39 -15.97
C VAL F 4 -22.47 -5.10 -17.21
N SER F 5 -23.13 -4.66 -18.29
CA SER F 5 -22.43 -4.31 -19.52
C SER F 5 -21.60 -3.04 -19.31
N ALA F 6 -22.10 -2.15 -18.44
CA ALA F 6 -21.37 -0.93 -18.10
C ALA F 6 -20.19 -1.26 -17.19
N GLU F 7 -20.39 -2.27 -16.34
CA GLU F 7 -19.31 -2.77 -15.49
C GLU F 7 -18.20 -3.32 -16.37
N HIS F 8 -18.58 -4.10 -17.37
CA HIS F 8 -17.63 -4.62 -18.35
C HIS F 8 -16.99 -3.50 -19.14
N ASP F 9 -17.73 -2.42 -19.37
CA ASP F 9 -17.20 -1.26 -20.06
C ASP F 9 -16.06 -0.60 -19.28
N ARG F 10 -16.36 -0.20 -18.04
CA ARG F 10 -15.36 0.46 -17.21
C ARG F 10 -14.18 -0.47 -16.91
N MET F 11 -14.47 -1.75 -16.74
CA MET F 11 -13.44 -2.75 -16.48
C MET F 11 -12.49 -2.85 -17.66
N LEU F 12 -13.07 -3.05 -18.85
CA LEU F 12 -12.32 -3.16 -20.09
C LEU F 12 -11.47 -1.92 -20.30
N ALA F 13 -12.07 -0.74 -20.12
CA ALA F 13 -11.34 0.50 -20.28
C ALA F 13 -10.18 0.63 -19.29
N ALA F 14 -10.38 0.11 -18.08
CA ALA F 14 -9.37 0.23 -17.03
C ALA F 14 -8.27 -0.83 -17.08
N MET F 15 -8.47 -1.92 -17.81
CA MET F 15 -7.48 -2.99 -17.85
C MET F 15 -6.13 -2.59 -18.43
N ILE F 16 -6.14 -1.78 -19.49
CA ILE F 16 -4.91 -1.32 -20.12
C ILE F 16 -4.96 0.19 -20.30
N LEU F 17 -4.04 0.89 -19.66
CA LEU F 17 -4.07 2.36 -19.71
C LEU F 17 -2.76 3.00 -20.16
N PRO F 18 -2.84 3.99 -21.05
CA PRO F 18 -1.63 4.74 -21.38
C PRO F 18 -1.37 5.74 -20.26
N CYS F 19 -0.16 5.78 -19.74
N CYS F 19 -0.17 5.75 -19.71
CA CYS F 19 0.09 6.62 -18.57
CA CYS F 19 0.13 6.54 -18.51
C CYS F 19 1.49 7.21 -18.52
C CYS F 19 1.48 7.23 -18.55
N VAL F 20 1.64 8.23 -17.68
CA VAL F 20 2.91 8.91 -17.52
C VAL F 20 3.28 8.96 -16.04
N VAL F 21 4.56 8.78 -15.72
CA VAL F 21 5.01 8.84 -14.33
C VAL F 21 4.92 10.26 -13.80
N VAL F 22 4.27 10.44 -12.66
CA VAL F 22 4.17 11.77 -12.03
C VAL F 22 4.82 11.84 -10.63
N ALA F 23 5.15 10.69 -10.06
CA ALA F 23 5.83 10.64 -8.77
C ALA F 23 6.60 9.35 -8.61
N VAL F 24 7.71 9.39 -7.88
CA VAL F 24 8.54 8.22 -7.65
C VAL F 24 8.90 8.07 -6.18
N ASP F 25 8.62 6.90 -5.61
CA ASP F 25 9.06 6.57 -4.26
C ASP F 25 10.26 5.62 -4.37
N LEU F 26 11.45 6.19 -4.40
CA LEU F 26 12.68 5.42 -4.54
C LEU F 26 12.89 4.38 -3.43
N ALA F 27 12.77 4.80 -2.17
CA ALA F 27 13.01 3.93 -1.03
C ALA F 27 12.06 2.73 -0.98
N ALA F 28 10.83 2.92 -1.47
CA ALA F 28 9.85 1.84 -1.48
C ALA F 28 9.73 1.18 -2.85
N ALA F 29 10.43 1.73 -3.85
CA ALA F 29 10.36 1.26 -5.23
C ALA F 29 8.94 1.27 -5.81
N ARG F 30 8.28 2.43 -5.74
CA ARG F 30 6.94 2.58 -6.31
C ARG F 30 6.83 3.85 -7.15
N VAL F 31 5.87 3.88 -8.07
CA VAL F 31 5.54 5.10 -8.83
C VAL F 31 4.05 5.43 -8.79
N ARG F 32 3.74 6.71 -8.88
CA ARG F 32 2.38 7.13 -9.19
C ARG F 32 2.37 7.47 -10.67
N VAL F 33 1.37 6.95 -11.39
CA VAL F 33 1.22 7.27 -12.80
C VAL F 33 -0.09 8.03 -13.02
N ARG F 34 -0.19 8.72 -14.14
CA ARG F 34 -1.38 9.48 -14.47
C ARG F 34 -1.86 9.12 -15.86
N SER F 35 -3.17 8.92 -15.98
CA SER F 35 -3.82 8.66 -17.25
C SER F 35 -5.02 9.59 -17.35
N GLY F 36 -4.93 10.61 -18.19
CA GLY F 36 -5.94 11.65 -18.26
C GLY F 36 -5.97 12.47 -16.98
N ASP F 37 -7.15 12.62 -16.39
CA ASP F 37 -7.31 13.37 -15.15
C ASP F 37 -7.14 12.47 -13.93
N TRP F 38 -6.82 11.20 -14.15
CA TRP F 38 -6.75 10.22 -13.07
C TRP F 38 -5.30 9.91 -12.66
N THR F 39 -5.04 9.96 -11.36
CA THR F 39 -3.72 9.63 -10.81
C THR F 39 -3.82 8.41 -9.89
N SER F 40 -2.91 7.45 -10.08
CA SER F 40 -2.93 6.22 -9.31
C SER F 40 -2.41 6.38 -7.88
N GLY F 41 -2.53 5.31 -7.09
CA GLY F 41 -1.79 5.20 -5.84
C GLY F 41 -0.37 4.72 -6.14
N TRP F 42 0.35 4.30 -5.11
CA TRP F 42 1.72 3.83 -5.30
C TRP F 42 1.76 2.43 -5.91
N LEU F 43 2.32 2.31 -7.11
CA LEU F 43 2.31 1.04 -7.83
C LEU F 43 3.72 0.54 -8.18
N ARG F 44 3.83 -0.76 -8.43
CA ARG F 44 5.07 -1.37 -8.86
C ARG F 44 5.28 -1.23 -10.35
N TRP F 45 6.53 -1.10 -10.78
CA TRP F 45 6.86 -1.19 -12.19
C TRP F 45 7.62 -2.47 -12.46
N HIS F 46 7.53 -2.94 -13.69
CA HIS F 46 8.25 -4.14 -14.11
C HIS F 46 9.71 -3.80 -14.39
N SER F 47 10.60 -4.29 -13.55
CA SER F 47 12.03 -4.09 -13.78
C SER F 47 12.53 -5.09 -14.80
N LEU F 48 13.82 -5.01 -15.15
CA LEU F 48 14.41 -5.96 -16.08
C LEU F 48 14.60 -7.34 -15.47
N ALA F 49 14.59 -7.43 -14.13
CA ALA F 49 14.80 -8.71 -13.44
C ALA F 49 14.53 -8.59 -11.94
N ALA F 50 13.75 -9.53 -11.40
CA ALA F 50 13.48 -9.57 -9.97
C ALA F 50 13.55 -10.98 -9.41
N GLY F 51 14.69 -11.65 -9.60
CA GLY F 51 14.90 -12.98 -9.07
C GLY F 51 16.26 -13.12 -8.42
N LYS F 52 16.98 -14.20 -8.72
CA LYS F 52 18.33 -14.41 -8.22
C LYS F 52 19.25 -13.29 -8.70
N VAL F 53 19.03 -12.83 -9.93
CA VAL F 53 19.62 -11.59 -10.37
C VAL F 53 18.52 -10.53 -10.40
N ARG F 54 18.83 -9.34 -9.92
CA ARG F 54 17.87 -8.24 -9.94
C ARG F 54 18.46 -7.04 -10.66
N HIS F 55 17.60 -6.25 -11.29
CA HIS F 55 18.03 -5.02 -11.96
C HIS F 55 17.26 -3.84 -11.40
N TRP F 56 17.92 -2.69 -11.34
CA TRP F 56 17.31 -1.47 -10.85
C TRP F 56 17.53 -0.33 -11.82
N ARG F 57 16.44 0.34 -12.16
CA ARG F 57 16.50 1.57 -12.97
C ARG F 57 15.13 2.20 -12.81
N ALA F 58 15.03 3.18 -11.90
CA ALA F 58 13.76 3.81 -11.60
C ALA F 58 13.23 4.61 -12.79
N PRO F 59 11.91 4.49 -13.06
CA PRO F 59 11.30 5.33 -14.09
C PRO F 59 11.48 6.80 -13.74
N SER F 60 11.67 7.66 -14.72
CA SER F 60 11.79 9.08 -14.43
C SER F 60 10.41 9.73 -14.46
N ILE F 61 10.27 10.83 -13.73
CA ILE F 61 9.07 11.64 -13.82
C ILE F 61 8.93 12.09 -15.28
N GLY F 62 7.74 11.91 -15.83
CA GLY F 62 7.49 12.25 -17.22
C GLY F 62 7.63 11.07 -18.17
N GLU F 63 8.22 9.97 -17.69
CA GLU F 63 8.40 8.80 -18.54
C GLU F 63 7.06 8.17 -18.87
N GLN F 64 6.86 7.84 -20.13
CA GLN F 64 5.60 7.27 -20.58
C GLN F 64 5.65 5.76 -20.58
N GLY F 65 4.48 5.14 -20.37
CA GLY F 65 4.36 3.70 -20.39
C GLY F 65 2.91 3.23 -20.39
N VAL F 66 2.72 1.97 -20.04
CA VAL F 66 1.39 1.37 -20.00
C VAL F 66 1.13 0.72 -18.63
N LEU F 67 -0.05 0.97 -18.07
CA LEU F 67 -0.45 0.36 -16.82
C LEU F 67 -1.36 -0.83 -17.11
N LEU F 68 -1.01 -1.97 -16.53
CA LEU F 68 -1.78 -3.20 -16.70
C LEU F 68 -2.48 -3.52 -15.38
N SER F 69 -3.81 -3.49 -15.39
CA SER F 69 -4.60 -3.76 -14.19
C SER F 69 -5.57 -4.92 -14.39
N PRO F 70 -5.27 -6.07 -13.75
CA PRO F 70 -6.14 -7.24 -13.81
C PRO F 70 -7.57 -6.92 -13.41
N SER F 71 -8.51 -7.23 -14.29
CA SER F 71 -9.93 -6.94 -14.07
C SER F 71 -10.19 -5.47 -13.79
N GLY F 72 -9.36 -4.59 -14.35
CA GLY F 72 -9.54 -3.15 -14.19
C GLY F 72 -9.25 -2.63 -12.78
N GLY F 73 -8.71 -3.49 -11.92
CA GLY F 73 -8.39 -3.09 -10.56
C GLY F 73 -7.11 -2.27 -10.50
N VAL F 74 -7.23 -0.98 -10.82
CA VAL F 74 -6.07 -0.10 -10.95
C VAL F 74 -5.28 0.08 -9.65
N SER F 75 -5.86 -0.31 -8.53
CA SER F 75 -5.17 -0.25 -7.25
C SER F 75 -4.01 -1.24 -7.18
N MET F 76 -4.08 -2.30 -7.98
N MET F 76 -4.08 -2.29 -8.00
CA MET F 76 -3.00 -3.29 -8.03
CA MET F 76 -3.05 -3.31 -8.04
C MET F 76 -2.39 -3.38 -9.42
C MET F 76 -2.37 -3.38 -9.41
N GLY F 77 -2.50 -2.30 -10.19
CA GLY F 77 -1.94 -2.28 -11.53
C GLY F 77 -0.41 -2.25 -11.50
N THR F 78 0.20 -2.74 -12.58
CA THR F 78 1.66 -2.69 -12.69
C THR F 78 2.09 -1.91 -13.94
N PHE F 79 3.19 -1.17 -13.82
CA PHE F 79 3.61 -0.21 -14.85
C PHE F 79 4.75 -0.72 -15.72
N ILE F 80 4.58 -0.63 -17.03
CA ILE F 80 5.63 -0.96 -17.99
C ILE F 80 6.12 0.31 -18.63
N PRO F 81 7.37 0.70 -18.35
CA PRO F 81 7.92 1.97 -18.82
C PRO F 81 8.49 1.86 -20.22
N GLY F 82 9.34 2.81 -20.60
CA GLY F 82 10.13 2.65 -21.82
C GLY F 82 9.54 3.17 -23.12
N LEU F 83 8.44 3.91 -23.06
CA LEU F 83 7.92 4.54 -24.27
C LEU F 83 8.60 5.88 -24.47
N TYR F 84 9.29 6.02 -25.60
CA TYR F 84 10.00 7.25 -25.93
C TYR F 84 9.05 8.44 -25.93
N GLY F 85 9.49 9.55 -25.35
CA GLY F 85 8.68 10.75 -25.26
C GLY F 85 9.51 11.96 -24.88
N ASP F 86 8.85 13.00 -24.39
CA ASP F 86 9.51 14.24 -24.01
C ASP F 86 10.52 14.05 -22.88
N ALA F 87 10.24 13.13 -21.97
CA ALA F 87 11.14 12.89 -20.84
C ALA F 87 12.30 11.96 -21.16
N GLY F 88 12.21 11.28 -22.30
CA GLY F 88 13.24 10.34 -22.72
C GLY F 88 13.05 9.91 -24.15
N THR F 89 13.75 10.59 -25.06
CA THR F 89 13.63 10.32 -26.48
C THR F 89 14.52 9.16 -26.88
N ALA F 90 14.27 8.62 -28.07
CA ALA F 90 15.14 7.60 -28.64
C ALA F 90 16.56 8.14 -28.71
N PRO F 91 17.51 7.44 -28.06
CA PRO F 91 18.90 7.93 -28.01
C PRO F 91 19.69 7.55 -29.26
N ASP F 92 19.07 6.79 -30.16
CA ASP F 92 19.75 6.40 -31.40
C ASP F 92 18.73 6.01 -32.47
N ASN F 93 19.20 5.75 -33.68
CA ASN F 93 18.32 5.31 -34.76
C ASN F 93 18.94 4.21 -35.62
N SER F 94 19.94 3.52 -35.08
CA SER F 94 20.69 2.55 -35.85
C SER F 94 20.09 1.15 -35.81
N ALA F 95 20.19 0.45 -36.94
CA ALA F 95 19.77 -0.94 -37.05
C ALA F 95 20.90 -1.89 -36.68
N SER F 96 22.08 -1.34 -36.41
CA SER F 96 23.27 -2.16 -36.21
C SER F 96 23.91 -1.99 -34.84
N SER F 97 23.23 -1.32 -33.93
CA SER F 97 23.80 -1.07 -32.61
C SER F 97 22.75 -1.01 -31.51
N GLU F 98 23.20 -1.32 -30.29
CA GLU F 98 22.38 -1.25 -29.09
C GLU F 98 23.12 -0.33 -28.13
N THR F 99 22.40 0.64 -27.55
N THR F 99 22.41 0.64 -27.55
CA THR F 99 23.04 1.66 -26.74
CA THR F 99 23.08 1.63 -26.71
C THR F 99 22.28 2.04 -25.46
C THR F 99 22.29 2.05 -25.47
N TRP F 100 23.01 2.15 -24.35
CA TRP F 100 22.52 2.81 -23.15
C TRP F 100 23.10 4.21 -23.20
N ARG F 101 22.25 5.21 -22.99
N ARG F 101 22.26 5.22 -23.02
CA ARG F 101 22.69 6.61 -23.00
CA ARG F 101 22.75 6.59 -22.99
C ARG F 101 22.27 7.29 -21.71
C ARG F 101 22.27 7.31 -21.73
N PHE F 102 23.22 7.93 -21.04
CA PHE F 102 22.94 8.57 -19.75
C PHE F 102 22.94 10.09 -19.81
N ASP F 103 22.23 10.69 -18.85
CA ASP F 103 22.02 12.13 -18.79
C ASP F 103 23.32 12.93 -18.66
N ASP F 104 24.39 12.29 -18.20
CA ASP F 104 25.67 12.99 -18.06
C ASP F 104 26.49 12.86 -19.34
N GLY F 105 25.89 12.26 -20.36
CA GLY F 105 26.56 12.07 -21.64
C GLY F 105 27.33 10.76 -21.76
N ALA F 106 27.33 9.94 -20.71
CA ALA F 106 28.01 8.64 -20.80
C ALA F 106 27.21 7.69 -21.69
N SER F 107 27.88 6.71 -22.27
CA SER F 107 27.15 5.70 -23.00
C SER F 107 27.84 4.34 -23.00
N LEU F 108 27.04 3.28 -23.07
N LEU F 108 27.01 3.30 -23.05
CA LEU F 108 27.60 1.94 -23.22
CA LEU F 108 27.43 1.91 -23.16
C LEU F 108 26.91 1.28 -24.40
C LEU F 108 26.77 1.36 -24.41
N SER F 109 27.67 0.93 -25.42
N SER F 109 27.57 0.89 -25.37
CA SER F 109 27.04 0.45 -26.65
CA SER F 109 27.01 0.46 -26.65
C SER F 109 27.78 -0.70 -27.31
C SER F 109 27.77 -0.68 -27.32
N TYR F 110 27.02 -1.57 -27.97
CA TYR F 110 27.63 -2.58 -28.83
C TYR F 110 27.11 -2.43 -30.26
N ASP F 111 28.03 -2.39 -31.22
CA ASP F 111 27.72 -2.21 -32.63
C ASP F 111 28.16 -3.45 -33.38
N TRP F 112 27.20 -4.19 -33.95
CA TRP F 112 27.54 -5.47 -34.59
C TRP F 112 27.85 -5.35 -36.08
N ALA F 113 27.88 -4.13 -36.60
CA ALA F 113 28.39 -3.90 -37.96
C ALA F 113 29.87 -3.52 -37.91
N ALA F 114 30.25 -2.75 -36.89
CA ALA F 114 31.64 -2.36 -36.70
C ALA F 114 32.39 -3.35 -35.81
N HIS F 115 31.63 -4.20 -35.10
CA HIS F 115 32.19 -5.13 -34.10
C HIS F 115 32.93 -4.40 -33.00
N ARG F 116 32.18 -3.60 -32.24
CA ARG F 116 32.77 -2.64 -31.33
C ARG F 116 31.94 -2.49 -30.07
N TYR F 117 32.54 -2.80 -28.92
CA TYR F 117 31.94 -2.49 -27.63
C TYR F 117 32.60 -1.24 -27.07
N ARG F 118 31.79 -0.23 -26.80
CA ARG F 118 32.31 1.06 -26.34
C ARG F 118 31.69 1.49 -25.03
N VAL F 119 32.55 1.68 -24.03
CA VAL F 119 32.18 2.27 -22.76
C VAL F 119 32.79 3.66 -22.74
N GLU F 120 31.95 4.67 -22.85
CA GLU F 120 32.39 6.04 -23.09
C GLU F 120 31.92 6.99 -22.01
N LEU F 121 32.87 7.56 -21.27
CA LEU F 121 32.55 8.55 -20.24
C LEU F 121 33.27 9.86 -20.55
N PRO F 122 32.50 10.97 -20.64
CA PRO F 122 33.13 12.27 -20.82
C PRO F 122 34.07 12.55 -19.65
N SER F 123 33.66 12.16 -18.45
CA SER F 123 34.45 12.40 -17.25
C SER F 123 34.05 11.40 -16.16
N GLY F 124 34.93 11.19 -15.18
CA GLY F 124 34.60 10.30 -14.08
C GLY F 124 35.53 9.10 -13.99
N THR F 125 34.93 7.92 -13.84
CA THR F 125 35.75 6.73 -13.64
C THR F 125 35.04 5.43 -14.02
N VAL F 126 35.82 4.50 -14.56
CA VAL F 126 35.37 3.14 -14.77
C VAL F 126 36.24 2.26 -13.89
N GLU F 127 35.60 1.39 -13.11
CA GLU F 127 36.30 0.52 -12.19
C GLU F 127 35.91 -0.95 -12.43
N VAL F 128 36.90 -1.79 -12.67
CA VAL F 128 36.68 -3.22 -12.74
C VAL F 128 37.42 -3.87 -11.56
N ARG F 129 36.66 -4.38 -10.60
CA ARG F 129 37.23 -4.87 -9.36
C ARG F 129 36.88 -6.34 -9.12
N VAL F 130 37.91 -7.15 -8.89
CA VAL F 130 37.72 -8.56 -8.60
C VAL F 130 38.60 -8.91 -7.40
N GLY F 131 37.99 -9.12 -6.25
CA GLY F 131 38.74 -9.35 -5.03
C GLY F 131 39.58 -8.13 -4.71
N ALA F 132 40.89 -8.32 -4.60
CA ALA F 132 41.80 -7.20 -4.34
C ALA F 132 42.52 -6.74 -5.61
N SER F 133 42.00 -7.13 -6.77
CA SER F 133 42.56 -6.66 -8.03
C SER F 133 41.62 -5.66 -8.68
N GLU F 134 42.20 -4.68 -9.36
CA GLU F 134 41.43 -3.58 -9.91
C GLU F 134 42.08 -3.00 -11.16
N VAL F 135 41.26 -2.76 -12.17
CA VAL F 135 41.62 -1.93 -13.31
C VAL F 135 40.76 -0.67 -13.21
N ARG F 136 41.40 0.49 -13.16
N ARG F 136 41.41 0.49 -13.20
CA ARG F 136 40.68 1.75 -13.03
CA ARG F 136 40.71 1.75 -13.01
C ARG F 136 41.06 2.73 -14.12
C ARG F 136 41.06 2.75 -14.11
N VAL F 137 40.04 3.28 -14.79
CA VAL F 137 40.26 4.28 -15.82
C VAL F 137 39.61 5.58 -15.36
N SER F 138 40.36 6.67 -15.36
CA SER F 138 39.84 7.96 -14.95
C SER F 138 40.38 9.05 -15.87
N ASP F 139 40.00 10.30 -15.64
CA ASP F 139 40.40 11.39 -16.54
C ASP F 139 41.91 11.47 -16.66
N GLY F 140 42.62 11.33 -15.53
CA GLY F 140 44.06 11.52 -15.54
C GLY F 140 44.93 10.28 -15.49
N ALA F 141 44.33 9.10 -15.54
CA ALA F 141 45.12 7.88 -15.34
C ALA F 141 44.45 6.57 -15.76
N VAL F 142 45.28 5.61 -16.10
CA VAL F 142 44.88 4.22 -16.13
C VAL F 142 45.73 3.50 -15.09
N SER F 143 45.09 2.81 -14.17
CA SER F 143 45.83 2.11 -13.12
C SER F 143 45.46 0.65 -13.06
N LEU F 144 46.47 -0.20 -12.96
CA LEU F 144 46.28 -1.62 -12.71
C LEU F 144 46.89 -1.93 -11.36
N LYS F 145 46.10 -2.58 -10.50
CA LYS F 145 46.57 -2.94 -9.17
C LYS F 145 46.20 -4.39 -8.92
N ALA F 146 47.19 -5.21 -8.59
CA ALA F 146 46.97 -6.65 -8.36
C ALA F 146 48.16 -7.28 -7.67
N PRO F 147 47.95 -8.42 -6.98
CA PRO F 147 49.05 -9.16 -6.37
C PRO F 147 50.09 -9.60 -7.42
N LYS F 148 49.67 -9.63 -8.68
CA LYS F 148 50.57 -9.93 -9.79
C LYS F 148 50.04 -9.30 -11.05
N ILE F 149 50.91 -8.61 -11.79
CA ILE F 149 50.52 -8.02 -13.06
C ILE F 149 51.34 -8.67 -14.16
N SER F 150 50.65 -9.32 -15.09
CA SER F 150 51.31 -10.10 -16.12
C SER F 150 51.03 -9.52 -17.51
N LEU F 151 52.09 -9.20 -18.24
CA LEU F 151 51.95 -8.70 -19.61
C LEU F 151 52.56 -9.72 -20.55
N GLU F 152 51.71 -10.35 -21.36
CA GLU F 152 52.17 -11.44 -22.22
C GLU F 152 52.17 -11.04 -23.68
N GLY F 153 53.36 -10.74 -24.19
CA GLY F 153 53.54 -10.25 -25.54
C GLY F 153 54.62 -9.18 -25.53
N PRO F 154 55.08 -8.75 -26.71
CA PRO F 154 56.06 -7.66 -26.76
C PRO F 154 55.43 -6.35 -26.28
N VAL F 155 56.11 -5.69 -25.35
CA VAL F 155 55.57 -4.46 -24.76
C VAL F 155 56.29 -3.24 -25.28
N GLU F 156 55.53 -2.23 -25.66
CA GLU F 156 56.11 -0.99 -26.15
C GLU F 156 55.59 0.18 -25.31
N ILE F 157 56.51 0.98 -24.80
CA ILE F 157 56.13 2.14 -24.01
C ILE F 157 56.49 3.43 -24.73
N ALA F 158 55.46 4.20 -25.08
CA ALA F 158 55.67 5.51 -25.66
C ALA F 158 55.68 6.51 -24.50
N GLY F 159 56.86 6.78 -23.97
CA GLY F 159 57.00 7.63 -22.80
C GLY F 159 58.15 7.16 -21.92
N THR F 160 58.23 7.70 -20.72
CA THR F 160 59.29 7.33 -19.78
C THR F 160 58.78 6.30 -18.76
N LEU F 161 59.63 5.31 -18.47
CA LEU F 161 59.29 4.26 -17.52
C LEU F 161 60.02 4.44 -16.18
N THR F 162 59.25 4.51 -15.09
CA THR F 162 59.83 4.64 -13.76
C THR F 162 59.45 3.42 -12.94
N VAL F 163 60.44 2.79 -12.32
CA VAL F 163 60.19 1.58 -11.52
C VAL F 163 60.74 1.78 -10.12
N SER F 164 59.87 1.65 -9.11
CA SER F 164 60.29 1.90 -7.73
C SER F 164 61.19 0.78 -7.23
N GLY F 165 60.91 -0.45 -7.64
CA GLY F 165 61.71 -1.59 -7.22
C GLY F 165 62.83 -1.89 -8.19
N ASP F 166 63.17 -3.17 -8.31
CA ASP F 166 64.25 -3.60 -9.19
C ASP F 166 63.73 -3.87 -10.61
N ILE F 167 64.67 -3.90 -11.55
CA ILE F 167 64.39 -4.29 -12.93
C ILE F 167 65.28 -5.49 -13.28
N LEU F 168 64.65 -6.63 -13.51
CA LEU F 168 65.37 -7.86 -13.79
C LEU F 168 65.07 -8.35 -15.21
N GLY F 169 66.08 -8.32 -16.07
CA GLY F 169 65.91 -8.73 -17.46
C GLY F 169 66.54 -10.06 -17.78
N GLY F 170 65.82 -10.87 -18.56
CA GLY F 170 66.29 -12.18 -18.94
C GLY F 170 67.18 -12.19 -20.17
N GLY F 171 67.39 -11.00 -20.75
CA GLY F 171 68.28 -10.87 -21.90
C GLY F 171 69.20 -9.69 -21.70
N SER F 172 69.48 -8.98 -22.79
CA SER F 172 70.28 -7.77 -22.72
C SER F 172 69.41 -6.58 -22.30
N ILE F 173 70.04 -5.58 -21.72
CA ILE F 173 69.40 -4.33 -21.38
C ILE F 173 70.25 -3.22 -21.97
N ILE F 174 69.72 -2.58 -23.01
CA ILE F 174 70.50 -1.69 -23.85
C ILE F 174 69.83 -0.32 -24.00
N ASP F 175 70.61 0.74 -23.80
CA ASP F 175 70.11 2.10 -24.01
C ASP F 175 70.59 2.66 -25.35
N THR F 176 70.42 3.97 -25.56
CA THR F 176 70.95 4.60 -26.77
C THR F 176 71.86 5.78 -26.43
N SER G 2 5.68 -19.44 2.94
CA SER G 2 5.01 -18.17 2.69
C SER G 2 3.80 -18.36 1.80
N TYR G 3 3.89 -19.33 0.89
CA TYR G 3 2.78 -19.67 0.01
C TYR G 3 1.61 -20.20 0.81
N VAL G 4 1.93 -20.92 1.89
CA VAL G 4 0.92 -21.42 2.82
C VAL G 4 0.09 -20.29 3.39
N SER G 5 0.76 -19.19 3.73
CA SER G 5 0.08 -18.03 4.29
C SER G 5 -0.81 -17.34 3.27
N ALA G 6 -0.38 -17.31 2.01
CA ALA G 6 -1.18 -16.72 0.94
C ALA G 6 -2.43 -17.56 0.68
N GLU G 7 -2.24 -18.88 0.66
CA GLU G 7 -3.35 -19.82 0.52
C GLU G 7 -4.34 -19.62 1.65
N HIS G 8 -3.83 -19.61 2.88
CA HIS G 8 -4.66 -19.38 4.06
C HIS G 8 -5.41 -18.07 3.97
N ASP G 9 -4.76 -17.03 3.44
CA ASP G 9 -5.38 -15.72 3.33
C ASP G 9 -6.54 -15.75 2.33
N ARG G 10 -6.31 -16.38 1.18
CA ARG G 10 -7.33 -16.50 0.15
C ARG G 10 -8.54 -17.28 0.68
N MET G 11 -8.26 -18.40 1.34
CA MET G 11 -9.31 -19.25 1.89
C MET G 11 -10.11 -18.52 2.96
N LEU G 12 -9.39 -17.84 3.86
CA LEU G 12 -9.99 -17.01 4.90
C LEU G 12 -10.96 -16.02 4.29
N ALA G 13 -10.46 -15.28 3.30
CA ALA G 13 -11.28 -14.27 2.65
C ALA G 13 -12.51 -14.89 1.97
N ALA G 14 -12.34 -16.09 1.43
CA ALA G 14 -13.44 -16.75 0.69
C ALA G 14 -14.46 -17.49 1.56
N MET G 15 -14.13 -17.73 2.83
CA MET G 15 -14.99 -18.53 3.69
C MET G 15 -16.34 -17.90 4.00
N ILE G 16 -16.35 -16.59 4.22
CA ILE G 16 -17.56 -15.85 4.55
C ILE G 16 -17.63 -14.60 3.70
N LEU G 17 -18.64 -14.50 2.84
CA LEU G 17 -18.70 -13.40 1.88
C LEU G 17 -20.03 -12.67 1.86
N PRO G 18 -20.00 -11.33 1.94
CA PRO G 18 -21.23 -10.57 1.77
C PRO G 18 -21.64 -10.61 0.31
N CYS G 19 -22.91 -10.91 0.02
CA CYS G 19 -23.28 -11.08 -1.37
C CYS G 19 -24.74 -10.76 -1.68
N VAL G 20 -25.02 -10.66 -2.97
CA VAL G 20 -26.37 -10.34 -3.43
C VAL G 20 -26.81 -11.32 -4.52
N VAL G 21 -28.08 -11.72 -4.47
CA VAL G 21 -28.62 -12.62 -5.47
C VAL G 21 -28.71 -11.94 -6.84
N VAL G 22 -28.13 -12.55 -7.86
CA VAL G 22 -28.19 -12.01 -9.22
C VAL G 22 -28.92 -12.92 -10.21
N ALA G 23 -29.12 -14.18 -9.84
CA ALA G 23 -29.87 -15.11 -10.69
C ALA G 23 -30.53 -16.20 -9.87
N VAL G 24 -31.71 -16.63 -10.30
CA VAL G 24 -32.43 -17.67 -9.60
C VAL G 24 -32.83 -18.78 -10.58
N ASP G 25 -32.58 -20.02 -10.18
CA ASP G 25 -33.04 -21.19 -10.93
C ASP G 25 -34.09 -21.87 -10.07
N LEU G 26 -35.36 -21.64 -10.40
CA LEU G 26 -36.48 -22.13 -9.60
C LEU G 26 -36.61 -23.65 -9.66
N ALA G 27 -36.45 -24.21 -10.85
CA ALA G 27 -36.59 -25.65 -11.05
C ALA G 27 -35.50 -26.45 -10.34
N ALA G 28 -34.31 -25.87 -10.24
CA ALA G 28 -33.18 -26.55 -9.62
C ALA G 28 -32.99 -26.17 -8.15
N ALA G 29 -33.71 -25.14 -7.71
CA ALA G 29 -33.58 -24.60 -6.35
C ALA G 29 -32.15 -24.14 -6.05
N ARG G 30 -31.65 -23.23 -6.87
CA ARG G 30 -30.32 -22.68 -6.70
C ARG G 30 -30.29 -21.21 -7.08
N VAL G 31 -29.28 -20.50 -6.60
CA VAL G 31 -29.09 -19.11 -6.96
C VAL G 31 -27.66 -18.88 -7.38
N ARG G 32 -27.44 -17.83 -8.16
CA ARG G 32 -26.10 -17.29 -8.34
C ARG G 32 -26.02 -16.00 -7.52
N VAL G 33 -24.92 -15.83 -6.80
CA VAL G 33 -24.74 -14.64 -5.99
C VAL G 33 -23.46 -13.91 -6.42
N ARG G 34 -23.41 -12.62 -6.11
CA ARG G 34 -22.27 -11.79 -6.46
C ARG G 34 -21.70 -11.10 -5.22
N SER G 35 -20.37 -11.18 -5.09
CA SER G 35 -19.64 -10.47 -4.06
C SER G 35 -18.53 -9.70 -4.75
N GLY G 36 -18.61 -8.37 -4.73
CA GLY G 36 -17.66 -7.55 -5.45
C GLY G 36 -17.79 -7.78 -6.95
N ASP G 37 -16.69 -8.14 -7.60
CA ASP G 37 -16.70 -8.38 -9.05
C ASP G 37 -16.80 -9.88 -9.39
N TRP G 38 -17.07 -10.70 -8.37
CA TRP G 38 -17.15 -12.14 -8.56
C TRP G 38 -18.59 -12.63 -8.53
N THR G 39 -18.97 -13.42 -9.52
CA THR G 39 -20.28 -14.08 -9.53
C THR G 39 -20.07 -15.58 -9.35
N SER G 40 -20.87 -16.18 -8.48
CA SER G 40 -20.75 -17.58 -8.13
C SER G 40 -21.34 -18.50 -9.18
N GLY G 41 -21.15 -19.80 -8.99
CA GLY G 41 -21.90 -20.79 -9.75
C GLY G 41 -23.29 -20.95 -9.15
N TRP G 42 -24.01 -21.98 -9.58
CA TRP G 42 -25.34 -22.25 -9.02
C TRP G 42 -25.20 -22.88 -7.63
N LEU G 43 -25.63 -22.14 -6.62
CA LEU G 43 -25.46 -22.57 -5.24
C LEU G 43 -26.79 -22.74 -4.51
N ARG G 44 -26.80 -23.61 -3.50
CA ARG G 44 -27.97 -23.79 -2.65
C ARG G 44 -28.11 -22.67 -1.63
N TRP G 45 -29.35 -22.40 -1.23
CA TRP G 45 -29.58 -21.53 -0.09
C TRP G 45 -30.18 -22.35 1.05
N HIS G 46 -30.07 -21.85 2.27
CA HIS G 46 -30.67 -22.52 3.41
C HIS G 46 -32.13 -22.13 3.52
N SER G 47 -33.01 -23.10 3.30
CA SER G 47 -34.44 -22.88 3.48
C SER G 47 -34.78 -22.94 4.96
N LEU G 48 -36.04 -22.69 5.30
CA LEU G 48 -36.49 -22.75 6.69
C LEU G 48 -36.58 -24.19 7.22
N ALA G 49 -36.67 -25.17 6.33
CA ALA G 49 -36.80 -26.57 6.73
C ALA G 49 -36.58 -27.50 5.53
N ALA G 50 -35.74 -28.50 5.70
CA ALA G 50 -35.54 -29.49 4.65
C ALA G 50 -35.52 -30.91 5.23
N GLY G 51 -36.57 -31.24 5.97
CA GLY G 51 -36.70 -32.58 6.54
C GLY G 51 -38.06 -33.17 6.26
N LYS G 52 -38.66 -33.82 7.25
CA LYS G 52 -40.02 -34.35 7.13
C LYS G 52 -40.98 -33.23 6.80
N VAL G 53 -40.74 -32.07 7.40
CA VAL G 53 -41.38 -30.85 6.93
C VAL G 53 -40.37 -30.04 6.13
N ARG G 54 -40.84 -29.46 5.02
CA ARG G 54 -39.99 -28.67 4.14
C ARG G 54 -40.68 -27.33 3.88
N HIS G 55 -39.89 -26.26 3.81
CA HIS G 55 -40.41 -24.95 3.50
C HIS G 55 -39.80 -24.44 2.20
N TRP G 56 -40.60 -23.70 1.43
CA TRP G 56 -40.13 -23.09 0.19
C TRP G 56 -40.36 -21.59 0.17
N ARG G 57 -39.31 -20.84 -0.13
CA ARG G 57 -39.40 -19.41 -0.40
C ARG G 57 -38.11 -19.02 -1.12
N ALA G 58 -38.20 -18.85 -2.44
CA ALA G 58 -37.02 -18.53 -3.21
C ALA G 58 -36.56 -17.11 -2.94
N PRO G 59 -35.25 -16.92 -2.67
CA PRO G 59 -34.65 -15.59 -2.60
C PRO G 59 -34.97 -14.81 -3.87
N SER G 60 -35.15 -13.50 -3.75
CA SER G 60 -35.44 -12.66 -4.91
C SER G 60 -34.15 -12.12 -5.49
N ILE G 61 -34.17 -11.78 -6.78
CA ILE G 61 -33.06 -11.05 -7.40
C ILE G 61 -32.85 -9.77 -6.60
N GLY G 62 -31.61 -9.53 -6.18
CA GLY G 62 -31.31 -8.33 -5.40
C GLY G 62 -31.35 -8.55 -3.90
N GLU G 63 -31.80 -9.72 -3.46
CA GLU G 63 -31.84 -10.02 -2.03
C GLU G 63 -30.42 -10.20 -1.51
N GLN G 64 -30.12 -9.52 -0.40
CA GLN G 64 -28.78 -9.58 0.17
C GLN G 64 -28.68 -10.67 1.22
N GLY G 65 -27.46 -11.17 1.40
CA GLY G 65 -27.21 -12.21 2.37
C GLY G 65 -25.72 -12.52 2.48
N VAL G 66 -25.41 -13.66 3.06
CA VAL G 66 -24.02 -14.07 3.28
C VAL G 66 -23.77 -15.46 2.68
N LEU G 67 -22.61 -15.65 2.06
CA LEU G 67 -22.21 -16.95 1.52
C LEU G 67 -21.18 -17.63 2.43
N LEU G 68 -21.47 -18.87 2.80
CA LEU G 68 -20.62 -19.68 3.68
C LEU G 68 -19.98 -20.82 2.89
N SER G 69 -18.66 -20.76 2.75
CA SER G 69 -17.93 -21.76 1.99
C SER G 69 -16.84 -22.42 2.84
N PRO G 70 -17.05 -23.69 3.18
CA PRO G 70 -16.05 -24.48 3.94
C PRO G 70 -14.67 -24.46 3.28
N SER G 71 -13.66 -24.03 4.04
CA SER G 71 -12.28 -23.95 3.56
C SER G 71 -12.13 -23.10 2.29
N GLY G 72 -13.03 -22.14 2.10
CA GLY G 72 -12.95 -21.23 0.97
C GLY G 72 -13.39 -21.80 -0.36
N GLY G 73 -13.93 -23.02 -0.35
CA GLY G 73 -14.42 -23.64 -1.57
C GLY G 73 -15.75 -23.08 -2.04
N VAL G 74 -15.72 -21.93 -2.69
CA VAL G 74 -16.93 -21.20 -3.06
C VAL G 74 -17.81 -21.95 -4.07
N SER G 75 -17.27 -22.97 -4.71
CA SER G 75 -18.06 -23.77 -5.64
C SER G 75 -19.13 -24.57 -4.91
N MET G 76 -18.91 -24.77 -3.61
N MET G 76 -18.91 -24.79 -3.61
CA MET G 76 -19.85 -25.52 -2.77
CA MET G 76 -19.88 -25.52 -2.79
C MET G 76 -20.41 -24.66 -1.64
C MET G 76 -20.38 -24.66 -1.64
N GLY G 77 -20.36 -23.34 -1.82
CA GLY G 77 -20.85 -22.43 -0.80
C GLY G 77 -22.35 -22.48 -0.65
N THR G 78 -22.86 -22.09 0.52
CA THR G 78 -24.29 -22.04 0.76
C THR G 78 -24.73 -20.65 1.23
N PHE G 79 -25.95 -20.28 0.84
CA PHE G 79 -26.39 -18.89 0.94
C PHE G 79 -27.41 -18.69 2.05
N ILE G 80 -27.16 -17.71 2.91
CA ILE G 80 -28.13 -17.33 3.92
C ILE G 80 -28.68 -15.97 3.54
N PRO G 81 -29.97 -15.92 3.18
CA PRO G 81 -30.60 -14.67 2.74
C PRO G 81 -31.15 -13.88 3.91
N GLY G 82 -32.06 -12.96 3.64
CA GLY G 82 -32.80 -12.27 4.69
C GLY G 82 -32.20 -10.97 5.23
N LEU G 83 -31.17 -10.44 4.57
CA LEU G 83 -30.64 -9.15 4.98
C LEU G 83 -31.42 -8.04 4.29
N TYR G 84 -32.12 -7.23 5.09
CA TYR G 84 -32.93 -6.12 4.56
C TYR G 84 -32.12 -5.17 3.68
N GLY G 85 -32.71 -4.74 2.58
CA GLY G 85 -32.08 -3.84 1.64
C GLY G 85 -33.13 -3.33 0.66
N ASP G 86 -32.67 -2.75 -0.45
N ASP G 86 -32.67 -2.76 -0.45
CA ASP G 86 -33.58 -2.15 -1.43
CA ASP G 86 -33.57 -2.15 -1.43
C ASP G 86 -34.53 -3.16 -2.08
C ASP G 86 -34.50 -3.15 -2.13
N ALA G 87 -34.10 -4.41 -2.19
CA ALA G 87 -34.91 -5.44 -2.81
C ALA G 87 -35.91 -6.07 -1.83
N GLY G 88 -35.80 -5.67 -0.57
CA GLY G 88 -36.69 -6.15 0.47
C GLY G 88 -36.34 -5.51 1.79
N THR G 89 -37.07 -4.46 2.13
CA THR G 89 -36.86 -3.71 3.36
C THR G 89 -37.59 -4.36 4.52
N ALA G 90 -37.23 -3.98 5.75
CA ALA G 90 -37.99 -4.41 6.92
C ALA G 90 -39.46 -4.03 6.76
N PRO G 91 -40.36 -5.01 6.88
CA PRO G 91 -41.78 -4.78 6.64
C PRO G 91 -42.55 -4.37 7.89
N ASP G 92 -41.84 -4.25 9.01
CA ASP G 92 -42.48 -3.82 10.25
C ASP G 92 -41.41 -3.19 11.16
N ASN G 93 -41.84 -2.62 12.29
CA ASN G 93 -40.90 -2.04 13.24
C ASN G 93 -41.29 -2.29 14.69
N SER G 94 -42.23 -3.21 14.91
CA SER G 94 -42.73 -3.47 16.25
C SER G 94 -41.92 -4.50 17.02
N ALA G 95 -41.81 -4.28 18.34
CA ALA G 95 -41.13 -5.23 19.21
C ALA G 95 -42.08 -6.37 19.61
N SER G 96 -43.34 -6.24 19.26
CA SER G 96 -44.34 -7.22 19.67
C SER G 96 -45.06 -7.91 18.52
N SER G 97 -44.40 -8.00 17.36
CA SER G 97 -45.04 -8.64 16.20
C SER G 97 -44.12 -9.61 15.46
N GLU G 98 -44.74 -10.63 14.88
CA GLU G 98 -44.07 -11.53 13.93
C GLU G 98 -44.91 -11.48 12.64
N THR G 99 -44.29 -11.04 11.54
CA THR G 99 -45.04 -10.61 10.37
C THR G 99 -44.46 -11.01 9.00
N TRP G 100 -45.29 -11.65 8.19
CA TRP G 100 -45.01 -11.84 6.76
C TRP G 100 -45.74 -10.77 5.96
N ARG G 101 -45.01 -10.07 5.09
N ARG G 101 -45.00 -10.05 5.11
CA ARG G 101 -45.62 -9.10 4.18
CA ARG G 101 -45.63 -9.12 4.18
C ARG G 101 -45.27 -9.46 2.74
C ARG G 101 -45.27 -9.47 2.75
N PHE G 102 -46.29 -9.50 1.89
CA PHE G 102 -46.12 -9.92 0.51
C PHE G 102 -46.26 -8.75 -0.46
N ASP G 103 -45.69 -8.93 -1.65
CA ASP G 103 -45.62 -7.87 -2.67
C ASP G 103 -46.98 -7.43 -3.20
N ASP G 104 -48.00 -8.26 -3.03
CA ASP G 104 -49.33 -7.90 -3.47
C ASP G 104 -50.08 -7.18 -2.37
N GLY G 105 -49.39 -6.90 -1.26
CA GLY G 105 -49.99 -6.16 -0.16
C GLY G 105 -50.58 -7.02 0.96
N ALA G 106 -50.61 -8.33 0.76
CA ALA G 106 -51.13 -9.21 1.79
C ALA G 106 -50.19 -9.32 2.98
N SER G 107 -50.71 -9.67 4.14
CA SER G 107 -49.86 -9.92 5.30
C SER G 107 -50.43 -10.99 6.22
N LEU G 108 -49.54 -11.69 6.93
CA LEU G 108 -49.95 -12.60 7.99
C LEU G 108 -49.10 -12.25 9.20
N SER G 109 -49.75 -11.83 10.28
N SER G 109 -49.75 -11.83 10.28
CA SER G 109 -49.01 -11.34 11.43
CA SER G 109 -48.99 -11.39 11.44
C SER G 109 -49.62 -11.73 12.77
C SER G 109 -49.63 -11.80 12.75
N TYR G 110 -48.78 -12.07 13.74
CA TYR G 110 -49.24 -12.20 15.11
C TYR G 110 -48.64 -11.09 15.97
N ASP G 111 -49.51 -10.39 16.69
CA ASP G 111 -49.08 -9.33 17.59
C ASP G 111 -49.44 -9.74 19.01
N TRP G 112 -48.44 -10.01 19.85
CA TRP G 112 -48.69 -10.51 21.19
C TRP G 112 -48.84 -9.43 22.25
N ALA G 113 -48.76 -8.17 21.84
CA ALA G 113 -49.15 -7.07 22.70
C ALA G 113 -50.65 -6.86 22.53
N ALA G 114 -51.11 -6.91 21.28
CA ALA G 114 -52.53 -6.75 20.97
C ALA G 114 -53.30 -8.07 21.04
N HIS G 115 -52.57 -9.19 21.15
CA HIS G 115 -53.17 -10.52 21.18
C HIS G 115 -54.04 -10.74 19.96
N ARG G 116 -53.46 -10.53 18.78
CA ARG G 116 -54.21 -10.61 17.55
C ARG G 116 -53.45 -11.33 16.46
N TYR G 117 -54.11 -12.33 15.87
CA TYR G 117 -53.59 -12.98 14.67
C TYR G 117 -54.39 -12.49 13.48
N ARG G 118 -53.69 -11.92 12.51
CA ARG G 118 -54.37 -11.30 11.38
C ARG G 118 -53.84 -11.78 10.06
N VAL G 119 -54.74 -12.37 9.28
CA VAL G 119 -54.48 -12.75 7.91
C VAL G 119 -55.24 -11.77 7.03
N GLU G 120 -54.52 -10.92 6.33
CA GLU G 120 -55.15 -9.84 5.60
C GLU G 120 -54.76 -9.83 4.14
N LEU G 121 -55.78 -9.90 3.28
CA LEU G 121 -55.57 -9.82 1.83
C LEU G 121 -56.45 -8.69 1.27
N PRO G 122 -55.84 -7.78 0.51
CA PRO G 122 -56.62 -6.70 -0.13
C PRO G 122 -57.61 -7.30 -1.11
N SER G 123 -57.22 -8.39 -1.77
CA SER G 123 -58.08 -9.09 -2.72
C SER G 123 -57.60 -10.54 -2.85
N GLY G 124 -58.48 -11.42 -3.30
CA GLY G 124 -58.10 -12.81 -3.55
C GLY G 124 -58.92 -13.81 -2.74
N THR G 125 -58.25 -14.82 -2.19
N THR G 125 -58.26 -14.82 -2.18
CA THR G 125 -58.94 -15.90 -1.48
CA THR G 125 -58.98 -15.83 -1.43
C THR G 125 -58.13 -16.49 -0.33
C THR G 125 -58.16 -16.51 -0.34
N VAL G 126 -58.82 -16.82 0.76
CA VAL G 126 -58.27 -17.64 1.83
C VAL G 126 -59.10 -18.91 1.87
N GLU G 127 -58.42 -20.05 1.77
CA GLU G 127 -59.11 -21.34 1.78
C GLU G 127 -58.54 -22.24 2.86
N VAL G 128 -59.42 -22.75 3.70
CA VAL G 128 -59.05 -23.75 4.70
C VAL G 128 -59.82 -25.02 4.36
N ARG G 129 -59.10 -26.02 3.86
CA ARG G 129 -59.71 -27.23 3.34
C ARG G 129 -59.23 -28.46 4.10
N VAL G 130 -60.18 -29.25 4.59
CA VAL G 130 -59.87 -30.50 5.25
C VAL G 130 -60.75 -31.59 4.65
N GLY G 131 -60.12 -32.56 3.97
CA GLY G 131 -60.88 -33.52 3.19
C GLY G 131 -61.76 -32.78 2.21
N ALA G 132 -63.06 -33.04 2.28
CA ALA G 132 -64.00 -32.35 1.39
C ALA G 132 -64.73 -31.21 2.09
N SER G 133 -64.31 -30.84 3.29
CA SER G 133 -64.87 -29.68 3.97
C SER G 133 -63.99 -28.44 3.76
N GLU G 134 -64.61 -27.28 3.61
CA GLU G 134 -63.88 -26.06 3.30
C GLU G 134 -64.53 -24.81 3.91
N VAL G 135 -63.69 -23.95 4.47
CA VAL G 135 -64.07 -22.57 4.77
C VAL G 135 -63.33 -21.69 3.77
N ARG G 136 -64.07 -20.81 3.09
N ARG G 136 -64.07 -20.81 3.09
CA ARG G 136 -63.50 -19.96 2.06
CA ARG G 136 -63.49 -19.96 2.06
C ARG G 136 -63.88 -18.50 2.28
C ARG G 136 -63.88 -18.50 2.29
N VAL G 137 -62.89 -17.61 2.26
CA VAL G 137 -63.14 -16.18 2.39
C VAL G 137 -62.62 -15.50 1.14
N SER G 138 -63.48 -14.75 0.46
CA SER G 138 -63.09 -14.04 -0.76
C SER G 138 -63.70 -12.65 -0.76
N ASP G 139 -63.36 -11.83 -1.76
CA ASP G 139 -63.84 -10.45 -1.82
C ASP G 139 -65.37 -10.39 -1.70
N GLY G 140 -66.05 -11.34 -2.35
CA GLY G 140 -67.49 -11.28 -2.42
C GLY G 140 -68.26 -12.29 -1.60
N ALA G 141 -67.57 -13.09 -0.79
CA ALA G 141 -68.26 -14.16 -0.07
C ALA G 141 -67.49 -14.77 1.09
N VAL G 142 -68.24 -15.28 2.06
CA VAL G 142 -67.72 -16.27 2.99
C VAL G 142 -68.55 -17.54 2.82
N SER G 143 -67.90 -18.66 2.58
CA SER G 143 -68.63 -19.90 2.40
C SER G 143 -68.12 -21.01 3.31
N LEU G 144 -69.04 -21.74 3.93
CA LEU G 144 -68.70 -22.95 4.63
C LEU G 144 -69.35 -24.10 3.86
N LYS G 145 -68.60 -25.15 3.60
CA LYS G 145 -69.10 -26.30 2.88
C LYS G 145 -68.62 -27.55 3.58
N ALA G 146 -69.54 -28.43 3.94
CA ALA G 146 -69.20 -29.64 4.69
C ALA G 146 -70.37 -30.59 4.69
N PRO G 147 -70.10 -31.88 4.95
CA PRO G 147 -71.20 -32.85 5.07
C PRO G 147 -72.15 -32.48 6.20
N LYS G 148 -71.65 -31.71 7.16
CA LYS G 148 -72.47 -31.20 8.25
C LYS G 148 -71.94 -29.85 8.71
N ILE G 149 -72.83 -28.88 8.85
CA ILE G 149 -72.44 -27.58 9.35
C ILE G 149 -73.13 -27.34 10.69
N SER G 150 -72.34 -27.15 11.73
CA SER G 150 -72.89 -27.07 13.07
C SER G 150 -72.61 -25.72 13.71
N LEU G 151 -73.67 -25.03 14.11
CA LEU G 151 -73.57 -23.75 14.79
C LEU G 151 -74.03 -23.91 16.24
N GLU G 152 -73.08 -23.81 17.17
CA GLU G 152 -73.36 -24.07 18.58
C GLU G 152 -73.35 -22.79 19.40
N GLY G 153 -74.53 -22.26 19.64
CA GLY G 153 -74.69 -21.01 20.34
C GLY G 153 -75.84 -20.26 19.71
N PRO G 154 -76.21 -19.11 20.29
CA PRO G 154 -77.26 -18.29 19.68
C PRO G 154 -76.75 -17.68 18.38
N VAL G 155 -77.55 -17.78 17.32
CA VAL G 155 -77.16 -17.29 16.01
C VAL G 155 -77.97 -16.06 15.63
N GLU G 156 -77.28 -15.00 15.26
CA GLU G 156 -77.97 -13.81 14.77
C GLU G 156 -77.53 -13.48 13.35
N ILE G 157 -78.51 -13.24 12.49
CA ILE G 157 -78.26 -12.89 11.11
C ILE G 157 -78.72 -11.46 10.89
N ALA G 158 -77.79 -10.59 10.51
CA ALA G 158 -78.13 -9.24 10.12
C ALA G 158 -78.24 -9.23 8.59
N GLY G 159 -79.47 -9.46 8.11
CA GLY G 159 -79.73 -9.68 6.70
C GLY G 159 -80.90 -10.64 6.48
N THR G 160 -81.09 -11.04 5.23
CA THR G 160 -82.16 -11.97 4.87
C THR G 160 -81.61 -13.39 4.73
N LEU G 161 -82.37 -14.37 5.22
CA LEU G 161 -81.99 -15.77 5.16
C LEU G 161 -82.80 -16.55 4.13
N THR G 162 -82.10 -17.25 3.24
CA THR G 162 -82.74 -18.08 2.24
C THR G 162 -82.27 -19.52 2.41
N VAL G 163 -83.22 -20.44 2.54
CA VAL G 163 -82.92 -21.85 2.73
C VAL G 163 -83.52 -22.66 1.59
N SER G 164 -82.71 -23.44 0.90
CA SER G 164 -83.20 -24.22 -0.25
C SER G 164 -84.06 -25.40 0.21
N GLY G 165 -83.69 -26.01 1.33
CA GLY G 165 -84.43 -27.15 1.84
C GLY G 165 -85.51 -26.76 2.83
N ASP G 166 -85.77 -27.63 3.79
CA ASP G 166 -86.78 -27.37 4.81
C ASP G 166 -86.18 -26.59 5.99
N ILE G 167 -87.06 -26.00 6.78
CA ILE G 167 -86.66 -25.35 8.01
C ILE G 167 -87.45 -26.01 9.13
N LEU G 168 -86.73 -26.64 10.06
CA LEU G 168 -87.33 -27.39 11.15
C LEU G 168 -86.94 -26.77 12.49
N GLY G 169 -87.92 -26.22 13.20
CA GLY G 169 -87.65 -25.51 14.44
C GLY G 169 -88.18 -26.27 15.65
N GLY G 170 -87.37 -26.32 16.70
CA GLY G 170 -87.70 -27.06 17.91
C GLY G 170 -88.39 -26.22 18.98
N GLY G 171 -88.71 -24.98 18.64
CA GLY G 171 -89.43 -24.11 19.55
C GLY G 171 -90.48 -23.31 18.79
N SER G 172 -90.57 -22.02 19.08
CA SER G 172 -91.49 -21.14 18.37
C SER G 172 -90.84 -20.65 17.09
N ILE G 173 -91.69 -20.34 16.11
CA ILE G 173 -91.25 -19.67 14.91
C ILE G 173 -92.14 -18.44 14.74
N ILE G 174 -91.55 -17.27 14.93
CA ILE G 174 -92.33 -16.03 15.05
C ILE G 174 -91.79 -14.95 14.12
N ASP G 175 -92.65 -14.42 13.26
CA ASP G 175 -92.29 -13.33 12.36
C ASP G 175 -92.78 -11.99 12.90
N THR G 176 -92.59 -10.95 12.10
CA THR G 176 -92.96 -9.60 12.50
C THR G 176 -93.90 -8.93 11.48
N SER H 2 5.85 -14.80 12.17
CA SER H 2 5.49 -13.80 11.17
C SER H 2 4.25 -12.96 11.50
N TYR H 3 4.23 -11.77 10.97
CA TYR H 3 3.12 -10.87 11.15
C TYR H 3 1.79 -11.36 10.55
N VAL H 4 1.82 -11.83 9.32
CA VAL H 4 0.65 -12.34 8.66
C VAL H 4 0.03 -13.46 9.45
N SER H 5 0.85 -14.23 10.15
CA SER H 5 0.35 -15.30 10.97
C SER H 5 -0.53 -14.83 12.10
N ALA H 6 -0.06 -13.86 12.85
CA ALA H 6 -0.81 -13.26 13.94
C ALA H 6 -2.09 -12.62 13.41
N GLU H 7 -1.97 -11.93 12.27
CA GLU H 7 -3.14 -11.32 11.63
C GLU H 7 -4.22 -12.35 11.27
N HIS H 8 -3.78 -13.48 10.72
CA HIS H 8 -4.67 -14.59 10.41
C HIS H 8 -5.29 -15.17 11.67
N ASP H 9 -4.53 -15.18 12.76
CA ASP H 9 -5.04 -15.61 14.05
C ASP H 9 -6.21 -14.73 14.48
N ARG H 10 -5.97 -13.42 14.46
CA ARG H 10 -7.02 -12.44 14.79
C ARG H 10 -8.27 -12.62 13.93
N MET H 11 -8.09 -12.58 12.61
CA MET H 11 -9.20 -12.71 11.67
C MET H 11 -9.99 -14.01 11.91
N LEU H 12 -9.24 -15.10 12.07
CA LEU H 12 -9.78 -16.42 12.36
C LEU H 12 -10.69 -16.36 13.57
N ALA H 13 -10.18 -15.78 14.65
CA ALA H 13 -10.99 -15.64 15.87
C ALA H 13 -12.24 -14.78 15.65
N ALA H 14 -12.10 -13.74 14.82
CA ALA H 14 -13.17 -12.75 14.67
C ALA H 14 -14.28 -13.11 13.68
N MET H 15 -14.03 -14.09 12.80
CA MET H 15 -14.98 -14.42 11.73
C MET H 15 -16.31 -15.04 12.18
N ILE H 16 -16.27 -15.87 13.22
CA ILE H 16 -17.47 -16.53 13.72
C ILE H 16 -17.50 -16.40 15.24
N LEU H 17 -18.47 -15.67 15.77
CA LEU H 17 -18.49 -15.38 17.20
C LEU H 17 -19.80 -15.78 17.88
N PRO H 18 -19.70 -16.47 19.03
CA PRO H 18 -20.90 -16.75 19.82
C PRO H 18 -21.33 -15.48 20.54
N CYS H 19 -22.59 -15.08 20.42
CA CYS H 19 -22.97 -13.79 20.98
C CYS H 19 -24.41 -13.70 21.47
N VAL H 20 -24.69 -12.60 22.14
CA VAL H 20 -26.02 -12.38 22.73
C VAL H 20 -26.47 -10.95 22.44
N VAL H 21 -27.75 -10.78 22.10
CA VAL H 21 -28.28 -9.45 21.83
C VAL H 21 -28.38 -8.65 23.13
N VAL H 22 -27.78 -7.45 23.13
CA VAL H 22 -27.85 -6.56 24.28
C VAL H 22 -28.65 -5.30 23.99
N ALA H 23 -28.84 -4.99 22.71
CA ALA H 23 -29.61 -3.81 22.32
C ALA H 23 -30.31 -4.00 20.97
N VAL H 24 -31.49 -3.39 20.84
CA VAL H 24 -32.27 -3.50 19.63
C VAL H 24 -32.72 -2.13 19.15
N ASP H 25 -32.41 -1.81 17.89
CA ASP H 25 -32.93 -0.62 17.24
C ASP H 25 -34.04 -1.03 16.26
N LEU H 26 -35.28 -0.87 16.69
CA LEU H 26 -36.44 -1.30 15.91
C LEU H 26 -36.60 -0.53 14.61
N ALA H 27 -36.32 0.78 14.66
CA ALA H 27 -36.51 1.62 13.49
C ALA H 27 -35.48 1.34 12.40
N ALA H 28 -34.25 1.08 12.81
CA ALA H 28 -33.16 0.85 11.86
C ALA H 28 -33.08 -0.61 11.47
N ALA H 29 -33.82 -1.46 12.18
CA ALA H 29 -33.73 -2.91 12.05
C ALA H 29 -32.29 -3.36 12.27
N ARG H 30 -31.72 -2.98 13.41
CA ARG H 30 -30.37 -3.40 13.75
C ARG H 30 -30.26 -3.77 15.23
N VAL H 31 -29.26 -4.58 15.54
CA VAL H 31 -29.02 -4.99 16.92
C VAL H 31 -27.55 -4.82 17.30
N ARG H 32 -27.32 -4.67 18.60
CA ARG H 32 -25.98 -4.74 19.14
C ARG H 32 -25.85 -6.06 19.87
N VAL H 33 -24.73 -6.74 19.66
CA VAL H 33 -24.48 -8.01 20.31
C VAL H 33 -23.19 -7.95 21.14
N ARG H 34 -23.11 -8.81 22.13
CA ARG H 34 -21.93 -8.94 22.97
C ARG H 34 -21.37 -10.34 22.83
N SER H 35 -20.06 -10.44 22.73
CA SER H 35 -19.38 -11.73 22.71
C SER H 35 -18.27 -11.70 23.74
N GLY H 36 -18.60 -12.09 24.96
CA GLY H 36 -17.65 -12.03 26.07
C GLY H 36 -17.55 -10.62 26.60
N ASP H 37 -16.40 -9.98 26.37
N ASP H 37 -16.40 -9.99 26.36
CA ASP H 37 -16.19 -8.62 26.86
CA ASP H 37 -16.14 -8.64 26.84
C ASP H 37 -16.38 -7.58 25.77
C ASP H 37 -16.46 -7.61 25.77
N TRP H 38 -16.47 -8.04 24.52
CA TRP H 38 -16.62 -7.15 23.39
C TRP H 38 -18.07 -6.87 23.03
N THR H 39 -18.37 -5.62 22.69
CA THR H 39 -19.70 -5.20 22.28
C THR H 39 -19.67 -4.57 20.89
N SER H 40 -20.56 -5.04 20.02
CA SER H 40 -20.57 -4.63 18.61
C SER H 40 -21.21 -3.27 18.39
N GLY H 41 -21.07 -2.75 17.18
CA GLY H 41 -21.84 -1.60 16.75
C GLY H 41 -23.22 -2.09 16.34
N TRP H 42 -23.98 -1.24 15.64
CA TRP H 42 -25.30 -1.63 15.16
C TRP H 42 -25.18 -2.52 13.92
N LEU H 43 -25.67 -3.75 14.02
CA LEU H 43 -25.50 -4.73 12.95
C LEU H 43 -26.84 -5.28 12.46
N ARG H 44 -26.85 -5.72 11.21
CA ARG H 44 -28.03 -6.35 10.63
C ARG H 44 -28.15 -7.79 11.13
N TRP H 45 -29.38 -8.29 11.18
CA TRP H 45 -29.59 -9.72 11.42
C TRP H 45 -30.24 -10.34 10.19
N HIS H 46 -30.10 -11.65 10.05
CA HIS H 46 -30.76 -12.35 8.95
C HIS H 46 -32.21 -12.64 9.32
N SER H 47 -33.13 -12.07 8.56
CA SER H 47 -34.55 -12.36 8.74
C SER H 47 -34.90 -13.62 7.94
N LEU H 48 -36.16 -14.03 8.01
CA LEU H 48 -36.60 -15.21 7.28
C LEU H 48 -36.74 -14.93 5.78
N ALA H 49 -36.88 -13.65 5.42
CA ALA H 49 -37.10 -13.29 4.02
C ALA H 49 -36.90 -11.79 3.82
N ALA H 50 -36.15 -11.43 2.79
CA ALA H 50 -35.98 -10.02 2.44
C ALA H 50 -35.97 -9.81 0.92
N GLY H 51 -37.05 -10.23 0.28
CA GLY H 51 -37.21 -10.07 -1.16
C GLY H 51 -38.61 -9.57 -1.45
N LYS H 52 -39.23 -10.13 -2.50
CA LYS H 52 -40.61 -9.81 -2.83
C LYS H 52 -41.55 -10.12 -1.67
N VAL H 53 -41.19 -11.11 -0.89
CA VAL H 53 -41.82 -11.30 0.41
C VAL H 53 -40.76 -11.03 1.47
N ARG H 54 -41.16 -10.34 2.53
CA ARG H 54 -40.28 -10.05 3.65
C ARG H 54 -40.91 -10.56 4.94
N HIS H 55 -40.08 -10.93 5.89
CA HIS H 55 -40.56 -11.32 7.20
C HIS H 55 -39.95 -10.42 8.26
N TRP H 56 -40.68 -10.22 9.35
CA TRP H 56 -40.19 -9.41 10.45
C TRP H 56 -40.42 -10.12 11.77
N ARG H 57 -39.36 -10.22 12.56
CA ARG H 57 -39.44 -10.71 13.93
C ARG H 57 -38.18 -10.22 14.58
N ALA H 58 -38.26 -9.12 15.32
CA ALA H 58 -37.06 -8.52 15.92
C ALA H 58 -36.49 -9.40 17.02
N PRO H 59 -35.18 -9.68 16.96
CA PRO H 59 -34.49 -10.42 18.01
C PRO H 59 -34.70 -9.75 19.37
N SER H 60 -34.87 -10.56 20.41
CA SER H 60 -35.10 -10.03 21.75
C SER H 60 -33.77 -9.82 22.44
N ILE H 61 -33.75 -8.92 23.42
CA ILE H 61 -32.56 -8.73 24.24
C ILE H 61 -32.33 -10.02 25.02
N GLY H 62 -31.10 -10.52 25.01
CA GLY H 62 -30.78 -11.77 25.65
C GLY H 62 -30.85 -12.98 24.73
N GLU H 63 -31.40 -12.79 23.53
CA GLU H 63 -31.44 -13.88 22.56
C GLU H 63 -30.03 -14.22 22.10
N GLN H 64 -29.73 -15.50 22.05
CA GLN H 64 -28.38 -15.95 21.69
C GLN H 64 -28.31 -16.30 20.21
N GLY H 65 -27.11 -16.17 19.64
CA GLY H 65 -26.91 -16.48 18.25
C GLY H 65 -25.46 -16.39 17.85
N VAL H 66 -25.21 -16.33 16.54
CA VAL H 66 -23.85 -16.30 16.02
C VAL H 66 -23.64 -15.09 15.11
N LEU H 67 -22.51 -14.41 15.29
CA LEU H 67 -22.11 -13.32 14.42
C LEU H 67 -21.13 -13.80 13.35
N LEU H 68 -21.42 -13.47 12.10
CA LEU H 68 -20.58 -13.83 10.97
C LEU H 68 -19.95 -12.58 10.39
N SER H 69 -18.62 -12.55 10.38
CA SER H 69 -17.89 -11.37 9.93
C SER H 69 -16.84 -11.74 8.89
N PRO H 70 -17.07 -11.34 7.63
CA PRO H 70 -16.13 -11.63 6.54
C PRO H 70 -14.74 -11.06 6.84
N SER H 71 -13.71 -11.90 6.67
CA SER H 71 -12.33 -11.52 6.95
C SER H 71 -12.12 -11.01 8.37
N GLY H 72 -13.03 -11.34 9.27
CA GLY H 72 -12.95 -10.91 10.65
C GLY H 72 -13.37 -9.47 10.88
N GLY H 73 -14.00 -8.87 9.88
CA GLY H 73 -14.43 -7.48 9.98
C GLY H 73 -15.76 -7.32 10.70
N VAL H 74 -15.71 -7.26 12.02
CA VAL H 74 -16.92 -7.29 12.85
C VAL H 74 -17.81 -6.05 12.71
N SER H 75 -17.27 -4.99 12.12
CA SER H 75 -18.05 -3.79 11.87
C SER H 75 -19.14 -4.04 10.83
N MET H 76 -18.94 -5.05 9.99
N MET H 76 -18.94 -5.05 9.99
CA MET H 76 -19.91 -5.39 8.96
CA MET H 76 -19.91 -5.39 8.96
C MET H 76 -20.47 -6.79 9.14
C MET H 76 -20.47 -6.80 9.13
N GLY H 77 -20.34 -7.32 10.35
CA GLY H 77 -20.84 -8.66 10.65
C GLY H 77 -22.36 -8.74 10.67
N THR H 78 -22.90 -9.93 10.40
CA THR H 78 -24.35 -10.13 10.48
C THR H 78 -24.73 -11.23 11.48
N PHE H 79 -25.88 -11.05 12.11
CA PHE H 79 -26.31 -11.88 13.23
C PHE H 79 -27.36 -12.93 12.83
N ILE H 80 -27.11 -14.16 13.23
CA ILE H 80 -28.05 -15.26 13.05
C ILE H 80 -28.56 -15.66 14.43
N PRO H 81 -29.85 -15.39 14.70
CA PRO H 81 -30.43 -15.64 16.02
C PRO H 81 -30.96 -17.06 16.15
N GLY H 82 -31.79 -17.29 17.17
CA GLY H 82 -32.54 -18.54 17.25
C GLY H 82 -31.92 -19.66 18.06
N LEU H 83 -30.87 -19.37 18.81
CA LEU H 83 -30.31 -20.36 19.72
C LEU H 83 -31.04 -20.32 21.05
N TYR H 84 -31.65 -21.44 21.43
CA TYR H 84 -32.44 -21.51 22.67
C TYR H 84 -31.60 -21.16 23.89
N GLY H 85 -32.16 -20.32 24.76
CA GLY H 85 -31.48 -19.90 25.97
C GLY H 85 -32.49 -19.42 27.00
N ASP H 86 -32.02 -18.70 28.00
N ASP H 86 -32.02 -18.70 28.00
CA ASP H 86 -32.88 -18.23 29.09
CA ASP H 86 -32.88 -18.22 29.08
C ASP H 86 -33.84 -17.13 28.63
C ASP H 86 -33.84 -17.12 28.64
N ALA H 87 -33.56 -16.52 27.49
CA ALA H 87 -34.41 -15.47 26.96
C ALA H 87 -35.41 -16.04 25.97
N GLY H 88 -35.25 -17.31 25.63
CA GLY H 88 -36.15 -18.00 24.72
C GLY H 88 -35.86 -19.49 24.67
N THR H 89 -36.57 -20.25 25.51
CA THR H 89 -36.37 -21.70 25.58
C THR H 89 -37.14 -22.42 24.49
N ALA H 90 -36.77 -23.67 24.23
CA ALA H 90 -37.52 -24.52 23.32
C ALA H 90 -38.99 -24.58 23.76
N PRO H 91 -39.89 -24.22 22.84
CA PRO H 91 -41.33 -24.14 23.16
C PRO H 91 -42.07 -25.45 22.93
N ASP H 92 -41.35 -26.50 22.60
CA ASP H 92 -41.97 -27.79 22.28
C ASP H 92 -40.89 -28.86 22.31
N ASN H 93 -41.28 -30.12 22.18
CA ASN H 93 -40.32 -31.22 22.18
C ASN H 93 -40.75 -32.39 21.28
N SER H 94 -41.62 -32.11 20.33
CA SER H 94 -42.17 -33.15 19.47
C SER H 94 -41.41 -33.34 18.16
N ALA H 95 -41.39 -34.59 17.68
CA ALA H 95 -40.75 -34.91 16.42
C ALA H 95 -41.72 -34.75 15.25
N SER H 96 -42.96 -34.39 15.54
CA SER H 96 -43.97 -34.26 14.50
C SER H 96 -44.70 -32.93 14.52
N SER H 97 -44.10 -31.92 15.15
CA SER H 97 -44.75 -30.61 15.25
C SER H 97 -43.88 -29.48 14.74
N GLU H 98 -44.54 -28.48 14.15
CA GLU H 98 -43.91 -27.22 13.78
C GLU H 98 -44.71 -26.14 14.51
N THR H 99 -44.05 -25.41 15.40
CA THR H 99 -44.76 -24.61 16.40
C THR H 99 -44.19 -23.21 16.66
N TRP H 100 -45.06 -22.22 16.59
CA TRP H 100 -44.78 -20.88 17.09
C TRP H 100 -45.47 -20.72 18.45
N ARG H 101 -44.72 -20.25 19.43
N ARG H 101 -44.72 -20.27 19.44
CA ARG H 101 -45.29 -19.98 20.75
CA ARG H 101 -45.30 -19.97 20.75
C ARG H 101 -44.95 -18.56 21.18
C ARG H 101 -44.96 -18.54 21.14
N PHE H 102 -45.97 -17.80 21.56
CA PHE H 102 -45.79 -16.39 21.91
C PHE H 102 -45.90 -16.12 23.40
N ASP H 103 -45.35 -14.98 23.80
CA ASP H 103 -45.22 -14.60 25.21
C ASP H 103 -46.56 -14.48 25.93
N ASP H 104 -47.64 -14.27 25.19
CA ASP H 104 -48.95 -14.12 25.79
C ASP H 104 -49.69 -15.46 25.87
N GLY H 105 -48.96 -16.54 25.60
CA GLY H 105 -49.53 -17.88 25.68
C GLY H 105 -50.14 -18.38 24.38
N ALA H 106 -50.17 -17.54 23.35
CA ALA H 106 -50.72 -17.96 22.07
C ALA H 106 -49.79 -18.92 21.34
N SER H 107 -50.37 -19.79 20.52
CA SER H 107 -49.57 -20.72 19.73
C SER H 107 -50.19 -21.02 18.36
N LEU H 108 -49.33 -21.18 17.36
CA LEU H 108 -49.73 -21.66 16.05
C LEU H 108 -48.89 -22.88 15.71
N SER H 109 -49.55 -24.03 15.50
N SER H 109 -49.54 -24.02 15.49
CA SER H 109 -48.80 -25.26 15.31
CA SER H 109 -48.77 -25.24 15.27
C SER H 109 -49.43 -26.25 14.33
C SER H 109 -49.43 -26.23 14.31
N TYR H 110 -48.61 -26.87 13.50
CA TYR H 110 -49.08 -28.02 12.72
C TYR H 110 -48.42 -29.29 13.23
N ASP H 111 -49.22 -30.33 13.42
CA ASP H 111 -48.73 -31.62 13.88
C ASP H 111 -49.07 -32.68 12.83
N TRP H 112 -48.04 -33.26 12.21
CA TRP H 112 -48.28 -34.19 11.10
C TRP H 112 -48.40 -35.65 11.53
N ALA H 113 -48.40 -35.89 12.83
CA ALA H 113 -48.76 -37.20 13.36
C ALA H 113 -50.24 -37.19 13.70
N ALA H 114 -50.67 -36.12 14.36
CA ALA H 114 -52.08 -35.97 14.67
C ALA H 114 -52.90 -35.45 13.48
N HIS H 115 -52.22 -34.88 12.48
CA HIS H 115 -52.89 -34.26 11.33
C HIS H 115 -53.78 -33.10 11.75
N ARG H 116 -53.20 -32.20 12.53
CA ARG H 116 -53.96 -31.12 13.14
C ARG H 116 -53.24 -29.78 13.01
N TYR H 117 -53.98 -28.78 12.53
CA TYR H 117 -53.49 -27.41 12.53
C TYR H 117 -54.24 -26.64 13.61
N ARG H 118 -53.49 -26.07 14.54
CA ARG H 118 -54.10 -25.43 15.69
C ARG H 118 -53.62 -23.99 15.87
N VAL H 119 -54.58 -23.08 15.84
CA VAL H 119 -54.35 -21.69 16.19
C VAL H 119 -55.06 -21.42 17.51
N GLU H 120 -54.28 -21.25 18.57
CA GLU H 120 -54.83 -21.10 19.92
C GLU H 120 -54.42 -19.80 20.59
N LEU H 121 -55.41 -18.98 20.92
CA LEU H 121 -55.20 -17.78 21.70
C LEU H 121 -56.02 -17.87 22.98
N PRO H 122 -55.36 -17.71 24.14
CA PRO H 122 -56.08 -17.67 25.41
C PRO H 122 -57.10 -16.53 25.41
N SER H 123 -56.73 -15.40 24.83
CA SER H 123 -57.61 -14.25 24.72
C SER H 123 -57.20 -13.41 23.52
N GLY H 124 -58.12 -12.61 22.98
CA GLY H 124 -57.80 -11.73 21.88
C GLY H 124 -58.68 -11.94 20.67
N THR H 125 -58.07 -11.89 19.48
N THR H 125 -58.08 -11.89 19.48
CA THR H 125 -58.81 -12.01 18.23
CA THR H 125 -58.85 -12.07 18.25
C THR H 125 -58.01 -12.69 17.12
C THR H 125 -58.04 -12.65 17.10
N VAL H 126 -58.70 -13.49 16.31
CA VAL H 126 -58.14 -14.00 15.08
C VAL H 126 -58.98 -13.37 13.97
N GLU H 127 -58.32 -12.71 13.03
CA GLU H 127 -59.02 -12.04 11.95
C GLU H 127 -58.54 -12.56 10.59
N VAL H 128 -59.49 -12.95 9.75
CA VAL H 128 -59.21 -13.32 8.38
C VAL H 128 -59.96 -12.38 7.47
N ARG H 129 -59.23 -11.52 6.76
CA ARG H 129 -59.84 -10.45 6.00
C ARG H 129 -59.46 -10.54 4.52
N VAL H 130 -60.46 -10.58 3.65
CA VAL H 130 -60.23 -10.55 2.21
C VAL H 130 -61.16 -9.52 1.61
N GLY H 131 -60.59 -8.47 1.01
CA GLY H 131 -61.38 -7.35 0.55
C GLY H 131 -62.20 -6.81 1.72
N ALA H 132 -63.51 -6.77 1.56
CA ALA H 132 -64.36 -6.32 2.65
C ALA H 132 -65.06 -7.50 3.35
N SER H 133 -64.63 -8.72 3.05
CA SER H 133 -65.15 -9.88 3.77
C SER H 133 -64.24 -10.25 4.94
N GLU H 134 -64.83 -10.80 5.98
CA GLU H 134 -64.09 -11.10 7.20
C GLU H 134 -64.68 -12.24 8.01
N VAL H 135 -63.81 -13.13 8.47
CA VAL H 135 -64.14 -14.07 9.52
C VAL H 135 -63.36 -13.66 10.76
N ARG H 136 -64.07 -13.47 11.87
N ARG H 136 -64.09 -13.48 11.87
CA ARG H 136 -63.44 -12.99 13.08
CA ARG H 136 -63.48 -13.01 13.09
C ARG H 136 -63.80 -13.87 14.29
C ARG H 136 -63.80 -13.95 14.24
N VAL H 137 -62.78 -14.34 14.99
CA VAL H 137 -62.99 -15.17 16.17
C VAL H 137 -62.44 -14.43 17.38
N SER H 138 -63.30 -14.22 18.37
N SER H 138 -63.30 -14.20 18.37
CA SER H 138 -62.89 -13.53 19.60
CA SER H 138 -62.89 -13.53 19.60
C SER H 138 -63.46 -14.26 20.80
C SER H 138 -63.27 -14.36 20.81
N ASP H 139 -63.12 -13.79 22.00
CA ASP H 139 -63.50 -14.46 23.23
C ASP H 139 -64.98 -14.80 23.29
N GLY H 140 -65.83 -13.84 22.91
CA GLY H 140 -67.26 -14.04 23.05
C GLY H 140 -68.03 -14.12 21.75
N ALA H 141 -67.34 -14.25 20.62
CA ALA H 141 -68.03 -14.22 19.34
C ALA H 141 -67.28 -14.88 18.18
N VAL H 142 -68.03 -15.55 17.33
CA VAL H 142 -67.58 -15.86 15.99
C VAL H 142 -68.45 -15.05 15.03
N SER H 143 -67.81 -14.28 14.15
N SER H 143 -67.80 -14.28 14.15
CA SER H 143 -68.56 -13.43 13.23
CA SER H 143 -68.53 -13.43 13.23
C SER H 143 -68.13 -13.63 11.79
C SER H 143 -68.12 -13.67 11.79
N LEU H 144 -69.10 -13.73 10.89
CA LEU H 144 -68.85 -13.79 9.47
C LEU H 144 -69.48 -12.56 8.84
N LYS H 145 -68.74 -11.90 7.96
CA LYS H 145 -69.26 -10.69 7.32
C LYS H 145 -68.81 -10.70 5.88
N ALA H 146 -69.77 -10.60 4.96
CA ALA H 146 -69.43 -10.66 3.55
C ALA H 146 -70.64 -10.20 2.73
N PRO H 147 -70.40 -9.84 1.45
CA PRO H 147 -71.52 -9.49 0.56
C PRO H 147 -72.46 -10.67 0.33
N LYS H 148 -71.96 -11.88 0.57
CA LYS H 148 -72.78 -13.07 0.51
C LYS H 148 -72.20 -14.12 1.46
N ILE H 149 -73.05 -14.71 2.29
CA ILE H 149 -72.60 -15.77 3.18
C ILE H 149 -73.30 -17.06 2.77
N SER H 150 -72.52 -18.07 2.40
CA SER H 150 -73.07 -19.30 1.86
C SER H 150 -72.77 -20.50 2.75
N LEU H 151 -73.81 -21.15 3.26
CA LEU H 151 -73.65 -22.36 4.05
C LEU H 151 -74.07 -23.56 3.20
N GLU H 152 -73.09 -24.33 2.73
CA GLU H 152 -73.35 -25.39 1.76
C GLU H 152 -73.33 -26.77 2.41
N GLY H 153 -74.51 -27.23 2.80
CA GLY H 153 -74.68 -28.49 3.51
C GLY H 153 -75.84 -28.39 4.48
N PRO H 154 -76.15 -29.50 5.18
CA PRO H 154 -77.17 -29.42 6.22
C PRO H 154 -76.66 -28.57 7.39
N VAL H 155 -77.52 -27.69 7.90
CA VAL H 155 -77.10 -26.81 8.96
C VAL H 155 -77.89 -27.12 10.22
N GLU H 156 -77.17 -27.38 11.29
CA GLU H 156 -77.79 -27.63 12.57
C GLU H 156 -77.45 -26.48 13.52
N ILE H 157 -78.47 -25.84 14.06
CA ILE H 157 -78.24 -24.80 15.05
C ILE H 157 -78.68 -25.28 16.44
N ALA H 158 -77.70 -25.43 17.33
CA ALA H 158 -77.98 -25.77 18.72
C ALA H 158 -78.09 -24.46 19.49
N GLY H 159 -79.29 -23.91 19.54
CA GLY H 159 -79.54 -22.60 20.09
C GLY H 159 -80.66 -21.91 19.33
N THR H 160 -80.89 -20.65 19.61
CA THR H 160 -81.94 -19.89 18.94
C THR H 160 -81.40 -19.21 17.68
N LEU H 161 -82.32 -18.87 16.77
CA LEU H 161 -81.96 -18.18 15.54
C LEU H 161 -82.75 -16.89 15.43
N THR H 162 -82.04 -15.78 15.26
N THR H 162 -82.04 -15.78 15.23
CA THR H 162 -82.66 -14.48 15.07
CA THR H 162 -82.67 -14.48 15.06
C THR H 162 -82.24 -13.93 13.72
C THR H 162 -82.24 -13.84 13.75
N VAL H 163 -83.21 -13.49 12.92
CA VAL H 163 -82.95 -12.96 11.60
C VAL H 163 -83.57 -11.57 11.48
N SER H 164 -82.74 -10.55 11.25
CA SER H 164 -83.27 -9.19 11.17
C SER H 164 -84.14 -9.00 9.93
N GLY H 165 -83.74 -9.60 8.81
CA GLY H 165 -84.52 -9.51 7.59
C GLY H 165 -85.57 -10.60 7.47
N ASP H 166 -85.88 -10.97 6.23
CA ASP H 166 -86.87 -12.00 5.95
C ASP H 166 -86.27 -13.40 6.06
N ILE H 167 -87.12 -14.40 6.19
CA ILE H 167 -86.71 -15.78 6.12
C ILE H 167 -87.48 -16.45 5.00
N LEU H 168 -86.75 -16.93 3.99
CA LEU H 168 -87.36 -17.51 2.81
C LEU H 168 -86.99 -18.99 2.69
N GLY H 169 -87.98 -19.87 2.80
CA GLY H 169 -87.71 -21.29 2.75
C GLY H 169 -88.25 -21.91 1.49
N GLY H 170 -87.45 -22.78 0.88
CA GLY H 170 -87.83 -23.41 -0.38
C GLY H 170 -88.66 -24.66 -0.23
N GLY H 171 -88.93 -25.07 1.01
CA GLY H 171 -89.76 -26.23 1.27
C GLY H 171 -90.76 -25.97 2.38
N SER H 172 -90.77 -26.84 3.38
CA SER H 172 -91.65 -26.66 4.54
C SER H 172 -90.97 -25.87 5.65
N ILE H 173 -91.77 -25.15 6.42
CA ILE H 173 -91.28 -24.51 7.64
C ILE H 173 -92.14 -25.00 8.80
N ILE H 174 -91.53 -25.81 9.66
CA ILE H 174 -92.28 -26.54 10.68
C ILE H 174 -91.74 -26.28 12.07
N ASP H 175 -92.61 -25.84 12.98
CA ASP H 175 -92.20 -25.58 14.35
C ASP H 175 -92.49 -26.76 15.27
N THR H 176 -92.37 -26.53 16.56
CA THR H 176 -92.76 -27.52 17.56
C THR H 176 -93.90 -26.95 18.40
N ALA H 177 -93.54 -26.02 19.30
CA ALA H 177 -94.52 -25.29 20.11
C ALA H 177 -95.51 -26.20 20.86
N TYR I 3 4.67 -24.36 12.39
CA TYR I 3 3.74 -25.13 13.21
C TYR I 3 2.39 -24.45 13.34
N VAL I 4 2.43 -23.12 13.43
CA VAL I 4 1.21 -22.33 13.63
C VAL I 4 0.29 -22.41 12.40
N SER I 5 0.89 -22.62 11.23
CA SER I 5 0.13 -22.76 9.99
C SER I 5 -0.73 -24.01 10.01
N ALA I 6 -0.26 -25.03 10.72
CA ALA I 6 -1.00 -26.29 10.85
C ALA I 6 -2.22 -26.10 11.74
N GLU I 7 -2.03 -25.40 12.86
CA GLU I 7 -3.13 -25.10 13.77
C GLU I 7 -4.17 -24.24 13.08
N HIS I 8 -3.69 -23.19 12.41
CA HIS I 8 -4.54 -22.30 11.62
C HIS I 8 -5.27 -23.07 10.53
N ASP I 9 -4.63 -24.11 10.01
CA ASP I 9 -5.24 -24.94 8.98
C ASP I 9 -6.38 -25.77 9.55
N ARG I 10 -6.13 -26.38 10.71
CA ARG I 10 -7.15 -27.15 11.41
C ARG I 10 -8.36 -26.29 11.74
N MET I 11 -8.10 -25.13 12.33
CA MET I 11 -9.18 -24.19 12.67
C MET I 11 -9.94 -23.78 11.41
N LEU I 12 -9.18 -23.40 10.39
CA LEU I 12 -9.71 -23.01 9.09
C LEU I 12 -10.71 -24.04 8.59
N ALA I 13 -10.30 -25.31 8.58
CA ALA I 13 -11.17 -26.37 8.09
C ALA I 13 -12.37 -26.62 9.00
N ALA I 14 -12.16 -26.51 10.31
CA ALA I 14 -13.20 -26.86 11.27
C ALA I 14 -14.24 -25.76 11.53
N MET I 15 -13.98 -24.54 11.06
CA MET I 15 -14.89 -23.44 11.32
C MET I 15 -16.24 -23.53 10.61
N ILE I 16 -16.23 -23.95 9.35
CA ILE I 16 -17.45 -24.09 8.56
C ILE I 16 -17.50 -25.48 7.95
N LEU I 17 -18.49 -26.27 8.33
CA LEU I 17 -18.51 -27.67 7.89
C LEU I 17 -19.83 -28.09 7.26
N PRO I 18 -19.76 -28.70 6.06
CA PRO I 18 -20.98 -29.24 5.45
C PRO I 18 -21.34 -30.52 6.19
N CYS I 19 -22.57 -30.64 6.67
CA CYS I 19 -22.92 -31.79 7.49
C CYS I 19 -24.36 -32.25 7.36
N VAL I 20 -24.63 -33.43 7.93
CA VAL I 20 -25.94 -34.04 7.85
C VAL I 20 -26.36 -34.54 9.23
N VAL I 21 -27.65 -34.40 9.55
CA VAL I 21 -28.14 -34.82 10.85
C VAL I 21 -28.18 -36.34 10.97
N VAL I 22 -27.60 -36.87 12.05
CA VAL I 22 -27.57 -38.32 12.27
C VAL I 22 -28.26 -38.75 13.56
N ALA I 23 -28.49 -37.79 14.46
CA ALA I 23 -29.20 -38.08 15.70
C ALA I 23 -29.89 -36.83 16.27
N VAL I 24 -31.06 -37.02 16.87
CA VAL I 24 -31.83 -35.92 17.43
C VAL I 24 -32.21 -36.18 18.88
N ASP I 25 -31.94 -35.20 19.74
CA ASP I 25 -32.37 -35.27 21.14
C ASP I 25 -33.47 -34.25 21.39
N LEU I 26 -34.71 -34.67 21.21
CA LEU I 26 -35.88 -33.80 21.30
C LEU I 26 -35.99 -33.08 22.65
N ALA I 27 -35.82 -33.84 23.73
CA ALA I 27 -35.93 -33.30 25.08
C ALA I 27 -34.90 -32.21 25.35
N ALA I 28 -33.66 -32.47 24.95
CA ALA I 28 -32.58 -31.51 25.16
C ALA I 28 -32.49 -30.48 24.04
N ALA I 29 -33.27 -30.69 22.98
CA ALA I 29 -33.24 -29.84 21.78
C ALA I 29 -31.83 -29.73 21.21
N ARG I 30 -31.22 -30.88 20.91
N ARG I 30 -31.22 -30.89 20.92
CA ARG I 30 -29.89 -30.92 20.33
CA ARG I 30 -29.88 -30.94 20.36
C ARG I 30 -29.80 -31.96 19.23
C ARG I 30 -29.82 -31.93 19.21
N VAL I 31 -28.77 -31.83 18.39
CA VAL I 31 -28.57 -32.77 17.30
C VAL I 31 -27.13 -33.25 17.25
N ARG I 32 -26.91 -34.39 16.62
CA ARG I 32 -25.57 -34.84 16.30
C ARG I 32 -25.47 -34.81 14.78
N VAL I 33 -24.38 -34.25 14.27
CA VAL I 33 -24.20 -34.14 12.84
C VAL I 33 -22.94 -34.87 12.40
N ARG I 34 -22.94 -35.32 11.15
CA ARG I 34 -21.77 -35.95 10.58
C ARG I 34 -21.28 -35.16 9.39
N SER I 35 -19.97 -34.92 9.35
CA SER I 35 -19.32 -34.31 8.22
C SER I 35 -18.22 -35.26 7.75
N GLY I 36 -18.56 -36.13 6.80
CA GLY I 36 -17.62 -37.11 6.29
C GLY I 36 -17.39 -38.26 7.26
N ASP I 37 -16.19 -38.32 7.82
CA ASP I 37 -15.81 -39.38 8.75
C ASP I 37 -16.13 -39.01 10.19
N TRP I 38 -16.28 -37.72 10.45
CA TRP I 38 -16.42 -37.23 11.82
C TRP I 38 -17.87 -37.01 12.25
N THR I 39 -18.19 -37.44 13.46
CA THR I 39 -19.52 -37.24 14.04
C THR I 39 -19.43 -36.38 15.31
N SER I 40 -20.24 -35.34 15.37
CA SER I 40 -20.21 -34.37 16.46
C SER I 40 -20.76 -34.92 17.77
N GLY I 41 -20.71 -34.09 18.80
CA GLY I 41 -21.46 -34.33 20.02
C GLY I 41 -22.80 -33.64 19.90
N TRP I 42 -23.54 -33.56 21.00
CA TRP I 42 -24.86 -32.94 20.99
C TRP I 42 -24.78 -31.42 20.89
N LEU I 43 -25.15 -30.90 19.73
CA LEU I 43 -25.02 -29.47 19.44
C LEU I 43 -26.39 -28.81 19.24
N ARG I 44 -26.44 -27.50 19.44
CA ARG I 44 -27.66 -26.73 19.20
C ARG I 44 -27.84 -26.44 17.73
N TRP I 45 -29.08 -26.26 17.31
CA TRP I 45 -29.36 -25.72 15.98
C TRP I 45 -29.98 -24.35 16.12
N HIS I 46 -29.90 -23.55 15.05
CA HIS I 46 -30.54 -22.25 15.04
C HIS I 46 -32.01 -22.40 14.66
N SER I 47 -32.88 -22.07 15.61
CA SER I 47 -34.32 -22.09 15.33
C SER I 47 -34.69 -20.80 14.63
N LEU I 48 -35.96 -20.68 14.25
CA LEU I 48 -36.47 -19.47 13.61
C LEU I 48 -36.60 -18.30 14.58
N ALA I 49 -36.67 -18.61 15.88
CA ALA I 49 -36.88 -17.59 16.91
C ALA I 49 -36.62 -18.13 18.32
N ALA I 50 -35.82 -17.42 19.09
CA ALA I 50 -35.57 -17.78 20.48
C ALA I 50 -35.59 -16.54 21.38
N GLY I 51 -36.68 -15.78 21.31
CA GLY I 51 -36.86 -14.62 22.16
C GLY I 51 -38.23 -14.66 22.80
N LYS I 52 -38.89 -13.50 22.88
CA LYS I 52 -40.27 -13.46 23.36
C LYS I 52 -41.14 -14.38 22.50
N VAL I 53 -40.85 -14.42 21.20
CA VAL I 53 -41.39 -15.43 20.33
C VAL I 53 -40.40 -16.56 20.24
N ARG I 54 -40.88 -17.79 20.33
CA ARG I 54 -40.04 -18.95 20.08
C ARG I 54 -40.69 -19.84 19.02
N HIS I 55 -39.87 -20.41 18.16
CA HIS I 55 -40.35 -21.35 17.17
C HIS I 55 -39.70 -22.72 17.38
N TRP I 56 -40.44 -23.77 17.07
CA TRP I 56 -39.91 -25.13 17.17
C TRP I 56 -40.14 -25.95 15.91
N ARG I 57 -39.08 -26.58 15.43
CA ARG I 57 -39.14 -27.49 14.31
C ARG I 57 -37.83 -28.27 14.31
N ALA I 58 -37.86 -29.47 14.88
CA ALA I 58 -36.64 -30.26 15.00
C ALA I 58 -36.17 -30.72 13.63
N PRO I 59 -34.86 -30.58 13.37
CA PRO I 59 -34.26 -31.13 12.15
C PRO I 59 -34.51 -32.62 12.05
N SER I 60 -34.65 -33.13 10.84
CA SER I 60 -34.89 -34.55 10.64
C SER I 60 -33.57 -35.29 10.41
N ILE I 61 -33.54 -36.57 10.72
CA ILE I 61 -32.38 -37.39 10.40
C ILE I 61 -32.20 -37.34 8.90
N GLY I 62 -30.98 -37.09 8.45
CA GLY I 62 -30.70 -36.97 7.02
C GLY I 62 -30.80 -35.55 6.49
N GLU I 63 -31.31 -34.62 7.31
CA GLU I 63 -31.36 -33.22 6.89
C GLU I 63 -29.97 -32.61 6.78
N GLN I 64 -29.72 -31.91 5.68
CA GLN I 64 -28.41 -31.32 5.43
C GLN I 64 -28.33 -29.87 5.87
N GLY I 65 -27.13 -29.45 6.27
CA GLY I 65 -26.91 -28.10 6.70
C GLY I 65 -25.45 -27.77 6.91
N VAL I 66 -25.20 -26.69 7.63
CA VAL I 66 -23.84 -26.21 7.87
C VAL I 66 -23.58 -26.02 9.36
N LEU I 67 -22.46 -26.55 9.83
CA LEU I 67 -22.04 -26.35 11.21
C LEU I 67 -21.06 -25.18 11.28
N LEU I 68 -21.37 -24.22 12.15
CA LEU I 68 -20.50 -23.09 12.41
C LEU I 68 -19.83 -23.23 13.76
N SER I 69 -18.50 -23.25 13.77
CA SER I 69 -17.75 -23.42 15.01
C SER I 69 -16.68 -22.33 15.18
N PRO I 70 -16.91 -21.41 16.12
CA PRO I 70 -15.97 -20.34 16.46
C PRO I 70 -14.57 -20.87 16.75
N SER I 71 -13.57 -20.29 16.08
CA SER I 71 -12.16 -20.66 16.24
C SER I 71 -11.87 -22.14 16.02
N GLY I 72 -12.81 -22.84 15.36
CA GLY I 72 -12.68 -24.27 15.14
C GLY I 72 -13.18 -25.08 16.31
N GLY I 73 -13.67 -24.42 17.35
CA GLY I 73 -14.18 -25.06 18.53
C GLY I 73 -15.42 -25.89 18.25
N VAL I 74 -15.21 -27.05 17.65
CA VAL I 74 -16.29 -27.86 17.09
C VAL I 74 -17.25 -28.43 18.14
N SER I 75 -16.81 -28.44 19.39
CA SER I 75 -17.65 -28.94 20.49
C SER I 75 -18.71 -27.91 20.87
N MET I 76 -18.55 -26.70 20.37
N MET I 76 -18.56 -26.70 20.37
CA MET I 76 -19.52 -25.63 20.63
CA MET I 76 -19.53 -25.63 20.63
C MET I 76 -20.12 -25.12 19.32
C MET I 76 -20.14 -25.13 19.32
N GLY I 77 -20.07 -25.95 18.28
CA GLY I 77 -20.62 -25.59 16.98
C GLY I 77 -22.14 -25.55 16.95
N THR I 78 -22.69 -24.66 16.12
CA THR I 78 -24.14 -24.55 15.97
C THR I 78 -24.58 -24.87 14.55
N PHE I 79 -25.72 -25.53 14.44
CA PHE I 79 -26.16 -26.12 13.19
C PHE I 79 -27.22 -25.27 12.49
N ILE I 80 -27.01 -24.98 11.21
CA ILE I 80 -28.00 -24.30 10.39
C ILE I 80 -28.52 -25.26 9.34
N PRO I 81 -29.78 -25.71 9.51
CA PRO I 81 -30.38 -26.73 8.64
C PRO I 81 -30.95 -26.13 7.36
N GLY I 82 -31.90 -26.82 6.74
CA GLY I 82 -32.63 -26.28 5.60
C GLY I 82 -32.03 -26.44 4.22
N LEU I 83 -30.97 -27.24 4.08
CA LEU I 83 -30.40 -27.51 2.76
C LEU I 83 -31.13 -28.68 2.11
N TYR I 84 -31.76 -28.41 0.96
CA TYR I 84 -32.55 -29.41 0.24
C TYR I 84 -31.72 -30.63 -0.15
N GLY I 85 -32.28 -31.82 0.09
CA GLY I 85 -31.60 -33.07 -0.20
C GLY I 85 -32.56 -34.25 -0.12
N ASP I 86 -32.02 -35.47 -0.16
CA ASP I 86 -32.82 -36.69 -0.19
C ASP I 86 -33.83 -36.82 0.95
N ALA I 87 -33.46 -36.31 2.13
CA ALA I 87 -34.37 -36.37 3.28
C ALA I 87 -35.37 -35.19 3.32
N GLY I 88 -35.31 -34.33 2.31
CA GLY I 88 -36.21 -33.19 2.26
C GLY I 88 -35.94 -32.33 1.04
N THR I 89 -36.67 -32.61 -0.03
CA THR I 89 -36.47 -31.91 -1.30
C THR I 89 -37.20 -30.58 -1.33
N ALA I 90 -36.86 -29.74 -2.31
CA ALA I 90 -37.61 -28.51 -2.53
C ALA I 90 -39.08 -28.86 -2.74
N PRO I 91 -39.97 -28.32 -1.90
CA PRO I 91 -41.39 -28.68 -2.00
C PRO I 91 -42.20 -27.82 -2.96
N ASP I 92 -41.55 -26.93 -3.70
CA ASP I 92 -42.24 -26.07 -4.66
C ASP I 92 -41.21 -25.52 -5.63
N ASN I 93 -41.66 -24.82 -6.67
CA ASN I 93 -40.72 -24.25 -7.64
C ASN I 93 -41.17 -22.88 -8.15
N SER I 94 -42.13 -22.28 -7.48
CA SER I 94 -42.74 -21.05 -7.94
C SER I 94 -42.02 -19.80 -7.46
N ALA I 95 -41.97 -18.78 -8.33
CA ALA I 95 -41.38 -17.51 -7.99
C ALA I 95 -42.29 -16.68 -7.11
N SER I 96 -43.55 -17.09 -6.98
CA SER I 96 -44.51 -16.29 -6.25
C SER I 96 -45.19 -17.01 -5.08
N SER I 97 -44.51 -17.97 -4.47
CA SER I 97 -45.10 -18.70 -3.35
C SER I 97 -44.19 -18.82 -2.14
N GLU I 98 -44.82 -18.90 -0.97
CA GLU I 98 -44.15 -19.19 0.28
C GLU I 98 -44.94 -20.37 0.87
N THR I 99 -44.28 -21.52 1.03
CA THR I 99 -45.01 -22.76 1.25
C THR I 99 -44.38 -23.68 2.29
N TRP I 100 -45.20 -24.15 3.23
CA TRP I 100 -44.83 -25.27 4.10
C TRP I 100 -45.50 -26.54 3.57
N ARG I 101 -44.74 -27.61 3.43
CA ARG I 101 -45.31 -28.90 3.05
CA ARG I 101 -45.31 -28.91 3.05
C ARG I 101 -44.93 -29.98 4.07
N PHE I 102 -45.91 -30.72 4.54
CA PHE I 102 -45.67 -31.74 5.57
C PHE I 102 -45.77 -33.17 5.05
N ASP I 103 -45.15 -34.09 5.80
CA ASP I 103 -45.03 -35.48 5.38
C ASP I 103 -46.38 -36.18 5.24
N ASP I 104 -47.42 -35.65 5.87
CA ASP I 104 -48.74 -36.25 5.77
C ASP I 104 -49.57 -35.68 4.60
N GLY I 105 -48.92 -34.90 3.74
CA GLY I 105 -49.58 -34.32 2.57
C GLY I 105 -50.20 -32.94 2.80
N ALA I 106 -50.14 -32.46 4.03
CA ALA I 106 -50.70 -31.15 4.35
C ALA I 106 -49.79 -30.02 3.86
N SER I 107 -50.38 -28.87 3.58
CA SER I 107 -49.59 -27.70 3.19
C SER I 107 -50.23 -26.39 3.60
N LEU I 108 -49.38 -25.42 3.93
N LEU I 108 -49.38 -25.44 3.94
CA LEU I 108 -49.82 -24.07 4.24
CA LEU I 108 -49.80 -24.06 4.14
C LEU I 108 -49.04 -23.11 3.37
C LEU I 108 -48.97 -23.18 3.20
N SER I 109 -49.72 -22.41 2.47
N SER I 109 -49.63 -22.33 2.45
CA SER I 109 -48.99 -21.59 1.50
CA SER I 109 -48.96 -21.64 1.34
C SER I 109 -49.66 -20.28 1.15
C SER I 109 -49.64 -20.32 0.99
N TYR I 110 -48.85 -19.27 0.89
CA TYR I 110 -49.35 -18.02 0.30
C TYR I 110 -48.75 -17.83 -1.09
N ASP I 111 -49.60 -17.52 -2.05
CA ASP I 111 -49.16 -17.25 -3.42
C ASP I 111 -49.57 -15.83 -3.79
N TRP I 112 -48.58 -14.97 -4.02
CA TRP I 112 -48.86 -13.56 -4.24
C TRP I 112 -49.03 -13.18 -5.71
N ALA I 113 -48.98 -14.15 -6.61
CA ALA I 113 -49.40 -13.95 -7.98
C ALA I 113 -50.88 -14.29 -8.09
N ALA I 114 -51.27 -15.40 -7.48
CA ALA I 114 -52.66 -15.81 -7.46
C ALA I 114 -53.46 -15.11 -6.36
N HIS I 115 -52.75 -14.49 -5.41
CA HIS I 115 -53.40 -13.84 -4.26
C HIS I 115 -54.25 -14.83 -3.48
N ARG I 116 -53.61 -15.90 -3.01
CA ARG I 116 -54.35 -16.97 -2.35
C ARG I 116 -53.58 -17.53 -1.16
N TYR I 117 -54.26 -17.62 -0.03
CA TYR I 117 -53.71 -18.28 1.13
C TYR I 117 -54.45 -19.60 1.30
N ARG I 118 -53.71 -20.69 1.29
CA ARG I 118 -54.32 -22.01 1.35
C ARG I 118 -53.75 -22.88 2.46
N VAL I 119 -54.64 -23.28 3.37
CA VAL I 119 -54.37 -24.27 4.38
C VAL I 119 -55.09 -25.54 3.93
N GLU I 120 -54.32 -26.55 3.57
N GLU I 120 -54.32 -26.55 3.57
CA GLU I 120 -54.87 -27.77 2.96
CA GLU I 120 -54.88 -27.77 2.96
C GLU I 120 -54.44 -29.01 3.74
C GLU I 120 -54.45 -29.01 3.72
N LEU I 121 -55.42 -29.76 4.23
CA LEU I 121 -55.16 -31.02 4.92
C LEU I 121 -55.95 -32.13 4.24
N PRO I 122 -55.26 -33.18 3.76
CA PRO I 122 -56.00 -34.28 3.12
C PRO I 122 -57.02 -34.87 4.09
N SER I 123 -56.68 -34.88 5.38
CA SER I 123 -57.54 -35.42 6.41
C SER I 123 -57.08 -34.87 7.76
N GLY I 124 -57.98 -34.85 8.75
CA GLY I 124 -57.64 -34.36 10.08
C GLY I 124 -58.50 -33.19 10.53
N THR I 125 -57.89 -32.22 11.20
CA THR I 125 -58.63 -31.10 11.75
C THR I 125 -57.85 -29.80 11.70
N VAL I 126 -58.57 -28.71 11.45
CA VAL I 126 -58.08 -27.36 11.67
C VAL I 126 -58.89 -26.75 12.82
N GLU I 127 -58.21 -26.25 13.84
CA GLU I 127 -58.87 -25.61 14.97
C GLU I 127 -58.38 -24.18 15.17
N VAL I 128 -59.33 -23.25 15.19
CA VAL I 128 -59.03 -21.86 15.56
C VAL I 128 -59.78 -21.57 16.84
N ARG I 129 -59.05 -21.43 17.93
CA ARG I 129 -59.64 -21.27 19.24
C ARG I 129 -59.18 -19.97 19.89
N VAL I 130 -60.15 -19.18 20.33
CA VAL I 130 -59.87 -17.95 21.06
C VAL I 130 -60.80 -17.93 22.27
N GLY I 131 -60.23 -18.07 23.47
CA GLY I 131 -61.03 -18.12 24.67
C GLY I 131 -62.09 -19.21 24.62
N ALA I 132 -63.36 -18.82 24.73
CA ALA I 132 -64.46 -19.77 24.77
C ALA I 132 -65.05 -20.04 23.39
N SER I 133 -64.47 -19.44 22.36
CA SER I 133 -64.98 -19.59 21.00
C SER I 133 -64.06 -20.42 20.13
N GLU I 134 -64.63 -21.06 19.11
CA GLU I 134 -63.87 -21.96 18.26
C GLU I 134 -64.51 -22.16 16.89
N VAL I 135 -63.66 -22.16 15.87
CA VAL I 135 -64.03 -22.64 14.55
C VAL I 135 -63.25 -23.92 14.31
N ARG I 136 -63.96 -24.97 13.91
CA ARG I 136 -63.33 -26.27 13.69
C ARG I 136 -63.70 -26.81 12.31
N VAL I 137 -62.68 -27.17 11.54
CA VAL I 137 -62.92 -27.77 10.23
C VAL I 137 -62.37 -29.19 10.24
N SER I 138 -63.20 -30.16 9.88
CA SER I 138 -62.76 -31.55 9.85
C SER I 138 -63.36 -32.24 8.63
N ASP I 139 -62.99 -33.51 8.44
CA ASP I 139 -63.40 -34.27 7.27
C ASP I 139 -64.89 -34.19 7.02
N GLY I 140 -65.67 -34.38 8.08
CA GLY I 140 -67.11 -34.46 7.93
C GLY I 140 -67.90 -33.29 8.49
N ALA I 141 -67.23 -32.20 8.83
CA ALA I 141 -67.91 -31.14 9.56
C ALA I 141 -67.20 -29.79 9.57
N VAL I 142 -67.99 -28.72 9.54
CA VAL I 142 -67.52 -27.39 9.91
C VAL I 142 -68.37 -26.95 11.09
N SER I 143 -67.71 -26.52 12.16
CA SER I 143 -68.39 -26.22 13.41
C SER I 143 -68.00 -24.85 13.93
N LEU I 144 -68.99 -24.07 14.31
CA LEU I 144 -68.74 -22.79 14.98
C LEU I 144 -69.34 -22.88 16.37
N LYS I 145 -68.58 -22.46 17.37
CA LYS I 145 -69.05 -22.52 18.74
C LYS I 145 -68.65 -21.25 19.48
N ALA I 146 -69.62 -20.54 20.02
CA ALA I 146 -69.33 -19.27 20.69
C ALA I 146 -70.56 -18.82 21.46
N PRO I 147 -70.37 -17.92 22.44
CA PRO I 147 -71.49 -17.31 23.15
C PRO I 147 -72.35 -16.45 22.22
N LYS I 148 -71.78 -16.07 21.09
CA LYS I 148 -72.54 -15.37 20.07
C LYS I 148 -72.00 -15.75 18.69
N ILE I 149 -72.91 -16.14 17.79
CA ILE I 149 -72.53 -16.38 16.41
C ILE I 149 -73.26 -15.38 15.52
N SER I 150 -72.47 -14.56 14.83
CA SER I 150 -73.01 -13.44 14.07
C SER I 150 -72.74 -13.57 12.58
N LEU I 151 -73.82 -13.57 11.80
CA LEU I 151 -73.68 -13.61 10.34
C LEU I 151 -74.14 -12.28 9.80
N GLU I 152 -73.21 -11.49 9.28
CA GLU I 152 -73.53 -10.16 8.81
C GLU I 152 -73.51 -10.11 7.28
N GLY I 153 -74.70 -10.19 6.68
CA GLY I 153 -74.85 -10.19 5.23
C GLY I 153 -75.97 -11.16 4.82
N PRO I 154 -76.29 -11.20 3.52
CA PRO I 154 -77.28 -12.17 3.02
C PRO I 154 -76.78 -13.58 3.30
N VAL I 155 -77.62 -14.43 3.89
CA VAL I 155 -77.23 -15.80 4.16
C VAL I 155 -78.02 -16.79 3.29
N GLU I 156 -77.31 -17.61 2.53
CA GLU I 156 -77.96 -18.66 1.76
C GLU I 156 -77.55 -20.04 2.30
N ILE I 157 -78.54 -20.88 2.58
CA ILE I 157 -78.28 -22.24 3.01
C ILE I 157 -78.69 -23.21 1.92
N ALA I 158 -77.71 -23.91 1.36
CA ALA I 158 -78.01 -24.94 0.38
C ALA I 158 -78.14 -26.25 1.12
N GLY I 159 -79.36 -26.54 1.57
CA GLY I 159 -79.64 -27.72 2.37
C GLY I 159 -80.80 -27.45 3.32
N THR I 160 -80.98 -28.35 4.27
CA THR I 160 -82.05 -28.21 5.25
C THR I 160 -81.52 -27.58 6.54
N LEU I 161 -82.30 -26.71 7.14
CA LEU I 161 -81.93 -26.03 8.38
C LEU I 161 -82.71 -26.59 9.58
N THR I 162 -82.00 -27.02 10.60
CA THR I 162 -82.62 -27.52 11.82
C THR I 162 -82.18 -26.66 13.00
N VAL I 163 -83.15 -26.10 13.71
CA VAL I 163 -82.87 -25.19 14.83
C VAL I 163 -83.51 -25.76 16.09
N SER I 164 -82.71 -25.93 17.15
CA SER I 164 -83.23 -26.49 18.40
C SER I 164 -84.08 -25.48 19.17
N GLY I 165 -83.65 -24.21 19.19
CA GLY I 165 -84.37 -23.17 19.90
C GLY I 165 -85.42 -22.47 19.04
N ASP I 166 -85.80 -21.26 19.47
CA ASP I 166 -86.78 -20.45 18.74
C ASP I 166 -86.18 -19.90 17.45
N ILE I 167 -87.06 -19.64 16.47
CA ILE I 167 -86.67 -18.90 15.28
C ILE I 167 -87.48 -17.61 15.27
N LEU I 168 -86.78 -16.48 15.36
CA LEU I 168 -87.44 -15.17 15.44
C LEU I 168 -87.01 -14.31 14.27
N GLY I 169 -87.96 -13.97 13.41
CA GLY I 169 -87.67 -13.18 12.23
C GLY I 169 -88.18 -11.76 12.34
N GLY I 170 -87.35 -10.80 11.94
CA GLY I 170 -87.72 -9.40 11.99
C GLY I 170 -88.54 -8.98 10.79
N GLY I 171 -88.82 -9.91 9.89
CA GLY I 171 -89.62 -9.60 8.72
C GLY I 171 -90.70 -10.63 8.45
N SER I 172 -90.75 -11.09 7.21
CA SER I 172 -91.67 -12.14 6.81
C SER I 172 -90.96 -13.50 6.85
N ILE I 173 -91.72 -14.54 7.16
CA ILE I 173 -91.24 -15.91 7.13
C ILE I 173 -92.14 -16.67 6.16
N ILE I 174 -91.57 -17.09 5.03
CA ILE I 174 -92.34 -17.57 3.90
C ILE I 174 -91.78 -18.90 3.40
N ASP I 175 -92.64 -19.91 3.33
CA ASP I 175 -92.24 -21.22 2.83
C ASP I 175 -92.74 -21.39 1.41
N THR I 176 -92.55 -22.59 0.87
CA THR I 176 -93.02 -22.87 -0.48
C THR I 176 -94.24 -23.79 -0.41
N ALA I 177 -94.08 -24.92 0.28
CA ALA I 177 -95.20 -25.84 0.51
C ALA I 177 -94.94 -26.69 1.75
N SER J 2 2.07 -31.53 -25.80
CA SER J 2 1.07 -32.51 -25.38
C SER J 2 -0.26 -31.85 -25.03
N TYR J 3 -0.44 -30.61 -25.49
CA TYR J 3 -1.67 -29.88 -25.27
C TYR J 3 -2.80 -30.43 -26.14
N VAL J 4 -2.47 -30.79 -27.37
CA VAL J 4 -3.44 -31.35 -28.31
C VAL J 4 -4.00 -32.68 -27.81
N SER J 5 -3.13 -33.52 -27.25
CA SER J 5 -3.55 -34.82 -26.73
C SER J 5 -4.34 -34.67 -25.43
N ALA J 6 -4.00 -33.66 -24.65
CA ALA J 6 -4.73 -33.36 -23.42
C ALA J 6 -6.15 -32.94 -23.77
N GLU J 7 -6.26 -32.04 -24.75
CA GLU J 7 -7.56 -31.60 -25.24
C GLU J 7 -8.32 -32.79 -25.81
N HIS J 8 -7.59 -33.69 -26.46
CA HIS J 8 -8.18 -34.89 -27.03
C HIS J 8 -8.79 -35.81 -25.98
N ASP J 9 -8.07 -36.07 -24.89
CA ASP J 9 -8.62 -36.93 -23.85
C ASP J 9 -9.74 -36.23 -23.07
N ARG J 10 -9.65 -34.91 -22.96
CA ARG J 10 -10.76 -34.13 -22.41
C ARG J 10 -12.04 -34.34 -23.22
N MET J 11 -11.95 -34.05 -24.52
CA MET J 11 -13.09 -34.19 -25.43
C MET J 11 -13.64 -35.61 -25.41
N LEU J 12 -12.73 -36.56 -25.54
CA LEU J 12 -13.06 -37.98 -25.56
C LEU J 12 -13.81 -38.37 -24.28
N ALA J 13 -13.35 -37.85 -23.15
CA ALA J 13 -14.02 -38.12 -21.88
C ALA J 13 -15.41 -37.51 -21.84
N ALA J 14 -15.54 -36.30 -22.37
CA ALA J 14 -16.80 -35.57 -22.29
C ALA J 14 -17.87 -35.99 -23.31
N MET J 15 -17.47 -36.74 -24.33
CA MET J 15 -18.41 -37.12 -25.40
C MET J 15 -19.56 -38.00 -24.94
N ILE J 16 -19.27 -38.97 -24.07
CA ILE J 16 -20.27 -39.89 -23.57
C ILE J 16 -20.15 -39.96 -22.06
N LEU J 17 -21.18 -39.51 -21.35
CA LEU J 17 -21.11 -39.45 -19.90
C LEU J 17 -22.25 -40.20 -19.21
N PRO J 18 -21.93 -41.02 -18.21
CA PRO J 18 -22.99 -41.62 -17.40
C PRO J 18 -23.56 -40.54 -16.48
N CYS J 19 -24.88 -40.40 -16.41
CA CYS J 19 -25.39 -39.29 -15.60
C CYS J 19 -26.75 -39.53 -14.97
N VAL J 20 -27.12 -38.64 -14.04
CA VAL J 20 -28.41 -38.76 -13.35
C VAL J 20 -29.16 -37.43 -13.36
N VAL J 21 -30.47 -37.47 -13.56
CA VAL J 21 -31.28 -36.25 -13.58
C VAL J 21 -31.32 -35.57 -12.20
N VAL J 22 -30.97 -34.30 -12.13
CA VAL J 22 -31.03 -33.57 -10.86
C VAL J 22 -32.06 -32.44 -10.85
N ALA J 23 -32.47 -32.00 -12.04
CA ALA J 23 -33.49 -30.95 -12.16
C ALA J 23 -34.25 -31.08 -13.47
N VAL J 24 -35.52 -30.69 -13.46
CA VAL J 24 -36.36 -30.75 -14.64
C VAL J 24 -37.08 -29.43 -14.87
N ASP J 25 -37.03 -28.92 -16.09
CA ASP J 25 -37.83 -27.77 -16.49
C ASP J 25 -38.94 -28.22 -17.42
N LEU J 26 -40.14 -28.39 -16.87
CA LEU J 26 -41.29 -28.90 -17.59
C LEU J 26 -41.71 -28.00 -18.76
N ALA J 27 -41.72 -26.70 -18.53
CA ALA J 27 -42.14 -25.72 -19.53
C ALA J 27 -41.17 -25.61 -20.71
N ALA J 28 -39.88 -25.75 -20.42
CA ALA J 28 -38.85 -25.67 -21.46
C ALA J 28 -38.51 -27.04 -21.99
N ALA J 29 -39.02 -28.09 -21.35
CA ALA J 29 -38.69 -29.47 -21.71
C ALA J 29 -37.17 -29.70 -21.72
N ARG J 30 -36.52 -29.38 -20.61
CA ARG J 30 -35.08 -29.57 -20.47
C ARG J 30 -34.78 -30.21 -19.13
N VAL J 31 -33.62 -30.87 -19.03
CA VAL J 31 -33.16 -31.39 -17.74
C VAL J 31 -31.75 -30.89 -17.44
N ARG J 32 -31.41 -30.88 -16.17
CA ARG J 32 -30.02 -30.76 -15.77
C ARG J 32 -29.61 -32.14 -15.28
N VAL J 33 -28.44 -32.60 -15.70
CA VAL J 33 -27.94 -33.89 -15.28
C VAL J 33 -26.62 -33.72 -14.56
N ARG J 34 -26.34 -34.66 -13.65
CA ARG J 34 -25.09 -34.66 -12.91
C ARG J 34 -24.25 -35.87 -13.29
N SER J 35 -22.96 -35.62 -13.48
CA SER J 35 -21.97 -36.67 -13.72
C SER J 35 -20.75 -36.37 -12.85
N GLY J 36 -20.52 -37.20 -11.84
CA GLY J 36 -19.49 -36.93 -10.86
C GLY J 36 -19.93 -35.75 -10.01
N ASP J 37 -19.10 -34.70 -9.97
CA ASP J 37 -19.47 -33.48 -9.25
C ASP J 37 -19.85 -32.35 -10.22
N TRP J 38 -19.93 -32.69 -11.50
CA TRP J 38 -20.32 -31.75 -12.54
C TRP J 38 -21.81 -31.81 -12.83
N THR J 39 -22.46 -30.65 -12.86
CA THR J 39 -23.87 -30.56 -13.22
C THR J 39 -24.04 -29.77 -14.52
N SER J 40 -24.81 -30.30 -15.46
CA SER J 40 -24.96 -29.70 -16.78
C SER J 40 -25.76 -28.41 -16.76
N GLY J 41 -25.83 -27.75 -17.92
CA GLY J 41 -26.82 -26.70 -18.14
C GLY J 41 -28.15 -27.35 -18.47
N TRP J 42 -29.14 -26.56 -18.88
CA TRP J 42 -30.44 -27.11 -19.26
C TRP J 42 -30.34 -27.77 -20.63
N LEU J 43 -30.48 -29.09 -20.64
CA LEU J 43 -30.25 -29.86 -21.86
C LEU J 43 -31.48 -30.62 -22.31
N ARG J 44 -31.56 -30.88 -23.61
CA ARG J 44 -32.66 -31.65 -24.18
C ARG J 44 -32.49 -33.14 -23.93
N TRP J 45 -33.61 -33.85 -23.82
CA TRP J 45 -33.59 -35.31 -23.80
C TRP J 45 -34.27 -35.85 -25.06
N HIS J 46 -33.95 -37.09 -25.42
CA HIS J 46 -34.58 -37.70 -26.58
C HIS J 46 -35.90 -38.31 -26.17
N SER J 47 -36.99 -37.78 -26.72
CA SER J 47 -38.31 -38.32 -26.47
C SER J 47 -38.52 -39.51 -27.41
N LEU J 48 -39.66 -40.18 -27.26
CA LEU J 48 -40.01 -41.31 -28.12
C LEU J 48 -40.39 -40.86 -29.54
N ALA J 49 -40.78 -39.59 -29.70
CA ALA J 49 -41.13 -39.06 -31.02
C ALA J 49 -41.22 -37.55 -31.02
N ALA J 50 -40.67 -36.91 -32.06
CA ALA J 50 -40.74 -35.46 -32.20
C ALA J 50 -40.93 -35.08 -33.67
N GLY J 51 -41.95 -35.66 -34.29
CA GLY J 51 -42.28 -35.39 -35.67
C GLY J 51 -43.76 -35.07 -35.78
N LYS J 52 -44.40 -35.59 -36.83
CA LYS J 52 -45.86 -35.50 -36.93
C LYS J 52 -46.48 -36.19 -35.71
N VAL J 53 -45.85 -37.28 -35.28
CA VAL J 53 -46.17 -37.92 -34.01
C VAL J 53 -45.22 -37.38 -32.95
N ARG J 54 -45.76 -36.98 -31.82
CA ARG J 54 -44.93 -36.57 -30.69
C ARG J 54 -45.31 -37.33 -29.43
N HIS J 55 -44.32 -37.62 -28.60
CA HIS J 55 -44.55 -38.27 -27.34
C HIS J 55 -43.95 -37.44 -26.22
N TRP J 56 -44.59 -37.46 -25.06
CA TRP J 56 -44.10 -36.75 -23.89
C TRP J 56 -44.08 -37.67 -22.69
N ARG J 57 -42.93 -37.68 -22.02
CA ARG J 57 -42.76 -38.36 -20.75
C ARG J 57 -41.48 -37.78 -20.16
N ALA J 58 -41.63 -36.84 -19.24
CA ALA J 58 -40.46 -36.16 -18.67
C ALA J 58 -39.66 -37.12 -17.79
N PRO J 59 -38.32 -37.11 -17.94
CA PRO J 59 -37.47 -37.91 -17.05
C PRO J 59 -37.65 -37.46 -15.60
N SER J 60 -37.59 -38.41 -14.67
CA SER J 60 -37.81 -38.10 -13.25
C SER J 60 -36.51 -37.72 -12.57
N ILE J 61 -36.61 -37.02 -11.45
CA ILE J 61 -35.46 -36.74 -10.60
C ILE J 61 -34.86 -38.09 -10.19
N GLY J 62 -33.54 -38.25 -10.36
CA GLY J 62 -32.88 -39.48 -9.97
C GLY J 62 -32.82 -40.52 -11.08
N GLU J 63 -33.47 -40.24 -12.21
CA GLU J 63 -33.46 -41.17 -13.33
C GLU J 63 -32.08 -41.20 -13.98
N GLN J 64 -31.57 -42.39 -14.22
CA GLN J 64 -30.22 -42.58 -14.77
C GLN J 64 -30.23 -42.70 -16.30
N GLY J 65 -29.17 -42.22 -16.92
CA GLY J 65 -29.03 -42.30 -18.36
C GLY J 65 -27.66 -41.96 -18.87
N VAL J 66 -27.59 -41.61 -20.15
CA VAL J 66 -26.32 -41.24 -20.77
C VAL J 66 -26.45 -39.89 -21.47
N LEU J 67 -25.44 -39.05 -21.29
CA LEU J 67 -25.36 -37.77 -21.98
C LEU J 67 -24.43 -37.90 -23.19
N LEU J 68 -24.90 -37.45 -24.34
CA LEU J 68 -24.15 -37.49 -25.58
C LEU J 68 -23.84 -36.07 -26.03
N SER J 69 -22.55 -35.78 -26.26
CA SER J 69 -22.13 -34.44 -26.60
C SER J 69 -21.13 -34.44 -27.76
N PRO J 70 -21.58 -33.99 -28.94
CA PRO J 70 -20.71 -33.88 -30.11
C PRO J 70 -19.42 -33.12 -29.76
N SER J 71 -18.28 -33.75 -30.00
CA SER J 71 -16.97 -33.13 -29.78
C SER J 71 -16.77 -32.66 -28.34
N GLY J 72 -17.41 -33.35 -27.40
CA GLY J 72 -17.26 -33.03 -25.98
C GLY J 72 -17.86 -31.70 -25.56
N GLY J 73 -18.63 -31.08 -26.45
CA GLY J 73 -19.29 -29.82 -26.11
C GLY J 73 -20.54 -30.06 -25.29
N VAL J 74 -20.36 -30.25 -23.99
CA VAL J 74 -21.45 -30.63 -23.10
C VAL J 74 -22.55 -29.57 -22.93
N SER J 75 -22.30 -28.37 -23.40
CA SER J 75 -23.33 -27.33 -23.34
C SER J 75 -24.43 -27.59 -24.36
N MET J 76 -24.15 -28.48 -25.31
N MET J 76 -24.15 -28.47 -25.32
CA MET J 76 -25.11 -28.84 -26.34
CA MET J 76 -25.15 -28.83 -26.32
C MET J 76 -25.45 -30.33 -26.28
C MET J 76 -25.45 -30.33 -26.28
N GLY J 77 -25.16 -30.97 -25.16
CA GLY J 77 -25.42 -32.39 -24.98
C GLY J 77 -26.90 -32.75 -24.98
N THR J 78 -27.20 -33.98 -25.37
CA THR J 78 -28.56 -34.50 -25.30
C THR J 78 -28.61 -35.78 -24.47
N PHE J 79 -29.71 -35.96 -23.75
CA PHE J 79 -29.82 -37.00 -22.73
C PHE J 79 -30.69 -38.19 -23.15
N ILE J 80 -30.20 -39.40 -22.91
CA ILE J 80 -30.96 -40.62 -23.15
C ILE J 80 -31.23 -41.31 -21.81
N PRO J 81 -32.49 -41.29 -21.37
CA PRO J 81 -32.86 -41.82 -20.05
C PRO J 81 -33.07 -43.33 -20.09
N GLY J 82 -33.85 -43.86 -19.15
CA GLY J 82 -34.31 -45.23 -19.24
C GLY J 82 -33.44 -46.31 -18.63
N LEU J 83 -32.37 -45.92 -17.93
CA LEU J 83 -31.55 -46.89 -17.20
C LEU J 83 -32.18 -47.18 -15.84
N TYR J 84 -32.54 -48.44 -15.60
CA TYR J 84 -33.18 -48.83 -14.35
C TYR J 84 -32.31 -48.52 -13.15
N GLY J 85 -32.93 -48.06 -12.08
CA GLY J 85 -32.22 -47.70 -10.86
C GLY J 85 -33.18 -47.44 -9.73
N ASP J 86 -32.68 -46.82 -8.66
CA ASP J 86 -33.49 -46.55 -7.48
C ASP J 86 -34.71 -45.68 -7.76
N ALA J 87 -34.58 -44.73 -8.67
CA ALA J 87 -35.71 -43.84 -8.98
C ALA J 87 -36.67 -44.48 -9.97
N GLY J 88 -36.33 -45.68 -10.44
CA GLY J 88 -37.17 -46.38 -11.39
C GLY J 88 -36.61 -47.74 -11.74
N THR J 89 -37.04 -48.75 -10.99
CA THR J 89 -36.56 -50.12 -11.16
C THR J 89 -37.32 -50.79 -12.30
N ALA J 90 -36.80 -51.93 -12.76
CA ALA J 90 -37.51 -52.72 -13.76
C ALA J 90 -38.91 -53.06 -13.27
N PRO J 91 -39.93 -52.74 -14.08
CA PRO J 91 -41.32 -52.94 -13.65
C PRO J 91 -41.86 -54.34 -13.94
N ASP J 92 -41.03 -55.20 -14.53
CA ASP J 92 -41.46 -56.55 -14.88
C ASP J 92 -40.21 -57.40 -15.12
N ASN J 93 -40.40 -58.69 -15.40
CA ASN J 93 -39.29 -59.59 -15.66
C ASN J 93 -39.61 -60.66 -16.70
N SER J 94 -40.71 -60.47 -17.41
CA SER J 94 -41.19 -61.47 -18.35
C SER J 94 -40.58 -61.31 -19.73
N ALA J 95 -40.30 -62.44 -20.39
CA ALA J 95 -39.77 -62.43 -21.74
C ALA J 95 -40.88 -62.31 -22.77
N SER J 96 -42.12 -62.27 -22.30
CA SER J 96 -43.25 -62.20 -23.21
C SER J 96 -44.18 -61.01 -22.96
N SER J 97 -43.67 -59.95 -22.34
CA SER J 97 -44.51 -58.80 -22.02
C SER J 97 -43.90 -57.46 -22.41
N GLU J 98 -44.78 -56.53 -22.77
CA GLU J 98 -44.43 -55.15 -23.02
C GLU J 98 -45.30 -54.34 -22.05
N THR J 99 -44.68 -53.68 -21.08
CA THR J 99 -45.41 -53.17 -19.93
C THR J 99 -45.06 -51.74 -19.52
N TRP J 100 -46.08 -50.90 -19.38
CA TRP J 100 -45.95 -49.61 -18.74
C TRP J 100 -46.49 -49.75 -17.31
N ARG J 101 -45.72 -49.27 -16.33
N ARG J 101 -45.72 -49.26 -16.33
CA ARG J 101 -46.18 -49.27 -14.94
CA ARG J 101 -46.16 -49.27 -14.94
C ARG J 101 -46.00 -47.89 -14.30
C ARG J 101 -46.01 -47.89 -14.32
N PHE J 102 -47.08 -47.38 -13.71
CA PHE J 102 -47.09 -46.03 -13.17
C PHE J 102 -47.06 -45.97 -11.66
N ASP J 103 -46.63 -44.83 -11.14
CA ASP J 103 -46.45 -44.62 -9.70
C ASP J 103 -47.72 -44.78 -8.87
N ASP J 104 -48.88 -44.67 -9.51
CA ASP J 104 -50.15 -44.83 -8.80
C ASP J 104 -50.64 -46.27 -8.84
N GLY J 105 -49.82 -47.17 -9.38
CA GLY J 105 -50.17 -48.58 -9.41
C GLY J 105 -50.82 -49.03 -10.71
N ALA J 106 -51.14 -48.08 -11.59
CA ALA J 106 -51.74 -48.42 -12.88
C ALA J 106 -50.73 -49.08 -13.79
N SER J 107 -51.21 -49.88 -14.73
CA SER J 107 -50.34 -50.49 -15.72
C SER J 107 -51.06 -50.75 -17.03
N LEU J 108 -50.31 -50.68 -18.12
N LEU J 108 -50.31 -50.66 -18.12
CA LEU J 108 -50.82 -51.05 -19.43
CA LEU J 108 -50.78 -51.02 -19.44
C LEU J 108 -49.84 -52.01 -20.06
C LEU J 108 -49.79 -52.04 -19.98
N SER J 109 -50.27 -53.24 -20.29
CA SER J 109 -49.37 -54.31 -20.68
C SER J 109 -49.93 -55.22 -21.76
N TYR J 110 -49.10 -55.57 -22.74
CA TYR J 110 -49.46 -56.68 -23.63
C TYR J 110 -48.56 -57.88 -23.38
N ASP J 111 -49.19 -59.04 -23.22
CA ASP J 111 -48.46 -60.28 -23.01
C ASP J 111 -48.74 -61.23 -24.17
N TRP J 112 -47.71 -61.55 -24.94
CA TRP J 112 -47.94 -62.36 -26.14
C TRP J 112 -47.82 -63.88 -25.90
N ALA J 113 -47.53 -64.28 -24.68
CA ALA J 113 -47.62 -65.70 -24.32
C ALA J 113 -49.05 -66.00 -23.89
N ALA J 114 -49.61 -65.10 -23.06
CA ALA J 114 -50.99 -65.24 -22.60
C ALA J 114 -52.01 -64.62 -23.57
N HIS J 115 -51.53 -63.91 -24.59
CA HIS J 115 -52.38 -63.23 -25.57
C HIS J 115 -53.38 -62.29 -24.92
N ARG J 116 -52.87 -61.36 -24.12
CA ARG J 116 -53.73 -60.48 -23.34
C ARG J 116 -53.26 -59.05 -23.33
N TYR J 117 -54.17 -58.13 -23.64
CA TYR J 117 -53.93 -56.71 -23.42
C TYR J 117 -54.65 -56.29 -22.16
N ARG J 118 -53.90 -55.79 -21.19
CA ARG J 118 -54.48 -55.42 -19.92
C ARG J 118 -54.23 -53.95 -19.59
N VAL J 119 -55.32 -53.21 -19.47
CA VAL J 119 -55.30 -51.85 -18.94
C VAL J 119 -55.88 -51.89 -17.53
N GLU J 120 -55.03 -51.70 -16.53
CA GLU J 120 -55.42 -51.85 -15.13
C GLU J 120 -55.18 -50.61 -14.28
N LEU J 121 -56.24 -50.06 -13.72
CA LEU J 121 -56.15 -48.94 -12.78
C LEU J 121 -56.74 -49.35 -11.44
N PRO J 122 -55.95 -49.25 -10.36
CA PRO J 122 -56.51 -49.51 -9.02
C PRO J 122 -57.68 -48.59 -8.74
N SER J 123 -57.60 -47.35 -9.22
CA SER J 123 -58.69 -46.40 -9.08
C SER J 123 -58.58 -45.32 -10.17
N GLY J 124 -59.67 -44.61 -10.43
CA GLY J 124 -59.65 -43.56 -11.42
C GLY J 124 -60.62 -43.76 -12.58
N THR J 125 -60.14 -43.45 -13.78
N THR J 125 -60.17 -43.39 -13.78
CA THR J 125 -61.02 -43.45 -14.95
CA THR J 125 -61.02 -43.48 -14.95
C THR J 125 -60.27 -43.80 -16.24
C THR J 125 -60.25 -43.86 -16.22
N VAL J 126 -60.93 -44.59 -17.09
CA VAL J 126 -60.44 -44.84 -18.45
C VAL J 126 -61.50 -44.23 -19.36
N GLU J 127 -61.07 -43.37 -20.27
CA GLU J 127 -61.98 -42.67 -21.16
C GLU J 127 -61.60 -42.87 -22.61
N VAL J 128 -62.52 -43.42 -23.40
CA VAL J 128 -62.33 -43.55 -24.83
C VAL J 128 -63.36 -42.66 -25.51
N ARG J 129 -62.89 -41.58 -26.12
CA ARG J 129 -63.77 -40.57 -26.70
C ARG J 129 -63.51 -40.37 -28.19
N VAL J 130 -64.56 -40.51 -28.99
CA VAL J 130 -64.47 -40.25 -30.43
C VAL J 130 -65.61 -39.32 -30.83
N GLY J 131 -65.27 -38.11 -31.25
CA GLY J 131 -66.28 -37.10 -31.50
C GLY J 131 -67.08 -36.89 -30.24
N ALA J 132 -68.39 -37.04 -30.32
CA ALA J 132 -69.27 -36.85 -29.16
C ALA J 132 -69.59 -38.16 -28.45
N SER J 133 -69.04 -39.27 -28.95
CA SER J 133 -69.29 -40.57 -28.35
C SER J 133 -68.20 -40.92 -27.34
N GLU J 134 -68.56 -41.77 -26.37
CA GLU J 134 -67.65 -42.06 -25.28
C GLU J 134 -67.95 -43.39 -24.60
N VAL J 135 -66.89 -44.11 -24.26
CA VAL J 135 -66.96 -45.24 -23.33
C VAL J 135 -66.11 -44.90 -22.12
N ARG J 136 -66.70 -44.95 -20.94
CA ARG J 136 -65.97 -44.61 -19.73
C ARG J 136 -66.02 -45.73 -18.70
N VAL J 137 -64.87 -46.08 -18.14
CA VAL J 137 -64.81 -47.05 -17.05
C VAL J 137 -64.27 -46.37 -15.79
N SER J 138 -65.04 -46.38 -14.71
CA SER J 138 -64.59 -45.81 -13.44
C SER J 138 -64.84 -46.80 -12.31
N ASP J 139 -64.45 -46.44 -11.09
CA ASP J 139 -64.55 -47.35 -9.94
C ASP J 139 -65.94 -47.98 -9.80
N GLY J 140 -66.98 -47.16 -9.90
CA GLY J 140 -68.33 -47.65 -9.71
C GLY J 140 -69.24 -47.59 -10.93
N ALA J 141 -68.67 -47.49 -12.12
CA ALA J 141 -69.50 -47.38 -13.32
C ALA J 141 -68.80 -47.71 -14.63
N VAL J 142 -69.57 -48.32 -15.53
CA VAL J 142 -69.22 -48.36 -16.94
C VAL J 142 -70.31 -47.59 -17.66
N SER J 143 -69.91 -46.65 -18.51
N SER J 143 -69.91 -46.64 -18.49
CA SER J 143 -70.87 -45.81 -19.20
CA SER J 143 -70.85 -45.78 -19.20
C SER J 143 -70.62 -45.81 -20.70
C SER J 143 -70.62 -45.81 -20.70
N LEU J 144 -71.70 -45.88 -21.47
CA LEU J 144 -71.63 -45.77 -22.92
C LEU J 144 -72.53 -44.61 -23.35
N LYS J 145 -72.00 -43.72 -24.18
CA LYS J 145 -72.76 -42.55 -24.60
C LYS J 145 -72.54 -42.28 -26.09
N ALA J 146 -73.63 -42.19 -26.85
CA ALA J 146 -73.53 -42.00 -28.29
C ALA J 146 -74.88 -41.60 -28.86
N PRO J 147 -74.89 -41.05 -30.09
CA PRO J 147 -76.16 -40.81 -30.79
C PRO J 147 -76.88 -42.13 -31.08
N LYS J 148 -76.13 -43.22 -31.01
CA LYS J 148 -76.69 -44.54 -31.25
C LYS J 148 -75.85 -45.59 -30.51
N ILE J 149 -76.52 -46.50 -29.81
CA ILE J 149 -75.82 -47.60 -29.17
C ILE J 149 -76.34 -48.92 -29.72
N SER J 150 -75.45 -49.69 -30.34
CA SER J 150 -75.82 -50.92 -31.01
C SER J 150 -75.19 -52.14 -30.34
N LEU J 151 -76.03 -53.10 -29.95
CA LEU J 151 -75.55 -54.35 -29.40
C LEU J 151 -75.93 -55.48 -30.36
N GLU J 152 -74.93 -56.03 -31.04
CA GLU J 152 -75.18 -57.08 -32.02
C GLU J 152 -74.85 -58.45 -31.45
N GLY J 153 -75.88 -59.16 -31.00
CA GLY J 153 -75.72 -60.47 -30.41
C GLY J 153 -76.73 -60.67 -29.29
N PRO J 154 -76.84 -61.90 -28.77
CA PRO J 154 -77.74 -62.15 -27.64
C PRO J 154 -77.24 -61.45 -26.38
N VAL J 155 -78.09 -60.61 -25.79
CA VAL J 155 -77.69 -59.82 -24.64
C VAL J 155 -78.28 -60.38 -23.34
N GLU J 156 -77.42 -60.62 -22.36
CA GLU J 156 -77.89 -61.06 -21.06
C GLU J 156 -77.53 -60.03 -20.00
N ILE J 157 -78.52 -59.64 -19.22
CA ILE J 157 -78.30 -58.69 -18.13
C ILE J 157 -78.49 -59.42 -16.80
N ALA J 158 -77.42 -59.45 -16.01
CA ALA J 158 -77.51 -60.00 -14.66
C ALA J 158 -77.76 -58.84 -13.71
N GLY J 159 -79.05 -58.53 -13.52
CA GLY J 159 -79.47 -57.39 -12.74
C GLY J 159 -80.80 -56.85 -13.23
N THR J 160 -81.18 -55.68 -12.73
CA THR J 160 -82.41 -55.03 -13.14
C THR J 160 -82.15 -54.02 -14.27
N LEU J 161 -83.02 -54.01 -15.27
CA LEU J 161 -82.91 -53.04 -16.36
C LEU J 161 -83.93 -51.91 -16.20
N THR J 162 -83.45 -50.68 -16.25
CA THR J 162 -84.29 -49.49 -16.15
C THR J 162 -84.14 -48.70 -17.45
N VAL J 163 -85.26 -48.48 -18.14
CA VAL J 163 -85.22 -47.75 -19.41
C VAL J 163 -86.12 -46.53 -19.35
N SER J 164 -85.55 -45.36 -19.62
CA SER J 164 -86.30 -44.11 -19.51
C SER J 164 -87.34 -43.94 -20.63
N GLY J 165 -86.96 -44.33 -21.85
CA GLY J 165 -87.86 -44.20 -22.98
C GLY J 165 -88.69 -45.44 -23.25
N ASP J 166 -89.34 -45.47 -24.42
CA ASP J 166 -90.16 -46.60 -24.82
C ASP J 166 -89.32 -47.84 -25.11
N ILE J 167 -89.90 -49.00 -24.83
CA ILE J 167 -89.27 -50.28 -25.15
C ILE J 167 -90.08 -50.98 -26.24
N LEU J 168 -89.42 -51.32 -27.34
CA LEU J 168 -90.10 -52.00 -28.43
C LEU J 168 -89.42 -53.32 -28.74
N GLY J 169 -90.17 -54.41 -28.67
CA GLY J 169 -89.63 -55.73 -28.95
C GLY J 169 -90.17 -56.29 -30.26
N GLY J 170 -89.28 -56.92 -31.03
CA GLY J 170 -89.63 -57.45 -32.33
C GLY J 170 -90.24 -58.84 -32.25
N GLY J 171 -90.18 -59.45 -31.08
CA GLY J 171 -90.77 -60.76 -30.85
C GLY J 171 -91.64 -60.78 -29.61
N SER J 172 -91.43 -61.77 -28.74
CA SER J 172 -92.17 -61.86 -27.48
C SER J 172 -91.55 -60.99 -26.40
N ILE J 173 -92.36 -60.65 -25.40
CA ILE J 173 -91.89 -60.00 -24.18
C ILE J 173 -92.53 -60.73 -23.00
N ILE J 174 -91.74 -61.59 -22.35
CA ILE J 174 -92.28 -62.51 -21.36
C ILE J 174 -91.62 -62.28 -19.99
N ASP J 175 -92.45 -62.22 -18.94
CA ASP J 175 -91.93 -61.97 -17.59
C ASP J 175 -92.13 -63.15 -16.66
N THR J 176 -91.81 -62.93 -15.38
CA THR J 176 -91.93 -63.91 -14.31
C THR J 176 -91.29 -65.25 -14.63
N SER K 2 2.20 -41.63 -29.17
CA SER K 2 2.70 -43.00 -29.26
C SER K 2 1.81 -43.96 -28.48
N TYR K 3 2.25 -44.32 -27.27
CA TYR K 3 1.50 -45.21 -26.40
C TYR K 3 0.15 -44.59 -26.03
N VAL K 4 0.20 -43.33 -25.58
CA VAL K 4 -1.01 -42.60 -25.21
C VAL K 4 -1.93 -42.45 -26.42
N SER K 5 -1.34 -42.29 -27.60
CA SER K 5 -2.10 -42.20 -28.83
C SER K 5 -2.82 -43.52 -29.11
N ALA K 6 -2.11 -44.62 -28.89
CA ALA K 6 -2.68 -45.95 -29.06
C ALA K 6 -3.85 -46.15 -28.11
N GLU K 7 -3.67 -45.71 -26.86
CA GLU K 7 -4.74 -45.74 -25.88
C GLU K 7 -5.93 -44.92 -26.37
N HIS K 8 -5.64 -43.78 -26.98
CA HIS K 8 -6.69 -42.90 -27.50
C HIS K 8 -7.50 -43.56 -28.60
N ASP K 9 -6.82 -44.17 -29.57
CA ASP K 9 -7.55 -44.83 -30.66
C ASP K 9 -8.30 -46.07 -30.16
N ARG K 10 -7.75 -46.74 -29.14
CA ARG K 10 -8.46 -47.88 -28.55
C ARG K 10 -9.75 -47.43 -27.88
N MET K 11 -9.65 -46.36 -27.09
CA MET K 11 -10.81 -45.80 -26.40
C MET K 11 -11.87 -45.33 -27.40
N LEU K 12 -11.43 -44.58 -28.41
CA LEU K 12 -12.30 -44.13 -29.48
C LEU K 12 -13.02 -45.30 -30.14
N ALA K 13 -12.27 -46.34 -30.49
CA ALA K 13 -12.85 -47.52 -31.11
C ALA K 13 -13.91 -48.16 -30.21
N ALA K 14 -13.63 -48.19 -28.90
CA ALA K 14 -14.53 -48.87 -27.98
C ALA K 14 -15.75 -48.04 -27.52
N MET K 15 -15.73 -46.73 -27.77
CA MET K 15 -16.80 -45.86 -27.25
C MET K 15 -18.18 -46.14 -27.85
N ILE K 16 -18.24 -46.33 -29.16
CA ILE K 16 -19.50 -46.62 -29.83
C ILE K 16 -19.35 -47.89 -30.66
N LEU K 17 -20.16 -48.90 -30.36
CA LEU K 17 -20.02 -50.19 -31.05
C LEU K 17 -21.34 -50.72 -31.59
N PRO K 18 -21.35 -51.20 -32.84
CA PRO K 18 -22.54 -51.90 -33.34
C PRO K 18 -22.57 -53.29 -32.71
N CYS K 19 -23.70 -53.70 -32.17
N CYS K 19 -23.70 -53.69 -32.15
CA CYS K 19 -23.74 -55.00 -31.50
CA CYS K 19 -23.78 -54.95 -31.41
C CYS K 19 -25.07 -55.72 -31.59
C CYS K 19 -25.06 -55.74 -31.67
N VAL K 20 -25.05 -57.00 -31.26
CA VAL K 20 -26.24 -57.85 -31.33
C VAL K 20 -26.41 -58.58 -29.99
N VAL K 21 -27.65 -58.69 -29.51
CA VAL K 21 -27.91 -59.36 -28.24
C VAL K 21 -27.69 -60.87 -28.38
N VAL K 22 -26.89 -61.45 -27.49
CA VAL K 22 -26.65 -62.89 -27.53
C VAL K 22 -27.09 -63.61 -26.25
N ALA K 23 -27.48 -62.84 -25.24
CA ALA K 23 -27.91 -63.39 -23.96
C ALA K 23 -28.76 -62.39 -23.18
N VAL K 24 -29.74 -62.90 -22.43
CA VAL K 24 -30.65 -62.06 -21.67
C VAL K 24 -30.86 -62.60 -20.26
N ASP K 25 -30.65 -61.74 -19.28
CA ASP K 25 -30.92 -62.07 -17.88
C ASP K 25 -32.12 -61.26 -17.43
N LEU K 26 -33.29 -61.89 -17.46
CA LEU K 26 -34.55 -61.23 -17.17
C LEU K 26 -34.65 -60.69 -15.74
N ALA K 27 -34.14 -61.46 -14.78
CA ALA K 27 -34.26 -61.08 -13.38
C ALA K 27 -33.39 -59.87 -13.05
N ALA K 28 -32.21 -59.82 -13.64
CA ALA K 28 -31.27 -58.73 -13.38
C ALA K 28 -31.47 -57.56 -14.35
N ALA K 29 -32.31 -57.77 -15.37
CA ALA K 29 -32.49 -56.79 -16.44
C ALA K 29 -31.17 -56.39 -17.09
N ARG K 30 -30.46 -57.39 -17.61
CA ARG K 30 -29.18 -57.15 -18.26
C ARG K 30 -29.10 -57.99 -19.54
N VAL K 31 -28.28 -57.54 -20.48
CA VAL K 31 -28.01 -58.33 -21.67
C VAL K 31 -26.51 -58.48 -21.87
N ARG K 32 -26.12 -59.51 -22.60
CA ARG K 32 -24.78 -59.57 -23.14
C ARG K 32 -24.89 -59.37 -24.65
N VAL K 33 -23.97 -58.58 -25.20
CA VAL K 33 -24.00 -58.27 -26.62
C VAL K 33 -22.66 -58.63 -27.26
N ARG K 34 -22.70 -58.92 -28.55
CA ARG K 34 -21.51 -59.22 -29.31
C ARG K 34 -21.29 -58.15 -30.37
N SER K 35 -20.05 -57.69 -30.45
CA SER K 35 -19.63 -56.77 -31.50
C SER K 35 -18.40 -57.36 -32.15
N GLY K 36 -18.56 -57.84 -33.38
CA GLY K 36 -17.47 -58.48 -34.10
C GLY K 36 -17.09 -59.79 -33.44
N ASP K 37 -15.86 -59.86 -32.97
CA ASP K 37 -15.33 -61.05 -32.31
C ASP K 37 -15.56 -60.99 -30.81
N TRP K 38 -15.87 -59.79 -30.32
CA TRP K 38 -15.91 -59.53 -28.88
C TRP K 38 -17.30 -59.71 -28.26
N THR K 39 -17.34 -60.30 -27.07
CA THR K 39 -18.58 -60.46 -26.32
C THR K 39 -18.49 -59.70 -24.99
N SER K 40 -19.55 -58.95 -24.67
CA SER K 40 -19.55 -58.11 -23.49
C SER K 40 -19.89 -58.92 -22.24
N GLY K 41 -19.80 -58.27 -21.08
CA GLY K 41 -20.35 -58.82 -19.85
C GLY K 41 -21.82 -58.44 -19.74
N TRP K 42 -22.41 -58.64 -18.57
CA TRP K 42 -23.81 -58.30 -18.36
C TRP K 42 -24.01 -56.80 -18.25
N LEU K 43 -24.66 -56.22 -19.25
CA LEU K 43 -24.82 -54.77 -19.34
C LEU K 43 -26.28 -54.34 -19.35
N ARG K 44 -26.54 -53.10 -18.93
CA ARG K 44 -27.89 -52.56 -18.95
C ARG K 44 -28.27 -52.06 -20.34
N TRP K 45 -29.58 -52.03 -20.61
CA TRP K 45 -30.08 -51.37 -21.81
C TRP K 45 -30.93 -50.18 -21.42
N HIS K 46 -31.09 -49.24 -22.36
CA HIS K 46 -31.96 -48.10 -22.14
C HIS K 46 -33.40 -48.49 -22.41
N SER K 47 -34.23 -48.48 -21.38
CA SER K 47 -35.66 -48.73 -21.52
C SER K 47 -36.35 -47.45 -21.97
N LEU K 48 -37.64 -47.51 -22.23
CA LEU K 48 -38.39 -46.34 -22.67
C LEU K 48 -38.69 -45.37 -21.52
N ALA K 49 -38.55 -45.85 -20.28
CA ALA K 49 -38.79 -45.02 -19.10
C ALA K 49 -38.33 -45.72 -17.83
N ALA K 50 -37.60 -44.99 -16.99
CA ALA K 50 -37.11 -45.53 -15.72
C ALA K 50 -37.21 -44.48 -14.62
N GLY K 51 -38.39 -43.89 -14.45
CA GLY K 51 -38.62 -42.95 -13.37
C GLY K 51 -39.92 -43.29 -12.66
N LYS K 52 -40.71 -42.27 -12.35
CA LYS K 52 -42.05 -42.46 -11.79
C LYS K 52 -42.89 -43.36 -12.67
N VAL K 53 -42.75 -43.20 -13.98
CA VAL K 53 -43.23 -44.19 -14.93
C VAL K 53 -42.06 -45.04 -15.34
N ARG K 54 -42.28 -46.35 -15.42
CA ARG K 54 -41.28 -47.24 -15.96
C ARG K 54 -41.90 -48.09 -17.06
N HIS K 55 -41.08 -48.43 -18.05
CA HIS K 55 -41.51 -49.29 -19.12
C HIS K 55 -40.62 -50.51 -19.13
N TRP K 56 -41.17 -51.65 -19.55
CA TRP K 56 -40.42 -52.89 -19.65
C TRP K 56 -40.67 -53.53 -21.00
N ARG K 57 -39.59 -53.87 -21.68
CA ARG K 57 -39.64 -54.67 -22.90
C ARG K 57 -38.24 -55.17 -23.10
N ALA K 58 -38.01 -56.44 -22.79
CA ALA K 58 -36.67 -57.01 -22.87
C ALA K 58 -36.27 -57.18 -24.32
N PRO K 59 -35.05 -56.73 -24.67
CA PRO K 59 -34.50 -56.98 -26.00
C PRO K 59 -34.49 -58.48 -26.25
N SER K 60 -34.71 -58.90 -27.50
CA SER K 60 -34.70 -60.31 -27.85
C SER K 60 -33.29 -60.76 -28.27
N ILE K 61 -33.02 -62.05 -28.12
CA ILE K 61 -31.81 -62.63 -28.70
C ILE K 61 -31.80 -62.32 -30.19
N GLY K 62 -30.67 -61.86 -30.71
CA GLY K 62 -30.56 -61.50 -32.11
C GLY K 62 -30.91 -60.05 -32.43
N GLU K 63 -31.49 -59.34 -31.47
CA GLU K 63 -31.85 -57.94 -31.68
C GLU K 63 -30.60 -57.06 -31.77
N GLN K 64 -30.56 -56.20 -32.77
CA GLN K 64 -29.40 -55.35 -33.01
C GLN K 64 -29.55 -53.97 -32.40
N GLY K 65 -28.41 -53.38 -32.04
CA GLY K 65 -28.39 -52.04 -31.49
C GLY K 65 -26.99 -51.49 -31.39
N VAL K 66 -26.83 -50.49 -30.52
N VAL K 66 -26.82 -50.46 -30.56
CA VAL K 66 -25.53 -49.84 -30.34
CA VAL K 66 -25.51 -49.88 -30.34
C VAL K 66 -25.14 -49.78 -28.87
C VAL K 66 -25.16 -49.91 -28.85
N LEU K 67 -23.87 -50.07 -28.58
CA LEU K 67 -23.36 -49.99 -27.21
C LEU K 67 -22.59 -48.68 -27.05
N LEU K 68 -22.91 -47.96 -25.99
CA LEU K 68 -22.26 -46.70 -25.67
C LEU K 68 -21.43 -46.87 -24.40
N SER K 69 -20.12 -46.71 -24.52
CA SER K 69 -19.23 -46.92 -23.37
C SER K 69 -18.33 -45.73 -23.13
N PRO K 70 -18.64 -44.92 -22.11
CA PRO K 70 -17.85 -43.74 -21.74
C PRO K 70 -16.37 -44.07 -21.63
N SER K 71 -15.54 -43.27 -22.30
CA SER K 71 -14.09 -43.44 -22.29
C SER K 71 -13.65 -44.86 -22.68
N GLY K 72 -14.45 -45.52 -23.50
CA GLY K 72 -14.11 -46.87 -23.96
C GLY K 72 -14.21 -47.96 -22.89
N GLY K 73 -14.76 -47.63 -21.73
CA GLY K 73 -14.93 -48.61 -20.67
C GLY K 73 -16.12 -49.51 -20.94
N VAL K 74 -15.89 -50.60 -21.67
CA VAL K 74 -16.98 -51.46 -22.13
C VAL K 74 -17.66 -52.25 -21.02
N SER K 75 -17.02 -52.32 -19.85
CA SER K 75 -17.58 -53.03 -18.71
C SER K 75 -18.78 -52.28 -18.11
N MET K 76 -18.91 -51.01 -18.48
N MET K 76 -18.91 -51.01 -18.48
CA MET K 76 -20.03 -50.18 -18.02
CA MET K 76 -20.03 -50.19 -18.01
C MET K 76 -20.79 -49.58 -19.19
C MET K 76 -20.79 -49.58 -19.19
N GLY K 77 -20.72 -50.23 -20.35
CA GLY K 77 -21.43 -49.76 -21.53
C GLY K 77 -22.93 -49.91 -21.35
N THR K 78 -23.70 -49.14 -22.11
CA THR K 78 -25.15 -49.29 -22.11
C THR K 78 -25.69 -49.50 -23.52
N PHE K 79 -26.74 -50.30 -23.63
CA PHE K 79 -27.23 -50.78 -24.91
C PHE K 79 -28.50 -50.08 -25.36
N ILE K 80 -28.50 -49.62 -26.61
CA ILE K 80 -29.69 -49.04 -27.24
C ILE K 80 -30.14 -49.96 -28.36
N PRO K 81 -31.25 -50.70 -28.13
CA PRO K 81 -31.80 -51.66 -29.08
C PRO K 81 -32.57 -50.98 -30.22
N GLY K 82 -33.40 -51.73 -30.94
CA GLY K 82 -34.31 -51.12 -31.90
C GLY K 82 -33.86 -51.03 -33.35
N LEU K 83 -32.70 -51.61 -33.68
CA LEU K 83 -32.27 -51.64 -35.07
C LEU K 83 -32.88 -52.86 -35.77
N TYR K 84 -33.68 -52.60 -36.79
CA TYR K 84 -34.39 -53.64 -37.51
C TYR K 84 -33.41 -54.62 -38.14
N GLY K 85 -33.78 -55.91 -38.15
CA GLY K 85 -32.92 -56.96 -38.68
C GLY K 85 -33.62 -58.30 -38.70
N ASP K 86 -32.86 -59.37 -38.88
CA ASP K 86 -33.43 -60.72 -38.99
C ASP K 86 -34.27 -61.15 -37.77
N ALA K 87 -33.95 -60.63 -36.59
CA ALA K 87 -34.65 -61.03 -35.37
C ALA K 87 -35.85 -60.14 -35.09
N GLY K 88 -36.05 -59.14 -35.94
CA GLY K 88 -37.14 -58.19 -35.77
C GLY K 88 -37.11 -57.16 -36.88
N THR K 89 -37.93 -57.38 -37.90
CA THR K 89 -37.96 -56.51 -39.08
C THR K 89 -38.94 -55.37 -38.89
N ALA K 90 -38.86 -54.35 -39.74
CA ALA K 90 -39.85 -53.29 -39.72
C ALA K 90 -41.25 -53.89 -39.89
N PRO K 91 -42.13 -53.67 -38.90
CA PRO K 91 -43.48 -54.26 -38.94
C PRO K 91 -44.45 -53.49 -39.84
N ASP K 92 -44.00 -52.39 -40.43
CA ASP K 92 -44.85 -51.60 -41.31
C ASP K 92 -43.99 -50.74 -42.23
N ASN K 93 -44.62 -50.02 -43.15
CA ASN K 93 -43.90 -49.10 -44.02
C ASN K 93 -44.65 -47.79 -44.27
N SER K 94 -45.64 -47.51 -43.43
CA SER K 94 -46.52 -46.37 -43.67
C SER K 94 -46.02 -45.05 -43.08
N ALA K 95 -46.26 -43.97 -43.82
CA ALA K 95 -45.90 -42.63 -43.37
C ALA K 95 -46.96 -42.08 -42.43
N SER K 96 -48.10 -42.75 -42.36
CA SER K 96 -49.23 -42.21 -41.62
C SER K 96 -49.78 -43.14 -40.53
N SER K 97 -48.94 -44.05 -40.04
CA SER K 97 -49.34 -44.87 -38.91
C SER K 97 -48.18 -45.20 -37.97
N GLU K 98 -48.55 -45.62 -36.76
CA GLU K 98 -47.63 -46.01 -35.70
C GLU K 98 -48.15 -47.34 -35.19
N THR K 99 -47.32 -48.36 -35.17
N THR K 99 -47.33 -48.38 -35.22
CA THR K 99 -47.77 -49.71 -34.87
CA THR K 99 -47.78 -49.73 -34.89
C THR K 99 -46.84 -50.50 -33.95
C THR K 99 -46.85 -50.49 -33.95
N TRP K 100 -47.43 -51.15 -32.95
CA TRP K 100 -46.75 -52.17 -32.18
C TRP K 100 -47.24 -53.50 -32.76
N ARG K 101 -46.30 -54.37 -33.15
N ARG K 101 -46.31 -54.37 -33.18
CA ARG K 101 -46.65 -55.69 -33.67
CA ARG K 101 -46.70 -55.69 -33.65
C ARG K 101 -46.02 -56.79 -32.83
C ARG K 101 -46.03 -56.81 -32.87
N PHE K 102 -46.84 -57.75 -32.40
CA PHE K 102 -46.36 -58.82 -31.50
C PHE K 102 -46.25 -60.18 -32.18
N ASP K 103 -45.44 -61.04 -31.58
CA ASP K 103 -45.11 -62.33 -32.17
C ASP K 103 -46.31 -63.27 -32.35
N ASP K 104 -47.41 -62.99 -31.64
CA ASP K 104 -48.62 -63.82 -31.76
C ASP K 104 -49.61 -63.25 -32.78
N GLY K 105 -49.20 -62.20 -33.49
CA GLY K 105 -50.06 -61.59 -34.50
C GLY K 105 -50.84 -60.38 -34.01
N ALA K 106 -50.89 -60.16 -32.70
CA ALA K 106 -51.60 -59.01 -32.16
C ALA K 106 -50.94 -57.70 -32.61
N SER K 107 -51.72 -56.63 -32.66
CA SER K 107 -51.15 -55.33 -32.96
C SER K 107 -51.94 -54.20 -32.32
N LEU K 108 -51.25 -53.11 -31.98
CA LEU K 108 -51.90 -51.92 -31.48
C LEU K 108 -51.40 -50.79 -32.36
N SER K 109 -52.31 -50.08 -33.02
N SER K 109 -52.31 -50.06 -33.01
CA SER K 109 -51.85 -49.05 -33.95
CA SER K 109 -51.89 -49.08 -33.99
C SER K 109 -52.73 -47.82 -34.04
C SER K 109 -52.74 -47.82 -34.03
N TYR K 110 -52.11 -46.68 -34.30
CA TYR K 110 -52.85 -45.47 -34.62
C TYR K 110 -52.51 -44.98 -36.03
N ASP K 111 -53.55 -44.71 -36.81
CA ASP K 111 -53.41 -44.24 -38.19
C ASP K 111 -54.05 -42.86 -38.30
N TRP K 112 -53.23 -41.85 -38.55
CA TRP K 112 -53.72 -40.47 -38.59
C TRP K 112 -54.15 -40.00 -40.00
N ALA K 113 -54.11 -40.92 -40.97
CA ALA K 113 -54.76 -40.63 -42.25
C ALA K 113 -56.20 -41.14 -42.20
N ALA K 114 -56.39 -42.30 -41.58
CA ALA K 114 -57.72 -42.87 -41.46
C ALA K 114 -58.42 -42.44 -40.18
N HIS K 115 -57.66 -41.85 -39.25
CA HIS K 115 -58.16 -41.44 -37.94
C HIS K 115 -58.71 -42.63 -37.17
N ARG K 116 -57.83 -43.56 -36.84
CA ARG K 116 -58.27 -44.86 -36.40
C ARG K 116 -57.28 -45.48 -35.41
N TYR K 117 -57.77 -45.84 -34.23
CA TYR K 117 -56.97 -46.57 -33.27
C TYR K 117 -57.47 -48.00 -33.18
N ARG K 118 -56.58 -48.95 -33.48
CA ARG K 118 -56.96 -50.35 -33.55
C ARG K 118 -56.17 -51.22 -32.58
N VAL K 119 -56.91 -51.88 -31.70
CA VAL K 119 -56.36 -52.91 -30.83
C VAL K 119 -56.86 -54.25 -31.36
N GLU K 120 -55.95 -55.02 -31.94
CA GLU K 120 -56.31 -56.21 -32.71
C GLU K 120 -55.64 -57.48 -32.20
N LEU K 121 -56.45 -58.41 -31.70
CA LEU K 121 -55.93 -59.69 -31.22
C LEU K 121 -56.61 -60.85 -31.95
N PRO K 122 -55.82 -61.73 -32.58
CA PRO K 122 -56.35 -62.91 -33.27
C PRO K 122 -57.18 -63.78 -32.31
N SER K 123 -56.72 -63.88 -31.06
CA SER K 123 -57.48 -64.56 -30.02
C SER K 123 -56.94 -64.08 -28.68
N GLY K 124 -57.56 -64.52 -27.58
CA GLY K 124 -57.13 -64.08 -26.27
C GLY K 124 -58.14 -63.15 -25.64
N THR K 125 -57.64 -62.15 -24.89
N THR K 125 -57.65 -62.14 -24.92
CA THR K 125 -58.51 -61.23 -24.16
CA THR K 125 -58.55 -61.23 -24.21
C THR K 125 -57.99 -59.81 -24.13
C THR K 125 -58.00 -59.82 -24.05
N VAL K 126 -58.91 -58.84 -24.13
CA VAL K 126 -58.57 -57.47 -23.84
C VAL K 126 -59.34 -57.11 -22.58
N GLU K 127 -58.64 -56.62 -21.58
CA GLU K 127 -59.26 -56.30 -20.30
C GLU K 127 -59.00 -54.86 -19.90
N VAL K 128 -60.07 -54.11 -19.66
CA VAL K 128 -59.96 -52.77 -19.10
C VAL K 128 -60.59 -52.76 -17.71
N ARG K 129 -59.75 -52.64 -16.69
CA ARG K 129 -60.21 -52.74 -15.31
C ARG K 129 -59.89 -51.50 -14.48
N VAL K 130 -60.92 -50.95 -13.85
CA VAL K 130 -60.78 -49.80 -12.98
C VAL K 130 -61.55 -50.08 -11.70
N GLY K 131 -60.84 -50.17 -10.59
CA GLY K 131 -61.45 -50.55 -9.33
C GLY K 131 -62.29 -51.80 -9.45
N ALA K 132 -63.60 -51.66 -9.22
CA ALA K 132 -64.51 -52.79 -9.23
C ALA K 132 -65.18 -52.99 -10.59
N SER K 133 -64.80 -52.18 -11.56
CA SER K 133 -65.41 -52.23 -12.88
C SER K 133 -64.49 -52.83 -13.94
N GLU K 134 -65.09 -53.37 -15.00
CA GLU K 134 -64.35 -54.07 -16.02
C GLU K 134 -65.11 -54.15 -17.34
N VAL K 135 -64.40 -53.85 -18.43
CA VAL K 135 -64.86 -54.18 -19.76
C VAL K 135 -63.92 -55.26 -20.28
N ARG K 136 -64.49 -56.37 -20.75
N ARG K 136 -64.49 -56.35 -20.76
CA ARG K 136 -63.68 -57.47 -21.25
CA ARG K 136 -63.69 -57.47 -21.25
C ARG K 136 -64.12 -57.89 -22.65
C ARG K 136 -64.12 -57.88 -22.65
N VAL K 137 -63.16 -58.04 -23.55
CA VAL K 137 -63.44 -58.50 -24.89
C VAL K 137 -62.67 -59.78 -25.14
N SER K 138 -63.39 -60.84 -25.44
CA SER K 138 -62.74 -62.12 -25.75
C SER K 138 -63.32 -62.72 -27.02
N ASP K 139 -62.80 -63.88 -27.42
CA ASP K 139 -63.22 -64.52 -28.66
C ASP K 139 -64.73 -64.70 -28.76
N GLY K 140 -65.34 -65.16 -27.67
CA GLY K 140 -66.76 -65.47 -27.68
C GLY K 140 -67.66 -64.52 -26.92
N ALA K 141 -67.12 -63.43 -26.39
CA ALA K 141 -67.94 -62.52 -25.58
C ALA K 141 -67.40 -61.12 -25.40
N VAL K 142 -68.32 -60.17 -25.31
CA VAL K 142 -68.03 -58.86 -24.74
C VAL K 142 -68.81 -58.79 -23.45
N SER K 143 -68.14 -58.39 -22.37
CA SER K 143 -68.80 -58.29 -21.09
C SER K 143 -68.49 -56.97 -20.40
N LEU K 144 -69.52 -56.42 -19.77
CA LEU K 144 -69.38 -55.22 -18.96
C LEU K 144 -69.80 -55.59 -17.55
N LYS K 145 -68.97 -55.23 -16.57
CA LYS K 145 -69.28 -55.53 -15.18
C LYS K 145 -68.97 -54.32 -14.30
N ALA K 146 -69.98 -53.82 -13.61
CA ALA K 146 -69.82 -52.63 -12.77
C ALA K 146 -70.97 -52.51 -11.79
N PRO K 147 -70.75 -51.78 -10.69
CA PRO K 147 -71.82 -51.49 -9.73
C PRO K 147 -72.97 -50.74 -10.40
N LYS K 148 -72.69 -50.09 -11.53
CA LYS K 148 -73.71 -49.41 -12.31
C LYS K 148 -73.29 -49.39 -13.77
N ILE K 149 -74.21 -49.76 -14.66
CA ILE K 149 -73.93 -49.74 -16.08
C ILE K 149 -74.92 -48.80 -16.73
N SER K 150 -74.39 -47.78 -17.41
CA SER K 150 -75.21 -46.71 -17.94
C SER K 150 -75.12 -46.67 -19.47
N LEU K 151 -76.27 -46.68 -20.13
CA LEU K 151 -76.31 -46.54 -21.59
C LEU K 151 -77.09 -45.28 -21.95
N GLU K 152 -76.38 -44.29 -22.46
N GLU K 152 -76.37 -44.26 -22.41
CA GLU K 152 -76.97 -42.98 -22.74
CA GLU K 152 -76.99 -42.99 -22.75
C GLU K 152 -77.12 -42.72 -24.24
C GLU K 152 -77.11 -42.82 -24.25
N GLY K 153 -78.34 -42.84 -24.75
CA GLY K 153 -78.61 -42.75 -26.16
C GLY K 153 -79.57 -43.87 -26.52
N PRO K 154 -80.15 -43.83 -27.72
CA PRO K 154 -81.06 -44.91 -28.12
C PRO K 154 -80.30 -46.22 -28.28
N VAL K 155 -80.84 -47.28 -27.69
CA VAL K 155 -80.17 -48.58 -27.72
C VAL K 155 -80.92 -49.53 -28.65
N GLU K 156 -80.18 -50.17 -29.55
CA GLU K 156 -80.78 -51.17 -30.41
C GLU K 156 -80.04 -52.49 -30.25
N ILE K 157 -80.81 -53.55 -30.06
CA ILE K 157 -80.24 -54.87 -29.90
C ILE K 157 -80.64 -55.77 -31.07
N ALA K 158 -79.64 -56.18 -31.84
CA ALA K 158 -79.86 -57.16 -32.89
C ALA K 158 -79.66 -58.53 -32.29
N GLY K 159 -80.73 -59.10 -31.75
CA GLY K 159 -80.68 -60.38 -31.07
C GLY K 159 -81.70 -60.40 -29.96
N THR K 160 -81.59 -61.40 -29.09
CA THR K 160 -82.48 -61.49 -27.95
C THR K 160 -81.95 -60.71 -26.76
N LEU K 161 -82.81 -60.51 -25.77
CA LEU K 161 -82.43 -59.88 -24.53
C LEU K 161 -83.03 -60.65 -23.35
N THR K 162 -82.16 -61.09 -22.44
CA THR K 162 -82.59 -61.76 -21.23
C THR K 162 -82.17 -60.93 -20.03
N VAL K 163 -83.12 -60.67 -19.13
CA VAL K 163 -82.85 -59.92 -17.91
C VAL K 163 -83.24 -60.73 -16.69
N SER K 164 -82.29 -60.95 -15.78
CA SER K 164 -82.56 -61.77 -14.60
C SER K 164 -83.44 -61.04 -13.59
N GLY K 165 -83.27 -59.72 -13.50
CA GLY K 165 -84.03 -58.92 -12.57
C GLY K 165 -85.30 -58.33 -13.18
N ASP K 166 -85.69 -57.17 -12.69
CA ASP K 166 -86.90 -56.50 -13.18
C ASP K 166 -86.60 -55.67 -14.42
N ILE K 167 -87.64 -55.41 -15.21
CA ILE K 167 -87.53 -54.49 -16.33
C ILE K 167 -88.47 -53.32 -16.09
N LEU K 168 -87.90 -52.14 -15.89
CA LEU K 168 -88.69 -50.98 -15.52
C LEU K 168 -88.65 -49.92 -16.62
N GLY K 169 -89.78 -49.76 -17.31
CA GLY K 169 -89.86 -48.85 -18.44
C GLY K 169 -90.54 -47.54 -18.11
N GLY K 170 -89.94 -46.44 -18.55
CA GLY K 170 -90.45 -45.11 -18.27
C GLY K 170 -91.49 -44.67 -19.27
N GLY K 171 -91.76 -45.52 -20.26
CA GLY K 171 -92.81 -45.26 -21.24
C GLY K 171 -93.60 -46.51 -21.52
N SER K 172 -93.94 -46.71 -22.79
CA SER K 172 -94.66 -47.92 -23.19
C SER K 172 -93.71 -49.10 -23.39
N ILE K 173 -94.24 -50.30 -23.24
CA ILE K 173 -93.50 -51.52 -23.52
C ILE K 173 -94.33 -52.38 -24.46
N ILE K 174 -93.95 -52.40 -25.73
CA ILE K 174 -94.77 -53.03 -26.77
C ILE K 174 -94.02 -54.13 -27.51
N ASP K 175 -94.68 -55.26 -27.72
CA ASP K 175 -94.09 -56.38 -28.44
C ASP K 175 -94.53 -56.41 -29.90
N THR K 176 -94.11 -57.46 -30.61
CA THR K 176 -94.55 -57.70 -31.99
C THR K 176 -94.84 -59.19 -32.16
N ALA K 177 -95.85 -59.67 -31.43
CA ALA K 177 -96.22 -61.07 -31.48
C ALA K 177 -97.66 -61.27 -31.01
N SER L 2 2.67 -35.92 -37.46
CA SER L 2 1.57 -36.45 -36.66
C SER L 2 0.21 -36.14 -37.26
N TYR L 3 -0.16 -36.87 -38.30
CA TYR L 3 -1.47 -36.71 -38.92
C TYR L 3 -2.47 -37.61 -38.21
N VAL L 4 -1.96 -38.45 -37.31
CA VAL L 4 -2.79 -39.38 -36.57
C VAL L 4 -3.68 -38.65 -35.56
N SER L 5 -3.22 -37.48 -35.11
CA SER L 5 -4.01 -36.65 -34.21
C SER L 5 -5.07 -35.86 -34.96
N ALA L 6 -4.77 -35.52 -36.21
CA ALA L 6 -5.76 -34.88 -37.08
C ALA L 6 -6.83 -35.90 -37.46
N GLU L 7 -6.38 -37.12 -37.73
CA GLU L 7 -7.28 -38.23 -38.03
C GLU L 7 -8.15 -38.54 -36.81
N HIS L 8 -7.55 -38.45 -35.63
CA HIS L 8 -8.29 -38.59 -34.38
C HIS L 8 -9.32 -37.47 -34.21
N ASP L 9 -8.94 -36.25 -34.62
CA ASP L 9 -9.87 -35.13 -34.57
C ASP L 9 -11.08 -35.40 -35.45
N ARG L 10 -10.80 -35.87 -36.67
CA ARG L 10 -11.84 -36.19 -37.63
C ARG L 10 -12.78 -37.26 -37.08
N MET L 11 -12.21 -38.36 -36.59
CA MET L 11 -12.98 -39.46 -36.03
C MET L 11 -13.86 -39.00 -34.87
N LEU L 12 -13.23 -38.31 -33.93
CA LEU L 12 -13.91 -37.77 -32.75
C LEU L 12 -15.10 -36.92 -33.17
N ALA L 13 -14.87 -35.97 -34.07
CA ALA L 13 -15.93 -35.06 -34.49
C ALA L 13 -17.05 -35.81 -35.20
N ALA L 14 -16.68 -36.85 -35.95
CA ALA L 14 -17.66 -37.59 -36.73
C ALA L 14 -18.48 -38.62 -35.92
N MET L 15 -17.98 -39.00 -34.75
CA MET L 15 -18.63 -40.04 -33.95
C MET L 15 -20.04 -39.71 -33.45
N ILE L 16 -20.25 -38.47 -33.03
CA ILE L 16 -21.55 -38.05 -32.51
C ILE L 16 -21.93 -36.75 -33.19
N LEU L 17 -22.99 -36.77 -33.99
CA LEU L 17 -23.36 -35.58 -34.74
C LEU L 17 -24.80 -35.15 -34.46
N PRO L 18 -25.03 -33.84 -34.26
CA PRO L 18 -26.42 -33.38 -34.17
C PRO L 18 -27.00 -33.29 -35.58
N CYS L 19 -28.23 -33.77 -35.80
CA CYS L 19 -28.71 -33.79 -37.16
C CYS L 19 -30.22 -33.74 -37.31
N VAL L 20 -30.66 -33.51 -38.54
CA VAL L 20 -32.09 -33.40 -38.84
C VAL L 20 -32.46 -34.25 -40.06
N VAL L 21 -33.61 -34.92 -39.99
CA VAL L 21 -34.06 -35.76 -41.09
C VAL L 21 -34.46 -34.91 -42.30
N VAL L 22 -33.92 -35.25 -43.47
CA VAL L 22 -34.26 -34.53 -44.70
C VAL L 22 -34.97 -35.41 -45.74
N ALA L 23 -34.94 -36.73 -45.53
CA ALA L 23 -35.58 -37.67 -46.46
C ALA L 23 -35.86 -39.01 -45.79
N VAL L 24 -36.92 -39.68 -46.21
CA VAL L 24 -37.31 -40.94 -45.61
C VAL L 24 -37.58 -42.01 -46.67
N ASP L 25 -36.91 -43.14 -46.56
CA ASP L 25 -37.19 -44.27 -47.43
C ASP L 25 -38.03 -45.26 -46.64
N LEU L 26 -39.34 -45.14 -46.81
CA LEU L 26 -40.28 -45.90 -45.97
C LEU L 26 -40.19 -47.41 -46.18
N ALA L 27 -40.09 -47.84 -47.44
CA ALA L 27 -40.05 -49.26 -47.76
C ALA L 27 -38.75 -49.91 -47.27
N ALA L 28 -37.66 -49.15 -47.28
CA ALA L 28 -36.38 -49.64 -46.81
C ALA L 28 -36.16 -49.42 -45.32
N ALA L 29 -37.02 -48.60 -44.71
CA ALA L 29 -36.87 -48.22 -43.31
C ALA L 29 -35.51 -47.55 -43.06
N ARG L 30 -35.24 -46.49 -43.82
CA ARG L 30 -34.03 -45.71 -43.63
C ARG L 30 -34.29 -44.22 -43.82
N VAL L 31 -33.40 -43.40 -43.27
CA VAL L 31 -33.51 -41.96 -43.39
C VAL L 31 -32.21 -41.36 -43.87
N ARG L 32 -32.29 -40.20 -44.51
CA ARG L 32 -31.13 -39.37 -44.75
C ARG L 32 -31.18 -38.25 -43.74
N VAL L 33 -30.05 -37.99 -43.07
CA VAL L 33 -29.97 -36.88 -42.13
C VAL L 33 -28.93 -35.87 -42.56
N ARG L 34 -29.09 -34.63 -42.09
CA ARG L 34 -28.17 -33.56 -42.40
C ARG L 34 -27.59 -32.99 -41.12
N SER L 35 -26.27 -32.81 -41.12
CA SER L 35 -25.57 -32.16 -40.03
C SER L 35 -24.65 -31.12 -40.66
N GLY L 36 -24.96 -29.84 -40.43
CA GLY L 36 -24.23 -28.77 -41.08
C GLY L 36 -24.48 -28.79 -42.57
N ASP L 37 -23.40 -28.82 -43.36
CA ASP L 37 -23.51 -28.88 -44.81
C ASP L 37 -23.43 -30.31 -45.34
N TRP L 38 -23.30 -31.28 -44.44
CA TRP L 38 -23.17 -32.68 -44.83
C TRP L 38 -24.51 -33.41 -44.79
N THR L 39 -24.79 -34.20 -45.82
CA THR L 39 -25.99 -35.03 -45.87
C THR L 39 -25.59 -36.50 -45.96
N SER L 40 -26.24 -37.34 -45.17
CA SER L 40 -25.88 -38.75 -45.05
C SER L 40 -26.38 -39.61 -46.21
N GLY L 41 -25.89 -40.85 -46.27
CA GLY L 41 -26.50 -41.87 -47.09
C GLY L 41 -27.72 -42.41 -46.37
N TRP L 42 -28.29 -43.50 -46.87
CA TRP L 42 -29.48 -44.09 -46.27
C TRP L 42 -29.12 -44.87 -44.99
N LEU L 43 -29.55 -44.35 -43.83
CA LEU L 43 -29.15 -44.93 -42.55
C LEU L 43 -30.33 -45.43 -41.73
N ARG L 44 -30.07 -46.39 -40.85
CA ARG L 44 -31.10 -46.92 -39.96
C ARG L 44 -31.35 -45.98 -38.80
N TRP L 45 -32.56 -46.01 -38.26
CA TRP L 45 -32.86 -45.34 -37.01
C TRP L 45 -33.17 -46.38 -35.94
N HIS L 46 -32.99 -46.00 -34.68
CA HIS L 46 -33.34 -46.88 -33.57
C HIS L 46 -34.82 -46.79 -33.31
N SER L 47 -35.54 -47.88 -33.56
CA SER L 47 -36.96 -47.95 -33.27
C SER L 47 -37.14 -48.25 -31.80
N LEU L 48 -38.40 -48.21 -31.35
CA LEU L 48 -38.76 -48.53 -29.97
C LEU L 48 -38.55 -50.01 -29.64
N ALA L 49 -38.61 -50.88 -30.65
CA ALA L 49 -38.48 -52.32 -30.45
C ALA L 49 -38.24 -53.05 -31.76
N ALA L 50 -37.23 -53.92 -31.79
CA ALA L 50 -36.91 -54.70 -32.99
C ALA L 50 -36.53 -56.15 -32.64
N GLY L 51 -37.41 -56.81 -31.91
CA GLY L 51 -37.24 -58.22 -31.57
C GLY L 51 -38.54 -58.98 -31.78
N LYS L 52 -38.88 -59.85 -30.81
CA LYS L 52 -40.17 -60.55 -30.85
C LYS L 52 -41.31 -59.55 -30.90
N VAL L 53 -41.14 -58.43 -30.21
CA VAL L 53 -41.98 -57.27 -30.40
C VAL L 53 -41.27 -56.33 -31.33
N ARG L 54 -42.01 -55.76 -32.27
CA ARG L 54 -41.47 -54.75 -33.14
C ARG L 54 -42.39 -53.53 -33.09
N HIS L 55 -41.79 -52.35 -33.12
CA HIS L 55 -42.57 -51.11 -33.20
C HIS L 55 -42.17 -50.32 -34.44
N TRP L 56 -43.16 -49.66 -35.06
CA TRP L 56 -42.90 -48.82 -36.22
C TRP L 56 -43.43 -47.41 -36.02
N ARG L 57 -42.57 -46.42 -36.28
CA ARG L 57 -42.96 -45.02 -36.31
C ARG L 57 -41.85 -44.30 -37.07
N ALA L 58 -42.07 -44.02 -38.35
CA ALA L 58 -41.03 -43.38 -39.16
C ALA L 58 -40.75 -41.97 -38.69
N PRO L 59 -39.46 -41.63 -38.52
CA PRO L 59 -39.08 -40.25 -38.21
C PRO L 59 -39.61 -39.34 -39.30
N SER L 60 -39.99 -38.12 -38.94
CA SER L 60 -40.53 -37.18 -39.89
C SER L 60 -39.42 -36.33 -40.47
N ILE L 61 -39.60 -35.87 -41.70
CA ILE L 61 -38.72 -34.86 -42.27
C ILE L 61 -38.76 -33.64 -41.35
N GLY L 62 -37.59 -33.15 -40.95
CA GLY L 62 -37.52 -32.04 -40.03
C GLY L 62 -37.27 -32.47 -38.59
N GLU L 63 -37.50 -33.75 -38.30
CA GLU L 63 -37.28 -34.26 -36.94
C GLU L 63 -35.80 -34.25 -36.58
N GLN L 64 -35.49 -33.74 -35.38
CA GLN L 64 -34.10 -33.60 -34.95
C GLN L 64 -33.69 -34.78 -34.08
N GLY L 65 -32.39 -35.07 -34.09
CA GLY L 65 -31.85 -36.17 -33.32
C GLY L 65 -30.33 -36.18 -33.35
N VAL L 66 -29.76 -37.34 -33.03
CA VAL L 66 -28.32 -37.51 -33.03
C VAL L 66 -27.90 -38.74 -33.84
N LEU L 67 -26.85 -38.58 -34.63
CA LEU L 67 -26.27 -39.70 -35.37
C LEU L 67 -25.06 -40.23 -34.63
N LEU L 68 -25.05 -41.55 -34.40
CA LEU L 68 -23.95 -42.22 -33.72
C LEU L 68 -23.20 -43.12 -34.70
N SER L 69 -21.91 -42.84 -34.88
CA SER L 69 -21.10 -43.56 -35.86
C SER L 69 -19.80 -44.10 -35.27
N PRO L 70 -19.74 -45.42 -35.07
CA PRO L 70 -18.56 -46.12 -34.55
C PRO L 70 -17.31 -45.71 -35.32
N SER L 71 -16.26 -45.32 -34.60
CA SER L 71 -15.00 -44.89 -35.19
C SER L 71 -15.17 -43.80 -36.24
N GLY L 72 -16.25 -43.03 -36.14
CA GLY L 72 -16.52 -41.96 -37.10
C GLY L 72 -16.93 -42.42 -38.48
N GLY L 73 -17.31 -43.68 -38.62
CA GLY L 73 -17.74 -44.21 -39.91
C GLY L 73 -19.20 -43.88 -40.19
N VAL L 74 -19.44 -42.67 -40.68
CA VAL L 74 -20.80 -42.16 -40.85
C VAL L 74 -21.65 -42.95 -41.86
N SER L 75 -21.00 -43.71 -42.74
CA SER L 75 -21.75 -44.54 -43.69
C SER L 75 -22.48 -45.69 -42.97
N MET L 76 -22.13 -45.92 -41.72
N MET L 76 -22.14 -45.91 -41.70
CA MET L 76 -22.79 -46.97 -40.93
CA MET L 76 -22.73 -46.97 -40.90
C MET L 76 -23.39 -46.40 -39.64
C MET L 76 -23.45 -46.40 -39.68
N GLY L 77 -23.61 -45.09 -39.63
CA GLY L 77 -24.18 -44.43 -38.46
C GLY L 77 -25.64 -44.75 -38.25
N THR L 78 -26.08 -44.70 -36.99
CA THR L 78 -27.49 -44.92 -36.69
C THR L 78 -28.08 -43.70 -36.00
N PHE L 79 -29.37 -43.47 -36.25
CA PHE L 79 -30.04 -42.24 -35.86
C PHE L 79 -30.98 -42.43 -34.67
N ILE L 80 -30.80 -41.59 -33.65
CA ILE L 80 -31.71 -41.54 -32.52
C ILE L 80 -32.52 -40.25 -32.61
N PRO L 81 -33.83 -40.38 -32.86
CA PRO L 81 -34.74 -39.26 -33.06
C PRO L 81 -35.20 -38.65 -31.75
N GLY L 82 -36.29 -37.90 -31.80
CA GLY L 82 -36.99 -37.49 -30.60
C GLY L 82 -36.57 -36.18 -29.94
N LEU L 83 -35.78 -35.36 -30.63
CA LEU L 83 -35.43 -34.06 -30.06
C LEU L 83 -36.46 -33.02 -30.49
N TYR L 84 -37.14 -32.43 -29.51
CA TYR L 84 -38.22 -31.49 -29.78
C TYR L 84 -37.71 -30.30 -30.60
N GLY L 85 -38.52 -29.90 -31.57
CA GLY L 85 -38.17 -28.81 -32.46
C GLY L 85 -39.38 -28.35 -33.25
N ASP L 86 -39.13 -27.51 -34.26
CA ASP L 86 -40.19 -26.93 -35.07
C ASP L 86 -41.02 -27.95 -35.85
N ALA L 87 -40.43 -29.09 -36.17
CA ALA L 87 -41.18 -30.14 -36.86
C ALA L 87 -41.91 -31.06 -35.89
N GLY L 88 -41.75 -30.80 -34.59
CA GLY L 88 -42.36 -31.64 -33.57
C GLY L 88 -42.06 -31.15 -32.18
N THR L 89 -42.94 -30.30 -31.66
CA THR L 89 -42.74 -29.65 -30.37
C THR L 89 -43.21 -30.55 -29.25
N ALA L 90 -42.83 -30.21 -28.02
CA ALA L 90 -43.29 -30.91 -26.83
C ALA L 90 -44.82 -30.89 -26.79
N PRO L 91 -45.45 -32.07 -26.78
CA PRO L 91 -46.91 -32.16 -26.85
C PRO L 91 -47.58 -32.05 -25.48
N ASP L 92 -46.79 -31.92 -24.42
CA ASP L 92 -47.34 -31.80 -23.07
C ASP L 92 -46.30 -31.09 -22.18
N ASN L 93 -46.68 -30.80 -20.95
CA ASN L 93 -45.77 -30.11 -20.02
C ASN L 93 -45.96 -30.57 -18.59
N SER L 94 -46.53 -31.77 -18.41
CA SER L 94 -46.85 -32.27 -17.08
C SER L 94 -45.80 -33.21 -16.52
N ALA L 95 -45.53 -33.08 -15.23
CA ALA L 95 -44.64 -34.00 -14.54
C ALA L 95 -45.35 -35.32 -14.24
N SER L 96 -46.66 -35.37 -14.44
CA SER L 96 -47.41 -36.58 -14.10
C SER L 96 -48.12 -37.25 -15.28
N SER L 97 -47.63 -37.03 -16.50
CA SER L 97 -48.29 -37.57 -17.69
C SER L 97 -47.35 -38.27 -18.66
N GLU L 98 -47.88 -39.27 -19.35
CA GLU L 98 -47.21 -39.96 -20.45
C GLU L 98 -48.17 -39.85 -21.63
N THR L 99 -47.74 -39.16 -22.68
CA THR L 99 -48.67 -38.69 -23.70
C THR L 99 -48.18 -38.87 -25.14
N TRP L 100 -49.03 -39.48 -25.97
CA TRP L 100 -48.85 -39.49 -27.41
C TRP L 100 -49.79 -38.47 -28.03
N ARG L 101 -49.27 -37.65 -28.94
CA ARG L 101 -50.11 -36.69 -29.66
C ARG L 101 -49.89 -36.82 -31.17
N PHE L 102 -50.98 -36.83 -31.92
CA PHE L 102 -50.90 -37.03 -33.38
C PHE L 102 -51.34 -35.80 -34.17
N ASP L 103 -50.93 -35.75 -35.44
CA ASP L 103 -51.15 -34.61 -36.31
C ASP L 103 -52.62 -34.33 -36.63
N ASP L 104 -53.49 -35.33 -36.45
CA ASP L 104 -54.91 -35.13 -36.67
C ASP L 104 -55.64 -34.70 -35.39
N GLY L 105 -54.88 -34.42 -34.33
CA GLY L 105 -55.48 -33.94 -33.09
C GLY L 105 -55.75 -35.03 -32.07
N ALA L 106 -55.54 -36.28 -32.45
CA ALA L 106 -55.79 -37.40 -31.54
C ALA L 106 -54.68 -37.52 -30.51
N SER L 107 -55.01 -38.09 -29.36
CA SER L 107 -54.03 -38.27 -28.28
C SER L 107 -54.34 -39.50 -27.44
N LEU L 108 -53.29 -40.12 -26.90
CA LEU L 108 -53.46 -41.20 -25.93
C LEU L 108 -52.56 -40.88 -24.75
N SER L 109 -53.15 -40.76 -23.57
N SER L 109 -53.14 -40.76 -23.57
CA SER L 109 -52.38 -40.27 -22.43
CA SER L 109 -52.36 -40.30 -22.43
C SER L 109 -52.75 -40.92 -21.10
C SER L 109 -52.75 -40.97 -21.12
N TYR L 110 -51.75 -41.26 -20.30
CA TYR L 110 -52.00 -41.65 -18.92
C TYR L 110 -51.46 -40.59 -17.98
N ASP L 111 -52.30 -40.18 -17.03
CA ASP L 111 -51.92 -39.19 -16.04
C ASP L 111 -52.04 -39.85 -14.66
N TRP L 112 -50.91 -40.00 -13.97
CA TRP L 112 -50.91 -40.74 -12.72
C TRP L 112 -51.13 -39.89 -11.47
N ALA L 113 -51.35 -38.59 -11.66
CA ALA L 113 -51.80 -37.73 -10.57
C ALA L 113 -53.31 -37.71 -10.59
N ALA L 114 -53.87 -37.62 -11.79
CA ALA L 114 -55.32 -37.63 -11.96
C ALA L 114 -55.90 -39.06 -12.03
N HIS L 115 -55.02 -40.04 -12.21
CA HIS L 115 -55.41 -41.45 -12.34
C HIS L 115 -56.37 -41.64 -13.51
N ARG L 116 -55.91 -41.28 -14.70
CA ARG L 116 -56.77 -41.24 -15.87
C ARG L 116 -56.05 -41.68 -17.15
N TYR L 117 -56.64 -42.65 -17.83
CA TYR L 117 -56.21 -43.00 -19.16
C TYR L 117 -57.23 -42.43 -20.13
N ARG L 118 -56.76 -41.64 -21.07
CA ARG L 118 -57.65 -41.00 -22.02
C ARG L 118 -57.20 -41.27 -23.44
N VAL L 119 -58.10 -41.89 -24.20
CA VAL L 119 -57.91 -42.08 -25.63
C VAL L 119 -58.88 -41.13 -26.30
N GLU L 120 -58.37 -40.10 -26.95
CA GLU L 120 -59.24 -39.07 -27.49
C GLU L 120 -59.01 -38.84 -28.98
N LEU L 121 -60.07 -39.03 -29.76
CA LEU L 121 -60.03 -38.78 -31.20
C LEU L 121 -61.10 -37.75 -31.56
N PRO L 122 -60.71 -36.67 -32.26
CA PRO L 122 -61.69 -35.66 -32.68
C PRO L 122 -62.73 -36.30 -33.60
N SER L 123 -62.30 -37.25 -34.42
N SER L 123 -62.30 -37.24 -34.42
CA SER L 123 -63.18 -37.96 -35.32
CA SER L 123 -63.20 -37.99 -35.28
C SER L 123 -62.53 -39.29 -35.72
C SER L 123 -62.57 -39.34 -35.58
N GLY L 124 -63.33 -40.23 -36.22
CA GLY L 124 -62.80 -41.52 -36.65
C GLY L 124 -63.35 -42.71 -35.90
N THR L 125 -62.49 -43.66 -35.56
N THR L 125 -62.49 -43.67 -35.59
CA THR L 125 -62.93 -44.91 -34.93
CA THR L 125 -62.92 -44.87 -34.88
C THR L 125 -61.89 -45.48 -33.97
C THR L 125 -61.87 -45.37 -33.90
N VAL L 126 -62.35 -45.97 -32.82
CA VAL L 126 -61.51 -46.76 -31.93
C VAL L 126 -62.08 -48.16 -32.00
N GLU L 127 -61.25 -49.12 -32.32
CA GLU L 127 -61.73 -50.49 -32.47
C GLU L 127 -60.91 -51.44 -31.61
N VAL L 128 -61.61 -52.23 -30.80
CA VAL L 128 -60.99 -53.29 -30.05
C VAL L 128 -61.58 -54.61 -30.52
N ARG L 129 -60.79 -55.39 -31.25
CA ARG L 129 -61.27 -56.64 -31.81
C ARG L 129 -60.46 -57.83 -31.31
N VAL L 130 -61.16 -58.82 -30.79
CA VAL L 130 -60.56 -60.08 -30.37
C VAL L 130 -61.32 -61.21 -31.04
N GLY L 131 -60.69 -61.85 -32.02
CA GLY L 131 -61.35 -62.88 -32.81
C GLY L 131 -62.56 -62.33 -33.54
N ALA L 132 -63.74 -62.83 -33.19
CA ALA L 132 -64.97 -62.40 -33.83
C ALA L 132 -65.71 -61.33 -33.02
N SER L 133 -65.19 -60.99 -31.85
CA SER L 133 -65.82 -59.99 -31.00
C SER L 133 -65.17 -58.63 -31.14
N GLU L 134 -65.96 -57.58 -30.93
CA GLU L 134 -65.53 -56.24 -31.26
C GLU L 134 -66.29 -55.15 -30.50
N VAL L 135 -65.54 -54.18 -30.00
CA VAL L 135 -66.11 -52.95 -29.46
C VAL L 135 -65.63 -51.80 -30.36
N ARG L 136 -66.56 -51.10 -30.97
N ARG L 136 -66.56 -51.05 -30.93
CA ARG L 136 -66.25 -49.95 -31.82
CA ARG L 136 -66.22 -49.96 -31.84
C ARG L 136 -66.81 -48.67 -31.22
C ARG L 136 -66.84 -48.64 -31.40
N VAL L 137 -65.98 -47.64 -31.17
CA VAL L 137 -66.44 -46.33 -30.80
C VAL L 137 -66.21 -45.37 -31.97
N SER L 138 -67.28 -44.80 -32.50
CA SER L 138 -67.16 -43.87 -33.62
C SER L 138 -67.94 -42.60 -33.30
N ASP L 139 -67.85 -41.60 -34.19
CA ASP L 139 -68.54 -40.33 -34.02
C ASP L 139 -70.02 -40.50 -33.72
N GLY L 140 -70.66 -41.42 -34.43
CA GLY L 140 -72.10 -41.55 -34.37
C GLY L 140 -72.62 -42.77 -33.61
N ALA L 141 -71.72 -43.62 -33.15
CA ALA L 141 -72.16 -44.85 -32.48
C ALA L 141 -71.13 -45.52 -31.57
N VAL L 142 -71.64 -46.20 -30.54
CA VAL L 142 -70.87 -47.23 -29.84
C VAL L 142 -71.50 -48.57 -30.17
N SER L 143 -70.68 -49.53 -30.56
CA SER L 143 -71.17 -50.84 -30.98
C SER L 143 -70.45 -51.97 -30.25
N LEU L 144 -71.24 -52.92 -29.78
CA LEU L 144 -70.69 -54.15 -29.23
C LEU L 144 -71.17 -55.27 -30.13
N LYS L 145 -70.26 -56.16 -30.50
CA LYS L 145 -70.59 -57.26 -31.38
C LYS L 145 -69.88 -58.51 -30.91
N ALA L 146 -70.64 -59.55 -30.58
CA ALA L 146 -70.07 -60.79 -30.06
C ALA L 146 -71.10 -61.90 -30.04
N PRO L 147 -70.64 -63.16 -30.02
CA PRO L 147 -71.59 -64.28 -29.89
C PRO L 147 -72.31 -64.25 -28.53
N LYS L 148 -71.79 -63.46 -27.60
CA LYS L 148 -72.46 -63.24 -26.32
C LYS L 148 -72.13 -61.87 -25.78
N ILE L 149 -73.15 -61.10 -25.42
CA ILE L 149 -72.96 -59.81 -24.78
C ILE L 149 -73.51 -59.88 -23.36
N SER L 150 -72.64 -59.66 -22.38
CA SER L 150 -72.99 -59.84 -20.98
C SER L 150 -72.88 -58.53 -20.19
N LEU L 151 -73.98 -58.09 -19.61
CA LEU L 151 -73.99 -56.89 -18.77
C LEU L 151 -74.25 -57.32 -17.34
N GLU L 152 -73.23 -57.18 -16.49
N GLU L 152 -73.22 -57.22 -16.50
CA GLU L 152 -73.28 -57.67 -15.12
CA GLU L 152 -73.30 -57.67 -15.11
C GLU L 152 -73.38 -56.51 -14.13
C GLU L 152 -73.39 -56.50 -14.14
N GLY L 153 -74.60 -56.24 -13.67
CA GLY L 153 -74.86 -55.12 -12.78
C GLY L 153 -76.19 -54.47 -13.13
N PRO L 154 -76.62 -53.49 -12.33
CA PRO L 154 -77.82 -52.72 -12.67
C PRO L 154 -77.56 -51.99 -13.98
N VAL L 155 -78.52 -51.98 -14.88
CA VAL L 155 -78.37 -51.32 -16.17
C VAL L 155 -79.41 -50.23 -16.35
N GLU L 156 -78.95 -49.01 -16.64
CA GLU L 156 -79.87 -47.91 -16.87
C GLU L 156 -79.74 -47.42 -18.31
N ILE L 157 -80.84 -47.40 -19.04
CA ILE L 157 -80.84 -46.82 -20.37
C ILE L 157 -81.53 -45.47 -20.37
N ALA L 158 -80.76 -44.42 -20.62
CA ALA L 158 -81.33 -43.09 -20.79
C ALA L 158 -81.60 -42.90 -22.27
N GLY L 159 -82.79 -43.32 -22.71
CA GLY L 159 -83.16 -43.34 -24.11
C GLY L 159 -84.18 -44.45 -24.36
N THR L 160 -84.41 -44.76 -25.63
CA THR L 160 -85.30 -45.85 -26.00
C THR L 160 -84.55 -47.16 -26.11
N LEU L 161 -85.29 -48.26 -26.12
CA LEU L 161 -84.73 -49.60 -26.29
C LEU L 161 -85.54 -50.35 -27.34
N THR L 162 -84.87 -50.83 -28.37
CA THR L 162 -85.51 -51.62 -29.41
C THR L 162 -84.77 -52.94 -29.55
N VAL L 163 -85.51 -54.03 -29.39
CA VAL L 163 -84.93 -55.37 -29.42
C VAL L 163 -85.57 -56.18 -30.55
N SER L 164 -84.75 -56.68 -31.47
CA SER L 164 -85.25 -57.41 -32.62
C SER L 164 -85.83 -58.77 -32.23
N GLY L 165 -85.26 -59.40 -31.20
CA GLY L 165 -85.70 -60.71 -30.78
C GLY L 165 -86.56 -60.67 -29.53
N ASP L 166 -86.81 -61.83 -28.93
CA ASP L 166 -87.59 -61.92 -27.71
C ASP L 166 -86.94 -61.18 -26.55
N ILE L 167 -87.78 -60.73 -25.61
CA ILE L 167 -87.31 -60.17 -24.36
C ILE L 167 -87.81 -61.04 -23.21
N LEU L 168 -86.89 -61.56 -22.41
CA LEU L 168 -87.25 -62.42 -21.28
C LEU L 168 -86.83 -61.78 -19.96
N GLY L 169 -87.81 -61.49 -19.11
CA GLY L 169 -87.54 -60.93 -17.80
C GLY L 169 -87.78 -61.92 -16.68
N GLY L 170 -86.80 -62.03 -15.77
CA GLY L 170 -86.86 -62.98 -14.68
C GLY L 170 -87.67 -62.50 -13.49
N GLY L 171 -88.04 -61.22 -13.50
CA GLY L 171 -88.85 -60.65 -12.45
C GLY L 171 -90.12 -60.04 -13.00
N SER L 172 -90.35 -58.78 -12.70
CA SER L 172 -91.50 -58.06 -13.22
C SER L 172 -91.12 -57.21 -14.45
N ILE L 173 -92.11 -56.96 -15.30
CA ILE L 173 -91.94 -56.01 -16.40
C ILE L 173 -93.01 -54.94 -16.26
N ILE L 174 -92.56 -53.72 -15.98
CA ILE L 174 -93.47 -52.65 -15.58
C ILE L 174 -93.28 -51.40 -16.44
N ASP L 175 -94.35 -50.95 -17.08
CA ASP L 175 -94.31 -49.79 -17.95
C ASP L 175 -94.83 -48.55 -17.25
N THR L 176 -94.83 -47.42 -17.96
CA THR L 176 -95.33 -46.16 -17.43
C THR L 176 -96.28 -45.48 -18.41
N SER M 5 69.17 37.97 34.97
CA SER M 5 68.26 38.08 36.10
C SER M 5 67.64 39.47 36.21
N ALA M 6 67.68 40.21 35.11
CA ALA M 6 67.16 41.57 35.09
C ALA M 6 65.64 41.59 34.90
N GLU M 7 65.17 40.95 33.83
CA GLU M 7 63.74 40.92 33.53
C GLU M 7 63.03 39.76 34.23
N HIS M 8 63.79 38.97 34.97
CA HIS M 8 63.23 37.85 35.72
C HIS M 8 62.39 38.36 36.89
N ASP M 9 62.97 39.25 37.68
CA ASP M 9 62.26 39.82 38.82
C ASP M 9 61.23 40.87 38.38
N ARG M 10 61.31 41.30 37.13
CA ARG M 10 60.32 42.21 36.58
C ARG M 10 59.01 41.44 36.38
N MET M 11 59.11 40.30 35.70
CA MET M 11 57.97 39.42 35.52
C MET M 11 57.51 38.91 36.89
N LEU M 12 58.47 38.55 37.73
CA LEU M 12 58.17 38.06 39.07
C LEU M 12 57.34 39.07 39.87
N ALA M 13 57.71 40.35 39.75
CA ALA M 13 57.00 41.40 40.48
C ALA M 13 55.65 41.71 39.84
N ALA M 14 55.59 41.67 38.52
CA ALA M 14 54.37 42.05 37.79
C ALA M 14 53.37 40.90 37.64
N MET M 15 53.72 39.71 38.11
CA MET M 15 52.82 38.56 38.04
C MET M 15 51.64 38.72 39.00
N ILE M 16 51.96 39.08 40.24
CA ILE M 16 50.95 39.27 41.28
C ILE M 16 51.06 40.68 41.85
N LEU M 17 50.04 41.50 41.60
CA LEU M 17 50.10 42.89 42.03
C LEU M 17 48.91 43.31 42.89
N PRO M 18 49.18 43.91 44.06
CA PRO M 18 48.08 44.49 44.83
C PRO M 18 47.61 45.78 44.14
N CYS M 19 46.31 45.88 43.85
CA CYS M 19 45.82 47.01 43.09
C CYS M 19 44.43 47.48 43.54
N VAL M 20 44.04 48.66 43.07
CA VAL M 20 42.77 49.25 43.43
C VAL M 20 42.02 49.72 42.18
N VAL M 21 40.71 49.50 42.14
CA VAL M 21 39.89 49.92 41.01
C VAL M 21 39.83 51.44 40.91
N VAL M 22 40.13 51.98 39.72
CA VAL M 22 40.09 53.42 39.51
C VAL M 22 39.10 53.82 38.40
N ALA M 23 38.78 52.88 37.52
CA ALA M 23 37.81 53.14 36.46
C ALA M 23 36.99 51.89 36.12
N VAL M 24 35.76 52.10 35.67
CA VAL M 24 34.86 50.98 35.36
C VAL M 24 34.16 51.17 34.01
N ASP M 25 34.22 50.15 33.15
CA ASP M 25 33.48 50.16 31.90
C ASP M 25 32.39 49.11 31.94
N LEU M 26 31.17 49.54 32.20
CA LEU M 26 30.04 48.62 32.38
C LEU M 26 29.65 47.90 31.09
N ALA M 27 29.65 48.65 29.99
CA ALA M 27 29.21 48.11 28.71
C ALA M 27 30.14 47.02 28.21
N ALA M 28 31.44 47.17 28.48
CA ALA M 28 32.43 46.21 28.04
C ALA M 28 32.82 45.25 29.16
N ALA M 29 32.24 45.46 30.34
CA ALA M 29 32.56 44.65 31.52
C ALA M 29 34.06 44.62 31.79
N ARG M 30 34.66 45.81 31.77
CA ARG M 30 36.10 45.95 31.98
C ARG M 30 36.41 46.87 33.15
N VAL M 31 37.66 46.82 33.61
CA VAL M 31 38.07 47.61 34.75
C VAL M 31 39.52 48.10 34.60
N ARG M 32 39.81 49.29 35.11
CA ARG M 32 41.18 49.77 35.18
C ARG M 32 41.62 49.81 36.63
N VAL M 33 42.81 49.28 36.92
CA VAL M 33 43.32 49.26 38.27
C VAL M 33 44.61 50.05 38.40
N ARG M 34 45.02 50.30 39.65
CA ARG M 34 46.23 51.05 39.94
C ARG M 34 47.03 50.38 41.04
N SER M 35 48.34 50.29 40.83
CA SER M 35 49.25 49.72 41.82
C SER M 35 50.46 50.65 41.97
N GLY M 36 50.43 51.49 42.99
CA GLY M 36 51.44 52.51 43.15
C GLY M 36 51.13 53.70 42.26
N ASP M 37 51.99 53.94 41.27
CA ASP M 37 51.78 55.05 40.34
C ASP M 37 51.48 54.53 38.93
N TRP M 38 51.36 53.23 38.79
CA TRP M 38 51.05 52.61 37.50
C TRP M 38 49.56 52.31 37.36
N THR M 39 49.00 52.68 36.21
CA THR M 39 47.60 52.41 35.91
C THR M 39 47.49 51.47 34.72
N SER M 40 46.69 50.43 34.85
CA SER M 40 46.54 49.41 33.82
C SER M 40 45.62 49.86 32.69
N GLY M 41 45.51 49.04 31.66
CA GLY M 41 44.51 49.25 30.63
C GLY M 41 43.19 48.65 31.07
N TRP M 42 42.24 48.56 30.14
CA TRP M 42 40.95 47.95 30.45
C TRP M 42 41.06 46.43 30.56
N LEU M 43 40.93 45.92 31.78
CA LEU M 43 41.11 44.48 32.04
C LEU M 43 39.84 43.83 32.58
N ARG M 44 39.73 42.52 32.37
CA ARG M 44 38.59 41.76 32.85
C ARG M 44 38.74 41.45 34.33
N TRP M 45 37.61 41.19 35.01
CA TRP M 45 37.66 40.74 36.38
C TRP M 45 37.04 39.34 36.48
N HIS M 46 37.32 38.64 37.57
CA HIS M 46 36.74 37.31 37.76
C HIS M 46 35.38 37.44 38.42
N SER M 47 34.33 37.15 37.65
CA SER M 47 32.97 37.17 38.19
C SER M 47 32.75 35.91 39.01
N LEU M 48 31.58 35.78 39.62
CA LEU M 48 31.29 34.60 40.42
C LEU M 48 30.95 33.39 39.55
N ALA M 49 30.66 33.65 38.28
CA ALA M 49 30.25 32.59 37.35
C ALA M 49 30.16 33.10 35.91
N ALA M 50 30.76 32.36 34.99
CA ALA M 50 30.77 32.75 33.59
C ALA M 50 30.57 31.55 32.67
N GLY M 51 29.54 30.76 32.96
CA GLY M 51 29.20 29.62 32.11
C GLY M 51 27.72 29.63 31.78
N LYS M 52 27.08 28.47 31.89
CA LYS M 52 25.65 28.38 31.75
C LYS M 52 24.98 29.25 32.80
N VAL M 53 25.58 29.27 33.99
CA VAL M 53 25.22 30.22 35.03
C VAL M 53 26.10 31.43 34.86
N ARG M 54 25.53 32.62 34.96
CA ARG M 54 26.32 33.86 34.93
C ARG M 54 25.96 34.78 36.09
N HIS M 55 26.98 35.40 36.68
CA HIS M 55 26.77 36.36 37.75
C HIS M 55 27.34 37.71 37.35
N TRP M 56 26.69 38.78 37.79
CA TRP M 56 27.16 40.14 37.52
C TRP M 56 27.16 40.99 38.77
N ARG M 57 28.31 41.60 39.05
CA ARG M 57 28.47 42.55 40.14
C ARG M 57 29.74 43.34 39.84
N ALA M 58 29.57 44.53 39.28
CA ALA M 58 30.72 45.32 38.86
C ALA M 58 31.51 45.80 40.08
N PRO M 59 32.84 45.66 40.03
CA PRO M 59 33.69 46.24 41.06
C PRO M 59 33.47 47.75 41.14
N SER M 60 33.46 48.31 42.34
CA SER M 60 33.25 49.73 42.51
C SER M 60 34.57 50.48 42.49
N ILE M 61 34.51 51.80 42.26
CA ILE M 61 35.72 52.62 42.30
C ILE M 61 36.29 52.57 43.71
N GLY M 62 37.59 52.32 43.82
CA GLY M 62 38.24 52.27 45.11
C GLY M 62 38.22 50.90 45.76
N GLU M 63 37.55 49.94 45.13
CA GLU M 63 37.57 48.56 45.60
C GLU M 63 38.95 47.97 45.43
N GLN M 64 39.46 47.31 46.46
CA GLN M 64 40.80 46.75 46.43
C GLN M 64 40.79 45.29 46.00
N GLY M 65 41.90 44.84 45.41
CA GLY M 65 42.01 43.47 44.96
C GLY M 65 43.39 43.13 44.44
N VAL M 66 43.51 41.97 43.80
CA VAL M 66 44.79 41.49 43.29
C VAL M 66 44.73 41.24 41.78
N LEU M 67 45.72 41.76 41.07
CA LEU M 67 45.85 41.53 39.63
C LEU M 67 46.80 40.37 39.37
N LEU M 68 46.32 39.39 38.61
CA LEU M 68 47.13 38.24 38.21
C LEU M 68 47.47 38.33 36.73
N SER M 69 48.76 38.31 36.42
CA SER M 69 49.22 38.48 35.04
C SER M 69 50.21 37.39 34.65
N PRO M 70 49.77 36.46 33.78
CA PRO M 70 50.62 35.40 33.21
C PRO M 70 51.94 35.94 32.67
N SER M 71 53.06 35.47 33.22
CA SER M 71 54.40 35.87 32.80
C SER M 71 54.61 37.38 32.79
N GLY M 72 53.92 38.08 33.69
CA GLY M 72 54.10 39.51 33.84
C GLY M 72 53.37 40.37 32.82
N GLY M 73 52.82 39.74 31.78
CA GLY M 73 52.06 40.46 30.78
C GLY M 73 50.84 41.13 31.39
N VAL M 74 51.02 42.35 31.89
CA VAL M 74 49.96 43.06 32.61
C VAL M 74 48.83 43.55 31.71
N SER M 75 49.06 43.56 30.40
CA SER M 75 48.03 43.98 29.46
C SER M 75 46.95 42.91 29.31
N MET M 76 47.24 41.71 29.80
N MET M 76 47.23 41.71 29.80
CA MET M 76 46.29 40.61 29.77
CA MET M 76 46.28 40.62 29.76
C MET M 76 45.98 40.12 31.17
C MET M 76 45.96 40.13 31.17
N GLY M 77 46.25 40.96 32.16
CA GLY M 77 46.01 40.60 33.55
C GLY M 77 44.53 40.53 33.90
N THR M 78 44.18 39.64 34.83
CA THR M 78 42.81 39.53 35.30
C THR M 78 42.73 39.94 36.76
N PHE M 79 41.60 40.53 37.13
CA PHE M 79 41.45 41.17 38.44
C PHE M 79 40.55 40.39 39.39
N ILE M 80 41.03 40.18 40.61
CA ILE M 80 40.21 39.56 41.65
C ILE M 80 39.92 40.56 42.78
N PRO M 81 38.66 41.00 42.88
CA PRO M 81 38.26 41.98 43.90
C PRO M 81 37.98 41.31 45.24
N GLY M 82 37.27 42.01 46.12
CA GLY M 82 36.79 41.40 47.34
C GLY M 82 37.59 41.69 48.59
N LEU M 83 38.69 42.42 48.45
CA LEU M 83 39.48 42.83 49.60
C LEU M 83 38.82 44.01 50.31
N TYR M 84 38.47 43.80 51.57
CA TYR M 84 37.82 44.84 52.37
C TYR M 84 38.70 46.09 52.48
N GLY M 85 38.06 47.25 52.48
CA GLY M 85 38.79 48.52 52.57
C GLY M 85 37.85 49.69 52.75
N ASP M 86 38.35 50.89 52.43
CA ASP M 86 37.56 52.12 52.59
C ASP M 86 36.32 52.14 51.72
N ALA M 87 36.45 51.61 50.50
CA ALA M 87 35.33 51.60 49.56
C ALA M 87 34.35 50.47 49.85
N GLY M 88 34.73 49.58 50.78
CA GLY M 88 33.89 48.46 51.15
C GLY M 88 34.42 47.71 52.35
N THR M 89 33.85 47.99 53.51
CA THR M 89 34.28 47.36 54.76
C THR M 89 33.54 46.05 55.00
N ALA M 90 34.05 45.25 55.93
CA ALA M 90 33.38 44.02 56.34
C ALA M 90 31.97 44.33 56.86
N PRO M 91 30.95 43.77 56.19
CA PRO M 91 29.55 44.04 56.51
C PRO M 91 29.04 43.22 57.69
N ASP M 92 29.87 42.34 58.23
CA ASP M 92 29.49 41.51 59.36
C ASP M 92 30.72 41.06 60.13
N ASN M 93 30.51 40.31 61.23
CA ASN M 93 31.60 39.81 62.04
C ASN M 93 31.28 38.48 62.70
N SER M 94 30.27 37.79 62.18
CA SER M 94 29.79 36.55 62.77
C SER M 94 30.42 35.31 62.13
N ALA M 95 30.65 34.29 62.94
CA ALA M 95 31.21 33.05 62.44
C ALA M 95 30.11 32.11 61.95
N SER M 96 28.87 32.54 62.09
CA SER M 96 27.74 31.69 61.71
C SER M 96 26.80 32.35 60.70
N SER M 97 27.32 33.25 59.87
CA SER M 97 26.48 33.96 58.92
C SER M 97 27.12 34.12 57.55
N GLU M 98 26.26 34.16 56.53
CA GLU M 98 26.66 34.47 55.16
C GLU M 98 25.73 35.60 54.73
N THR M 99 26.29 36.77 54.45
CA THR M 99 25.47 37.96 54.26
C THR M 99 25.91 38.89 53.14
N TRP M 100 24.93 39.36 52.38
CA TRP M 100 25.12 40.43 51.40
C TRP M 100 24.58 41.71 52.02
N ARG M 101 25.36 42.79 51.94
CA ARG M 101 24.91 44.09 52.42
C ARG M 101 25.06 45.13 51.32
N PHE M 102 24.00 45.89 51.09
CA PHE M 102 23.97 46.84 49.99
C PHE M 102 24.00 48.29 50.46
N ASP M 103 24.37 49.20 49.55
CA ASP M 103 24.58 50.60 49.87
C ASP M 103 23.32 51.30 50.39
N ASP M 104 22.16 50.77 50.05
CA ASP M 104 20.89 51.37 50.47
C ASP M 104 20.38 50.79 51.78
N GLY M 105 21.18 49.96 52.43
CA GLY M 105 20.82 49.41 53.72
C GLY M 105 20.22 48.02 53.66
N ALA M 106 19.81 47.60 52.48
CA ALA M 106 19.25 46.26 52.29
C ALA M 106 20.28 45.18 52.60
N SER M 107 19.80 44.02 53.01
CA SER M 107 20.69 42.91 53.29
C SER M 107 20.01 41.56 53.06
N LEU M 108 20.80 40.58 52.63
N LEU M 108 20.80 40.59 52.62
CA LEU M 108 20.31 39.21 52.45
CA LEU M 108 20.32 39.22 52.47
C LEU M 108 21.25 38.24 53.15
C LEU M 108 21.29 38.32 53.22
N SER M 109 20.79 37.62 54.24
CA SER M 109 21.66 36.86 55.11
C SER M 109 21.09 35.53 55.59
N TYR M 110 21.91 34.49 55.57
CA TYR M 110 21.57 33.28 56.30
C TYR M 110 22.47 33.10 57.53
N ASP M 111 21.86 32.77 58.67
CA ASP M 111 22.60 32.54 59.90
C ASP M 111 22.32 31.12 60.42
N TRP M 112 23.30 30.24 60.37
CA TRP M 112 23.08 28.85 60.72
C TRP M 112 23.18 28.54 62.22
N ALA M 113 23.42 29.57 63.03
CA ALA M 113 23.36 29.42 64.48
C ALA M 113 21.96 29.77 64.96
N ALA M 114 21.37 30.79 64.35
CA ALA M 114 20.01 31.18 64.67
C ALA M 114 19.00 30.47 63.78
N HIS M 115 19.50 29.78 62.75
CA HIS M 115 18.66 29.05 61.79
C HIS M 115 17.66 29.98 61.10
N ARG M 116 18.17 31.08 60.54
CA ARG M 116 17.29 32.08 59.95
C ARG M 116 17.81 32.60 58.61
N TYR M 117 16.90 32.69 57.65
CA TYR M 117 17.17 33.39 56.40
C TYR M 117 16.39 34.69 56.40
N ARG M 118 17.09 35.79 56.16
CA ARG M 118 16.51 37.11 56.30
C ARG M 118 16.82 37.99 55.09
N VAL M 119 15.77 38.35 54.36
CA VAL M 119 15.85 39.36 53.31
C VAL M 119 15.22 40.61 53.88
N GLU M 120 16.03 41.64 54.08
CA GLU M 120 15.54 42.84 54.75
C GLU M 120 15.85 44.10 53.94
N LEU M 121 14.80 44.83 53.60
CA LEU M 121 14.92 46.09 52.89
C LEU M 121 14.27 47.17 53.74
N PRO M 122 14.98 48.29 53.95
CA PRO M 122 14.41 49.43 54.67
C PRO M 122 13.20 49.97 53.92
N SER M 123 13.26 49.97 52.60
CA SER M 123 12.18 50.44 51.75
C SER M 123 12.36 49.87 50.36
N GLY M 124 11.26 49.79 49.60
CA GLY M 124 11.34 49.33 48.23
C GLY M 124 10.39 48.18 47.98
N THR M 125 10.85 47.18 47.22
CA THR M 125 10.00 46.03 46.90
C THR M 125 10.81 44.73 46.79
N VAL M 126 10.20 43.65 47.27
CA VAL M 126 10.65 42.31 46.98
C VAL M 126 9.61 41.67 46.06
N GLU M 127 10.04 41.24 44.88
CA GLU M 127 9.15 40.65 43.91
C GLU M 127 9.56 39.22 43.59
N VAL M 128 8.61 38.31 43.76
CA VAL M 128 8.84 36.91 43.40
C VAL M 128 7.83 36.56 42.34
N ARG M 129 8.31 36.38 41.12
CA ARG M 129 7.45 36.23 39.95
C ARG M 129 7.73 34.92 39.21
N VAL M 130 6.68 34.10 39.07
CA VAL M 130 6.78 32.88 38.28
C VAL M 130 5.63 32.86 37.29
N GLY M 131 5.95 32.98 36.00
CA GLY M 131 4.92 33.04 34.98
C GLY M 131 3.97 34.21 35.24
N ALA M 132 2.70 33.90 35.42
CA ALA M 132 1.69 34.94 35.61
C ALA M 132 1.45 35.23 37.09
N SER M 133 2.13 34.50 37.95
CA SER M 133 1.93 34.62 39.39
C SER M 133 3.03 35.43 40.07
N GLU M 134 2.69 36.02 41.21
CA GLU M 134 3.62 36.90 41.89
C GLU M 134 3.27 37.10 43.37
N VAL M 135 4.27 36.99 44.23
CA VAL M 135 4.15 37.56 45.57
C VAL M 135 4.99 38.83 45.62
N ARG M 136 4.46 39.88 46.23
N ARG M 136 4.46 39.88 46.23
CA ARG M 136 5.16 41.16 46.30
CA ARG M 136 5.15 41.16 46.30
C ARG M 136 5.08 41.76 47.69
C ARG M 136 5.08 41.75 47.70
N VAL M 137 6.25 42.10 48.24
CA VAL M 137 6.32 42.74 49.54
C VAL M 137 6.83 44.16 49.34
N SER M 138 6.05 45.15 49.79
CA SER M 138 6.47 46.54 49.68
C SER M 138 6.24 47.24 51.01
N ASP M 139 6.65 48.51 51.11
CA ASP M 139 6.56 49.26 52.35
C ASP M 139 5.18 49.17 52.99
N GLY M 140 4.14 49.30 52.15
CA GLY M 140 2.78 49.35 52.66
C GLY M 140 1.87 48.20 52.27
N ALA M 141 2.42 47.11 51.76
CA ALA M 141 1.58 45.99 51.31
C ALA M 141 2.30 44.68 51.07
N VAL M 142 1.58 43.59 51.33
CA VAL M 142 1.95 42.28 50.82
C VAL M 142 0.83 41.86 49.88
N SER M 143 1.19 41.48 48.66
CA SER M 143 0.19 41.12 47.66
C SER M 143 0.48 39.76 47.05
N LEU M 144 -0.59 39.00 46.85
CA LEU M 144 -0.52 37.71 46.18
C LEU M 144 -1.39 37.81 44.95
N LYS M 145 -0.81 37.50 43.79
CA LYS M 145 -1.56 37.58 42.55
C LYS M 145 -1.32 36.33 41.72
N ALA M 146 -2.39 35.59 41.45
CA ALA M 146 -2.30 34.31 40.77
C ALA M 146 -3.67 33.87 40.29
N PRO M 147 -3.72 33.01 39.26
CA PRO M 147 -4.99 32.47 38.78
C PRO M 147 -5.75 31.73 39.87
N LYS M 148 -5.00 31.30 40.89
CA LYS M 148 -5.57 30.59 42.01
C LYS M 148 -4.71 30.86 43.23
N ILE M 149 -5.35 31.16 44.36
CA ILE M 149 -4.63 31.38 45.60
C ILE M 149 -5.11 30.38 46.64
N SER M 150 -4.19 29.59 47.16
CA SER M 150 -4.56 28.48 48.02
C SER M 150 -3.97 28.62 49.42
N LEU M 151 -4.83 28.54 50.43
CA LEU M 151 -4.38 28.56 51.81
C LEU M 151 -4.78 27.25 52.49
N GLU M 152 -3.78 26.47 52.89
CA GLU M 152 -4.02 25.17 53.51
C GLU M 152 -3.65 25.16 54.98
N GLY M 153 -4.67 25.15 55.83
CA GLY M 153 -4.49 25.18 57.26
C GLY M 153 -5.50 26.12 57.86
N PRO M 154 -5.55 26.21 59.19
CA PRO M 154 -6.46 27.18 59.80
C PRO M 154 -5.95 28.59 59.53
N VAL M 155 -6.83 29.45 59.03
CA VAL M 155 -6.44 30.83 58.73
C VAL M 155 -7.00 31.80 59.76
N GLU M 156 -6.12 32.61 60.33
CA GLU M 156 -6.53 33.67 61.25
C GLU M 156 -6.25 35.05 60.67
N ILE M 157 -7.29 35.87 60.59
CA ILE M 157 -7.11 37.25 60.16
C ILE M 157 -7.27 38.19 61.34
N ALA M 158 -6.20 38.92 61.64
CA ALA M 158 -6.24 39.93 62.68
C ALA M 158 -6.50 41.26 62.00
N GLY M 159 -7.77 41.57 61.78
CA GLY M 159 -8.15 42.77 61.07
C GLY M 159 -9.50 42.57 60.41
N THR M 160 -9.84 43.45 59.47
CA THR M 160 -11.10 43.31 58.76
C THR M 160 -10.88 42.70 57.38
N LEU M 161 -11.79 41.80 57.00
CA LEU M 161 -11.72 41.14 55.70
C LEU M 161 -12.74 41.73 54.74
N THR M 162 -12.27 42.09 53.56
CA THR M 162 -13.12 42.63 52.51
C THR M 162 -12.98 41.75 51.27
N VAL M 163 -14.11 41.30 50.74
CA VAL M 163 -14.13 40.39 49.60
C VAL M 163 -15.03 40.98 48.52
N SER M 164 -14.49 41.11 47.31
CA SER M 164 -15.25 41.69 46.21
C SER M 164 -16.28 40.71 45.68
N GLY M 165 -15.91 39.43 45.63
CA GLY M 165 -16.79 38.40 45.09
C GLY M 165 -17.58 37.63 46.11
N ASP M 166 -18.24 36.57 45.67
CA ASP M 166 -19.03 35.73 46.56
C ASP M 166 -18.15 35.00 47.58
N ILE M 167 -18.70 34.80 48.77
CA ILE M 167 -18.05 34.00 49.80
C ILE M 167 -18.86 32.72 50.01
N LEU M 168 -18.17 31.58 49.91
CA LEU M 168 -18.78 30.27 50.10
C LEU M 168 -18.13 29.55 51.28
N GLY M 169 -18.95 29.15 52.25
CA GLY M 169 -18.46 28.43 53.40
C GLY M 169 -18.91 26.98 53.38
N GLY M 170 -17.99 26.06 53.67
CA GLY M 170 -18.29 24.63 53.65
C GLY M 170 -18.91 24.14 54.94
N GLY M 171 -18.89 24.99 55.96
CA GLY M 171 -19.51 24.68 57.24
C GLY M 171 -20.46 25.80 57.64
N SER M 172 -20.35 26.25 58.88
CA SER M 172 -21.18 27.36 59.34
C SER M 172 -20.48 28.72 59.19
N ILE M 173 -21.28 29.77 59.11
CA ILE M 173 -20.77 31.14 59.06
C ILE M 173 -21.37 31.94 60.20
N ILE M 174 -20.53 32.33 61.16
CA ILE M 174 -21.02 32.85 62.43
C ILE M 174 -20.38 34.18 62.81
N ASP M 175 -21.22 35.17 63.14
CA ASP M 175 -20.73 36.48 63.54
C ASP M 175 -20.88 36.69 65.04
N THR M 176 -20.65 37.94 65.47
CA THR M 176 -20.83 38.29 66.87
C THR M 176 -21.78 39.48 67.00
N ALA N 6 69.75 33.32 43.32
CA ALA N 6 69.24 32.28 44.19
C ALA N 6 68.07 32.78 45.03
N GLU N 7 67.91 34.09 45.08
CA GLU N 7 66.84 34.71 45.86
C GLU N 7 65.52 34.71 45.12
N HIS N 8 65.55 34.32 43.84
CA HIS N 8 64.33 34.21 43.06
C HIS N 8 63.59 32.92 43.37
N ASP N 9 64.31 31.93 43.90
CA ASP N 9 63.73 30.63 44.23
C ASP N 9 62.71 30.72 45.35
N ARG N 10 63.15 31.21 46.50
CA ARG N 10 62.26 31.38 47.66
C ARG N 10 61.13 32.34 47.33
N MET N 11 61.43 33.35 46.52
CA MET N 11 60.45 34.33 46.09
C MET N 11 59.31 33.67 45.30
N LEU N 12 59.69 33.01 44.20
CA LEU N 12 58.73 32.29 43.36
C LEU N 12 57.95 31.26 44.17
N ALA N 13 58.66 30.54 45.03
CA ALA N 13 58.05 29.52 45.88
C ALA N 13 57.01 30.12 46.83
N ALA N 14 57.27 31.34 47.29
CA ALA N 14 56.39 31.98 48.27
C ALA N 14 55.26 32.78 47.63
N MET N 15 55.38 33.10 46.35
CA MET N 15 54.35 33.88 45.66
C MET N 15 52.98 33.22 45.70
N ILE N 16 52.93 31.94 45.36
CA ILE N 16 51.69 31.18 45.33
C ILE N 16 51.82 29.93 46.20
N LEU N 17 50.97 29.83 47.21
CA LEU N 17 51.07 28.72 48.17
C LEU N 17 49.75 28.00 48.42
N PRO N 18 49.78 26.67 48.49
CA PRO N 18 48.61 25.93 48.95
C PRO N 18 48.56 25.98 50.47
N CYS N 19 47.45 26.46 51.02
N CYS N 19 47.45 26.47 51.02
CA CYS N 19 47.37 26.67 52.46
CA CYS N 19 47.37 26.70 52.46
C CYS N 19 46.03 26.27 53.07
C CYS N 19 46.06 26.19 53.07
N VAL N 20 46.00 26.19 54.39
CA VAL N 20 44.80 25.79 55.11
C VAL N 20 44.60 26.68 56.34
N VAL N 21 43.37 27.16 56.54
CA VAL N 21 43.06 28.04 57.67
C VAL N 21 43.25 27.33 59.01
N VAL N 22 43.98 27.99 59.92
CA VAL N 22 44.21 27.43 61.25
C VAL N 22 43.68 28.36 62.35
N ALA N 23 43.52 29.64 62.02
CA ALA N 23 42.97 30.62 62.96
C ALA N 23 42.12 31.65 62.23
N VAL N 24 41.14 32.21 62.93
CA VAL N 24 40.25 33.21 62.35
C VAL N 24 40.03 34.40 63.28
N ASP N 25 40.26 35.60 62.77
CA ASP N 25 40.02 36.82 63.54
C ASP N 25 38.79 37.53 62.98
N LEU N 26 37.64 37.25 63.57
CA LEU N 26 36.36 37.77 63.08
C LEU N 26 36.26 39.29 63.15
N ALA N 27 36.72 39.86 64.26
CA ALA N 27 36.62 41.30 64.47
C ALA N 27 37.47 42.08 63.47
N ALA N 28 38.63 41.52 63.12
CA ALA N 28 39.56 42.19 62.23
C ALA N 28 39.45 41.69 60.78
N ALA N 29 38.57 40.71 60.58
CA ALA N 29 38.36 40.10 59.27
C ALA N 29 39.68 39.61 58.65
N ARG N 30 40.43 38.84 59.42
CA ARG N 30 41.68 38.26 58.95
C ARG N 30 41.85 36.82 59.43
N VAL N 31 42.68 36.05 58.75
CA VAL N 31 42.91 34.65 59.10
C VAL N 31 44.38 34.28 59.08
N ARG N 32 44.74 33.24 59.82
N ARG N 32 44.73 33.24 59.82
CA ARG N 32 46.07 32.68 59.76
CA ARG N 32 46.07 32.68 59.76
C ARG N 32 46.03 31.39 58.95
C ARG N 32 46.04 31.38 58.96
N VAL N 33 46.91 31.27 57.96
CA VAL N 33 46.97 30.08 57.12
C VAL N 33 48.27 29.33 57.29
N ARG N 34 48.19 28.01 57.20
CA ARG N 34 49.36 27.16 57.33
C ARG N 34 49.65 26.47 56.00
N SER N 35 50.92 26.50 55.60
CA SER N 35 51.36 25.81 54.40
C SER N 35 52.50 24.87 54.77
N GLY N 36 52.20 23.60 54.91
CA GLY N 36 53.18 22.62 55.36
C GLY N 36 53.44 22.74 56.85
N ASP N 37 54.62 23.24 57.19
CA ASP N 37 55.00 23.42 58.59
C ASP N 37 55.26 24.88 58.93
N TRP N 38 54.69 25.77 58.11
CA TRP N 38 54.87 27.21 58.30
C TRP N 38 53.52 27.90 58.46
N THR N 39 53.43 28.81 59.42
CA THR N 39 52.20 29.54 59.70
C THR N 39 52.36 31.04 59.51
N SER N 40 51.50 31.63 58.67
CA SER N 40 51.55 33.06 58.40
C SER N 40 51.02 33.88 59.57
N GLY N 41 51.04 35.20 59.41
CA GLY N 41 50.41 36.08 60.37
C GLY N 41 48.95 36.29 60.02
N TRP N 42 48.40 37.43 60.41
CA TRP N 42 47.01 37.76 60.10
C TRP N 42 46.88 38.41 58.73
N LEU N 43 46.26 37.70 57.80
CA LEU N 43 46.13 38.16 56.43
C LEU N 43 44.67 38.22 56.00
N ARG N 44 44.38 39.08 55.03
CA ARG N 44 43.01 39.22 54.54
C ARG N 44 42.66 38.11 53.57
N TRP N 45 41.38 37.80 53.47
CA TRP N 45 40.90 36.86 52.46
C TRP N 45 40.08 37.62 51.42
N HIS N 46 40.00 37.08 50.21
CA HIS N 46 39.16 37.67 49.18
C HIS N 46 37.70 37.29 49.37
N SER N 47 36.85 38.29 49.62
CA SER N 47 35.42 38.08 49.79
C SER N 47 34.75 38.11 48.42
N LEU N 48 33.44 37.88 48.41
CA LEU N 48 32.68 37.88 47.16
C LEU N 48 32.47 39.28 46.59
N ALA N 49 32.55 40.29 47.47
CA ALA N 49 32.34 41.68 47.08
C ALA N 49 32.77 42.64 48.17
N ALA N 50 33.42 43.74 47.78
CA ALA N 50 33.88 44.75 48.74
C ALA N 50 33.83 46.16 48.16
N GLY N 51 32.73 46.51 47.51
CA GLY N 51 32.52 47.85 47.00
C GLY N 51 31.24 48.44 47.57
N LYS N 52 30.41 49.00 46.69
CA LYS N 52 29.08 49.47 47.09
C LYS N 52 28.32 48.32 47.71
N VAL N 53 28.51 47.13 47.14
CA VAL N 53 27.99 45.89 47.70
C VAL N 53 29.12 45.14 48.38
N ARG N 54 28.86 44.63 49.57
CA ARG N 54 29.84 43.82 50.27
C ARG N 54 29.25 42.48 50.70
N HIS N 55 30.08 41.46 50.70
CA HIS N 55 29.67 40.13 51.13
C HIS N 55 30.53 39.69 52.31
N TRP N 56 29.92 38.98 53.25
CA TRP N 56 30.66 38.44 54.39
C TRP N 56 30.46 36.93 54.52
N ARG N 57 31.57 36.22 54.62
CA ARG N 57 31.56 34.77 54.79
C ARG N 57 32.96 34.35 55.21
N ALA N 58 33.19 34.32 56.51
CA ALA N 58 34.51 33.98 57.04
C ALA N 58 34.86 32.53 56.74
N PRO N 59 36.10 32.28 56.29
CA PRO N 59 36.59 30.92 56.06
C PRO N 59 36.56 30.12 57.36
N SER N 60 36.23 28.85 57.28
CA SER N 60 36.18 28.00 58.46
C SER N 60 37.55 27.42 58.79
N ILE N 61 37.72 26.98 60.03
CA ILE N 61 38.95 26.31 60.45
C ILE N 61 39.07 24.99 59.71
N GLY N 62 40.16 24.83 58.96
CA GLY N 62 40.36 23.63 58.18
C GLY N 62 40.09 23.84 56.70
N GLU N 63 39.54 25.01 56.36
CA GLU N 63 39.25 25.33 54.97
C GLU N 63 40.54 25.52 54.16
N GLN N 64 40.61 24.87 53.01
CA GLN N 64 41.78 24.96 52.15
C GLN N 64 41.63 26.06 51.10
N GLY N 65 42.76 26.55 50.62
CA GLY N 65 42.78 27.59 49.62
C GLY N 65 44.18 27.95 49.14
N VAL N 66 44.29 29.08 48.47
CA VAL N 66 45.57 29.53 47.93
C VAL N 66 45.96 30.91 48.45
N LEU N 67 47.19 31.04 48.93
CA LEU N 67 47.72 32.33 49.34
C LEU N 67 48.53 32.93 48.20
N LEU N 68 48.25 34.18 47.88
CA LEU N 68 48.96 34.90 46.83
C LEU N 68 49.74 36.06 47.43
N SER N 69 51.06 36.01 47.30
CA SER N 69 51.92 37.03 47.89
C SER N 69 52.80 37.71 46.85
N PRO N 70 52.47 38.95 46.48
CA PRO N 70 53.21 39.78 45.52
C PRO N 70 54.70 39.85 45.81
N SER N 71 55.52 39.44 44.84
CA SER N 71 56.98 39.40 44.97
C SER N 71 57.41 38.55 46.16
N GLY N 72 56.59 37.56 46.50
CA GLY N 72 56.87 36.69 47.63
C GLY N 72 56.66 37.37 48.97
N GLY N 73 56.22 38.63 48.94
CA GLY N 73 55.95 39.37 50.16
C GLY N 73 54.83 38.72 50.94
N VAL N 74 55.20 37.69 51.70
CA VAL N 74 54.21 36.81 52.34
C VAL N 74 53.50 37.49 53.52
N SER N 75 54.04 38.61 53.98
CA SER N 75 53.39 39.37 55.04
C SER N 75 52.21 40.16 54.50
N MET N 76 52.12 40.28 53.19
CA MET N 76 51.03 41.01 52.54
C MET N 76 50.19 40.09 51.65
N GLY N 77 50.30 38.78 51.88
CA GLY N 77 49.59 37.81 51.08
C GLY N 77 48.09 37.86 51.27
N THR N 78 47.35 37.47 50.24
CA THR N 78 45.89 37.41 50.31
C THR N 78 45.38 35.99 50.07
N PHE N 79 44.34 35.62 50.80
CA PHE N 79 43.84 34.24 50.81
C PHE N 79 42.59 34.05 49.98
N ILE N 80 42.61 33.06 49.10
CA ILE N 80 41.44 32.70 48.31
C ILE N 80 41.00 31.30 48.68
N PRO N 81 39.86 31.19 49.39
CA PRO N 81 39.32 29.91 49.85
C PRO N 81 38.51 29.21 48.76
N GLY N 82 37.69 28.24 49.17
CA GLY N 82 36.79 27.59 48.25
C GLY N 82 37.25 26.24 47.72
N LEU N 83 38.40 25.77 48.19
CA LEU N 83 38.89 24.45 47.79
C LEU N 83 38.28 23.38 48.67
N TYR N 84 37.52 22.47 48.06
CA TYR N 84 36.82 21.41 48.80
C TYR N 84 37.81 20.51 49.55
N GLY N 85 37.47 20.22 50.80
CA GLY N 85 38.29 19.37 51.64
C GLY N 85 37.49 18.75 52.76
N ASP N 86 38.17 18.17 53.74
CA ASP N 86 37.51 17.51 54.85
C ASP N 86 36.65 18.47 55.70
N ALA N 87 37.06 19.73 55.76
CA ALA N 87 36.32 20.72 56.54
C ALA N 87 35.18 21.36 55.73
N GLY N 88 35.04 20.96 54.47
CA GLY N 88 34.01 21.51 53.61
C GLY N 88 33.99 20.84 52.25
N THR N 89 33.24 19.76 52.15
CA THR N 89 33.20 18.98 50.92
C THR N 89 32.25 19.60 49.90
N ALA N 90 32.30 19.09 48.67
CA ALA N 90 31.34 19.50 47.66
C ALA N 90 29.94 19.16 48.16
N PRO N 91 29.07 20.18 48.24
CA PRO N 91 27.72 19.98 48.79
C PRO N 91 26.76 19.44 47.76
N ASP N 92 27.23 19.23 46.53
CA ASP N 92 26.38 18.73 45.45
C ASP N 92 27.24 18.21 44.30
N ASN N 93 26.61 17.57 43.32
CA ASN N 93 27.34 17.06 42.15
C ASN N 93 26.60 17.27 40.84
N SER N 94 25.60 18.14 40.87
CA SER N 94 24.72 18.34 39.72
C SER N 94 25.29 19.33 38.72
N ALA N 95 25.10 19.04 37.43
CA ALA N 95 25.54 19.94 36.39
C ALA N 95 24.48 20.99 36.08
N SER N 96 23.34 20.90 36.77
CA SER N 96 22.20 21.74 36.45
C SER N 96 21.62 22.50 37.63
N SER N 97 22.41 22.65 38.70
CA SER N 97 21.94 23.41 39.85
C SER N 97 23.06 24.17 40.56
N GLU N 98 22.67 25.25 41.23
CA GLU N 98 23.59 26.09 41.97
C GLU N 98 23.11 26.09 43.42
N THR N 99 23.95 25.62 44.33
CA THR N 99 23.51 25.33 45.70
C THR N 99 24.39 25.85 46.84
N TRP N 100 23.77 26.62 47.73
CA TRP N 100 24.35 26.93 49.04
C TRP N 100 23.85 25.89 50.04
N ARG N 101 24.78 25.32 50.82
N ARG N 101 24.78 25.33 50.81
CA ARG N 101 24.42 24.35 51.84
CA ARG N 101 24.47 24.35 51.84
C ARG N 101 25.07 24.70 53.17
C ARG N 101 25.07 24.77 53.18
N PHE N 102 24.26 24.78 54.22
CA PHE N 102 24.72 25.22 55.54
C PHE N 102 24.84 24.09 56.56
N ASP N 103 25.71 24.30 57.55
CA ASP N 103 26.03 23.29 58.56
C ASP N 103 24.81 22.80 59.35
N ASP N 104 23.79 23.65 59.43
CA ASP N 104 22.59 23.29 60.18
C ASP N 104 21.60 22.52 59.32
N GLY N 105 21.96 22.26 58.06
CA GLY N 105 21.13 21.46 57.17
C GLY N 105 20.28 22.23 56.17
N ALA N 106 20.29 23.57 56.27
CA ALA N 106 19.51 24.38 55.35
C ALA N 106 20.18 24.46 53.99
N SER N 107 19.41 24.82 52.96
CA SER N 107 19.97 25.00 51.62
C SER N 107 19.20 26.02 50.78
N LEU N 108 19.91 26.73 49.93
CA LEU N 108 19.29 27.62 48.97
C LEU N 108 19.83 27.26 47.59
N SER N 109 18.95 26.87 46.68
N SER N 109 18.96 26.87 46.68
CA SER N 109 19.41 26.37 45.39
CA SER N 109 19.43 26.40 45.39
C SER N 109 18.52 26.76 44.21
C SER N 109 18.53 26.77 44.22
N TYR N 110 19.14 27.02 43.07
CA TYR N 110 18.38 27.15 41.83
C TYR N 110 18.75 26.04 40.85
N ASP N 111 17.72 25.40 40.29
CA ASP N 111 17.88 24.31 39.33
C ASP N 111 17.33 24.72 37.98
N TRP N 112 18.18 24.89 36.97
CA TRP N 112 17.70 25.32 35.66
C TRP N 112 17.28 24.18 34.72
N ALA N 113 17.36 22.95 35.21
CA ALA N 113 16.79 21.83 34.47
C ALA N 113 15.33 21.66 34.91
N ALA N 114 15.10 21.86 36.20
CA ALA N 114 13.76 21.72 36.77
C ALA N 114 13.03 23.06 36.82
N HIS N 115 13.77 24.15 36.63
CA HIS N 115 13.24 25.52 36.69
C HIS N 115 12.63 25.78 38.06
N ARG N 116 13.46 25.70 39.09
N ARG N 116 13.43 25.59 39.10
CA ARG N 116 12.97 25.68 40.46
CA ARG N 116 12.91 25.78 40.44
C ARG N 116 13.95 26.35 41.44
C ARG N 116 13.93 26.39 41.39
N TYR N 117 13.46 27.35 42.18
CA TYR N 117 14.25 27.97 43.23
C TYR N 117 13.73 27.46 44.56
N ARG N 118 14.61 26.87 45.35
CA ARG N 118 14.24 26.29 46.64
C ARG N 118 15.02 26.89 47.80
N VAL N 119 14.28 27.37 48.78
CA VAL N 119 14.85 27.78 50.05
C VAL N 119 14.30 26.82 51.10
N GLU N 120 15.20 26.02 51.67
CA GLU N 120 14.79 24.91 52.53
C GLU N 120 15.46 24.97 53.89
N LEU N 121 14.65 24.98 54.94
CA LEU N 121 15.15 24.94 56.30
C LEU N 121 14.46 23.82 57.08
N PRO N 122 15.24 22.93 57.69
CA PRO N 122 14.69 21.88 58.56
C PRO N 122 13.89 22.50 59.69
N SER N 123 14.42 23.59 60.24
CA SER N 123 13.72 24.36 61.25
C SER N 123 14.25 25.78 61.27
N GLY N 124 13.56 26.66 61.98
CA GLY N 124 13.97 28.04 62.07
C GLY N 124 12.96 28.96 61.40
N THR N 125 13.45 29.93 60.65
CA THR N 125 12.56 30.91 60.04
C THR N 125 13.13 31.57 58.78
N VAL N 126 12.25 31.84 57.83
CA VAL N 126 12.59 32.66 56.67
C VAL N 126 11.80 33.94 56.81
N GLU N 127 12.48 35.08 56.73
CA GLU N 127 11.82 36.37 56.88
C GLU N 127 12.12 37.26 55.69
N VAL N 128 11.07 37.73 55.02
CA VAL N 128 11.23 38.75 53.99
C VAL N 128 10.55 40.01 54.48
N ARG N 129 11.35 41.02 54.80
CA ARG N 129 10.82 42.24 55.41
C ARG N 129 11.15 43.47 54.59
N VAL N 130 10.12 44.25 54.28
CA VAL N 130 10.28 45.54 53.63
C VAL N 130 9.49 46.57 54.44
N GLY N 131 10.19 47.53 55.03
CA GLY N 131 9.55 48.47 55.93
C GLY N 131 8.93 47.71 57.09
N ALA N 132 7.65 47.97 57.35
CA ALA N 132 6.94 47.27 58.42
C ALA N 132 6.15 46.08 57.86
N SER N 133 6.33 45.81 56.57
CA SER N 133 5.71 44.66 55.95
C SER N 133 6.64 43.46 56.04
N GLU N 134 6.06 42.28 56.20
CA GLU N 134 6.83 41.08 56.42
C GLU N 134 6.07 39.83 56.00
N VAL N 135 6.78 38.91 55.34
CA VAL N 135 6.29 37.55 55.19
C VAL N 135 7.24 36.63 55.95
N ARG N 136 6.68 35.85 56.87
N ARG N 136 6.68 35.85 56.87
CA ARG N 136 7.47 34.99 57.75
CA ARG N 136 7.48 34.98 57.73
C ARG N 136 7.05 33.53 57.61
C ARG N 136 7.05 33.53 57.61
N VAL N 137 8.03 32.65 57.42
CA VAL N 137 7.76 31.22 57.38
C VAL N 137 8.52 30.56 58.52
N SER N 138 7.81 29.84 59.36
N SER N 138 7.81 29.84 59.37
CA SER N 138 8.41 29.14 60.49
CA SER N 138 8.45 29.12 60.48
C SER N 138 7.86 27.73 60.57
C SER N 138 8.06 27.65 60.45
N ASP N 139 8.35 26.95 61.53
CA ASP N 139 7.98 25.54 61.65
C ASP N 139 6.47 25.34 61.71
N GLY N 140 5.80 26.13 62.55
CA GLY N 140 4.38 25.97 62.76
C GLY N 140 3.49 27.05 62.16
N ALA N 141 4.07 27.96 61.37
CA ALA N 141 3.27 29.05 60.82
C ALA N 141 3.82 29.74 59.57
N VAL N 142 2.91 30.15 58.71
CA VAL N 142 3.19 31.16 57.70
C VAL N 142 2.39 32.39 58.10
N SER N 143 3.05 33.54 58.17
CA SER N 143 2.38 34.76 58.59
C SER N 143 2.68 35.90 57.62
N LEU N 144 1.64 36.65 57.28
CA LEU N 144 1.79 37.86 56.48
C LEU N 144 1.39 39.03 57.36
N LYS N 145 2.23 40.05 57.43
CA LYS N 145 1.92 41.24 58.21
C LYS N 145 2.21 42.49 57.39
N ALA N 146 1.20 43.36 57.25
CA ALA N 146 1.35 44.53 56.40
C ALA N 146 0.23 45.52 56.66
N PRO N 147 0.48 46.82 56.38
CA PRO N 147 -0.58 47.84 56.46
C PRO N 147 -1.75 47.49 55.53
N LYS N 148 -1.47 46.67 54.53
CA LYS N 148 -2.50 46.16 53.63
C LYS N 148 -2.09 44.79 53.11
N ILE N 149 -3.00 43.83 53.16
CA ILE N 149 -2.75 42.52 52.58
C ILE N 149 -3.72 42.31 51.43
N SER N 150 -3.18 42.12 50.23
CA SER N 150 -4.00 42.05 49.03
C SER N 150 -3.93 40.68 48.37
N LEU N 151 -5.08 40.06 48.19
CA LEU N 151 -5.18 38.76 47.55
C LEU N 151 -5.91 38.94 46.23
N GLU N 152 -5.17 38.82 45.13
CA GLU N 152 -5.73 39.10 43.81
C GLU N 152 -5.91 37.81 43.02
N GLY N 153 -7.15 37.33 42.99
CA GLY N 153 -7.46 36.04 42.40
C GLY N 153 -8.44 35.31 43.29
N PRO N 154 -9.02 34.22 42.79
CA PRO N 154 -9.94 33.44 43.62
C PRO N 154 -9.18 32.76 44.76
N VAL N 155 -9.69 32.89 45.98
CA VAL N 155 -9.01 32.32 47.14
C VAL N 155 -9.75 31.09 47.67
N GLU N 156 -9.00 30.02 47.90
CA GLU N 156 -9.53 28.79 48.47
C GLU N 156 -8.86 28.51 49.80
N ILE N 157 -9.66 28.35 50.86
CA ILE N 157 -9.11 27.98 52.15
C ILE N 157 -9.49 26.55 52.52
N ALA N 158 -8.48 25.68 52.57
CA ALA N 158 -8.67 24.31 53.03
C ALA N 158 -8.48 24.27 54.54
N GLY N 159 -9.57 24.50 55.27
CA GLY N 159 -9.51 24.65 56.71
C GLY N 159 -10.48 25.72 57.19
N THR N 160 -10.25 26.20 58.40
CA THR N 160 -11.14 27.18 59.02
C THR N 160 -10.67 28.60 58.74
N LEU N 161 -11.60 29.56 58.81
CA LEU N 161 -11.25 30.97 58.72
C LEU N 161 -11.82 31.71 59.91
N THR N 162 -10.94 32.32 60.70
CA THR N 162 -11.37 33.15 61.81
C THR N 162 -10.95 34.60 61.56
N VAL N 163 -11.90 35.52 61.68
CA VAL N 163 -11.62 36.94 61.44
C VAL N 163 -11.97 37.75 62.69
N SER N 164 -10.96 38.43 63.24
CA SER N 164 -11.16 39.22 64.44
C SER N 164 -12.06 40.43 64.20
N GLY N 165 -11.89 41.07 63.04
CA GLY N 165 -12.69 42.24 62.71
C GLY N 165 -13.95 41.88 61.95
N ASP N 166 -14.34 42.76 61.03
CA ASP N 166 -15.54 42.54 60.24
C ASP N 166 -15.24 41.72 58.99
N ILE N 167 -16.30 41.12 58.44
CA ILE N 167 -16.22 40.49 57.13
C ILE N 167 -17.21 41.20 56.23
N LEU N 168 -16.70 41.81 55.17
CA LEU N 168 -17.51 42.59 54.24
C LEU N 168 -17.44 42.00 52.83
N GLY N 169 -18.57 41.50 52.35
CA GLY N 169 -18.60 40.84 51.05
C GLY N 169 -19.38 41.59 49.99
N GLY N 170 -18.77 41.74 48.83
CA GLY N 170 -19.38 42.49 47.74
C GLY N 170 -20.40 41.69 46.96
N GLY N 171 -20.67 40.47 47.42
CA GLY N 171 -21.65 39.62 46.75
C GLY N 171 -22.50 38.88 47.76
N SER N 172 -22.72 37.60 47.50
CA SER N 172 -23.46 36.77 48.44
C SER N 172 -22.50 36.11 49.42
N ILE N 173 -23.01 35.80 50.61
CA ILE N 173 -22.26 35.05 51.61
C ILE N 173 -23.10 33.85 52.02
N ILE N 174 -22.74 32.67 51.50
CA ILE N 174 -23.57 31.48 51.65
C ILE N 174 -22.83 30.33 52.33
N ASP N 175 -23.46 29.75 53.35
CA ASP N 175 -22.90 28.61 54.06
C ASP N 175 -23.52 27.31 53.53
N THR N 176 -23.26 26.21 54.23
CA THR N 176 -23.89 24.93 53.87
C THR N 176 -24.66 24.35 55.05
N VAL O 4 70.83 27.97 34.88
CA VAL O 4 69.88 27.95 35.99
C VAL O 4 68.71 28.89 35.72
N SER O 5 68.99 30.00 35.05
CA SER O 5 67.96 31.00 34.75
C SER O 5 67.09 30.59 33.56
N ALA O 6 67.05 29.29 33.28
CA ALA O 6 66.14 28.74 32.28
C ALA O 6 65.33 27.64 32.93
N GLU O 7 64.82 27.93 34.11
CA GLU O 7 64.20 26.91 34.96
C GLU O 7 62.89 27.18 35.74
N HIS O 8 62.57 28.38 36.27
CA HIS O 8 63.21 29.70 36.07
C HIS O 8 63.08 30.24 34.64
N ASP O 9 62.12 29.70 33.90
CA ASP O 9 61.80 30.15 32.56
C ASP O 9 60.39 29.70 32.22
N ARG O 10 60.14 28.42 32.42
CA ARG O 10 58.80 27.88 32.24
C ARG O 10 58.11 27.67 33.59
N MET O 11 58.89 27.67 34.67
CA MET O 11 58.34 27.56 36.01
C MET O 11 57.63 28.86 36.36
N LEU O 12 58.23 29.96 35.96
CA LEU O 12 57.65 31.28 36.15
C LEU O 12 56.43 31.45 35.27
N ALA O 13 56.42 30.75 34.13
CA ALA O 13 55.33 30.86 33.17
C ALA O 13 54.16 29.94 33.50
N ALA O 14 54.45 28.83 34.17
CA ALA O 14 53.42 27.83 34.48
C ALA O 14 52.66 28.14 35.76
N MET O 15 53.14 29.11 36.53
CA MET O 15 52.51 29.47 37.80
C MET O 15 51.10 30.05 37.60
N ILE O 16 50.98 30.92 36.60
CA ILE O 16 49.71 31.58 36.30
C ILE O 16 49.38 31.41 34.83
N LEU O 17 48.31 30.68 34.53
CA LEU O 17 47.97 30.37 33.15
C LEU O 17 46.54 30.74 32.76
N PRO O 18 46.37 31.47 31.65
CA PRO O 18 45.02 31.71 31.13
C PRO O 18 44.48 30.43 30.51
N CYS O 19 43.33 29.95 30.98
CA CYS O 19 42.84 28.66 30.52
C CYS O 19 41.34 28.57 30.36
N VAL O 20 40.88 27.52 29.69
CA VAL O 20 39.46 27.30 29.46
C VAL O 20 39.07 25.87 29.81
N VAL O 21 37.91 25.71 30.45
CA VAL O 21 37.41 24.39 30.83
C VAL O 21 37.11 23.53 29.60
N VAL O 22 37.59 22.29 29.61
CA VAL O 22 37.30 21.35 28.52
C VAL O 22 36.58 20.09 28.99
N ALA O 23 36.53 19.89 30.31
CA ALA O 23 35.92 18.70 30.88
C ALA O 23 35.63 18.91 32.38
N VAL O 24 34.53 18.31 32.85
CA VAL O 24 34.15 18.44 34.25
C VAL O 24 33.86 17.08 34.87
N ASP O 25 34.54 16.77 35.96
CA ASP O 25 34.24 15.54 36.71
C ASP O 25 33.37 15.92 37.90
N LEU O 26 32.06 15.94 37.66
CA LEU O 26 31.10 16.42 38.62
C LEU O 26 31.12 15.66 39.94
N ALA O 27 31.24 14.34 39.86
CA ALA O 27 31.19 13.49 41.04
C ALA O 27 32.42 13.66 41.92
N ALA O 28 33.56 13.94 41.29
CA ALA O 28 34.81 14.13 42.01
C ALA O 28 35.11 15.62 42.25
N ALA O 29 34.24 16.48 41.73
CA ALA O 29 34.40 17.93 41.82
C ALA O 29 35.75 18.40 41.27
N ARG O 30 36.07 17.97 40.06
CA ARG O 30 37.30 18.38 39.39
C ARG O 30 37.01 18.88 37.97
N VAL O 31 37.94 19.65 37.41
CA VAL O 31 37.85 20.08 36.02
C VAL O 31 39.14 19.80 35.29
N ARG O 32 39.06 19.67 33.97
CA ARG O 32 40.25 19.72 33.13
C ARG O 32 40.23 21.06 32.41
N VAL O 33 41.37 21.73 32.42
CA VAL O 33 41.49 23.01 31.72
C VAL O 33 42.55 22.93 30.64
N ARG O 34 42.42 23.80 29.65
CA ARG O 34 43.35 23.83 28.53
C ARG O 34 43.92 25.24 28.35
N SER O 35 45.23 25.31 28.16
CA SER O 35 45.93 26.56 27.88
C SER O 35 46.89 26.34 26.73
N GLY O 36 46.59 26.92 25.58
CA GLY O 36 47.38 26.70 24.38
C GLY O 36 47.04 25.37 23.75
N ASP O 37 48.00 24.44 23.77
CA ASP O 37 47.73 23.08 23.31
C ASP O 37 48.00 22.10 24.44
N TRP O 38 48.09 22.64 25.65
CA TRP O 38 48.29 21.82 26.85
C TRP O 38 46.98 21.62 27.60
N THR O 39 46.66 20.36 27.90
CA THR O 39 45.48 20.04 28.68
C THR O 39 45.90 19.41 30.00
N SER O 40 45.27 19.84 31.10
CA SER O 40 45.69 19.44 32.44
C SER O 40 45.16 18.07 32.85
N GLY O 41 45.49 17.67 34.08
CA GLY O 41 44.85 16.55 34.72
C GLY O 41 43.62 17.05 35.46
N TRP O 42 43.07 16.21 36.34
CA TRP O 42 41.90 16.59 37.12
C TRP O 42 42.27 17.53 38.27
N LEU O 43 41.84 18.78 38.17
CA LEU O 43 42.22 19.80 39.15
C LEU O 43 41.01 20.39 39.87
N ARG O 44 41.24 20.90 41.08
CA ARG O 44 40.18 21.54 41.84
C ARG O 44 39.96 22.98 41.39
N TRP O 45 38.73 23.46 41.52
CA TRP O 45 38.45 24.86 41.31
C TRP O 45 38.10 25.53 42.64
N HIS O 46 38.28 26.85 42.69
CA HIS O 46 37.90 27.60 43.88
C HIS O 46 36.41 27.86 43.85
N SER O 47 35.71 27.32 44.84
CA SER O 47 34.27 27.56 44.97
C SER O 47 34.05 28.81 45.79
N LEU O 48 32.79 29.22 45.94
CA LEU O 48 32.46 30.41 46.71
C LEU O 48 32.62 30.18 48.21
N ALA O 49 32.61 28.91 48.63
CA ALA O 49 32.70 28.57 50.05
C ALA O 49 32.90 27.08 50.25
N ALA O 50 33.85 26.72 51.12
CA ALA O 50 34.12 25.32 51.43
C ALA O 50 34.44 25.15 52.91
N GLY O 51 33.51 25.55 53.77
CA GLY O 51 33.70 25.46 55.21
C GLY O 51 32.45 24.94 55.89
N LYS O 52 32.08 25.58 57.00
CA LYS O 52 30.81 25.26 57.67
C LYS O 52 29.66 25.50 56.71
N VAL O 53 29.82 26.50 55.84
CA VAL O 53 28.92 26.67 54.71
C VAL O 53 29.68 26.34 53.42
N ARG O 54 29.00 25.67 52.51
CA ARG O 54 29.61 25.26 51.26
C ARG O 54 28.76 25.71 50.08
N HIS O 55 29.39 26.08 48.98
CA HIS O 55 28.66 26.45 47.78
C HIS O 55 29.02 25.54 46.61
N TRP O 56 28.03 25.22 45.80
CA TRP O 56 28.26 24.41 44.60
C TRP O 56 27.77 25.12 43.34
N ARG O 57 28.65 25.18 42.34
CA ARG O 57 28.34 25.70 41.02
C ARG O 57 29.47 25.26 40.11
N ALA O 58 29.27 24.13 39.43
CA ALA O 58 30.30 23.59 38.55
C ALA O 58 30.57 24.50 37.36
N PRO O 59 31.86 24.74 37.08
CA PRO O 59 32.24 25.52 35.89
C PRO O 59 31.75 24.82 34.62
N SER O 60 31.38 25.59 33.61
CA SER O 60 30.86 25.01 32.38
C SER O 60 32.00 24.74 31.40
N ILE O 61 31.83 23.73 30.56
CA ILE O 61 32.75 23.50 29.46
C ILE O 61 32.74 24.75 28.59
N GLY O 62 33.92 25.32 28.37
CA GLY O 62 34.04 26.54 27.61
C GLY O 62 34.23 27.76 28.49
N GLU O 63 34.02 27.62 29.79
CA GLU O 63 34.19 28.74 30.71
C GLU O 63 35.67 29.13 30.83
N GLN O 64 35.95 30.42 30.74
CA GLN O 64 37.31 30.92 30.80
C GLN O 64 37.70 31.31 32.22
N GLY O 65 38.99 31.17 32.52
CA GLY O 65 39.51 31.51 33.83
C GLY O 65 41.03 31.50 33.91
N VAL O 66 41.54 31.44 35.12
CA VAL O 66 43.00 31.40 35.34
C VAL O 66 43.38 30.23 36.26
N LEU O 67 44.48 29.56 35.92
CA LEU O 67 45.00 28.45 36.72
C LEU O 67 46.21 28.93 37.53
N LEU O 68 46.20 28.61 38.82
CA LEU O 68 47.28 28.98 39.73
C LEU O 68 48.02 27.73 40.22
N SER O 69 49.31 27.66 39.91
CA SER O 69 50.12 26.51 40.30
C SER O 69 51.37 26.94 41.08
N PRO O 70 51.44 26.53 42.35
CA PRO O 70 52.58 26.86 43.22
C PRO O 70 53.88 26.25 42.67
N SER O 71 54.92 27.08 42.56
CA SER O 71 56.22 26.66 42.04
C SER O 71 56.14 26.04 40.64
N GLY O 72 55.14 26.46 39.87
CA GLY O 72 54.99 26.01 38.49
C GLY O 72 54.48 24.59 38.33
N GLY O 73 54.22 23.90 39.44
CA GLY O 73 53.70 22.55 39.40
C GLY O 73 52.22 22.53 39.03
N VAL O 74 51.94 22.44 37.74
CA VAL O 74 50.57 22.45 37.23
C VAL O 74 49.82 21.18 37.63
N SER O 75 50.56 20.20 38.15
CA SER O 75 49.99 18.97 38.66
C SER O 75 49.07 19.21 39.84
N MET O 76 49.34 20.26 40.60
N MET O 76 49.35 20.25 40.61
CA MET O 76 48.57 20.58 41.80
CA MET O 76 48.55 20.57 41.79
C MET O 76 47.92 21.95 41.69
C MET O 76 47.94 21.97 41.68
N GLY O 77 47.72 22.41 40.46
CA GLY O 77 47.13 23.72 40.21
C GLY O 77 45.64 23.81 40.51
N THR O 78 45.19 25.00 40.88
CA THR O 78 43.77 25.25 41.16
C THR O 78 43.17 26.31 40.25
N PHE O 79 41.89 26.16 39.95
CA PHE O 79 41.23 26.97 38.92
C PHE O 79 40.33 28.06 39.50
N ILE O 80 40.45 29.27 38.95
CA ILE O 80 39.57 30.37 39.27
C ILE O 80 38.79 30.77 38.01
N PRO O 81 37.48 30.49 38.01
CA PRO O 81 36.62 30.74 36.84
C PRO O 81 36.14 32.18 36.82
N GLY O 82 35.05 32.42 36.10
CA GLY O 82 34.35 33.69 36.17
C GLY O 82 34.70 34.72 35.11
N LEU O 83 35.57 34.35 34.18
CA LEU O 83 35.95 35.27 33.10
C LEU O 83 34.95 35.19 31.93
N TYR O 84 34.21 36.28 31.72
CA TYR O 84 33.17 36.33 30.69
C TYR O 84 33.71 36.00 29.31
N GLY O 85 33.00 35.13 28.60
CA GLY O 85 33.39 34.71 27.27
C GLY O 85 32.20 34.24 26.45
N ASP O 86 32.48 33.53 25.35
N ASP O 86 32.48 33.53 25.37
CA ASP O 86 31.41 33.04 24.49
CA ASP O 86 31.43 33.04 24.48
C ASP O 86 30.54 31.99 25.16
C ASP O 86 30.55 31.98 25.15
N ALA O 87 31.11 31.31 26.15
CA ALA O 87 30.38 30.27 26.88
C ALA O 87 29.61 30.86 28.06
N GLY O 88 29.77 32.16 28.28
CA GLY O 88 29.09 32.83 29.38
C GLY O 88 29.36 34.32 29.40
N THR O 89 28.56 35.08 28.65
CA THR O 89 28.74 36.52 28.57
C THR O 89 28.24 37.23 29.83
N ALA O 90 28.50 38.52 29.90
CA ALA O 90 27.99 39.34 31.00
C ALA O 90 26.47 39.41 30.94
N PRO O 91 25.80 39.05 32.05
CA PRO O 91 24.34 38.99 32.09
C PRO O 91 23.67 40.33 32.37
N ASP O 92 24.45 41.36 32.68
CA ASP O 92 23.91 42.67 33.01
C ASP O 92 24.96 43.74 32.78
N ASN O 93 24.53 45.00 32.69
CA ASN O 93 25.47 46.11 32.53
C ASN O 93 25.13 47.30 33.42
N SER O 94 24.66 47.02 34.63
CA SER O 94 24.26 48.07 35.54
C SER O 94 25.29 48.29 36.64
N ALA O 95 25.50 49.53 37.03
CA ALA O 95 26.41 49.85 38.12
C ALA O 95 25.72 49.62 39.46
N SER O 96 24.41 49.41 39.43
CA SER O 96 23.64 49.31 40.66
C SER O 96 22.89 47.98 40.82
N SER O 97 23.42 46.91 40.25
CA SER O 97 22.76 45.61 40.36
C SER O 97 23.71 44.46 40.67
N GLU O 98 23.21 43.49 41.42
CA GLU O 98 23.90 42.24 41.68
C GLU O 98 22.98 41.12 41.18
N THR O 99 23.44 40.38 40.18
CA THR O 99 22.53 39.55 39.38
C THR O 99 23.05 38.14 39.04
N TRP O 100 22.25 37.13 39.36
CA TRP O 100 22.44 35.78 38.87
C TRP O 100 21.49 35.57 37.70
N ARG O 101 22.02 35.11 36.57
CA ARG O 101 21.16 34.76 35.43
C ARG O 101 21.42 33.34 34.95
N PHE O 102 20.34 32.62 34.66
CA PHE O 102 20.44 31.22 34.30
C PHE O 102 20.00 30.95 32.86
N ASP O 103 20.47 29.82 32.33
CA ASP O 103 20.25 29.43 30.95
C ASP O 103 18.77 29.30 30.57
N ASP O 104 17.91 29.07 31.56
CA ASP O 104 16.48 28.91 31.30
C ASP O 104 15.71 30.24 31.36
N GLY O 105 16.45 31.34 31.47
CA GLY O 105 15.84 32.66 31.44
C GLY O 105 15.49 33.22 32.82
N ALA O 106 15.73 32.42 33.86
CA ALA O 106 15.47 32.87 35.22
C ALA O 106 16.56 33.81 35.70
N SER O 107 16.22 34.66 36.66
CA SER O 107 17.18 35.59 37.23
C SER O 107 16.86 35.95 38.67
N LEU O 108 17.90 36.17 39.46
CA LEU O 108 17.74 36.65 40.83
C LEU O 108 18.64 37.88 40.99
N SER O 109 18.04 39.03 41.24
CA SER O 109 18.80 40.26 41.21
C SER O 109 18.40 41.25 42.29
N TYR O 110 19.38 41.90 42.90
CA TYR O 110 19.09 43.07 43.72
C TYR O 110 19.60 44.33 43.06
N ASP O 111 18.73 45.34 42.98
CA ASP O 111 19.09 46.63 42.43
C ASP O 111 18.98 47.68 43.53
N TRP O 112 20.12 48.23 43.94
CA TRP O 112 20.13 49.16 45.07
C TRP O 112 19.90 50.61 44.66
N ALA O 113 19.61 50.84 43.39
CA ALA O 113 19.15 52.15 42.94
C ALA O 113 17.63 52.15 42.86
N ALA O 114 17.08 51.02 42.41
CA ALA O 114 15.63 50.85 42.33
C ALA O 114 15.08 50.35 43.65
N HIS O 115 15.98 49.88 44.50
CA HIS O 115 15.63 49.32 45.81
C HIS O 115 14.72 48.11 45.66
N ARG O 116 15.12 47.18 44.81
CA ARG O 116 14.27 46.05 44.45
C ARG O 116 15.00 44.71 44.40
N TYR O 117 14.49 43.75 45.16
CA TYR O 117 14.94 42.37 45.03
C TYR O 117 13.94 41.62 44.18
N ARG O 118 14.41 41.07 43.06
CA ARG O 118 13.55 40.39 42.13
C ARG O 118 14.00 38.97 41.85
N VAL O 119 13.11 38.02 42.14
CA VAL O 119 13.30 36.63 41.76
C VAL O 119 12.31 36.33 40.64
N GLU O 120 12.83 36.13 39.44
CA GLU O 120 11.98 36.02 38.26
C GLU O 120 12.23 34.73 37.50
N LEU O 121 11.17 33.93 37.35
CA LEU O 121 11.23 32.68 36.61
C LEU O 121 10.14 32.72 35.53
N PRO O 122 10.51 32.44 34.28
CA PRO O 122 9.52 32.41 33.19
C PRO O 122 8.48 31.33 33.47
N SER O 123 8.93 30.21 34.01
CA SER O 123 8.04 29.13 34.41
C SER O 123 8.69 28.32 35.53
N GLY O 124 7.94 27.39 36.10
CA GLY O 124 8.46 26.52 37.14
C GLY O 124 7.90 26.87 38.50
N THR O 125 8.71 26.75 39.54
CA THR O 125 8.25 26.99 40.91
C THR O 125 9.32 27.70 41.75
N VAL O 126 8.86 28.55 42.67
CA VAL O 126 9.69 29.02 43.76
C VAL O 126 9.13 28.45 45.05
N GLU O 127 9.98 27.81 45.84
CA GLU O 127 9.55 27.14 47.05
C GLU O 127 10.33 27.65 48.26
N VAL O 128 9.60 28.10 49.28
CA VAL O 128 10.20 28.44 50.56
C VAL O 128 9.62 27.51 51.64
N ARG O 129 10.43 26.58 52.13
CA ARG O 129 9.95 25.63 53.13
C ARG O 129 10.74 25.64 54.43
N VAL O 130 10.02 25.77 55.54
CA VAL O 130 10.60 25.64 56.86
C VAL O 130 9.81 24.59 57.64
N GLY O 131 10.43 23.43 57.87
CA GLY O 131 9.76 22.34 58.56
C GLY O 131 8.49 21.89 57.86
N ALA O 132 7.36 22.07 58.52
CA ALA O 132 6.06 21.67 57.96
C ALA O 132 5.39 22.79 57.16
N SER O 133 5.97 23.98 57.18
CA SER O 133 5.35 25.14 56.53
C SER O 133 6.02 25.49 55.20
N GLU O 134 5.24 26.08 54.30
CA GLU O 134 5.66 26.23 52.93
C GLU O 134 4.89 27.32 52.18
N VAL O 135 5.63 28.16 51.47
CA VAL O 135 5.06 29.08 50.48
C VAL O 135 5.55 28.66 49.10
N ARG O 136 4.61 28.48 48.17
CA ARG O 136 4.96 28.09 46.80
C ARG O 136 4.38 29.05 45.77
N VAL O 137 5.22 29.46 44.82
CA VAL O 137 4.78 30.28 43.71
C VAL O 137 5.00 29.52 42.40
N SER O 138 3.94 29.28 41.65
CA SER O 138 4.05 28.58 40.38
C SER O 138 3.25 29.33 39.31
N ASP O 139 3.39 28.90 38.07
CA ASP O 139 2.72 29.54 36.94
C ASP O 139 1.23 29.75 37.19
N GLY O 140 0.59 28.77 37.82
CA GLY O 140 -0.85 28.78 37.95
C GLY O 140 -1.40 29.09 39.33
N ALA O 141 -0.53 29.16 40.34
CA ALA O 141 -1.00 29.36 41.70
C ALA O 141 0.04 29.91 42.69
N VAL O 142 -0.46 30.58 43.72
CA VAL O 142 0.33 30.84 44.92
C VAL O 142 -0.33 30.05 46.04
N SER O 143 0.46 29.25 46.74
CA SER O 143 -0.08 28.42 47.81
C SER O 143 0.66 28.62 49.12
N LEU O 144 -0.10 28.70 50.20
CA LEU O 144 0.44 28.75 51.56
C LEU O 144 -0.04 27.52 52.30
N LYS O 145 0.89 26.83 52.95
CA LYS O 145 0.57 25.59 53.65
C LYS O 145 1.30 25.54 54.98
N ALA O 146 0.55 25.51 56.08
CA ALA O 146 1.16 25.52 57.41
C ALA O 146 0.17 25.06 58.46
N PRO O 147 0.68 24.62 59.63
CA PRO O 147 -0.21 24.27 60.74
C PRO O 147 -1.02 25.49 61.18
N LYS O 148 -0.52 26.67 60.87
CA LYS O 148 -1.19 27.91 61.22
C LYS O 148 -0.88 28.98 60.17
N ILE O 149 -1.92 29.65 59.67
CA ILE O 149 -1.72 30.73 58.71
C ILE O 149 -2.36 32.00 59.27
N SER O 150 -1.55 33.01 59.49
CA SER O 150 -2.06 34.25 60.09
C SER O 150 -1.82 35.46 59.20
N LEU O 151 -2.91 36.15 58.90
CA LEU O 151 -2.83 37.37 58.12
C LEU O 151 -3.07 38.53 59.08
N GLU O 152 -2.04 39.32 59.31
CA GLU O 152 -2.10 40.37 60.31
C GLU O 152 -2.20 41.73 59.66
N GLY O 153 -3.41 42.27 59.59
CA GLY O 153 -3.67 43.55 58.95
C GLY O 153 -4.92 43.48 58.10
N PRO O 154 -5.32 44.62 57.50
CA PRO O 154 -6.48 44.63 56.62
C PRO O 154 -6.28 43.64 55.47
N VAL O 155 -7.25 42.77 55.24
CA VAL O 155 -7.15 41.85 54.10
C VAL O 155 -8.20 42.16 53.05
N GLU O 156 -7.77 42.28 51.80
CA GLU O 156 -8.67 42.54 50.69
C GLU O 156 -8.56 41.44 49.65
N ILE O 157 -9.69 40.82 49.33
CA ILE O 157 -9.71 39.80 48.29
C ILE O 157 -10.43 40.32 47.05
N ALA O 158 -9.67 40.44 45.96
CA ALA O 158 -10.24 40.77 44.66
C ALA O 158 -10.57 39.46 43.96
N GLY O 159 -11.79 38.98 44.17
CA GLY O 159 -12.21 37.70 43.65
C GLY O 159 -13.10 37.01 44.65
N THR O 160 -13.39 35.74 44.39
CA THR O 160 -14.24 34.96 45.29
C THR O 160 -13.43 34.38 46.46
N LEU O 161 -14.14 33.97 47.50
CA LEU O 161 -13.52 33.31 48.63
C LEU O 161 -14.32 32.05 48.97
N THR O 162 -13.63 30.91 48.99
CA THR O 162 -14.25 29.64 49.33
C THR O 162 -13.53 29.00 50.51
N VAL O 163 -14.29 28.62 51.55
CA VAL O 163 -13.72 28.07 52.76
C VAL O 163 -14.34 26.70 53.08
N SER O 164 -13.50 25.69 53.24
CA SER O 164 -13.99 24.33 53.51
C SER O 164 -14.55 24.19 54.93
N GLY O 165 -13.86 24.77 55.91
CA GLY O 165 -14.29 24.71 57.29
C GLY O 165 -15.23 25.84 57.68
N ASP O 166 -15.37 26.07 58.98
CA ASP O 166 -16.23 27.14 59.49
C ASP O 166 -15.60 28.51 59.30
N ILE O 167 -16.45 29.53 59.24
CA ILE O 167 -16.00 30.91 59.17
C ILE O 167 -16.48 31.63 60.42
N LEU O 168 -15.53 32.02 61.27
CA LEU O 168 -15.85 32.73 62.50
C LEU O 168 -15.49 34.20 62.32
N GLY O 169 -16.42 35.08 62.65
CA GLY O 169 -16.16 36.51 62.53
C GLY O 169 -16.41 37.17 63.87
N GLY O 170 -15.47 37.98 64.32
CA GLY O 170 -15.56 38.60 65.62
C GLY O 170 -16.41 39.85 65.67
N GLY O 171 -16.88 40.30 64.51
CA GLY O 171 -17.71 41.48 64.42
C GLY O 171 -18.93 41.25 63.56
N SER O 172 -19.17 42.16 62.61
CA SER O 172 -20.28 42.04 61.69
C SER O 172 -19.91 41.22 60.45
N ILE O 173 -20.89 40.57 59.85
CA ILE O 173 -20.71 39.89 58.58
C ILE O 173 -21.78 40.37 57.62
N ILE O 174 -21.36 41.16 56.63
CA ILE O 174 -22.30 41.87 55.80
C ILE O 174 -22.11 41.58 54.32
N ASP O 175 -23.18 41.14 53.67
CA ASP O 175 -23.16 40.80 52.26
C ASP O 175 -23.66 41.98 51.44
N THR O 176 -23.69 41.82 50.12
CA THR O 176 -24.18 42.87 49.24
C THR O 176 -25.34 42.37 48.38
N ALA O 177 -25.27 41.10 47.99
CA ALA O 177 -26.30 40.48 47.15
C ALA O 177 -27.67 40.50 47.81
N MET P 11 -16.43 31.20 -31.37
CA MET P 11 -15.07 30.72 -31.56
C MET P 11 -14.05 31.84 -31.45
N LEU P 12 -14.40 32.89 -30.71
CA LEU P 12 -13.50 34.02 -30.49
C LEU P 12 -12.42 33.69 -29.46
N ALA P 13 -12.65 32.64 -28.69
CA ALA P 13 -11.68 32.20 -27.69
C ALA P 13 -10.69 31.21 -28.29
N ALA P 14 -10.36 31.41 -29.56
CA ALA P 14 -9.43 30.52 -30.26
C ALA P 14 -8.57 31.30 -31.25
N MET P 15 -9.01 32.50 -31.60
CA MET P 15 -8.29 33.33 -32.55
C MET P 15 -6.99 33.85 -31.95
N ILE P 16 -7.04 34.23 -30.68
CA ILE P 16 -5.86 34.71 -29.98
C ILE P 16 -5.65 33.89 -28.71
N LEU P 17 -4.58 33.10 -28.68
CA LEU P 17 -4.34 32.19 -27.55
C LEU P 17 -2.98 32.38 -26.90
N PRO P 18 -2.97 32.93 -25.68
CA PRO P 18 -1.72 33.03 -24.90
C PRO P 18 -1.20 31.64 -24.53
N CYS P 19 -0.32 31.10 -25.36
CA CYS P 19 0.11 29.70 -25.22
C CYS P 19 1.60 29.55 -24.95
N VAL P 20 2.01 28.31 -24.70
CA VAL P 20 3.41 28.00 -24.41
C VAL P 20 3.88 26.73 -25.16
N VAL P 21 5.05 26.81 -25.77
CA VAL P 21 5.60 25.71 -26.55
C VAL P 21 5.89 24.48 -25.66
N VAL P 22 5.64 23.30 -26.20
CA VAL P 22 5.91 22.06 -25.49
C VAL P 22 6.77 21.09 -26.32
N ALA P 23 6.72 21.25 -27.65
CA ALA P 23 7.50 20.41 -28.55
C ALA P 23 7.89 21.16 -29.82
N VAL P 24 9.08 20.87 -30.34
CA VAL P 24 9.59 21.55 -31.52
C VAL P 24 10.05 20.56 -32.58
N ASP P 25 9.49 20.69 -33.79
CA ASP P 25 9.91 19.86 -34.92
C ASP P 25 10.97 20.60 -35.72
N LEU P 26 12.23 20.24 -35.51
CA LEU P 26 13.36 20.94 -36.11
C LEU P 26 13.40 20.83 -37.63
N ALA P 27 13.27 19.61 -38.15
CA ALA P 27 13.37 19.38 -39.58
C ALA P 27 12.18 19.96 -40.34
N ALA P 28 11.00 19.96 -39.71
CA ALA P 28 9.80 20.45 -40.35
C ALA P 28 9.54 21.92 -40.04
N ALA P 29 10.34 22.46 -39.13
CA ALA P 29 10.21 23.86 -38.70
C ALA P 29 8.81 24.18 -38.21
N ARG P 30 8.34 23.41 -37.23
CA ARG P 30 7.01 23.61 -36.65
C ARG P 30 7.03 23.36 -35.15
N VAL P 31 6.06 23.96 -34.45
CA VAL P 31 5.99 23.83 -32.99
C VAL P 31 4.61 23.42 -32.50
N ARG P 32 4.58 22.63 -31.43
CA ARG P 32 3.35 22.31 -30.73
C ARG P 32 3.25 23.17 -29.48
N VAL P 33 2.10 23.80 -29.28
CA VAL P 33 1.90 24.68 -28.14
C VAL P 33 0.65 24.31 -27.35
N ARG P 34 0.62 24.67 -26.07
CA ARG P 34 -0.55 24.45 -25.24
C ARG P 34 -1.09 25.76 -24.67
N SER P 35 -2.40 25.89 -24.68
CA SER P 35 -3.05 27.10 -24.15
C SER P 35 -3.73 26.79 -22.82
N GLY P 36 -3.05 26.02 -21.98
CA GLY P 36 -3.56 25.68 -20.67
C GLY P 36 -4.32 24.36 -20.66
N ASP P 37 -5.46 24.34 -21.33
CA ASP P 37 -6.32 23.15 -21.35
C ASP P 37 -6.11 22.30 -22.59
N TRP P 38 -5.82 22.95 -23.72
CA TRP P 38 -5.76 22.27 -25.00
C TRP P 38 -4.40 22.46 -25.69
N THR P 39 -3.94 21.42 -26.38
CA THR P 39 -2.69 21.48 -27.13
C THR P 39 -2.94 21.41 -28.63
N SER P 40 -2.10 22.08 -29.41
CA SER P 40 -2.26 22.14 -30.86
C SER P 40 -1.46 21.05 -31.56
N GLY P 41 -1.51 21.06 -32.89
CA GLY P 41 -0.69 20.17 -33.70
C GLY P 41 0.56 20.88 -34.15
N TRP P 42 1.12 20.45 -35.27
CA TRP P 42 2.33 21.06 -35.81
C TRP P 42 2.02 22.33 -36.59
N LEU P 43 2.36 23.48 -36.01
CA LEU P 43 2.11 24.77 -36.65
C LEU P 43 3.39 25.58 -36.83
N ARG P 44 3.39 26.44 -37.84
CA ARG P 44 4.54 27.30 -38.10
C ARG P 44 4.59 28.47 -37.13
N TRP P 45 5.76 29.08 -37.00
CA TRP P 45 5.92 30.29 -36.20
C TRP P 45 6.37 31.45 -37.07
N HIS P 46 6.45 32.63 -36.48
CA HIS P 46 6.90 33.81 -37.20
C HIS P 46 8.40 34.07 -36.99
N SER P 47 9.18 33.82 -38.03
CA SER P 47 10.62 34.09 -37.99
C SER P 47 10.87 35.58 -38.14
N LEU P 48 12.13 35.98 -38.03
CA LEU P 48 12.49 37.38 -38.18
C LEU P 48 12.49 37.79 -39.65
N ALA P 49 12.69 36.82 -40.53
CA ALA P 49 12.72 37.09 -41.97
C ALA P 49 12.47 35.82 -42.78
N ALA P 50 11.67 35.95 -43.84
CA ALA P 50 11.33 34.82 -44.68
C ALA P 50 11.23 35.22 -46.15
N GLY P 51 12.23 35.94 -46.64
CA GLY P 51 12.30 36.34 -48.03
C GLY P 51 13.66 36.03 -48.62
N LYS P 52 14.23 37.00 -49.33
CA LYS P 52 15.59 36.84 -49.86
C LYS P 52 16.57 36.66 -48.70
N VAL P 53 16.25 37.28 -47.58
CA VAL P 53 16.96 37.06 -46.32
C VAL P 53 16.10 36.20 -45.44
N ARG P 54 16.68 35.12 -44.91
CA ARG P 54 15.96 34.28 -43.97
C ARG P 54 16.71 34.19 -42.66
N HIS P 55 15.96 34.18 -41.56
CA HIS P 55 16.56 34.05 -40.24
C HIS P 55 16.07 32.79 -39.55
N TRP P 56 16.96 32.11 -38.86
CA TRP P 56 16.60 30.90 -38.13
C TRP P 56 16.76 31.09 -36.63
N ARG P 57 15.64 30.98 -35.92
CA ARG P 57 15.61 31.06 -34.48
C ARG P 57 14.41 30.22 -34.00
N ALA P 58 14.71 29.05 -33.45
CA ALA P 58 13.67 28.12 -33.02
C ALA P 58 13.35 28.30 -31.55
N PRO P 59 12.05 28.41 -31.22
CA PRO P 59 11.58 28.57 -29.85
C PRO P 59 12.03 27.43 -28.95
N SER P 60 12.38 27.73 -27.70
CA SER P 60 12.77 26.71 -26.74
C SER P 60 11.53 26.13 -26.06
N ILE P 61 11.61 24.86 -25.67
CA ILE P 61 10.50 24.21 -25.00
C ILE P 61 10.23 24.87 -23.64
N GLY P 62 9.17 25.68 -23.60
CA GLY P 62 8.81 26.39 -22.40
C GLY P 62 8.68 27.88 -22.65
N GLU P 63 9.01 28.30 -23.87
CA GLU P 63 8.91 29.71 -24.25
C GLU P 63 7.47 30.12 -24.47
N GLN P 64 7.06 31.21 -23.81
CA GLN P 64 5.70 31.71 -23.90
C GLN P 64 5.50 32.57 -25.15
N GLY P 65 4.26 32.64 -25.61
CA GLY P 65 3.92 33.44 -26.79
C GLY P 65 2.44 33.49 -27.07
N VAL P 66 2.08 33.99 -28.25
CA VAL P 66 0.68 34.09 -28.65
C VAL P 66 0.39 33.40 -29.97
N LEU P 67 -0.64 32.56 -29.99
CA LEU P 67 -1.06 31.86 -31.20
C LEU P 67 -2.18 32.63 -31.88
N LEU P 68 -1.97 33.00 -33.14
CA LEU P 68 -2.96 33.74 -33.90
C LEU P 68 -3.63 32.85 -34.95
N SER P 69 -4.95 32.81 -34.94
CA SER P 69 -5.71 31.97 -35.86
C SER P 69 -6.85 32.75 -36.51
N PRO P 70 -6.79 32.91 -37.84
CA PRO P 70 -7.82 33.61 -38.62
C PRO P 70 -9.20 32.92 -38.52
N SER P 71 -10.19 33.66 -38.04
CA SER P 71 -11.57 33.17 -37.93
C SER P 71 -11.71 31.91 -37.09
N GLY P 72 -10.83 31.74 -36.11
CA GLY P 72 -10.90 30.61 -35.20
C GLY P 72 -10.39 29.31 -35.77
N GLY P 73 -9.84 29.36 -36.98
CA GLY P 73 -9.24 28.19 -37.58
C GLY P 73 -7.88 27.93 -36.99
N VAL P 74 -7.85 27.22 -35.86
CA VAL P 74 -6.61 27.02 -35.11
C VAL P 74 -5.68 26.01 -35.77
N SER P 75 -6.22 25.17 -36.65
CA SER P 75 -5.41 24.20 -37.38
C SER P 75 -4.55 24.89 -38.44
N MET P 76 -4.87 26.16 -38.70
CA MET P 76 -4.09 26.97 -39.62
C MET P 76 -3.60 28.23 -38.93
N GLY P 77 -3.13 28.07 -37.70
CA GLY P 77 -2.66 29.20 -36.90
C GLY P 77 -1.14 29.35 -36.88
N THR P 78 -0.69 30.59 -36.65
CA THR P 78 0.73 30.88 -36.60
C THR P 78 1.14 31.37 -35.21
N PHE P 79 2.32 30.94 -34.77
CA PHE P 79 2.80 31.25 -33.42
C PHE P 79 3.76 32.43 -33.39
N ILE P 80 3.60 33.30 -32.38
CA ILE P 80 4.48 34.44 -32.19
C ILE P 80 5.12 34.39 -30.81
N PRO P 81 6.42 34.03 -30.74
CA PRO P 81 7.16 33.92 -29.48
C PRO P 81 7.70 35.27 -29.04
N GLY P 82 8.64 35.26 -28.11
CA GLY P 82 9.30 36.49 -27.67
C GLY P 82 8.81 36.99 -26.33
N LEU P 83 7.97 36.20 -25.67
CA LEU P 83 7.42 36.58 -24.37
C LEU P 83 8.32 36.09 -23.24
N TYR P 84 8.88 37.04 -22.50
CA TYR P 84 9.80 36.72 -21.40
C TYR P 84 9.08 35.93 -20.30
N GLY P 85 9.74 34.88 -19.82
CA GLY P 85 9.19 34.06 -18.77
C GLY P 85 10.21 33.09 -18.20
N ASP P 86 9.72 31.97 -17.68
CA ASP P 86 10.60 30.95 -17.11
C ASP P 86 11.48 30.34 -18.19
N ALA P 87 12.73 30.06 -17.83
CA ALA P 87 13.72 29.52 -18.76
C ALA P 87 13.94 30.42 -19.98
N GLY P 88 13.83 31.72 -19.77
CA GLY P 88 14.01 32.69 -20.83
C GLY P 88 13.59 34.09 -20.40
N THR P 89 14.22 34.58 -19.33
CA THR P 89 13.90 35.88 -18.78
C THR P 89 14.56 37.02 -19.58
N ALA P 90 14.54 38.22 -19.02
CA ALA P 90 15.17 39.36 -19.64
C ALA P 90 16.68 39.32 -19.45
N PRO P 91 17.43 39.23 -20.55
CA PRO P 91 18.89 39.11 -20.51
C PRO P 91 19.59 40.41 -20.12
N ASP P 92 18.86 41.52 -20.12
CA ASP P 92 19.43 42.82 -19.76
C ASP P 92 18.36 43.72 -19.15
N ASN P 93 18.74 44.91 -18.74
CA ASN P 93 17.81 45.86 -18.14
C ASN P 93 18.11 47.30 -18.52
N SER P 94 19.02 47.48 -19.49
CA SER P 94 19.46 48.81 -19.88
C SER P 94 18.54 49.43 -20.92
N ALA P 95 18.37 50.76 -20.84
CA ALA P 95 17.53 51.49 -21.77
C ALA P 95 18.31 51.85 -23.04
N SER P 96 19.60 51.55 -23.04
CA SER P 96 20.45 51.87 -24.18
C SER P 96 21.29 50.66 -24.59
N SER P 97 20.64 49.53 -24.78
CA SER P 97 21.35 48.30 -25.14
C SER P 97 20.51 47.37 -26.01
N GLU P 98 21.07 46.99 -27.15
CA GLU P 98 20.49 45.94 -27.98
C GLU P 98 21.37 44.70 -27.81
N THR P 99 20.84 43.68 -27.16
CA THR P 99 21.64 42.56 -26.68
C THR P 99 21.09 41.19 -27.05
N TRP P 100 21.97 40.32 -27.55
CA TRP P 100 21.69 38.89 -27.63
C TRP P 100 22.48 38.21 -26.53
N ARG P 101 21.83 37.32 -25.79
CA ARG P 101 22.53 36.53 -24.78
C ARG P 101 22.21 35.04 -24.93
N PHE P 102 23.26 34.22 -24.89
CA PHE P 102 23.12 32.79 -25.14
C PHE P 102 23.38 31.98 -23.88
N ASP P 103 22.79 30.78 -23.84
CA ASP P 103 22.80 29.93 -22.65
C ASP P 103 24.19 29.50 -22.20
N ASP P 104 25.17 29.63 -23.09
CA ASP P 104 26.54 29.22 -22.75
C ASP P 104 27.31 30.37 -22.09
N GLY P 105 26.67 31.52 -21.97
CA GLY P 105 27.28 32.65 -21.30
C GLY P 105 27.82 33.71 -22.25
N ALA P 106 27.64 33.49 -23.54
CA ALA P 106 28.11 34.43 -24.55
C ALA P 106 27.08 35.51 -24.84
N SER P 107 27.55 36.65 -25.33
CA SER P 107 26.67 37.78 -25.60
C SER P 107 27.18 38.70 -26.70
N LEU P 108 26.25 39.21 -27.50
CA LEU P 108 26.58 40.18 -28.54
C LEU P 108 25.69 41.39 -28.37
N SER P 109 26.27 42.52 -27.98
CA SER P 109 25.44 43.67 -27.65
C SER P 109 26.02 45.01 -28.07
N TYR P 110 25.17 45.91 -28.53
CA TYR P 110 25.59 47.28 -28.73
C TYR P 110 24.93 48.21 -27.71
N ASP P 111 25.74 49.11 -27.15
CA ASP P 111 25.27 50.10 -26.19
C ASP P 111 25.48 51.48 -26.78
N TRP P 112 24.39 52.17 -27.11
CA TRP P 112 24.51 53.48 -27.76
C TRP P 112 24.68 54.63 -26.78
N ALA P 113 24.79 54.31 -25.50
CA ALA P 113 25.14 55.31 -24.49
C ALA P 113 26.62 55.22 -24.19
N ALA P 114 27.14 54.00 -24.18
CA ALA P 114 28.57 53.76 -23.97
C ALA P 114 29.31 53.77 -25.31
N HIS P 115 28.55 53.75 -26.40
CA HIS P 115 29.10 53.74 -27.76
C HIS P 115 30.04 52.55 -27.94
N ARG P 116 29.50 51.35 -27.74
CA ARG P 116 30.33 50.16 -27.70
C ARG P 116 29.63 48.93 -28.24
N TYR P 117 30.29 48.23 -29.16
CA TYR P 117 29.79 46.94 -29.64
C TYR P 117 30.68 45.84 -29.10
N ARG P 118 30.08 44.94 -28.33
CA ARG P 118 30.83 43.89 -27.65
C ARG P 118 30.36 42.51 -28.10
N VAL P 119 31.29 41.74 -28.66
CA VAL P 119 31.09 40.33 -28.92
C VAL P 119 31.93 39.57 -27.91
N GLU P 120 31.26 38.93 -26.95
CA GLU P 120 31.97 38.28 -25.85
C GLU P 120 31.61 36.80 -25.70
N LEU P 121 32.62 35.96 -25.72
CA LEU P 121 32.46 34.53 -25.48
C LEU P 121 33.39 34.15 -24.33
N PRO P 122 32.85 33.44 -23.33
CA PRO P 122 33.69 32.92 -22.24
C PRO P 122 34.74 31.96 -22.79
N SER P 123 34.35 31.21 -23.81
CA SER P 123 35.19 30.21 -24.43
C SER P 123 34.65 29.89 -25.82
N GLY P 124 35.52 29.43 -26.71
CA GLY P 124 35.10 29.06 -28.04
C GLY P 124 35.88 29.78 -29.13
N THR P 125 35.21 30.11 -30.23
CA THR P 125 35.85 30.78 -31.35
C THR P 125 34.92 31.77 -32.03
N VAL P 126 35.50 32.89 -32.45
CA VAL P 126 34.85 33.82 -33.35
C VAL P 126 35.58 33.75 -34.68
N GLU P 127 34.83 33.61 -35.77
CA GLU P 127 35.43 33.45 -37.08
C GLU P 127 34.81 34.41 -38.08
N VAL P 128 35.66 35.23 -38.70
CA VAL P 128 35.25 36.10 -39.76
C VAL P 128 35.93 35.65 -41.05
N ARG P 129 35.17 35.01 -41.92
CA ARG P 129 35.73 34.40 -43.11
C ARG P 129 35.16 35.06 -44.37
N VAL P 130 36.05 35.58 -45.20
CA VAL P 130 35.66 36.15 -46.49
C VAL P 130 36.52 35.55 -47.58
N GLY P 131 35.92 34.69 -48.40
CA GLY P 131 36.64 34.00 -49.45
C GLY P 131 37.82 33.21 -48.92
N ALA P 132 39.02 33.64 -49.27
CA ALA P 132 40.25 32.95 -48.87
C ALA P 132 40.87 33.55 -47.61
N SER P 133 40.21 34.55 -47.04
CA SER P 133 40.77 35.25 -45.89
C SER P 133 39.95 35.02 -44.63
N GLU P 134 40.63 35.01 -43.49
CA GLU P 134 39.96 34.76 -42.22
C GLU P 134 40.65 35.45 -41.04
N VAL P 135 39.81 36.00 -40.15
CA VAL P 135 40.24 36.47 -38.85
C VAL P 135 39.61 35.55 -37.81
N ARG P 136 40.43 34.96 -36.96
CA ARG P 136 39.96 33.98 -35.99
C ARG P 136 40.39 34.37 -34.58
N VAL P 137 39.44 34.44 -33.66
CA VAL P 137 39.77 34.71 -32.28
C VAL P 137 39.34 33.52 -31.43
N SER P 138 40.30 32.91 -30.73
CA SER P 138 40.01 31.76 -29.87
C SER P 138 40.56 32.02 -28.48
N ASP P 139 40.39 31.03 -27.60
CA ASP P 139 40.78 31.17 -26.21
C ASP P 139 42.26 31.54 -26.03
N GLY P 140 43.13 30.86 -26.78
CA GLY P 140 44.55 31.06 -26.63
C GLY P 140 45.28 31.73 -27.79
N ALA P 141 44.53 32.16 -28.81
CA ALA P 141 45.19 32.79 -29.96
C ALA P 141 44.30 33.72 -30.80
N VAL P 142 44.93 34.69 -31.44
CA VAL P 142 44.31 35.46 -32.49
C VAL P 142 45.09 35.17 -33.77
N SER P 143 44.37 34.77 -34.80
CA SER P 143 45.00 34.34 -36.05
C SER P 143 44.47 35.13 -37.24
N LEU P 144 45.39 35.62 -38.06
CA LEU P 144 45.04 36.29 -39.29
C LEU P 144 45.60 35.47 -40.43
N LYS P 145 44.75 35.05 -41.35
CA LYS P 145 45.22 34.28 -42.52
C LYS P 145 44.65 34.86 -43.81
N ALA P 146 45.54 35.18 -44.76
CA ALA P 146 45.10 35.78 -46.01
C ALA P 146 46.21 35.73 -47.06
N PRO P 147 45.84 35.81 -48.34
CA PRO P 147 46.84 35.93 -49.42
C PRO P 147 47.71 37.18 -49.23
N LYS P 148 47.18 38.18 -48.53
CA LYS P 148 47.94 39.36 -48.16
C LYS P 148 47.46 39.93 -46.84
N ILE P 149 48.40 40.20 -45.94
CA ILE P 149 48.10 40.81 -44.65
C ILE P 149 48.75 42.18 -44.59
N SER P 150 47.95 43.21 -44.34
CA SER P 150 48.44 44.57 -44.42
C SER P 150 48.19 45.29 -43.10
N LEU P 151 49.26 45.84 -42.53
CA LEU P 151 49.15 46.62 -41.31
C LEU P 151 49.53 48.06 -41.64
N GLU P 152 48.54 48.95 -41.58
CA GLU P 152 48.74 50.31 -42.04
C GLU P 152 48.77 51.27 -40.87
N GLY P 153 49.99 51.62 -40.45
CA GLY P 153 50.20 52.50 -39.32
C GLY P 153 51.45 52.06 -38.59
N PRO P 154 51.85 52.80 -37.55
CA PRO P 154 52.97 52.30 -36.75
C PRO P 154 52.54 51.02 -36.04
N VAL P 155 53.42 50.03 -35.95
CA VAL P 155 53.09 48.79 -35.28
C VAL P 155 54.02 48.58 -34.11
N GLU P 156 53.43 48.33 -32.94
CA GLU P 156 54.21 47.99 -31.77
C GLU P 156 53.91 46.56 -31.33
N ILE P 157 54.96 45.78 -31.18
CA ILE P 157 54.83 44.43 -30.67
C ILE P 157 55.37 44.40 -29.24
N ALA P 158 54.47 44.15 -28.29
CA ALA P 158 54.87 43.92 -26.91
C ALA P 158 55.02 42.42 -26.74
N GLY P 159 56.24 41.93 -26.93
CA GLY P 159 56.51 40.50 -26.99
C GLY P 159 57.59 40.22 -28.02
N THR P 160 57.75 38.95 -28.37
CA THR P 160 58.73 38.53 -29.34
C THR P 160 58.13 38.51 -30.74
N LEU P 161 58.99 38.48 -31.75
CA LEU P 161 58.56 38.37 -33.14
C LEU P 161 59.35 37.26 -33.81
N THR P 162 58.65 36.33 -34.42
CA THR P 162 59.28 35.22 -35.11
C THR P 162 58.75 35.15 -36.52
N VAL P 163 59.67 35.18 -37.49
CA VAL P 163 59.28 35.23 -38.90
C VAL P 163 59.90 34.06 -39.66
N SER P 164 59.08 33.25 -40.31
CA SER P 164 59.56 32.07 -41.02
C SER P 164 60.30 32.43 -42.32
N GLY P 165 59.77 33.39 -43.06
CA GLY P 165 60.40 33.86 -44.29
C GLY P 165 61.40 34.97 -44.04
N ASP P 166 61.62 35.81 -45.04
CA ASP P 166 62.56 36.91 -44.92
C ASP P 166 61.95 38.10 -44.17
N ILE P 167 62.81 38.96 -43.65
CA ILE P 167 62.41 40.23 -43.09
C ILE P 167 63.07 41.34 -43.90
N LEU P 168 62.24 42.14 -44.57
CA LEU P 168 62.75 43.16 -45.49
C LEU P 168 62.34 44.55 -45.00
N GLY P 169 63.34 45.35 -44.63
CA GLY P 169 63.07 46.67 -44.08
C GLY P 169 63.44 47.78 -45.04
N GLY P 170 62.54 48.74 -45.19
CA GLY P 170 62.76 49.86 -46.09
C GLY P 170 63.65 50.94 -45.50
N GLY P 171 64.02 50.79 -44.23
CA GLY P 171 64.88 51.76 -43.58
C GLY P 171 65.99 51.11 -42.78
N SER P 172 66.10 51.48 -41.50
CA SER P 172 67.09 50.90 -40.61
C SER P 172 66.51 49.72 -39.85
N ILE P 173 67.38 48.77 -39.49
CA ILE P 173 67.00 47.64 -38.65
C ILE P 173 67.97 47.65 -37.48
N ILE P 174 67.44 47.93 -36.30
CA ILE P 174 68.28 48.27 -35.15
C ILE P 174 67.92 47.46 -33.92
N ASP P 175 68.92 46.81 -33.33
CA ASP P 175 68.72 46.01 -32.11
C ASP P 175 69.19 46.79 -30.89
N THR P 176 69.14 46.16 -29.72
CA THR P 176 69.67 46.78 -28.50
C THR P 176 70.80 45.92 -27.92
N LEU Q 12 -14.89 42.97 -28.88
CA LEU Q 12 -14.53 43.06 -30.28
C LEU Q 12 -13.22 43.82 -30.48
N ALA Q 13 -13.28 45.14 -30.30
CA ALA Q 13 -12.12 46.00 -30.51
C ALA Q 13 -11.03 45.77 -29.47
N ALA Q 14 -11.41 45.30 -28.29
CA ALA Q 14 -10.48 45.12 -27.18
C ALA Q 14 -9.58 43.89 -27.35
N MET Q 15 -9.40 43.45 -28.59
CA MET Q 15 -8.57 42.30 -28.88
C MET Q 15 -7.36 42.71 -29.72
N ILE Q 16 -7.60 43.58 -30.70
CA ILE Q 16 -6.53 44.12 -31.52
C ILE Q 16 -6.58 45.64 -31.51
N LEU Q 17 -5.61 46.27 -30.84
CA LEU Q 17 -5.61 47.72 -30.70
C LEU Q 17 -4.28 48.35 -31.07
N PRO Q 18 -4.28 49.21 -32.10
CA PRO Q 18 -3.08 49.99 -32.47
C PRO Q 18 -2.75 50.99 -31.37
N CYS Q 19 -1.66 50.78 -30.66
CA CYS Q 19 -1.35 51.60 -29.49
C CYS Q 19 0.02 52.28 -29.56
N VAL Q 20 0.34 53.01 -28.50
CA VAL Q 20 1.61 53.72 -28.41
C VAL Q 20 2.17 53.66 -26.99
N VAL Q 21 3.48 53.45 -26.88
CA VAL Q 21 4.14 53.32 -25.58
C VAL Q 21 4.27 54.67 -24.88
N VAL Q 22 3.96 54.68 -23.58
CA VAL Q 22 4.05 55.91 -22.79
C VAL Q 22 4.87 55.74 -21.51
N ALA Q 23 5.15 54.50 -21.14
CA ALA Q 23 5.94 54.21 -19.94
C ALA Q 23 6.66 52.87 -20.05
N VAL Q 24 7.89 52.81 -19.55
CA VAL Q 24 8.69 51.60 -19.60
C VAL Q 24 9.28 51.25 -18.23
N ASP Q 25 9.03 50.02 -17.78
CA ASP Q 25 9.60 49.53 -16.53
C ASP Q 25 10.82 48.66 -16.85
N LEU Q 26 11.99 49.28 -16.88
CA LEU Q 26 13.22 48.60 -17.25
C LEU Q 26 13.59 47.49 -16.27
N ALA Q 27 13.37 47.75 -14.99
CA ALA Q 27 13.75 46.80 -13.94
C ALA Q 27 12.89 45.55 -13.96
N ALA Q 28 11.66 45.68 -14.44
CA ALA Q 28 10.73 44.56 -14.45
C ALA Q 28 10.36 44.10 -15.86
N ALA Q 29 10.92 44.77 -16.86
CA ALA Q 29 10.67 44.47 -18.27
C ALA Q 29 9.18 44.51 -18.61
N ARG Q 30 8.53 45.64 -18.33
CA ARG Q 30 7.12 45.81 -18.65
C ARG Q 30 6.88 47.09 -19.43
N VAL Q 31 5.80 47.12 -20.21
CA VAL Q 31 5.48 48.27 -21.04
C VAL Q 31 4.05 48.76 -20.83
N ARG Q 32 3.90 50.06 -20.63
CA ARG Q 32 2.59 50.68 -20.50
C ARG Q 32 2.23 51.41 -21.79
N VAL Q 33 1.18 50.95 -22.47
CA VAL Q 33 0.77 51.55 -23.73
C VAL Q 33 -0.61 52.18 -23.63
N ARG Q 34 -1.01 52.89 -24.68
CA ARG Q 34 -2.34 53.50 -24.74
C ARG Q 34 -2.85 53.60 -26.17
N SER Q 35 -4.17 53.46 -26.31
CA SER Q 35 -4.82 53.57 -27.62
C SER Q 35 -6.04 54.47 -27.56
N GLY Q 36 -5.81 55.77 -27.56
CA GLY Q 36 -6.88 56.74 -27.51
C GLY Q 36 -7.20 57.20 -26.09
N ASP Q 37 -8.07 56.46 -25.42
CA ASP Q 37 -8.51 56.81 -24.08
C ASP Q 37 -7.92 55.87 -23.04
N TRP Q 38 -7.98 54.57 -23.32
CA TRP Q 38 -7.58 53.55 -22.37
C TRP Q 38 -6.06 53.41 -22.25
N THR Q 39 -5.58 53.29 -21.02
CA THR Q 39 -4.17 53.08 -20.76
C THR Q 39 -3.97 51.78 -19.98
N SER Q 40 -3.10 50.91 -20.48
CA SER Q 40 -2.86 49.61 -19.88
C SER Q 40 -2.15 49.72 -18.54
N GLY Q 41 -1.94 48.57 -17.90
CA GLY Q 41 -1.11 48.50 -16.71
C GLY Q 41 0.32 48.23 -17.11
N TRP Q 42 0.96 47.27 -16.44
CA TRP Q 42 2.31 46.87 -16.80
C TRP Q 42 2.30 45.54 -17.55
N LEU Q 43 2.44 45.62 -18.87
CA LEU Q 43 2.37 44.44 -19.72
C LEU Q 43 3.70 44.13 -20.40
N ARG Q 44 3.88 42.87 -20.77
CA ARG Q 44 5.08 42.44 -21.47
C ARG Q 44 4.99 42.74 -22.97
N TRP Q 45 6.14 42.88 -23.61
CA TRP Q 45 6.17 43.09 -25.05
C TRP Q 45 6.76 41.87 -25.74
N HIS Q 46 6.58 41.78 -27.05
CA HIS Q 46 7.11 40.66 -27.81
C HIS Q 46 8.54 40.91 -28.31
N SER Q 47 9.51 40.31 -27.63
CA SER Q 47 10.90 40.43 -28.02
C SER Q 47 11.20 39.54 -29.22
N LEU Q 48 12.46 39.52 -29.65
CA LEU Q 48 12.86 38.72 -30.80
C LEU Q 48 13.11 37.27 -30.42
N ALA Q 49 13.37 37.03 -29.14
CA ALA Q 49 13.65 35.68 -28.65
C ALA Q 49 13.48 35.60 -27.13
N ALA Q 50 12.88 34.51 -26.66
CA ALA Q 50 12.62 34.36 -25.23
C ALA Q 50 12.82 32.92 -24.74
N GLY Q 51 13.79 32.22 -25.31
CA GLY Q 51 14.10 30.87 -24.89
C GLY Q 51 15.51 30.78 -24.32
N LYS Q 52 16.27 29.78 -24.73
CA LYS Q 52 17.68 29.70 -24.36
C LYS Q 52 18.45 30.83 -25.04
N VAL Q 53 17.89 31.34 -26.13
CA VAL Q 53 18.36 32.57 -26.75
C VAL Q 53 17.50 33.72 -26.26
N ARG Q 54 18.14 34.69 -25.60
CA ARG Q 54 17.41 35.83 -25.05
C ARG Q 54 17.88 37.13 -25.67
N HIS Q 55 16.95 37.86 -26.27
CA HIS Q 55 17.25 39.16 -26.87
C HIS Q 55 16.59 40.29 -26.12
N TRP Q 56 17.37 41.30 -25.75
CA TRP Q 56 16.85 42.47 -25.05
C TRP Q 56 16.85 43.72 -25.94
N ARG Q 57 15.72 44.39 -25.98
CA ARG Q 57 15.57 45.63 -26.72
C ARG Q 57 14.31 46.33 -26.23
N ALA Q 58 14.45 47.07 -25.14
CA ALA Q 58 13.30 47.77 -24.55
C ALA Q 58 12.75 48.81 -25.52
N PRO Q 59 11.44 48.71 -25.80
CA PRO Q 59 10.76 49.68 -26.67
C PRO Q 59 10.89 51.09 -26.12
N SER Q 60 10.99 52.08 -27.00
CA SER Q 60 11.11 53.48 -26.58
C SER Q 60 9.75 54.13 -26.43
N ILE Q 61 9.70 55.22 -25.68
CA ILE Q 61 8.47 55.96 -25.50
C ILE Q 61 8.05 56.62 -26.81
N GLY Q 62 6.81 56.37 -27.23
CA GLY Q 62 6.30 56.92 -28.46
C GLY Q 62 6.30 55.93 -29.61
N GLU Q 63 7.03 54.83 -29.43
CA GLU Q 63 7.13 53.80 -30.46
C GLU Q 63 5.78 53.12 -30.68
N GLN Q 64 5.26 53.24 -31.89
CA GLN Q 64 3.98 52.65 -32.25
C GLN Q 64 4.08 51.13 -32.36
N GLY Q 65 2.97 50.45 -32.08
CA GLY Q 65 2.93 49.01 -32.16
C GLY Q 65 1.51 48.49 -32.01
N VAL Q 66 1.35 47.17 -32.12
CA VAL Q 66 0.02 46.57 -32.03
C VAL Q 66 -0.17 45.89 -30.67
N LEU Q 67 -1.39 45.90 -30.18
CA LEU Q 67 -1.72 45.26 -28.91
C LEU Q 67 -2.69 44.12 -29.13
N LEU Q 68 -2.28 42.92 -28.73
CA LEU Q 68 -3.09 41.72 -28.93
C LEU Q 68 -3.60 41.18 -27.60
N SER Q 69 -4.93 41.16 -27.46
CA SER Q 69 -5.57 40.68 -26.24
C SER Q 69 -6.55 39.55 -26.53
N PRO Q 70 -6.55 38.52 -25.68
CA PRO Q 70 -7.42 37.36 -25.87
C PRO Q 70 -8.80 37.55 -25.24
N SER Q 71 -9.83 37.49 -26.08
CA SER Q 71 -11.23 37.63 -25.64
C SER Q 71 -11.49 38.93 -24.88
N GLY Q 72 -10.79 39.99 -25.28
CA GLY Q 72 -10.96 41.29 -24.64
C GLY Q 72 -10.16 41.42 -23.36
N GLY Q 73 -9.38 40.40 -23.06
CA GLY Q 73 -8.54 40.41 -21.87
C GLY Q 73 -7.40 41.39 -21.99
N VAL Q 74 -7.71 42.68 -21.84
CA VAL Q 74 -6.72 43.73 -21.99
C VAL Q 74 -5.78 43.81 -20.80
N SER Q 75 -6.14 43.14 -19.71
CA SER Q 75 -5.29 43.09 -18.53
C SER Q 75 -4.17 42.08 -18.72
N MET Q 76 -4.34 41.21 -19.72
CA MET Q 76 -3.34 40.21 -20.05
C MET Q 76 -2.94 40.31 -21.53
N GLY Q 77 -3.06 41.50 -22.08
CA GLY Q 77 -2.71 41.75 -23.47
C GLY Q 77 -1.21 41.87 -23.67
N THR Q 78 -0.74 41.54 -24.87
CA THR Q 78 0.68 41.58 -25.16
C THR Q 78 0.99 42.58 -26.28
N PHE Q 79 2.19 43.13 -26.26
CA PHE Q 79 2.57 44.21 -27.16
C PHE Q 79 3.60 43.80 -28.22
N ILE Q 80 3.31 44.09 -29.47
CA ILE Q 80 4.24 43.82 -30.56
C ILE Q 80 4.69 45.11 -31.25
N PRO Q 81 5.95 45.50 -31.00
CA PRO Q 81 6.62 46.61 -31.67
C PRO Q 81 7.31 46.12 -32.94
N GLY Q 82 7.59 47.01 -33.89
CA GLY Q 82 7.25 48.41 -33.78
C GLY Q 82 7.07 49.05 -35.14
N LEU Q 83 6.04 49.88 -35.26
CA LEU Q 83 5.73 50.55 -36.51
C LEU Q 83 6.52 51.85 -36.64
N TYR Q 84 6.91 52.16 -37.88
CA TYR Q 84 7.70 53.37 -38.13
C TYR Q 84 6.87 54.64 -37.91
N GLY Q 85 7.40 55.52 -37.07
CA GLY Q 85 6.72 56.77 -36.76
C GLY Q 85 7.70 57.87 -36.36
N ASP Q 86 7.25 58.75 -35.47
CA ASP Q 86 8.08 59.86 -35.02
C ASP Q 86 9.08 59.44 -33.96
N ALA Q 87 8.93 58.21 -33.46
CA ALA Q 87 9.84 57.69 -32.44
C ALA Q 87 10.85 56.71 -33.03
N GLY Q 88 10.86 56.61 -34.35
CA GLY Q 88 11.78 55.71 -35.05
C GLY Q 88 11.35 55.49 -36.48
N THR Q 89 11.81 56.36 -37.38
CA THR Q 89 11.48 56.26 -38.79
C THR Q 89 12.18 55.07 -39.43
N ALA Q 90 11.97 54.87 -40.72
CA ALA Q 90 12.67 53.83 -41.46
C ALA Q 90 14.15 54.21 -41.56
N PRO Q 91 15.02 53.37 -40.97
CA PRO Q 91 16.47 53.63 -40.94
C PRO Q 91 17.14 53.34 -42.28
N ASP Q 92 16.38 52.88 -43.25
CA ASP Q 92 16.91 52.54 -44.56
C ASP Q 92 15.76 52.38 -45.56
N ASN Q 93 16.08 52.32 -46.84
CA ASN Q 93 15.07 52.12 -47.87
C ASN Q 93 15.55 51.18 -48.96
N SER Q 94 16.53 50.34 -48.63
CA SER Q 94 17.10 49.42 -49.60
C SER Q 94 16.39 48.08 -49.60
N ALA Q 95 16.27 47.49 -50.80
CA ALA Q 95 15.67 46.18 -50.95
C ALA Q 95 16.73 45.11 -50.82
N SER Q 96 17.96 45.54 -50.55
CA SER Q 96 19.07 44.62 -50.42
C SER Q 96 19.91 44.93 -49.19
N SER Q 97 19.26 45.22 -48.07
CA SER Q 97 19.98 45.52 -46.84
C SER Q 97 19.24 45.10 -45.58
N GLU Q 98 19.98 44.52 -44.65
CA GLU Q 98 19.49 44.23 -43.32
C GLU Q 98 20.28 45.09 -42.35
N THR Q 99 19.64 46.13 -41.81
CA THR Q 99 20.37 47.18 -41.11
C THR Q 99 19.87 47.48 -39.70
N TRP Q 100 20.78 47.48 -38.73
CA TRP Q 100 20.53 48.02 -37.41
C TRP Q 100 21.13 49.42 -37.35
N ARG Q 101 20.33 50.41 -36.95
CA ARG Q 101 20.85 51.76 -36.76
C ARG Q 101 20.54 52.29 -35.36
N PHE Q 102 21.56 52.84 -34.71
CA PHE Q 102 21.44 53.29 -33.33
C PHE Q 102 21.46 54.82 -33.21
N ASP Q 103 21.13 55.30 -32.02
CA ASP Q 103 20.94 56.73 -31.77
C ASP Q 103 22.22 57.57 -31.84
N ASP Q 104 23.37 56.91 -31.69
CA ASP Q 104 24.65 57.63 -31.74
C ASP Q 104 25.27 57.62 -33.13
N GLY Q 105 24.51 57.21 -34.13
CA GLY Q 105 24.98 57.19 -35.50
C GLY Q 105 25.64 55.89 -35.92
N ALA Q 106 25.79 54.97 -34.96
CA ALA Q 106 26.38 53.67 -35.26
C ALA Q 106 25.40 52.79 -36.04
N SER Q 107 25.94 51.88 -36.83
CA SER Q 107 25.10 50.98 -37.61
C SER Q 107 25.80 49.66 -37.89
N LEU Q 108 25.04 48.57 -37.82
CA LEU Q 108 25.53 47.26 -38.21
C LEU Q 108 24.62 46.72 -39.30
N SER Q 109 25.15 46.57 -40.51
CA SER Q 109 24.30 46.18 -41.63
C SER Q 109 24.94 45.19 -42.59
N TYR Q 110 24.12 44.35 -43.21
CA TYR Q 110 24.60 43.54 -44.32
C TYR Q 110 23.86 43.87 -45.61
N ASP Q 111 24.63 43.99 -46.70
CA ASP Q 111 24.08 44.30 -48.00
C ASP Q 111 24.40 43.16 -48.95
N TRP Q 112 23.41 42.35 -49.31
CA TRP Q 112 23.68 41.19 -50.15
C TRP Q 112 23.71 41.50 -51.64
N ALA Q 113 23.65 42.78 -51.98
CA ALA Q 113 23.87 43.23 -53.35
C ALA Q 113 25.32 43.65 -53.51
N ALA Q 114 25.85 44.30 -52.48
CA ALA Q 114 27.24 44.73 -52.46
C ALA Q 114 28.13 43.67 -51.81
N HIS Q 115 27.49 42.67 -51.22
CA HIS Q 115 28.19 41.56 -50.55
C HIS Q 115 29.11 42.04 -49.44
N ARG Q 116 28.63 42.96 -48.61
CA ARG Q 116 29.48 43.47 -47.54
C ARG Q 116 28.80 43.57 -46.18
N TYR Q 117 29.55 43.24 -45.13
CA TYR Q 117 29.08 43.41 -43.77
C TYR Q 117 29.79 44.61 -43.16
N ARG Q 118 29.02 45.59 -42.72
CA ARG Q 118 29.58 46.81 -42.19
C ARG Q 118 29.18 47.08 -40.74
N VAL Q 119 30.18 47.03 -39.86
CA VAL Q 119 30.04 47.50 -38.49
C VAL Q 119 30.68 48.87 -38.40
N GLU Q 120 29.87 49.91 -38.39
CA GLU Q 120 30.36 51.27 -38.48
C GLU Q 120 30.01 52.09 -37.25
N LEU Q 121 31.03 52.53 -36.53
CA LEU Q 121 30.86 53.41 -35.38
C LEU Q 121 31.56 54.74 -35.63
N PRO Q 122 30.84 55.85 -35.43
CA PRO Q 122 31.48 57.17 -35.57
C PRO Q 122 32.56 57.34 -34.50
N SER Q 123 32.27 56.93 -33.28
CA SER Q 123 33.24 56.94 -32.20
C SER Q 123 32.95 55.81 -31.23
N GLY Q 124 33.89 55.58 -30.31
CA GLY Q 124 33.70 54.57 -29.29
C GLY Q 124 34.64 53.38 -29.44
N THR Q 125 34.09 52.18 -29.36
CA THR Q 125 34.90 50.98 -29.42
C THR Q 125 34.12 49.74 -29.86
N VAL Q 126 34.82 48.85 -30.55
CA VAL Q 126 34.31 47.53 -30.89
C VAL Q 126 35.24 46.49 -30.29
N GLU Q 127 34.68 45.64 -29.44
CA GLU Q 127 35.48 44.64 -28.72
C GLU Q 127 35.03 43.23 -29.08
N VAL Q 128 35.97 42.43 -29.57
CA VAL Q 128 35.71 41.03 -29.84
C VAL Q 128 36.58 40.21 -28.90
N ARG Q 129 35.96 39.62 -27.89
CA ARG Q 129 36.69 38.93 -26.84
C ARG Q 129 36.27 37.48 -26.65
N VAL Q 130 37.22 36.56 -26.79
CA VAL Q 130 36.96 35.16 -26.50
C VAL Q 130 37.96 34.70 -25.45
N GLY Q 131 37.45 34.37 -24.27
CA GLY Q 131 38.28 33.95 -23.16
C GLY Q 131 39.35 34.97 -22.84
N ALA Q 132 40.61 34.59 -23.06
CA ALA Q 132 41.73 35.49 -22.81
C ALA Q 132 41.92 36.50 -23.95
N SER Q 133 41.79 36.02 -25.19
CA SER Q 133 42.12 36.80 -26.38
C SER Q 133 41.11 37.92 -26.70
N GLU Q 134 41.59 38.96 -27.39
CA GLU Q 134 40.77 40.11 -27.70
C GLU Q 134 41.28 40.94 -28.88
N VAL Q 135 40.39 41.21 -29.84
CA VAL Q 135 40.65 42.20 -30.87
C VAL Q 135 39.82 43.44 -30.53
N ARG Q 136 40.48 44.59 -30.43
CA ARG Q 136 39.81 45.82 -30.04
C ARG Q 136 40.06 46.93 -31.05
N VAL Q 137 38.97 47.56 -31.49
CA VAL Q 137 39.07 48.67 -32.44
C VAL Q 137 38.52 49.94 -31.81
N SER Q 138 39.35 50.98 -31.74
CA SER Q 138 38.93 52.26 -31.18
C SER Q 138 39.37 53.40 -32.08
N ASP Q 139 38.96 54.62 -31.73
CA ASP Q 139 39.29 55.81 -32.53
C ASP Q 139 40.78 55.90 -32.87
N GLY Q 140 41.64 55.71 -31.88
CA GLY Q 140 43.06 55.90 -32.06
C GLY Q 140 43.92 54.65 -32.16
N ALA Q 141 43.29 53.48 -32.12
CA ALA Q 141 44.06 52.24 -32.09
C ALA Q 141 43.31 50.98 -32.53
N VAL Q 142 44.07 50.04 -33.07
CA VAL Q 142 43.62 48.67 -33.24
C VAL Q 142 44.60 47.80 -32.46
N SER Q 143 44.08 46.99 -31.55
CA SER Q 143 44.95 46.13 -30.75
C SER Q 143 44.54 44.66 -30.80
N LEU Q 144 45.52 43.78 -30.91
CA LEU Q 144 45.30 42.36 -30.76
C LEU Q 144 46.03 41.93 -29.51
N LYS Q 145 45.34 41.19 -28.65
CA LYS Q 145 45.95 40.73 -27.40
C LYS Q 145 45.61 39.27 -27.19
N ALA Q 146 46.61 38.41 -27.17
CA ALA Q 146 46.38 36.98 -27.01
C ALA Q 146 47.65 36.30 -26.52
N PRO Q 147 47.51 35.08 -25.96
CA PRO Q 147 48.70 34.28 -25.61
C PRO Q 147 49.49 33.91 -26.86
N LYS Q 148 48.84 33.96 -28.01
CA LYS Q 148 49.54 33.76 -29.29
C LYS Q 148 48.89 34.58 -30.40
N ILE Q 149 49.71 35.27 -31.17
CA ILE Q 149 49.22 36.05 -32.30
C ILE Q 149 49.85 35.50 -33.57
N SER Q 150 49.03 34.97 -34.46
CA SER Q 150 49.53 34.29 -35.65
C SER Q 150 49.13 35.01 -36.94
N LEU Q 151 50.12 35.35 -37.74
CA LEU Q 151 49.88 35.93 -39.05
C LEU Q 151 50.34 34.94 -40.11
N GLU Q 152 49.39 34.37 -40.84
N GLU Q 152 49.39 34.40 -40.86
CA GLU Q 152 49.72 33.39 -41.86
CA GLU Q 152 49.68 33.40 -41.87
C GLU Q 152 49.51 33.96 -43.26
C GLU Q 152 49.50 33.96 -43.28
N GLY Q 153 50.62 34.31 -43.91
CA GLY Q 153 50.59 34.91 -45.23
C GLY Q 153 51.65 36.00 -45.31
N PRO Q 154 51.79 36.62 -46.48
CA PRO Q 154 52.73 37.73 -46.64
C PRO Q 154 52.24 38.92 -45.80
N VAL Q 155 53.15 39.49 -45.01
CA VAL Q 155 52.78 40.60 -44.14
C VAL Q 155 53.52 41.86 -44.56
N GLU Q 156 52.77 42.92 -44.86
CA GLU Q 156 53.38 44.21 -45.14
C GLU Q 156 52.96 45.25 -44.11
N ILE Q 157 53.95 45.97 -43.60
CA ILE Q 157 53.70 47.03 -42.65
C ILE Q 157 54.01 48.36 -43.32
N ALA Q 158 53.00 49.21 -43.41
CA ALA Q 158 53.20 50.54 -43.94
C ALA Q 158 53.40 51.46 -42.74
N GLY Q 159 54.65 51.66 -42.37
CA GLY Q 159 55.00 52.36 -41.14
C GLY Q 159 56.22 51.74 -40.50
N THR Q 160 56.50 52.15 -39.27
CA THR Q 160 57.68 51.70 -38.53
C THR Q 160 57.27 50.63 -37.52
N LEU Q 161 58.07 49.56 -37.45
CA LEU Q 161 57.81 48.47 -36.54
C LEU Q 161 58.73 48.52 -35.32
N THR Q 162 58.13 48.52 -34.13
CA THR Q 162 58.87 48.52 -32.88
C THR Q 162 58.57 47.22 -32.10
N VAL Q 163 59.60 46.46 -31.76
CA VAL Q 163 59.42 45.18 -31.07
C VAL Q 163 60.14 45.18 -29.72
N SER Q 164 59.43 44.90 -28.64
CA SER Q 164 60.03 44.93 -27.30
C SER Q 164 60.93 43.71 -27.06
N GLY Q 165 60.52 42.57 -27.59
CA GLY Q 165 61.29 41.34 -27.41
C GLY Q 165 62.21 41.04 -28.58
N ASP Q 166 62.85 39.88 -28.51
CA ASP Q 166 63.75 39.43 -29.57
C ASP Q 166 63.04 39.20 -30.89
N ILE Q 167 63.77 39.41 -31.98
CA ILE Q 167 63.26 39.14 -33.31
C ILE Q 167 64.10 38.03 -33.90
N LEU Q 168 63.43 36.98 -34.36
N LEU Q 168 63.46 36.95 -34.33
CA LEU Q 168 64.09 35.83 -34.96
CA LEU Q 168 64.20 35.87 -34.97
C LEU Q 168 63.58 35.63 -36.39
C LEU Q 168 63.63 35.55 -36.36
N GLY Q 169 64.50 35.64 -37.36
CA GLY Q 169 64.11 35.45 -38.74
C GLY Q 169 64.58 34.09 -39.26
N GLY Q 170 63.71 33.43 -40.01
CA GLY Q 170 64.04 32.13 -40.56
C GLY Q 170 64.72 32.21 -41.91
N GLY Q 171 64.86 33.43 -42.43
CA GLY Q 171 65.49 33.62 -43.72
C GLY Q 171 66.55 34.70 -43.66
N SER Q 172 66.50 35.61 -44.63
CA SER Q 172 67.40 36.77 -44.61
C SER Q 172 66.74 37.94 -43.87
N ILE Q 173 67.56 38.79 -43.28
CA ILE Q 173 67.10 40.03 -42.67
C ILE Q 173 67.85 41.19 -43.31
N ILE Q 174 67.14 41.96 -44.13
CA ILE Q 174 67.78 42.92 -45.02
C ILE Q 174 67.25 44.35 -44.85
N ASP Q 175 68.14 45.29 -44.55
CA ASP Q 175 67.73 46.67 -44.38
C ASP Q 175 67.97 47.48 -45.65
N THR Q 176 67.79 48.79 -45.56
CA THR Q 176 68.01 49.68 -46.69
C THR Q 176 69.15 50.65 -46.40
N ALA Q 177 69.19 51.13 -45.16
CA ALA Q 177 70.26 52.02 -44.70
C ALA Q 177 71.64 51.39 -44.87
N ASP R 9 -19.54 37.30 -39.59
CA ASP R 9 -18.61 36.55 -40.43
C ASP R 9 -18.02 37.44 -41.52
N ARG R 10 -18.16 38.74 -41.36
CA ARG R 10 -17.65 39.69 -42.36
C ARG R 10 -16.67 40.67 -41.72
N MET R 11 -17.01 41.17 -40.54
CA MET R 11 -16.11 42.04 -39.78
C MET R 11 -15.29 41.18 -38.82
N LEU R 12 -15.68 39.92 -38.70
CA LEU R 12 -14.99 38.97 -37.83
C LEU R 12 -13.87 38.28 -38.61
N ALA R 13 -14.10 38.05 -39.90
CA ALA R 13 -13.13 37.36 -40.75
C ALA R 13 -12.18 38.33 -41.43
N ALA R 14 -12.19 39.58 -41.01
CA ALA R 14 -11.34 40.61 -41.60
C ALA R 14 -10.27 41.09 -40.63
N MET R 15 -10.32 40.58 -39.40
CA MET R 15 -9.36 40.96 -38.37
C MET R 15 -8.00 40.29 -38.58
N ILE R 16 -7.96 38.97 -38.35
CA ILE R 16 -6.75 38.20 -38.53
C ILE R 16 -6.77 37.50 -39.90
N LEU R 17 -5.76 37.77 -40.72
CA LEU R 17 -5.70 37.20 -42.05
C LEU R 17 -4.35 36.56 -42.38
N PRO R 18 -4.38 35.44 -43.12
CA PRO R 18 -3.15 34.83 -43.65
C PRO R 18 -2.86 35.36 -45.06
N CYS R 19 -1.83 36.17 -45.20
CA CYS R 19 -1.58 36.86 -46.46
C CYS R 19 -0.17 36.68 -47.03
N VAL R 20 0.03 37.15 -48.25
CA VAL R 20 1.32 37.07 -48.92
C VAL R 20 1.66 38.38 -49.64
N VAL R 21 2.91 38.81 -49.52
CA VAL R 21 3.36 40.07 -50.11
C VAL R 21 3.28 40.05 -51.64
N VAL R 22 2.70 41.10 -52.22
CA VAL R 22 2.55 41.20 -53.67
C VAL R 22 3.16 42.48 -54.23
N ALA R 23 3.37 43.47 -53.37
CA ALA R 23 3.97 44.74 -53.78
C ALA R 23 4.61 45.47 -52.59
N VAL R 24 5.81 45.99 -52.80
CA VAL R 24 6.55 46.67 -51.75
C VAL R 24 6.95 48.09 -52.14
N ASP R 25 6.60 49.06 -51.31
CA ASP R 25 7.02 50.44 -51.51
C ASP R 25 8.12 50.79 -50.51
N LEU R 26 9.37 50.76 -50.95
CA LEU R 26 10.51 50.93 -50.07
C LEU R 26 10.60 52.31 -49.44
N ALA R 27 10.36 53.34 -50.24
CA ALA R 27 10.49 54.72 -49.78
C ALA R 27 9.46 55.08 -48.70
N ALA R 28 8.24 54.57 -48.85
CA ALA R 28 7.18 54.87 -47.90
C ALA R 28 7.06 53.80 -46.82
N ALA R 29 7.94 52.80 -46.90
CA ALA R 29 7.97 51.70 -45.94
C ALA R 29 6.63 50.97 -45.78
N ARG R 30 5.89 50.89 -46.88
CA ARG R 30 4.60 50.20 -46.88
C ARG R 30 4.69 48.89 -47.64
N VAL R 31 3.60 48.15 -47.66
CA VAL R 31 3.57 46.85 -48.34
C VAL R 31 2.14 46.43 -48.71
N ARG R 32 2.01 45.73 -49.84
CA ARG R 32 0.72 45.20 -50.27
C ARG R 32 0.66 43.69 -50.01
N VAL R 33 -0.46 43.23 -49.48
CA VAL R 33 -0.64 41.81 -49.20
C VAL R 33 -1.92 41.25 -49.84
N ARG R 34 -1.91 39.95 -50.11
CA ARG R 34 -3.04 39.28 -50.74
C ARG R 34 -3.47 38.09 -49.90
N SER R 35 -4.78 37.96 -49.70
CA SER R 35 -5.33 36.85 -48.93
C SER R 35 -6.58 36.29 -49.62
N GLY R 36 -6.39 35.22 -50.38
CA GLY R 36 -7.48 34.61 -51.12
C GLY R 36 -7.66 35.23 -52.49
N ASP R 37 -8.73 36.01 -52.66
CA ASP R 37 -8.99 36.70 -53.90
C ASP R 37 -9.19 38.20 -53.63
N TRP R 38 -8.25 38.77 -52.87
CA TRP R 38 -8.34 40.17 -52.46
C TRP R 38 -6.99 40.75 -52.08
N THR R 39 -6.66 41.89 -52.66
CA THR R 39 -5.43 42.60 -52.33
C THR R 39 -5.72 43.88 -51.55
N SER R 40 -4.98 44.08 -50.46
CA SER R 40 -5.22 45.23 -49.60
C SER R 40 -4.59 46.50 -50.14
N GLY R 41 -4.38 47.47 -49.26
CA GLY R 41 -3.70 48.70 -49.62
C GLY R 41 -2.28 48.71 -49.08
N TRP R 42 -1.65 49.87 -49.09
CA TRP R 42 -0.28 50.00 -48.62
C TRP R 42 -0.23 50.12 -47.10
N LEU R 43 0.07 49.01 -46.44
CA LEU R 43 0.11 48.98 -44.97
C LEU R 43 1.53 48.80 -44.45
N ARG R 44 1.72 49.09 -43.16
CA ARG R 44 3.02 48.98 -42.53
C ARG R 44 3.27 47.57 -42.00
N TRP R 45 4.54 47.19 -41.89
CA TRP R 45 4.90 45.93 -41.26
C TRP R 45 5.56 46.18 -39.91
N HIS R 46 5.56 45.16 -39.05
CA HIS R 46 6.18 45.28 -37.74
C HIS R 46 7.65 44.92 -37.80
N SER R 47 8.50 45.95 -37.81
CA SER R 47 9.95 45.75 -37.85
C SER R 47 10.45 45.25 -36.51
N LEU R 48 11.72 44.86 -36.47
CA LEU R 48 12.33 44.34 -35.25
C LEU R 48 12.53 45.43 -34.21
N ALA R 49 12.60 46.68 -34.66
CA ALA R 49 12.81 47.81 -33.77
C ALA R 49 12.43 49.13 -34.43
N ALA R 50 11.71 49.97 -33.69
CA ALA R 50 11.30 51.27 -34.19
C ALA R 50 11.41 52.36 -33.12
N GLY R 51 12.37 52.19 -32.22
CA GLY R 51 12.62 53.16 -31.17
C GLY R 51 13.86 53.99 -31.44
N LYS R 52 14.66 54.21 -30.40
CA LYS R 52 15.93 54.92 -30.56
C LYS R 52 16.89 54.08 -31.41
N VAL R 53 16.76 52.77 -31.28
CA VAL R 53 17.42 51.85 -32.20
C VAL R 53 16.39 51.35 -33.21
N ARG R 54 16.73 51.48 -34.49
CA ARG R 54 15.81 51.12 -35.55
C ARG R 54 16.40 50.00 -36.42
N HIS R 55 15.56 49.08 -36.86
CA HIS R 55 16.01 48.01 -37.74
C HIS R 55 15.28 48.02 -39.08
N TRP R 56 16.01 47.70 -40.15
CA TRP R 56 15.43 47.66 -41.49
C TRP R 56 15.61 46.31 -42.17
N ARG R 57 14.50 45.73 -42.62
CA ARG R 57 14.53 44.51 -43.40
C ARG R 57 13.18 44.41 -44.12
N ALA R 58 13.13 44.95 -45.33
CA ALA R 58 11.90 44.96 -46.11
C ALA R 58 11.53 43.55 -46.59
N PRO R 59 10.30 43.11 -46.25
CA PRO R 59 9.80 41.81 -46.70
C PRO R 59 9.87 41.69 -48.22
N SER R 60 10.16 40.50 -48.72
CA SER R 60 10.33 40.28 -50.15
C SER R 60 9.00 39.89 -50.80
N ILE R 61 8.95 39.97 -52.12
CA ILE R 61 7.77 39.58 -52.87
C ILE R 61 7.54 38.07 -52.79
N GLY R 62 6.41 37.68 -52.22
CA GLY R 62 6.09 36.28 -52.06
C GLY R 62 6.24 35.79 -50.64
N GLU R 63 6.63 36.70 -49.74
CA GLU R 63 6.79 36.36 -48.33
C GLU R 63 5.45 36.32 -47.64
N GLN R 64 5.14 35.20 -46.99
CA GLN R 64 3.88 35.03 -46.31
C GLN R 64 3.94 35.60 -44.90
N GLY R 65 2.77 35.90 -44.34
CA GLY R 65 2.68 36.45 -42.99
C GLY R 65 1.25 36.65 -42.54
N VAL R 66 1.09 37.31 -41.40
CA VAL R 66 -0.23 37.51 -40.83
C VAL R 66 -0.61 38.99 -40.72
N LEU R 67 -1.70 39.36 -41.37
CA LEU R 67 -2.25 40.71 -41.29
C LEU R 67 -3.17 40.84 -40.08
N LEU R 68 -2.95 41.88 -39.29
CA LEU R 68 -3.78 42.14 -38.12
C LEU R 68 -4.53 43.46 -38.30
N SER R 69 -5.85 43.39 -38.17
CA SER R 69 -6.71 44.55 -38.39
C SER R 69 -7.65 44.80 -37.20
N PRO R 70 -7.59 46.00 -36.62
CA PRO R 70 -8.46 46.36 -35.48
C PRO R 70 -9.91 46.54 -35.92
N SER R 71 -10.81 45.77 -35.31
CA SER R 71 -12.24 45.82 -35.60
C SER R 71 -12.55 45.55 -37.08
N GLY R 72 -11.73 44.74 -37.72
CA GLY R 72 -11.92 44.38 -39.11
C GLY R 72 -11.54 45.49 -40.07
N GLY R 73 -10.87 46.52 -39.57
CA GLY R 73 -10.45 47.64 -40.38
C GLY R 73 -9.15 47.36 -41.12
N VAL R 74 -9.28 46.98 -42.38
CA VAL R 74 -8.13 46.63 -43.20
C VAL R 74 -7.41 47.87 -43.76
N SER R 75 -8.06 49.02 -43.66
CA SER R 75 -7.47 50.27 -44.14
C SER R 75 -6.29 50.67 -43.27
N MET R 76 -6.34 50.30 -42.00
CA MET R 76 -5.28 50.61 -41.05
C MET R 76 -4.75 49.36 -40.37
N GLY R 77 -4.60 48.28 -41.13
CA GLY R 77 -4.07 47.04 -40.62
C GLY R 77 -2.55 46.99 -40.71
N THR R 78 -1.94 46.09 -39.95
CA THR R 78 -0.49 45.96 -39.94
C THR R 78 -0.05 44.52 -40.24
N PHE R 79 0.99 44.40 -41.05
CA PHE R 79 1.48 43.09 -41.48
C PHE R 79 2.56 42.55 -40.56
N ILE R 80 2.58 41.23 -40.38
CA ILE R 80 3.61 40.58 -39.59
C ILE R 80 4.30 39.45 -40.36
N PRO R 81 5.57 39.68 -40.71
CA PRO R 81 6.46 38.68 -41.30
C PRO R 81 7.14 37.86 -40.20
N GLY R 82 7.65 36.67 -40.51
CA GLY R 82 7.58 36.10 -41.85
C GLY R 82 7.49 34.60 -41.81
N LEU R 83 6.43 34.06 -42.41
CA LEU R 83 6.21 32.62 -42.43
C LEU R 83 7.07 31.97 -43.50
N TYR R 84 7.68 30.83 -43.17
CA TYR R 84 8.52 30.09 -44.10
C TYR R 84 7.71 29.62 -45.31
N GLY R 85 8.26 29.86 -46.50
CA GLY R 85 7.59 29.48 -47.73
C GLY R 85 8.55 29.38 -48.90
N ASP R 86 8.01 29.33 -50.10
CA ASP R 86 8.82 29.20 -51.30
C ASP R 86 9.67 30.44 -51.57
N ALA R 87 9.28 31.56 -50.97
CA ALA R 87 10.04 32.80 -51.12
C ALA R 87 11.25 32.80 -50.19
N GLY R 88 11.14 32.08 -49.09
CA GLY R 88 12.23 31.99 -48.12
C GLY R 88 12.01 30.87 -47.12
N THR R 89 12.63 29.73 -47.41
CA THR R 89 12.50 28.56 -46.55
C THR R 89 13.33 28.72 -45.28
N ALA R 90 13.22 27.75 -44.38
CA ALA R 90 14.01 27.73 -43.16
C ALA R 90 15.49 27.57 -43.51
N PRO R 91 16.31 28.57 -43.16
CA PRO R 91 17.74 28.60 -43.52
C PRO R 91 18.58 27.65 -42.68
N ASP R 92 17.98 27.03 -41.66
CA ASP R 92 18.70 26.12 -40.78
C ASP R 92 17.73 25.17 -40.09
N ASN R 93 18.26 24.16 -39.40
CA ASN R 93 17.43 23.20 -38.69
C ASN R 93 17.93 22.90 -37.28
N SER R 94 19.05 23.50 -36.90
CA SER R 94 19.65 23.27 -35.59
C SER R 94 18.88 23.96 -34.48
N ALA R 95 18.79 23.30 -33.33
CA ALA R 95 18.10 23.88 -32.17
C ALA R 95 19.07 24.68 -31.32
N SER R 96 20.35 24.59 -31.66
CA SER R 96 21.39 25.25 -30.89
C SER R 96 22.10 26.33 -31.71
N SER R 97 21.35 26.98 -32.61
CA SER R 97 21.94 28.00 -33.48
C SER R 97 20.97 29.11 -33.84
N GLU R 98 21.43 30.34 -33.74
CA GLU R 98 20.70 31.51 -34.21
C GLU R 98 21.40 32.02 -35.46
N THR R 99 20.69 32.02 -36.59
CA THR R 99 21.31 32.18 -37.89
C THR R 99 20.61 33.15 -38.84
N TRP R 100 21.36 34.10 -39.38
CA TRP R 100 20.93 34.88 -40.53
C TRP R 100 21.58 34.29 -41.78
N ARG R 101 20.78 34.07 -42.82
N ARG R 101 20.77 34.04 -42.81
CA ARG R 101 21.30 33.56 -44.07
CA ARG R 101 21.29 33.56 -44.08
C ARG R 101 20.81 34.43 -45.23
C ARG R 101 20.81 34.45 -45.22
N PHE R 102 21.73 34.80 -46.12
CA PHE R 102 21.41 35.71 -47.21
C PHE R 102 21.41 35.05 -48.57
N ASP R 103 20.83 35.74 -49.55
CA ASP R 103 20.66 35.20 -50.89
C ASP R 103 21.97 35.06 -51.65
N ASP R 104 23.00 35.78 -51.20
CA ASP R 104 24.31 35.69 -51.85
C ASP R 104 25.16 34.56 -51.27
N GLY R 105 24.58 33.80 -50.36
CA GLY R 105 25.26 32.68 -49.76
C GLY R 105 25.96 33.03 -48.45
N ALA R 106 25.95 34.31 -48.10
CA ALA R 106 26.57 34.75 -46.86
C ALA R 106 25.70 34.39 -45.66
N SER R 107 26.32 34.26 -44.50
CA SER R 107 25.59 33.98 -43.28
C SER R 107 26.28 34.54 -42.04
N LEU R 108 25.47 34.88 -41.03
CA LEU R 108 25.98 35.29 -39.73
C LEU R 108 25.26 34.45 -38.70
N SER R 109 25.99 33.58 -38.01
N SER R 109 25.99 33.59 -38.00
CA SER R 109 25.32 32.65 -37.09
CA SER R 109 25.33 32.67 -37.08
C SER R 109 26.11 32.40 -35.81
C SER R 109 26.11 32.49 -35.78
N TYR R 110 25.38 32.24 -34.70
CA TYR R 110 26.00 31.82 -33.45
C TYR R 110 25.46 30.46 -33.03
N ASP R 111 26.35 29.62 -32.52
CA ASP R 111 25.99 28.28 -32.09
C ASP R 111 26.51 28.06 -30.67
N TRP R 112 25.61 28.03 -29.70
CA TRP R 112 26.01 27.94 -28.29
C TRP R 112 26.26 26.50 -27.84
N ALA R 113 26.23 25.58 -28.78
CA ALA R 113 26.64 24.21 -28.52
C ALA R 113 28.10 24.06 -28.86
N ALA R 114 28.49 24.54 -30.05
CA ALA R 114 29.87 24.49 -30.48
C ALA R 114 30.64 25.72 -29.99
N HIS R 115 29.91 26.69 -29.43
CA HIS R 115 30.49 27.92 -28.92
C HIS R 115 31.25 28.65 -30.02
N ARG R 116 30.56 28.91 -31.13
CA ARG R 116 31.18 29.54 -32.28
C ARG R 116 30.30 30.62 -32.89
N TYR R 117 30.85 31.83 -32.99
CA TYR R 117 30.24 32.89 -33.77
C TYR R 117 30.92 32.95 -35.12
N ARG R 118 30.14 32.90 -36.19
CA ARG R 118 30.70 32.82 -37.52
C ARG R 118 30.05 33.79 -38.50
N VAL R 119 30.88 34.68 -39.03
CA VAL R 119 30.48 35.57 -40.10
C VAL R 119 31.16 35.05 -41.36
N GLU R 120 30.38 34.49 -42.27
CA GLU R 120 30.96 33.90 -43.47
C GLU R 120 30.39 34.50 -44.76
N LEU R 121 31.30 35.04 -45.56
CA LEU R 121 30.97 35.61 -46.86
C LEU R 121 31.75 34.87 -47.93
N PRO R 122 31.06 34.28 -48.91
CA PRO R 122 31.72 33.60 -50.03
C PRO R 122 32.66 34.56 -50.74
N SER R 123 32.23 35.80 -50.90
CA SER R 123 33.03 36.86 -51.48
C SER R 123 32.54 38.20 -50.95
N GLY R 124 33.37 39.23 -51.04
CA GLY R 124 32.97 40.55 -50.59
C GLY R 124 33.91 41.12 -49.55
N THR R 125 33.35 41.85 -48.58
CA THR R 125 34.14 42.48 -47.54
C THR R 125 33.42 42.51 -46.19
N VAL R 126 34.18 42.39 -45.12
CA VAL R 126 33.71 42.69 -43.78
C VAL R 126 34.48 43.92 -43.31
N GLU R 127 33.76 44.96 -42.92
CA GLU R 127 34.39 46.19 -42.46
C GLU R 127 33.99 46.52 -41.02
N VAL R 128 34.98 46.62 -40.15
CA VAL R 128 34.75 47.10 -38.79
C VAL R 128 35.47 48.45 -38.62
N ARG R 129 34.70 49.54 -38.62
CA ARG R 129 35.27 50.88 -38.51
C ARG R 129 34.87 51.62 -37.25
N VAL R 130 35.86 52.12 -36.52
CA VAL R 130 35.63 53.00 -35.39
C VAL R 130 36.40 54.30 -35.60
N GLY R 131 35.68 55.36 -35.95
CA GLY R 131 36.30 56.62 -36.26
C GLY R 131 37.30 56.51 -37.40
N ALA R 132 38.58 56.63 -37.07
CA ALA R 132 39.62 56.62 -38.10
C ALA R 132 40.22 55.22 -38.29
N SER R 133 39.87 54.31 -37.40
CA SER R 133 40.43 52.96 -37.42
C SER R 133 39.54 51.94 -38.11
N GLU R 134 40.16 50.94 -38.72
CA GLU R 134 39.42 49.95 -39.49
C GLU R 134 40.10 48.59 -39.52
N VAL R 135 39.31 47.54 -39.34
CA VAL R 135 39.70 46.18 -39.68
C VAL R 135 38.88 45.77 -40.90
N ARG R 136 39.56 45.33 -41.96
N ARG R 136 39.57 45.32 -41.95
CA ARG R 136 38.87 44.99 -43.20
CA ARG R 136 38.89 45.00 -43.19
C ARG R 136 39.28 43.62 -43.71
C ARG R 136 39.29 43.61 -43.68
N VAL R 137 38.30 42.76 -43.93
CA VAL R 137 38.54 41.42 -44.45
C VAL R 137 37.93 41.28 -45.83
N SER R 138 38.76 40.99 -46.82
CA SER R 138 38.30 40.86 -48.20
C SER R 138 38.76 39.52 -48.76
N ASP R 139 38.36 39.22 -50.00
CA ASP R 139 38.68 37.93 -50.62
C ASP R 139 40.17 37.58 -50.53
N GLY R 140 41.03 38.52 -50.93
CA GLY R 140 42.46 38.27 -50.94
C GLY R 140 43.27 39.08 -49.94
N ALA R 141 42.63 39.62 -48.91
CA ALA R 141 43.37 40.41 -47.94
C ALA R 141 42.72 40.54 -46.55
N VAL R 142 43.57 40.64 -45.54
CA VAL R 142 43.17 41.16 -44.25
C VAL R 142 43.99 42.41 -43.99
N SER R 143 43.34 43.50 -43.63
CA SER R 143 44.09 44.74 -43.37
C SER R 143 43.66 45.39 -42.07
N LEU R 144 44.64 45.91 -41.34
CA LEU R 144 44.39 46.73 -40.16
C LEU R 144 44.93 48.13 -40.40
N LYS R 145 44.12 49.14 -40.11
CA LYS R 145 44.53 50.52 -40.29
C LYS R 145 44.13 51.32 -39.07
N ALA R 146 45.10 52.01 -38.47
CA ALA R 146 44.86 52.80 -37.26
C ALA R 146 46.03 53.74 -37.03
N PRO R 147 45.82 54.81 -36.27
CA PRO R 147 46.94 55.69 -35.88
C PRO R 147 47.97 54.95 -35.05
N LYS R 148 47.54 53.85 -34.43
CA LYS R 148 48.41 53.01 -33.62
C LYS R 148 47.93 51.56 -33.70
N ILE R 149 48.82 50.65 -34.04
CA ILE R 149 48.49 49.23 -34.07
C ILE R 149 49.31 48.50 -33.02
N SER R 150 48.63 47.85 -32.08
CA SER R 150 49.31 47.18 -30.97
C SER R 150 49.09 45.66 -30.99
N LEU R 151 50.18 44.91 -31.10
CA LEU R 151 50.11 43.46 -30.99
C LEU R 151 50.69 43.07 -29.64
N GLU R 152 49.84 42.52 -28.77
CA GLU R 152 50.23 42.23 -27.40
C GLU R 152 50.34 40.73 -27.16
N GLY R 153 51.57 40.23 -27.20
CA GLY R 153 51.82 38.81 -27.02
C GLY R 153 52.87 38.36 -28.01
N PRO R 154 53.25 37.08 -27.95
CA PRO R 154 54.20 36.47 -28.89
C PRO R 154 53.61 36.51 -30.29
N VAL R 155 54.31 37.13 -31.24
CA VAL R 155 53.82 37.21 -32.61
C VAL R 155 54.62 36.27 -33.51
N GLU R 156 53.92 35.49 -34.32
CA GLU R 156 54.59 34.63 -35.28
C GLU R 156 54.03 34.84 -36.67
N ILE R 157 54.94 35.01 -37.62
CA ILE R 157 54.53 35.24 -39.00
C ILE R 157 54.96 34.06 -39.86
N ALA R 158 53.97 33.37 -40.43
CA ALA R 158 54.24 32.31 -41.39
C ALA R 158 54.25 32.95 -42.78
N GLY R 159 55.42 33.40 -43.19
CA GLY R 159 55.58 34.14 -44.44
C GLY R 159 56.70 35.16 -44.35
N THR R 160 56.80 36.01 -45.36
CA THR R 160 57.81 37.06 -45.41
C THR R 160 57.23 38.38 -44.88
N LEU R 161 58.00 39.08 -44.05
CA LEU R 161 57.58 40.37 -43.53
C LEU R 161 58.26 41.53 -44.24
N THR R 162 57.48 42.47 -44.76
CA THR R 162 58.01 43.65 -45.42
C THR R 162 57.58 44.90 -44.66
N VAL R 163 58.55 45.72 -44.28
CA VAL R 163 58.28 46.92 -43.50
C VAL R 163 58.82 48.14 -44.21
N SER R 164 57.95 49.10 -44.52
CA SER R 164 58.36 50.28 -45.28
C SER R 164 59.22 51.20 -44.43
N GLY R 165 58.86 51.34 -43.15
CA GLY R 165 59.64 52.19 -42.24
C GLY R 165 60.82 51.45 -41.61
N ASP R 166 61.18 51.86 -40.42
CA ASP R 166 62.30 51.24 -39.70
C ASP R 166 61.84 50.05 -38.87
N ILE R 167 62.80 49.24 -38.45
CA ILE R 167 62.53 48.14 -37.55
C ILE R 167 63.38 48.31 -36.31
N LEU R 168 62.74 48.46 -35.16
CA LEU R 168 63.42 48.73 -33.92
C LEU R 168 63.11 47.63 -32.92
N GLY R 169 64.12 46.84 -32.59
CA GLY R 169 63.93 45.72 -31.68
C GLY R 169 64.51 46.02 -30.31
N GLY R 170 63.79 45.63 -29.27
CA GLY R 170 64.22 45.89 -27.90
C GLY R 170 65.17 44.82 -27.41
N GLY R 171 65.43 43.83 -28.26
CA GLY R 171 66.34 42.76 -27.91
C GLY R 171 67.28 42.48 -29.06
N SER R 172 67.64 41.21 -29.23
CA SER R 172 68.48 40.79 -30.34
C SER R 172 67.65 40.62 -31.61
N ILE R 173 68.34 40.70 -32.74
CA ILE R 173 67.73 40.48 -34.05
C ILE R 173 68.60 39.50 -34.82
N ILE R 174 68.11 38.28 -34.97
CA ILE R 174 68.91 37.17 -35.45
C ILE R 174 68.26 36.47 -36.63
N ASP R 175 69.01 36.30 -37.72
CA ASP R 175 68.52 35.59 -38.90
C ASP R 175 68.94 34.12 -38.91
N THR R 176 68.59 33.42 -39.97
CA THR R 176 68.97 32.02 -40.12
C THR R 176 69.91 31.82 -41.30
N ALA R 177 71.19 31.55 -41.01
CA ALA R 177 71.66 31.43 -39.64
C ALA R 177 72.47 32.66 -39.23
#